data_7P9Q
#
_entry.id   7P9Q
#
_cell.length_a   104.200
_cell.length_b   195.450
_cell.length_c   105.210
_cell.angle_alpha   90.000
_cell.angle_beta   116.350
_cell.angle_gamma   90.000
#
_symmetry.space_group_name_H-M   'P 1 21 1'
#
loop_
_entity.id
_entity.type
_entity.pdbx_description
1 polymer AnInD
2 non-polymer 'SODIUM ION'
3 non-polymer 'MANGANESE (II) ION'
4 non-polymer '1-deoxy-5-O-phosphono-1-(3,3,4,5-tetramethyl-9,11-dioxo-2,3,8,9,10,11-hexahydro-7H-quinolino[1,8-fg]pteridin-12-ium-7-y l)-D-ribitol'
5 water water
#
_entity_poly.entity_id   1
_entity_poly.type   'polypeptide(L)'
_entity_poly.pdbx_seq_one_letter_code
;HMHKDLHSIIDALDTAGRLIRVRSQVKAEHELAGIAAKYEGCDKAVLFENVDGNDIPVLMGLYWSRDLLGSLYGVDAVDM
PRFITSKISHWKSEPTAHQLIAREHAPVMAHSPRVDLLSLPIPVHAQKDGGAYVDAGVVIAADPDTGVLNTSIQRFMVEN
ENTLHVNIDAGRHLGAYLAKAKAKGEPLSFSLNIGVHPGVHFAAATPSEVAPLDVDELGIAAEFQDGPVRIVQGDDPRVT
VLADAMISLECQMYADDLADEGPFAEVTGYYAERAPRPRVTVTAVHLQRNPVFHSILSGQEVFNSVGLLGESALFDQVSK
QVPGILEVALTDGGCGFYHAVVQLKQVRAGWSKQAILATFAAFPPLKMVTIVDEDVDLRNPRDVEWAMATRLDPERGILR
IDDTFGHGLNPSFPDYFGSKVGFDATRSFPFEEKHERITYQDVDLSRFEIVEGHTAGGQHE
;
_entity_poly.pdbx_strand_id   A,B,C,D,E,F
#
loop_
_chem_comp.id
_chem_comp.type
_chem_comp.name
_chem_comp.formula
4LU non-polymer '1-deoxy-5-O-phosphono-1-(3,3,4,5-tetramethyl-9,11-dioxo-2,3,8,9,10,11-hexahydro-7H-quinolino[1,8-fg]pteridin-12-ium-7-y l)-D-ribitol' 'C22 H30 N4 O9 P 1'
MN non-polymer 'MANGANESE (II) ION' 'Mn 2'
NA non-polymer 'SODIUM ION' 'Na 1'
#
# COMPACT_ATOMS: atom_id res chain seq x y z
N HIS A 1 54.52 15.10 6.43
CA HIS A 1 53.02 15.25 6.34
C HIS A 1 52.40 15.12 7.74
N MET A 2 52.95 15.88 8.70
CA MET A 2 52.46 16.05 10.09
C MET A 2 52.45 17.56 10.37
N HIS A 3 51.62 18.04 11.30
CA HIS A 3 51.33 19.48 11.47
C HIS A 3 51.09 19.78 12.96
N LYS A 4 51.92 20.64 13.52
CA LYS A 4 51.98 20.93 14.98
C LYS A 4 50.87 21.92 15.32
N ASP A 5 50.53 22.79 14.37
CA ASP A 5 49.68 23.99 14.55
C ASP A 5 49.22 24.48 13.18
N LEU A 6 48.39 25.52 13.19
CA LEU A 6 47.75 26.07 11.97
C LEU A 6 48.78 26.73 11.04
N HIS A 7 49.87 27.30 11.60
CA HIS A 7 50.99 27.89 10.82
C HIS A 7 51.50 26.89 9.78
N SER A 8 51.78 25.68 10.26
CA SER A 8 52.27 24.54 9.43
C SER A 8 51.33 24.35 8.23
N ILE A 9 50.02 24.32 8.52
CA ILE A 9 48.91 24.10 7.55
C ILE A 9 48.99 25.20 6.48
N ILE A 10 48.93 26.46 6.92
CA ILE A 10 48.85 27.63 5.99
C ILE A 10 50.09 27.64 5.08
N ASP A 11 51.29 27.38 5.61
CA ASP A 11 52.54 27.42 4.83
C ASP A 11 52.51 26.32 3.77
N ALA A 12 52.04 25.13 4.16
CA ALA A 12 51.94 23.94 3.30
C ALA A 12 50.98 24.24 2.11
N LEU A 13 49.85 24.89 2.42
CA LEU A 13 48.80 25.29 1.44
C LEU A 13 49.37 26.36 0.51
N ASP A 14 49.97 27.40 1.09
CA ASP A 14 50.67 28.50 0.35
C ASP A 14 51.68 27.85 -0.61
N THR A 15 52.57 27.00 -0.11
CA THR A 15 53.62 26.31 -0.91
C THR A 15 52.92 25.51 -2.03
N ALA A 16 51.83 24.82 -1.71
CA ALA A 16 51.12 23.91 -2.64
C ALA A 16 50.22 24.71 -3.60
N GLY A 17 50.05 26.03 -3.40
CA GLY A 17 49.23 26.89 -4.28
C GLY A 17 47.75 26.61 -4.09
N ARG A 18 47.40 26.18 -2.89
CA ARG A 18 46.01 25.87 -2.46
C ARG A 18 45.55 26.97 -1.52
N LEU A 19 46.13 28.15 -1.65
CA LEU A 19 45.67 29.31 -0.85
C LEU A 19 45.23 30.41 -1.80
N ILE A 20 44.04 30.94 -1.53
CA ILE A 20 43.46 32.14 -2.20
C ILE A 20 43.71 33.28 -1.22
N ARG A 21 44.51 34.26 -1.66
CA ARG A 21 44.87 35.45 -0.86
C ARG A 21 43.95 36.58 -1.32
N VAL A 22 43.09 37.05 -0.42
CA VAL A 22 42.26 38.25 -0.69
C VAL A 22 42.93 39.43 -0.01
N ARG A 23 43.54 40.29 -0.84
CA ARG A 23 44.52 41.33 -0.42
C ARG A 23 43.76 42.62 -0.11
N SER A 24 42.68 42.92 -0.87
CA SER A 24 41.80 44.09 -0.64
C SER A 24 41.27 44.03 0.81
N GLN A 25 40.93 45.20 1.38
CA GLN A 25 40.09 45.30 2.59
C GLN A 25 38.76 44.64 2.28
N VAL A 26 38.27 43.84 3.23
CA VAL A 26 36.89 43.26 3.23
C VAL A 26 36.25 43.56 4.58
N LYS A 27 34.91 43.60 4.62
CA LYS A 27 34.14 43.84 5.86
C LYS A 27 33.83 42.47 6.47
N ALA A 28 34.04 42.33 7.77
CA ALA A 28 33.73 41.10 8.52
C ALA A 28 32.21 40.89 8.50
N GLU A 29 31.43 41.97 8.45
CA GLU A 29 29.94 41.93 8.35
C GLU A 29 29.59 41.52 6.93
N HIS A 30 29.15 40.27 6.77
CA HIS A 30 28.53 39.67 5.56
C HIS A 30 29.54 39.53 4.40
N GLU A 31 30.38 40.55 4.12
CA GLU A 31 31.16 40.61 2.86
C GLU A 31 32.12 39.42 2.82
N LEU A 32 32.75 39.11 3.96
CA LEU A 32 33.84 38.11 4.02
C LEU A 32 33.26 36.75 3.66
N ALA A 33 32.23 36.35 4.41
CA ALA A 33 31.51 35.09 4.16
C ALA A 33 31.05 35.05 2.69
N GLY A 34 30.48 36.14 2.18
CA GLY A 34 30.04 36.26 0.78
C GLY A 34 31.12 35.84 -0.21
N ILE A 35 32.37 36.20 0.06
CA ILE A 35 33.52 35.88 -0.84
C ILE A 35 33.85 34.40 -0.68
N ALA A 36 34.05 33.96 0.56
CA ALA A 36 34.20 32.52 0.91
C ALA A 36 33.14 31.70 0.16
N ALA A 37 31.88 32.12 0.24
CA ALA A 37 30.74 31.41 -0.39
C ALA A 37 30.98 31.18 -1.87
N LYS A 38 31.60 32.12 -2.59
CA LYS A 38 31.83 31.94 -4.04
C LYS A 38 32.89 30.87 -4.28
N TYR A 39 33.65 30.51 -3.26
CA TYR A 39 34.81 29.58 -3.43
C TYR A 39 34.48 28.23 -2.78
N GLU A 40 33.37 28.14 -2.04
CA GLU A 40 32.99 26.92 -1.25
C GLU A 40 33.21 25.68 -2.12
N GLY A 41 34.01 24.73 -1.68
CA GLY A 41 34.13 23.40 -2.29
C GLY A 41 35.30 23.26 -3.23
N CYS A 42 35.89 24.34 -3.70
CA CYS A 42 37.08 24.24 -4.60
C CYS A 42 38.29 23.75 -3.79
N ASP A 43 39.36 23.39 -4.47
CA ASP A 43 40.53 22.67 -3.93
C ASP A 43 41.49 23.64 -3.26
N LYS A 44 40.99 24.75 -2.69
CA LYS A 44 41.82 25.77 -2.02
C LYS A 44 41.04 26.39 -0.86
N ALA A 45 41.75 26.83 0.17
CA ALA A 45 41.15 27.62 1.25
C ALA A 45 41.37 29.10 0.93
N VAL A 46 40.88 29.98 1.80
CA VAL A 46 40.84 31.44 1.55
C VAL A 46 41.46 32.11 2.76
N LEU A 47 42.53 32.87 2.52
CA LEU A 47 43.12 33.74 3.55
C LEU A 47 42.82 35.20 3.19
N PHE A 48 42.15 35.85 4.13
CA PHE A 48 41.76 37.27 4.02
C PHE A 48 42.83 38.07 4.72
N GLU A 49 43.74 38.67 3.95
CA GLU A 49 44.94 39.39 4.50
C GLU A 49 44.51 40.65 5.24
N ASN A 50 43.31 41.17 4.99
CA ASN A 50 42.90 42.51 5.44
C ASN A 50 41.40 42.50 5.70
N VAL A 51 41.03 42.37 6.98
CA VAL A 51 39.61 42.42 7.42
C VAL A 51 39.43 43.67 8.27
N ASP A 52 38.80 44.70 7.71
CA ASP A 52 38.53 45.97 8.43
C ASP A 52 39.87 46.56 8.91
N GLY A 53 40.93 46.40 8.12
CA GLY A 53 42.32 46.78 8.50
C GLY A 53 42.80 46.22 9.83
N ASN A 54 42.36 45.01 10.22
CA ASN A 54 42.92 44.29 11.41
C ASN A 54 44.35 43.84 11.06
N ASP A 55 45.23 43.66 12.06
CA ASP A 55 46.57 43.04 11.86
C ASP A 55 46.40 41.53 11.66
N ILE A 56 45.29 41.02 12.17
CA ILE A 56 44.92 39.58 12.19
C ILE A 56 44.15 39.25 10.92
N PRO A 57 44.71 38.38 10.08
CA PRO A 57 44.00 37.88 8.89
C PRO A 57 43.02 36.77 9.31
N VAL A 58 42.03 36.41 8.47
CA VAL A 58 41.18 35.23 8.78
C VAL A 58 41.30 34.19 7.68
N LEU A 59 41.38 32.94 8.12
CA LEU A 59 41.37 31.72 7.27
C LEU A 59 39.98 31.12 7.34
N MET A 60 39.47 30.75 6.18
CA MET A 60 38.16 30.12 6.00
C MET A 60 38.34 29.06 4.93
N GLY A 61 37.57 27.99 5.01
CA GLY A 61 37.43 27.03 3.88
C GLY A 61 38.44 25.90 3.98
N LEU A 62 38.99 25.67 5.17
CA LEU A 62 39.95 24.58 5.40
C LEU A 62 39.30 23.20 5.18
N TYR A 63 38.01 23.04 5.47
CA TYR A 63 37.36 21.71 5.55
C TYR A 63 36.45 21.44 4.37
N TRP A 64 36.30 22.36 3.41
CA TRP A 64 35.23 22.16 2.38
C TRP A 64 35.71 21.30 1.22
N SER A 65 36.95 20.86 1.19
CA SER A 65 37.46 19.99 0.10
C SER A 65 38.29 18.87 0.70
N ARG A 66 37.81 17.66 0.55
CA ARG A 66 38.54 16.45 1.01
C ARG A 66 39.85 16.35 0.26
N ASP A 67 39.92 16.81 -0.97
CA ASP A 67 41.17 16.76 -1.77
C ASP A 67 42.23 17.61 -1.04
N LEU A 68 41.84 18.80 -0.61
CA LEU A 68 42.74 19.73 0.11
C LEU A 68 43.18 19.10 1.42
N LEU A 69 42.26 18.62 2.25
CA LEU A 69 42.67 17.99 3.54
C LEU A 69 43.61 16.80 3.29
N GLY A 70 43.33 16.04 2.25
CA GLY A 70 44.19 14.91 1.86
C GLY A 70 45.57 15.37 1.53
N SER A 71 45.69 16.46 0.76
CA SER A 71 47.00 16.99 0.31
C SER A 71 47.86 17.32 1.54
N LEU A 72 47.26 17.80 2.63
CA LEU A 72 47.97 18.18 3.88
C LEU A 72 48.60 16.96 4.55
N TYR A 73 48.08 15.76 4.35
CA TYR A 73 48.52 14.54 5.07
C TYR A 73 49.07 13.51 4.09
N GLY A 74 49.10 13.84 2.79
CA GLY A 74 49.61 12.97 1.72
C GLY A 74 48.68 11.82 1.36
N VAL A 75 47.35 11.99 1.49
CA VAL A 75 46.40 10.90 1.13
C VAL A 75 45.44 11.42 0.08
N ASP A 76 45.00 10.55 -0.83
CA ASP A 76 43.93 10.87 -1.82
C ASP A 76 42.63 11.20 -1.04
N ALA A 77 41.77 12.06 -1.58
CA ALA A 77 40.45 12.38 -0.96
C ALA A 77 39.74 11.09 -0.56
N VAL A 78 39.73 10.10 -1.44
CA VAL A 78 38.94 8.86 -1.19
C VAL A 78 39.47 8.14 0.06
N ASP A 79 40.76 8.24 0.39
CA ASP A 79 41.36 7.47 1.50
C ASP A 79 41.31 8.28 2.80
N MET A 80 40.82 9.52 2.81
CA MET A 80 40.89 10.37 4.02
C MET A 80 40.04 9.83 5.17
N PRO A 81 38.79 9.38 4.94
CA PRO A 81 37.99 8.88 6.04
C PRO A 81 38.67 7.69 6.72
N ARG A 82 39.25 6.77 5.95
CA ARG A 82 39.96 5.62 6.56
C ARG A 82 41.19 6.11 7.33
N PHE A 83 41.94 7.01 6.73
CA PHE A 83 43.12 7.65 7.35
C PHE A 83 42.75 8.12 8.76
N ILE A 84 41.68 8.91 8.85
CA ILE A 84 41.30 9.51 10.15
C ILE A 84 40.90 8.40 11.13
N THR A 85 40.20 7.39 10.66
CA THR A 85 39.58 6.34 11.51
C THR A 85 40.72 5.50 12.07
N SER A 86 41.64 5.11 11.22
CA SER A 86 42.83 4.34 11.62
C SER A 86 43.56 5.08 12.74
N LYS A 87 43.66 6.40 12.63
CA LYS A 87 44.40 7.18 13.62
C LYS A 87 43.61 7.20 14.93
N ILE A 88 42.32 7.40 14.87
CA ILE A 88 41.48 7.33 16.08
C ILE A 88 41.57 5.90 16.68
N SER A 89 41.73 4.85 15.88
CA SER A 89 41.87 3.47 16.38
C SER A 89 43.16 3.31 17.19
N HIS A 90 44.27 3.78 16.64
CA HIS A 90 45.59 3.82 17.30
C HIS A 90 45.49 4.57 18.65
N TRP A 91 44.78 5.68 18.73
CA TRP A 91 44.61 6.47 19.98
C TRP A 91 43.82 5.67 21.00
N LYS A 92 42.79 4.95 20.57
CA LYS A 92 41.93 4.14 21.49
C LYS A 92 42.81 3.03 22.12
N SER A 93 43.72 2.49 21.33
CA SER A 93 44.57 1.33 21.67
C SER A 93 45.79 1.77 22.49
N GLU A 94 46.46 2.88 22.14
CA GLU A 94 47.69 3.39 22.80
C GLU A 94 47.64 4.91 22.87
N PRO A 95 46.85 5.53 23.77
CA PRO A 95 46.72 6.99 23.80
C PRO A 95 48.09 7.62 24.12
N THR A 96 48.40 8.80 23.59
CA THR A 96 49.55 9.67 23.94
C THR A 96 49.09 10.67 25.02
N ALA A 97 49.72 10.60 26.19
CA ALA A 97 49.49 11.56 27.29
C ALA A 97 49.90 12.96 26.80
N HIS A 98 49.18 13.99 27.22
CA HIS A 98 49.50 15.39 26.87
C HIS A 98 50.83 15.80 27.51
N GLN A 99 51.46 16.85 27.02
CA GLN A 99 52.66 17.48 27.62
C GLN A 99 52.27 18.87 28.18
N LEU A 100 52.25 19.01 29.51
CA LEU A 100 52.05 20.31 30.19
C LEU A 100 53.33 21.11 30.05
N ILE A 101 53.24 22.39 29.69
CA ILE A 101 54.45 23.25 29.49
C ILE A 101 54.24 24.61 30.16
N ALA A 102 55.38 25.26 30.41
CA ALA A 102 55.47 26.53 31.14
C ALA A 102 54.78 27.63 30.32
N ARG A 103 54.06 28.53 30.99
CA ARG A 103 53.42 29.68 30.35
C ARG A 103 54.36 30.38 29.34
N GLU A 104 55.63 30.69 29.63
CA GLU A 104 56.43 31.53 28.68
C GLU A 104 57.04 30.68 27.55
N HIS A 105 56.75 29.37 27.50
CA HIS A 105 57.17 28.47 26.38
C HIS A 105 56.00 28.28 25.40
N ALA A 106 54.78 28.68 25.78
CA ALA A 106 53.52 28.37 25.05
C ALA A 106 53.21 29.46 24.03
N PRO A 107 53.38 29.20 22.70
CA PRO A 107 53.32 30.27 21.70
C PRO A 107 52.10 31.19 21.81
N VAL A 108 50.98 30.62 22.30
CA VAL A 108 49.66 31.30 22.42
C VAL A 108 49.70 32.34 23.54
N MET A 109 50.67 32.25 24.46
CA MET A 109 50.76 33.14 25.65
C MET A 109 51.66 34.36 25.36
N ALA A 110 52.23 34.41 24.15
CA ALA A 110 53.01 35.55 23.63
C ALA A 110 52.41 36.90 24.09
N HIS A 111 51.10 37.13 23.92
CA HIS A 111 50.41 38.40 24.25
C HIS A 111 49.15 38.12 25.09
N SER A 112 48.79 39.01 26.01
CA SER A 112 47.52 38.93 26.78
C SER A 112 46.86 40.31 26.90
N PRO A 113 46.37 40.89 25.77
CA PRO A 113 45.60 42.13 25.82
C PRO A 113 44.43 42.11 26.83
N ARG A 114 44.00 43.30 27.30
CA ARG A 114 42.68 43.43 27.94
C ARG A 114 41.67 42.81 26.97
N VAL A 115 40.74 42.04 27.50
CA VAL A 115 39.65 41.34 26.74
C VAL A 115 38.84 42.32 25.86
N ASP A 116 39.11 42.43 24.54
CA ASP A 116 38.22 43.15 23.58
C ASP A 116 37.88 42.27 22.36
N LEU A 117 36.79 41.49 22.46
CA LEU A 117 36.27 40.59 21.39
C LEU A 117 36.00 41.38 20.09
N LEU A 118 35.63 42.66 20.19
CA LEU A 118 35.32 43.50 19.01
C LEU A 118 36.62 43.94 18.29
N SER A 119 37.81 43.69 18.86
CA SER A 119 39.13 43.96 18.22
C SER A 119 39.51 42.77 17.32
N LEU A 120 38.85 41.63 17.51
CA LEU A 120 39.08 40.42 16.68
C LEU A 120 38.23 40.53 15.42
N PRO A 121 38.76 40.07 14.26
CA PRO A 121 38.05 40.12 13.00
C PRO A 121 37.06 38.93 12.87
N ILE A 122 36.13 38.84 13.82
CA ILE A 122 35.14 37.73 13.90
C ILE A 122 34.05 38.00 12.87
N PRO A 123 33.85 37.14 11.85
CA PRO A 123 32.85 37.41 10.81
C PRO A 123 31.42 37.28 11.32
N VAL A 124 30.55 38.16 10.80
CA VAL A 124 29.07 37.90 10.72
C VAL A 124 28.85 37.21 9.37
N HIS A 125 28.37 35.96 9.42
CA HIS A 125 28.48 35.02 8.27
C HIS A 125 27.23 35.16 7.36
N ALA A 126 26.15 34.49 7.73
CA ALA A 126 24.89 34.48 6.96
C ALA A 126 24.12 35.75 7.28
N GLN A 127 23.33 36.22 6.30
CA GLN A 127 22.71 37.56 6.28
C GLN A 127 21.76 37.75 7.47
N LYS A 128 21.25 36.69 8.11
CA LYS A 128 20.29 36.85 9.24
C LYS A 128 20.87 36.30 10.54
N ASP A 129 22.18 36.00 10.59
CA ASP A 129 22.86 35.56 11.82
C ASP A 129 22.66 36.67 12.87
N GLY A 130 22.40 36.31 14.12
CA GLY A 130 22.09 37.27 15.20
C GLY A 130 23.32 38.06 15.66
N GLY A 131 24.46 37.84 15.01
CA GLY A 131 25.72 38.54 15.32
C GLY A 131 26.94 37.84 14.77
N ALA A 132 28.11 38.33 15.14
CA ALA A 132 29.40 37.71 14.78
C ALA A 132 29.50 36.43 15.60
N TYR A 133 30.11 35.41 15.00
CA TYR A 133 30.24 34.06 15.61
C TYR A 133 31.67 33.55 15.49
N VAL A 134 32.08 32.90 16.54
CA VAL A 134 33.26 31.99 16.44
C VAL A 134 32.67 30.58 16.43
N ASP A 135 33.04 29.85 15.38
CA ASP A 135 32.42 28.54 15.05
C ASP A 135 33.50 27.50 14.71
N ALA A 136 34.80 27.81 14.81
CA ALA A 136 35.92 26.88 14.55
C ALA A 136 36.72 26.70 15.83
N GLY A 137 36.21 27.29 16.89
CA GLY A 137 36.79 27.22 18.22
C GLY A 137 36.48 25.88 18.82
N VAL A 138 37.54 25.24 19.31
CA VAL A 138 37.51 23.98 20.08
C VAL A 138 37.51 24.33 21.57
N VAL A 139 36.49 23.87 22.28
CA VAL A 139 36.34 24.04 23.75
C VAL A 139 37.08 22.91 24.42
N ILE A 140 38.07 23.25 25.27
CA ILE A 140 38.67 22.31 26.26
C ILE A 140 38.17 22.69 27.66
N ALA A 141 37.59 21.71 28.35
CA ALA A 141 36.93 21.88 29.65
C ALA A 141 37.28 20.67 30.51
N ALA A 142 37.62 20.93 31.78
CA ALA A 142 37.94 19.88 32.76
C ALA A 142 36.67 19.53 33.53
N ASP A 143 36.41 18.24 33.70
CA ASP A 143 35.41 17.70 34.65
C ASP A 143 35.61 18.34 36.02
N PRO A 144 34.65 19.18 36.48
CA PRO A 144 34.65 19.72 37.85
C PRO A 144 34.83 18.75 39.03
N ASP A 145 34.54 17.45 38.85
CA ASP A 145 34.70 16.39 39.89
C ASP A 145 36.04 15.65 39.73
N THR A 146 36.39 15.23 38.50
CA THR A 146 37.50 14.28 38.18
C THR A 146 38.62 14.94 37.35
N GLY A 147 38.48 16.20 36.93
CA GLY A 147 39.50 16.95 36.16
C GLY A 147 39.77 16.38 34.76
N VAL A 148 39.09 15.30 34.35
CA VAL A 148 39.24 14.63 33.01
C VAL A 148 38.80 15.60 31.90
N LEU A 149 39.61 15.76 30.87
CA LEU A 149 39.32 16.77 29.80
C LEU A 149 38.22 16.28 28.86
N ASN A 150 37.51 17.23 28.27
CA ASN A 150 36.55 17.00 27.17
C ASN A 150 36.80 18.10 26.16
N THR A 151 36.85 17.71 24.89
CA THR A 151 37.13 18.57 23.72
C THR A 151 35.90 18.47 22.80
N SER A 152 35.24 19.60 22.60
CA SER A 152 34.01 19.71 21.79
C SER A 152 34.13 20.98 20.97
N ILE A 153 33.22 21.15 20.02
CA ILE A 153 33.15 22.37 19.16
C ILE A 153 31.69 22.83 19.17
N GLN A 154 31.52 24.12 19.34
CA GLN A 154 30.20 24.73 19.70
C GLN A 154 30.25 26.13 19.14
N ARG A 155 29.10 26.64 18.75
CA ARG A 155 29.01 28.01 18.18
C ARG A 155 28.89 28.98 19.36
N PHE A 156 29.65 30.06 19.31
CA PHE A 156 29.58 31.18 20.31
C PHE A 156 29.31 32.47 19.53
N MET A 157 28.26 33.17 19.91
CA MET A 157 27.88 34.51 19.37
C MET A 157 28.51 35.56 20.27
N VAL A 158 29.11 36.61 19.70
CA VAL A 158 29.66 37.79 20.48
C VAL A 158 28.49 38.72 20.81
N GLU A 159 28.28 38.98 22.10
CA GLU A 159 27.24 39.93 22.59
C GLU A 159 27.88 41.31 22.67
N ASN A 160 29.03 41.41 23.35
CA ASN A 160 29.80 42.65 23.60
C ASN A 160 31.27 42.24 23.77
N GLU A 161 32.13 43.18 24.14
CA GLU A 161 33.60 43.03 24.15
C GLU A 161 34.09 41.90 25.09
N ASN A 162 33.30 41.44 26.08
CA ASN A 162 33.72 40.43 27.09
C ASN A 162 32.68 39.31 27.30
N THR A 163 31.56 39.30 26.58
CA THR A 163 30.49 38.27 26.73
C THR A 163 30.24 37.55 25.40
N LEU A 164 30.13 36.22 25.45
CA LEU A 164 29.63 35.34 24.33
C LEU A 164 28.36 34.61 24.79
N HIS A 165 27.47 34.28 23.85
CA HIS A 165 26.34 33.35 24.11
C HIS A 165 26.62 32.08 23.29
N VAL A 166 26.54 30.94 23.94
CA VAL A 166 26.95 29.63 23.38
C VAL A 166 25.70 28.76 23.26
N ASN A 167 25.69 27.89 22.22
CA ASN A 167 24.64 26.88 21.97
C ASN A 167 25.17 25.53 22.42
N ILE A 168 24.50 24.91 23.40
CA ILE A 168 24.88 23.54 23.85
C ILE A 168 23.72 22.61 23.56
N ASP A 169 23.86 21.73 22.56
CA ASP A 169 22.82 20.72 22.20
C ASP A 169 22.62 19.78 23.38
N ALA A 170 21.45 19.11 23.44
CA ALA A 170 21.09 18.11 24.48
C ALA A 170 22.10 16.95 24.40
N GLY A 171 22.59 16.45 25.55
CA GLY A 171 23.45 15.25 25.63
C GLY A 171 24.90 15.50 25.19
N ARG A 172 25.26 16.76 24.94
CA ARG A 172 26.68 17.19 24.75
C ARG A 172 27.45 17.02 26.06
N HIS A 173 28.75 16.72 25.99
CA HIS A 173 29.58 16.47 27.20
C HIS A 173 29.80 17.77 27.98
N LEU A 174 29.93 18.89 27.26
CA LEU A 174 30.04 20.23 27.88
C LEU A 174 28.79 20.46 28.71
N GLY A 175 27.60 20.06 28.21
CA GLY A 175 26.33 20.14 28.93
C GLY A 175 26.44 19.44 30.27
N ALA A 176 26.97 18.21 30.28
CA ALA A 176 27.10 17.36 31.49
C ALA A 176 28.09 17.97 32.50
N TYR A 177 29.21 18.53 32.05
CA TYR A 177 30.21 19.24 32.90
C TYR A 177 29.57 20.48 33.54
N LEU A 178 28.71 21.17 32.81
CA LEU A 178 27.98 22.34 33.33
C LEU A 178 27.00 21.90 34.43
N ALA A 179 26.34 20.74 34.28
CA ALA A 179 25.43 20.17 35.32
C ALA A 179 26.18 20.00 36.65
N LYS A 180 27.48 19.66 36.56
CA LYS A 180 28.36 19.32 37.72
C LYS A 180 28.79 20.59 38.43
N ALA A 181 29.20 21.62 37.70
CA ALA A 181 29.56 22.96 38.23
C ALA A 181 28.43 23.56 39.08
N LYS A 182 27.20 23.65 38.53
CA LYS A 182 25.92 24.11 39.15
C LYS A 182 25.49 23.17 40.30
N ALA A 183 25.65 21.84 40.12
CA ALA A 183 25.36 20.84 41.20
C ALA A 183 26.45 20.89 42.27
N LYS A 184 27.52 21.67 42.05
CA LYS A 184 28.66 21.80 42.99
C LYS A 184 28.80 23.27 43.37
N GLY A 185 27.94 24.20 42.92
CA GLY A 185 27.93 25.58 43.47
C GLY A 185 28.84 26.55 42.73
N GLU A 186 30.05 26.16 42.29
CA GLU A 186 30.92 26.90 41.33
C GLU A 186 30.27 26.87 39.93
N PRO A 187 30.51 27.84 39.03
CA PRO A 187 30.16 27.67 37.64
C PRO A 187 31.28 26.95 36.87
N LEU A 188 31.20 26.84 35.55
CA LEU A 188 32.19 26.08 34.73
C LEU A 188 33.17 27.00 33.99
N SER A 189 34.45 26.78 34.24
CA SER A 189 35.57 27.44 33.51
C SER A 189 35.98 26.51 32.38
N PHE A 190 36.51 27.06 31.29
CA PHE A 190 37.04 26.28 30.15
C PHE A 190 37.78 27.26 29.25
N SER A 191 38.48 26.73 28.24
CA SER A 191 39.13 27.56 27.20
C SER A 191 38.43 27.32 25.86
N LEU A 192 38.47 28.34 25.03
CA LEU A 192 37.98 28.31 23.64
C LEU A 192 39.19 28.55 22.75
N ASN A 193 39.63 27.52 22.05
CA ASN A 193 40.92 27.56 21.33
C ASN A 193 40.64 27.69 19.83
N ILE A 194 40.91 28.87 19.28
CA ILE A 194 40.63 29.24 17.87
C ILE A 194 41.91 29.11 17.05
N GLY A 195 41.84 28.52 15.87
CA GLY A 195 42.98 28.34 14.97
C GLY A 195 43.82 27.15 15.40
N VAL A 196 43.19 25.97 15.34
CA VAL A 196 43.81 24.69 15.73
C VAL A 196 43.98 23.87 14.45
N HIS A 197 44.85 22.87 14.48
CA HIS A 197 45.07 22.00 13.31
C HIS A 197 43.98 20.94 13.27
N PRO A 198 43.77 20.32 12.08
CA PRO A 198 42.68 19.36 11.88
C PRO A 198 42.59 18.23 12.92
N GLY A 199 43.73 17.71 13.38
CA GLY A 199 43.78 16.73 14.48
C GLY A 199 42.98 17.17 15.69
N VAL A 200 43.02 18.45 16.08
CA VAL A 200 42.25 18.93 17.24
C VAL A 200 40.78 18.98 16.84
N HIS A 201 40.51 19.41 15.61
CA HIS A 201 39.14 19.53 15.04
C HIS A 201 38.46 18.16 15.09
N PHE A 202 39.13 17.14 14.58
CA PHE A 202 38.60 15.76 14.57
C PHE A 202 38.43 15.23 15.99
N ALA A 203 39.30 15.57 16.93
CA ALA A 203 39.13 15.19 18.35
C ALA A 203 37.83 15.80 18.86
N ALA A 204 37.65 17.08 18.56
CA ALA A 204 36.51 17.88 19.01
C ALA A 204 35.23 17.27 18.48
N ALA A 205 35.26 16.84 17.22
CA ALA A 205 34.06 16.39 16.48
C ALA A 205 33.84 14.89 16.70
N THR A 206 34.75 14.20 17.38
CA THR A 206 34.60 12.74 17.61
C THR A 206 33.39 12.52 18.50
N PRO A 207 32.43 11.69 18.07
CA PRO A 207 31.19 11.47 18.82
C PRO A 207 31.34 10.66 20.14
N SER A 208 30.30 10.74 20.96
CA SER A 208 30.14 10.08 22.29
C SER A 208 30.49 8.58 22.25
N GLU A 209 30.12 7.82 21.23
CA GLU A 209 30.25 6.33 21.27
C GLU A 209 31.69 5.93 20.94
N VAL A 210 32.54 6.85 20.47
CA VAL A 210 33.99 6.62 20.24
C VAL A 210 34.78 7.06 21.50
N ALA A 211 34.42 8.22 22.05
CA ALA A 211 35.01 8.82 23.26
C ALA A 211 33.89 9.08 24.28
N PRO A 212 33.58 8.12 25.20
CA PRO A 212 32.57 8.35 26.25
C PRO A 212 32.83 9.59 27.13
N LEU A 213 31.91 9.90 28.05
CA LEU A 213 31.96 11.11 28.93
C LEU A 213 33.21 11.07 29.81
N ASP A 214 33.48 9.90 30.42
CA ASP A 214 34.63 9.64 31.34
C ASP A 214 35.97 9.49 30.59
N VAL A 215 36.10 9.96 29.33
CA VAL A 215 37.30 9.69 28.47
C VAL A 215 37.72 10.98 27.72
N ASP A 216 39.04 11.13 27.58
CA ASP A 216 39.78 12.34 27.12
C ASP A 216 40.16 12.16 25.64
N GLU A 217 39.35 12.69 24.74
CA GLU A 217 39.45 12.44 23.28
C GLU A 217 40.57 13.30 22.69
N LEU A 218 41.14 14.23 23.46
CA LEU A 218 42.10 15.24 22.91
C LEU A 218 43.37 14.57 22.38
N GLY A 219 43.75 13.43 22.91
CA GLY A 219 44.93 12.67 22.41
C GLY A 219 44.77 12.26 20.96
N ILE A 220 43.54 12.26 20.45
CA ILE A 220 43.32 11.93 19.02
C ILE A 220 44.22 12.85 18.20
N ALA A 221 44.32 14.12 18.63
CA ALA A 221 45.07 15.16 17.91
C ALA A 221 46.54 14.74 17.80
N ALA A 222 47.06 14.00 18.79
CA ALA A 222 48.49 13.62 18.85
C ALA A 222 48.85 12.75 17.66
N GLU A 223 47.83 12.10 17.08
CA GLU A 223 48.04 11.12 15.98
C GLU A 223 48.30 11.87 14.67
N PHE A 224 48.00 13.16 14.61
CA PHE A 224 48.17 13.99 13.38
C PHE A 224 49.32 14.99 13.52
N GLN A 225 50.18 14.78 14.53
CA GLN A 225 51.38 15.61 14.76
C GLN A 225 52.50 14.75 15.32
N ASP A 226 53.75 15.19 15.10
CA ASP A 226 54.91 14.63 15.84
C ASP A 226 54.68 14.95 17.32
N GLY A 227 54.87 13.96 18.17
CA GLY A 227 54.84 14.14 19.63
C GLY A 227 53.43 14.41 20.14
N PRO A 228 53.38 14.76 21.45
CA PRO A 228 52.12 14.88 22.16
C PRO A 228 51.51 16.26 22.01
N VAL A 229 50.23 16.35 22.31
CA VAL A 229 49.47 17.62 22.37
C VAL A 229 50.03 18.42 23.53
N ARG A 230 50.47 19.64 23.22
CA ARG A 230 50.98 20.58 24.23
C ARG A 230 49.80 21.36 24.82
N ILE A 231 49.66 21.26 26.16
CA ILE A 231 48.71 22.07 26.97
C ILE A 231 49.51 22.99 27.91
N VAL A 232 48.80 23.95 28.51
CA VAL A 232 49.40 24.97 29.43
C VAL A 232 48.33 25.47 30.39
N GLN A 233 48.69 25.59 31.68
CA GLN A 233 47.82 26.19 32.71
C GLN A 233 47.37 27.55 32.22
N GLY A 234 46.06 27.85 32.32
CA GLY A 234 45.57 29.21 32.09
C GLY A 234 45.86 30.10 33.29
N ASP A 235 45.40 31.34 33.24
CA ASP A 235 45.32 32.27 34.39
C ASP A 235 44.26 31.79 35.41
N ASP A 236 43.45 30.75 35.16
CA ASP A 236 42.13 30.59 35.87
C ASP A 236 42.25 30.31 37.37
N PRO A 237 42.75 29.15 37.91
CA PRO A 237 43.35 28.06 37.15
C PRO A 237 42.56 26.74 37.04
N ARG A 238 41.23 26.76 37.04
CA ARG A 238 40.41 25.54 36.79
C ARG A 238 40.49 25.16 35.28
N VAL A 239 41.11 26.00 34.40
CA VAL A 239 41.16 25.83 32.92
C VAL A 239 42.52 25.35 32.42
N THR A 240 42.47 24.72 31.25
CA THR A 240 43.60 24.13 30.49
C THR A 240 43.52 24.68 29.08
N VAL A 241 44.61 25.24 28.59
CA VAL A 241 44.66 25.97 27.29
C VAL A 241 45.51 25.15 26.32
N LEU A 242 45.13 25.19 25.05
CA LEU A 242 45.90 24.52 23.98
C LEU A 242 47.06 25.41 23.60
N ALA A 243 48.29 24.95 23.79
CA ALA A 243 49.48 25.83 23.71
C ALA A 243 49.69 26.35 22.29
N ASP A 244 49.31 25.57 21.29
CA ASP A 244 49.70 25.81 19.88
C ASP A 244 48.53 26.45 19.12
N ALA A 245 47.41 26.75 19.80
CA ALA A 245 46.30 27.58 19.28
C ALA A 245 46.88 28.90 18.73
N MET A 246 46.18 29.50 17.75
CA MET A 246 46.49 30.86 17.27
C MET A 246 46.00 31.86 18.32
N ILE A 247 44.81 31.64 18.85
CA ILE A 247 44.13 32.51 19.85
C ILE A 247 43.48 31.57 20.87
N SER A 248 43.39 31.97 22.13
CA SER A 248 42.67 31.17 23.15
C SER A 248 41.96 32.08 24.13
N LEU A 249 40.70 31.77 24.42
CA LEU A 249 39.89 32.61 25.33
C LEU A 249 39.61 31.80 26.60
N GLU A 250 40.08 32.31 27.74
CA GLU A 250 39.70 31.75 29.05
C GLU A 250 38.30 32.25 29.32
N CYS A 251 37.42 31.34 29.74
CA CYS A 251 35.96 31.58 29.77
C CYS A 251 35.39 30.97 31.03
N GLN A 252 34.29 31.56 31.50
CA GLN A 252 33.51 31.08 32.65
C GLN A 252 32.02 31.20 32.31
N MET A 253 31.21 30.21 32.73
CA MET A 253 29.77 30.11 32.40
C MET A 253 28.99 29.52 33.57
N TYR A 254 27.96 30.22 34.06
CA TYR A 254 27.06 29.75 35.15
C TYR A 254 25.84 29.08 34.55
N ALA A 255 25.39 27.92 35.08
CA ALA A 255 24.10 27.29 34.70
C ALA A 255 22.93 28.28 34.94
N ASP A 256 21.77 28.06 34.30
CA ASP A 256 20.51 28.81 34.57
C ASP A 256 20.76 30.32 34.41
N ASP A 257 21.64 30.71 33.52
CA ASP A 257 22.02 32.11 33.21
C ASP A 257 21.95 32.29 31.69
N LEU A 258 20.74 32.54 31.16
CA LEU A 258 20.45 32.42 29.71
C LEU A 258 20.34 33.83 29.11
N ALA A 259 20.61 33.98 27.80
CA ALA A 259 20.47 35.22 27.02
C ALA A 259 20.30 34.92 25.53
N ASP A 260 19.55 35.74 24.80
CA ASP A 260 19.14 35.49 23.39
C ASP A 260 20.40 35.26 22.53
N GLU A 261 20.53 34.08 21.90
CA GLU A 261 21.55 33.80 20.84
C GLU A 261 20.88 33.17 19.61
N GLY A 262 21.54 33.36 18.48
CA GLY A 262 21.00 33.02 17.15
C GLY A 262 20.41 34.26 16.52
N PRO A 263 19.87 34.17 15.29
CA PRO A 263 19.91 32.91 14.53
C PRO A 263 21.33 32.58 14.10
N PHE A 264 21.56 31.34 13.68
CA PHE A 264 22.81 30.88 13.03
C PHE A 264 22.43 29.75 12.07
N ALA A 265 23.23 29.52 11.04
CA ALA A 265 23.00 28.41 10.08
C ALA A 265 23.14 27.04 10.76
N GLU A 266 22.16 26.15 10.56
CA GLU A 266 22.24 24.70 10.89
C GLU A 266 22.64 23.88 9.65
N VAL A 267 23.09 22.63 9.82
CA VAL A 267 23.54 21.74 8.70
C VAL A 267 22.39 21.61 7.70
N THR A 268 21.14 21.68 8.19
CA THR A 268 19.95 21.59 7.34
C THR A 268 19.98 22.62 6.24
N GLY A 269 20.65 23.76 6.40
CA GLY A 269 20.60 24.88 5.42
C GLY A 269 19.58 25.92 5.84
N TYR A 270 19.02 25.77 7.05
CA TYR A 270 17.97 26.61 7.65
C TYR A 270 18.55 27.32 8.87
N TYR A 271 17.89 28.37 9.38
CA TYR A 271 18.42 29.11 10.55
C TYR A 271 17.97 28.42 11.83
N ALA A 272 18.82 28.41 12.84
CA ALA A 272 18.41 28.10 14.23
C ALA A 272 17.48 29.20 14.75
N GLU A 273 16.53 28.84 15.59
CA GLU A 273 15.64 29.79 16.28
C GLU A 273 16.51 30.61 17.27
N ARG A 274 16.45 31.95 17.21
CA ARG A 274 16.99 32.85 18.27
C ARG A 274 16.29 32.50 19.58
N ALA A 275 17.03 32.24 20.66
CA ALA A 275 16.44 31.73 21.93
C ALA A 275 17.40 31.91 23.11
N PRO A 276 16.86 31.97 24.34
CA PRO A 276 17.69 32.08 25.54
C PRO A 276 18.58 30.84 25.68
N ARG A 277 19.90 31.03 25.57
CA ARG A 277 20.94 29.97 25.71
C ARG A 277 22.13 30.53 26.50
N PRO A 278 22.94 29.66 27.15
CA PRO A 278 23.90 30.07 28.18
C PRO A 278 24.86 31.20 27.82
N ARG A 279 25.01 32.18 28.73
CA ARG A 279 25.98 33.30 28.54
C ARG A 279 27.31 32.86 29.14
N VAL A 280 28.38 33.18 28.44
CA VAL A 280 29.74 32.83 28.87
C VAL A 280 30.50 34.15 28.86
N THR A 281 31.30 34.35 29.89
CA THR A 281 32.02 35.60 30.11
C THR A 281 33.51 35.28 29.92
N VAL A 282 34.18 36.07 29.09
CA VAL A 282 35.59 35.86 28.63
C VAL A 282 36.53 36.59 29.60
N THR A 283 37.17 35.83 30.50
CA THR A 283 38.01 36.31 31.63
C THR A 283 39.38 36.76 31.12
N ALA A 284 39.88 36.25 29.98
CA ALA A 284 41.26 36.52 29.49
C ALA A 284 41.41 36.12 28.02
N VAL A 285 42.43 36.63 27.34
CA VAL A 285 42.71 36.44 25.88
C VAL A 285 44.22 36.28 25.67
N HIS A 286 44.60 35.23 24.95
CA HIS A 286 46.00 34.88 24.63
C HIS A 286 46.13 34.80 23.11
N LEU A 287 47.25 35.26 22.55
CA LEU A 287 47.50 35.28 21.08
C LEU A 287 48.94 34.94 20.79
N GLN A 288 49.21 34.11 19.78
CA GLN A 288 50.58 34.00 19.20
C GLN A 288 50.95 35.37 18.61
N ARG A 289 52.22 35.61 18.30
CA ARG A 289 52.57 36.67 17.33
C ARG A 289 52.29 36.04 15.96
N ASN A 290 51.86 36.85 15.01
CA ASN A 290 51.43 36.42 13.65
C ASN A 290 50.22 35.47 13.75
N PRO A 291 49.21 35.79 14.58
CA PRO A 291 48.05 34.92 14.75
C PRO A 291 47.20 35.06 13.47
N VAL A 292 46.57 33.98 13.00
CA VAL A 292 45.45 34.07 12.00
C VAL A 292 44.19 33.57 12.70
N PHE A 293 43.10 34.29 12.51
CA PHE A 293 41.75 33.91 13.03
C PHE A 293 41.11 32.89 12.06
N HIS A 294 40.70 31.75 12.60
CA HIS A 294 40.13 30.63 11.81
C HIS A 294 38.62 30.59 11.98
N SER A 295 37.90 30.70 10.86
CA SER A 295 36.42 30.55 10.82
C SER A 295 36.00 29.46 9.81
N ILE A 296 34.82 28.93 10.06
CA ILE A 296 34.20 27.88 9.22
C ILE A 296 32.97 28.49 8.57
N LEU A 297 32.88 28.38 7.25
CA LEU A 297 31.63 28.68 6.52
C LEU A 297 30.67 27.49 6.66
N SER A 298 29.50 27.70 7.29
CA SER A 298 28.41 26.69 7.33
C SER A 298 28.14 26.20 5.91
N GLY A 299 27.99 24.89 5.77
CA GLY A 299 27.92 24.21 4.47
C GLY A 299 28.89 23.05 4.37
N GLN A 300 29.57 22.93 3.23
CA GLN A 300 30.46 21.78 2.95
C GLN A 300 31.53 21.63 4.04
N GLU A 301 31.96 22.72 4.68
CA GLU A 301 33.01 22.64 5.72
C GLU A 301 32.46 21.71 6.79
N VAL A 302 31.16 21.81 7.09
CA VAL A 302 30.54 20.99 8.16
C VAL A 302 30.19 19.60 7.60
N PHE A 303 29.65 19.51 6.38
CA PHE A 303 29.29 18.22 5.74
C PHE A 303 30.53 17.29 5.76
N ASN A 304 31.65 17.79 5.26
CA ASN A 304 32.91 17.00 5.27
C ASN A 304 33.40 16.72 6.70
N SER A 305 33.22 17.58 7.70
CA SER A 305 33.68 17.24 9.09
C SER A 305 32.97 15.96 9.52
N VAL A 306 31.70 15.87 9.20
CA VAL A 306 30.83 14.76 9.67
C VAL A 306 31.10 13.51 8.82
N GLY A 307 31.13 13.68 7.51
CA GLY A 307 31.40 12.57 6.58
C GLY A 307 32.75 11.92 6.81
N LEU A 308 33.78 12.70 7.01
CA LEU A 308 35.15 12.16 7.16
C LEU A 308 35.22 11.33 8.43
N LEU A 309 34.52 11.75 9.48
CA LEU A 309 34.49 11.01 10.76
C LEU A 309 33.52 9.83 10.73
N GLY A 310 32.45 9.87 9.95
CA GLY A 310 31.34 8.91 10.05
C GLY A 310 31.35 7.80 9.01
N GLU A 311 31.84 8.07 7.80
CA GLU A 311 31.70 7.12 6.67
C GLU A 311 32.41 5.79 6.92
N SER A 312 33.61 5.77 7.46
CA SER A 312 34.36 4.50 7.62
C SER A 312 33.62 3.57 8.57
N ALA A 313 33.06 4.08 9.69
CA ALA A 313 32.32 3.23 10.64
C ALA A 313 31.09 2.62 9.95
N LEU A 314 30.43 3.45 9.17
CA LEU A 314 29.18 3.08 8.46
C LEU A 314 29.51 2.01 7.41
N PHE A 315 30.52 2.24 6.61
CA PHE A 315 31.00 1.24 5.63
C PHE A 315 31.35 -0.03 6.38
N ASP A 316 32.03 0.08 7.51
CA ASP A 316 32.49 -1.12 8.26
C ASP A 316 31.27 -1.91 8.69
N GLN A 317 30.20 -1.23 9.09
CA GLN A 317 29.03 -1.88 9.72
C GLN A 317 28.23 -2.53 8.61
N VAL A 318 28.08 -1.85 7.48
CA VAL A 318 27.30 -2.40 6.34
C VAL A 318 28.07 -3.53 5.67
N SER A 319 29.39 -3.40 5.41
CA SER A 319 30.15 -4.46 4.68
C SER A 319 30.24 -5.72 5.53
N LYS A 320 30.07 -5.60 6.83
CA LYS A 320 30.10 -6.75 7.74
C LYS A 320 28.79 -7.54 7.57
N GLN A 321 27.68 -6.91 7.24
CA GLN A 321 26.34 -7.54 7.21
C GLN A 321 25.94 -7.88 5.76
N VAL A 322 26.64 -7.32 4.78
CA VAL A 322 26.25 -7.44 3.34
C VAL A 322 27.49 -7.61 2.50
N PRO A 323 27.53 -8.61 1.61
CA PRO A 323 28.69 -8.79 0.73
C PRO A 323 28.79 -7.75 -0.40
N GLY A 324 30.01 -7.40 -0.79
CA GLY A 324 30.26 -6.66 -2.04
C GLY A 324 30.13 -5.15 -1.85
N ILE A 325 30.05 -4.66 -0.61
CA ILE A 325 30.07 -3.20 -0.36
C ILE A 325 31.45 -2.64 -0.72
N LEU A 326 31.51 -1.54 -1.48
CA LEU A 326 32.77 -0.85 -1.91
C LEU A 326 32.97 0.49 -1.20
N GLU A 327 31.93 1.28 -0.97
CA GLU A 327 32.07 2.66 -0.46
C GLU A 327 30.68 3.16 -0.07
N VAL A 328 30.65 4.10 0.84
CA VAL A 328 29.44 4.77 1.37
C VAL A 328 29.75 6.26 1.36
N ALA A 329 28.85 7.09 0.83
CA ALA A 329 29.04 8.53 0.84
C ALA A 329 27.90 9.16 1.64
N LEU A 330 28.25 10.00 2.59
CA LEU A 330 27.27 10.92 3.20
C LEU A 330 27.31 12.18 2.36
N THR A 331 26.47 12.27 1.36
CA THR A 331 26.55 13.30 0.32
C THR A 331 26.36 14.71 0.87
N ASP A 332 26.95 15.68 0.18
CA ASP A 332 26.79 17.14 0.45
C ASP A 332 25.33 17.56 0.23
N GLY A 333 24.67 17.03 -0.78
CA GLY A 333 23.24 17.34 -0.98
C GLY A 333 22.48 17.00 0.28
N GLY A 334 22.84 15.94 0.96
CA GLY A 334 22.08 15.53 2.15
C GLY A 334 22.64 16.14 3.40
N CYS A 335 23.40 17.22 3.28
CA CYS A 335 23.96 17.94 4.46
C CYS A 335 24.88 17.02 5.27
N GLY A 336 25.54 16.07 4.61
CA GLY A 336 26.49 15.13 5.21
C GLY A 336 25.88 14.40 6.39
N PHE A 337 24.62 14.04 6.30
CA PHE A 337 23.87 13.56 7.47
C PHE A 337 22.58 12.82 7.08
N TYR A 338 21.91 13.23 5.99
CA TYR A 338 20.53 12.81 5.70
C TYR A 338 20.47 11.87 4.51
N HIS A 339 21.47 11.87 3.63
CA HIS A 339 21.49 10.95 2.47
C HIS A 339 22.77 10.16 2.43
N ALA A 340 22.64 8.85 2.42
CA ALA A 340 23.79 7.95 2.22
C ALA A 340 23.61 7.24 0.89
N VAL A 341 24.64 7.28 0.06
CA VAL A 341 24.69 6.46 -1.17
C VAL A 341 25.68 5.35 -0.90
N VAL A 342 25.26 4.12 -1.15
CA VAL A 342 26.09 2.91 -0.90
C VAL A 342 26.40 2.31 -2.24
N GLN A 343 27.65 2.09 -2.52
CA GLN A 343 28.07 1.53 -3.81
C GLN A 343 28.43 0.08 -3.56
N LEU A 344 27.90 -0.84 -4.34
CA LEU A 344 28.31 -2.24 -4.18
C LEU A 344 28.48 -2.92 -5.54
N LYS A 345 29.09 -4.08 -5.50
CA LYS A 345 29.27 -5.03 -6.63
C LYS A 345 28.34 -6.19 -6.33
N GLN A 346 27.25 -6.31 -7.06
CA GLN A 346 26.21 -7.30 -6.69
C GLN A 346 26.76 -8.71 -6.89
N VAL A 347 26.39 -9.62 -6.00
CA VAL A 347 26.77 -11.06 -6.10
C VAL A 347 25.52 -11.92 -6.08
N ARG A 348 24.37 -11.38 -5.69
CA ARG A 348 23.11 -12.17 -5.71
C ARG A 348 21.88 -11.27 -5.53
N ALA A 349 20.79 -11.58 -6.20
CA ALA A 349 19.58 -10.75 -6.00
C ALA A 349 19.29 -10.67 -4.50
N GLY A 350 18.90 -9.49 -4.03
CA GLY A 350 18.29 -9.34 -2.70
C GLY A 350 19.24 -8.63 -1.73
N TRP A 351 20.54 -8.76 -1.93
CA TRP A 351 21.51 -8.10 -1.04
C TRP A 351 21.32 -6.59 -1.08
N SER A 352 21.05 -5.98 -2.24
CA SER A 352 20.79 -4.51 -2.28
C SER A 352 19.75 -4.10 -1.21
N LYS A 353 18.67 -4.83 -1.03
CA LYS A 353 17.68 -4.44 0.01
C LYS A 353 18.26 -4.62 1.40
N GLN A 354 19.00 -5.69 1.68
CA GLN A 354 19.63 -5.83 3.01
C GLN A 354 20.55 -4.61 3.22
N ALA A 355 21.22 -4.14 2.18
CA ALA A 355 22.14 -2.98 2.27
C ALA A 355 21.35 -1.77 2.76
N ILE A 356 20.13 -1.61 2.29
CA ILE A 356 19.26 -0.51 2.77
C ILE A 356 19.02 -0.65 4.28
N LEU A 357 18.61 -1.85 4.72
CA LEU A 357 18.30 -2.08 6.16
C LEU A 357 19.56 -1.77 6.96
N ALA A 358 20.69 -2.31 6.53
CA ALA A 358 21.92 -2.19 7.33
C ALA A 358 22.31 -0.70 7.48
N THR A 359 22.20 0.04 6.39
CA THR A 359 22.62 1.45 6.36
C THR A 359 21.72 2.28 7.28
N PHE A 360 20.41 2.08 7.24
CA PHE A 360 19.45 2.87 8.05
C PHE A 360 19.64 2.59 9.56
N ALA A 361 20.01 1.37 9.86
CA ALA A 361 20.22 0.84 11.21
C ALA A 361 21.51 1.38 11.82
N ALA A 362 22.49 1.60 10.97
CA ALA A 362 23.83 2.04 11.39
C ALA A 362 23.96 3.55 11.53
N PHE A 363 23.03 4.40 11.05
CA PHE A 363 23.14 5.89 11.09
C PHE A 363 21.76 6.56 11.23
N PRO A 364 21.29 6.69 12.49
CA PRO A 364 19.92 7.12 12.77
C PRO A 364 19.44 8.42 12.15
N PRO A 365 20.30 9.41 11.94
CA PRO A 365 19.85 10.64 11.28
C PRO A 365 19.39 10.47 9.83
N LEU A 366 19.86 9.41 9.15
CA LEU A 366 19.63 9.28 7.71
C LEU A 366 18.12 9.34 7.40
N LYS A 367 17.81 10.04 6.31
CA LYS A 367 16.43 10.11 5.81
C LYS A 367 16.30 9.25 4.54
N MET A 368 17.29 9.30 3.66
CA MET A 368 17.28 8.59 2.39
C MET A 368 18.51 7.69 2.33
N VAL A 369 18.37 6.53 1.75
CA VAL A 369 19.53 5.71 1.33
C VAL A 369 19.34 5.32 -0.12
N THR A 370 20.38 5.47 -0.92
CA THR A 370 20.34 5.05 -2.32
C THR A 370 21.43 4.01 -2.50
N ILE A 371 21.09 2.88 -3.12
CA ILE A 371 22.11 1.86 -3.48
C ILE A 371 22.42 1.96 -4.96
N VAL A 372 23.69 1.85 -5.33
CA VAL A 372 24.10 1.87 -6.76
C VAL A 372 25.23 0.87 -6.97
N ASP A 373 25.47 0.53 -8.24
CA ASP A 373 26.51 -0.45 -8.62
C ASP A 373 27.88 0.22 -8.71
N GLU A 374 28.91 -0.60 -8.90
CA GLU A 374 30.36 -0.26 -8.95
C GLU A 374 30.59 0.74 -10.07
N ASP A 375 29.68 0.83 -11.05
CA ASP A 375 29.96 1.62 -12.28
C ASP A 375 29.24 2.96 -12.24
N VAL A 376 28.75 3.39 -11.08
CA VAL A 376 28.09 4.71 -10.84
C VAL A 376 28.93 5.48 -9.83
N ASP A 377 29.17 6.78 -10.04
CA ASP A 377 29.98 7.59 -9.12
C ASP A 377 29.11 8.03 -7.95
N LEU A 378 29.20 7.37 -6.82
CA LEU A 378 28.23 7.60 -5.69
C LEU A 378 28.32 9.04 -5.18
N ARG A 379 29.43 9.70 -5.43
CA ARG A 379 29.64 11.10 -4.94
C ARG A 379 29.19 12.11 -5.99
N ASN A 380 28.73 11.69 -7.17
CA ASN A 380 28.21 12.64 -8.19
C ASN A 380 26.68 12.57 -8.25
N PRO A 381 25.97 13.58 -7.76
CA PRO A 381 24.52 13.50 -7.76
C PRO A 381 23.92 13.32 -9.16
N ARG A 382 24.47 13.93 -10.23
CA ARG A 382 24.08 13.73 -11.66
C ARG A 382 24.11 12.20 -11.89
N ASP A 383 25.15 11.49 -11.42
CA ASP A 383 25.33 10.07 -11.83
C ASP A 383 24.31 9.18 -11.08
N VAL A 384 24.02 9.53 -9.84
CA VAL A 384 23.02 8.81 -9.01
C VAL A 384 21.62 9.08 -9.60
N GLU A 385 21.33 10.31 -10.02
CA GLU A 385 20.07 10.71 -10.74
C GLU A 385 19.98 9.79 -11.95
N TRP A 386 21.09 9.59 -12.67
CA TRP A 386 21.09 8.72 -13.85
C TRP A 386 20.69 7.29 -13.46
N ALA A 387 21.28 6.76 -12.40
CA ALA A 387 20.97 5.40 -11.88
C ALA A 387 19.49 5.31 -11.55
N MET A 388 18.98 6.35 -10.93
CA MET A 388 17.52 6.47 -10.64
C MET A 388 16.73 6.44 -11.93
N ALA A 389 17.21 7.09 -12.97
CA ALA A 389 16.43 7.23 -14.21
C ALA A 389 16.41 5.90 -15.00
N THR A 390 17.49 5.11 -14.96
CA THR A 390 17.60 3.94 -15.88
C THR A 390 17.56 2.59 -15.14
N ARG A 391 17.75 2.57 -13.83
CA ARG A 391 17.91 1.27 -13.12
C ARG A 391 16.82 1.10 -12.06
N LEU A 392 16.47 2.11 -11.28
CA LEU A 392 15.46 1.97 -10.19
C LEU A 392 14.19 1.36 -10.75
N ASP A 393 13.65 0.33 -10.12
CA ASP A 393 12.24 -0.10 -10.35
C ASP A 393 11.38 0.66 -9.37
N PRO A 394 10.56 1.65 -9.78
CA PRO A 394 9.83 2.43 -8.81
C PRO A 394 8.89 1.57 -7.97
N GLU A 395 8.45 0.45 -8.51
CA GLU A 395 7.43 -0.36 -7.82
C GLU A 395 8.13 -1.20 -6.75
N ARG A 396 9.20 -1.88 -7.08
CA ARG A 396 9.81 -2.83 -6.13
C ARG A 396 11.06 -2.28 -5.45
N GLY A 397 11.64 -1.19 -5.94
CA GLY A 397 12.93 -0.64 -5.48
C GLY A 397 12.80 0.49 -4.47
N ILE A 398 11.59 0.90 -4.10
CA ILE A 398 11.42 1.97 -3.07
C ILE A 398 10.94 1.36 -1.77
N LEU A 399 11.72 1.46 -0.71
CA LEU A 399 11.42 0.88 0.62
C LEU A 399 11.20 2.02 1.61
N ARG A 400 10.01 2.06 2.20
CA ARG A 400 9.63 3.17 3.07
C ARG A 400 9.47 2.62 4.48
N ILE A 401 10.11 3.29 5.45
CA ILE A 401 10.03 2.97 6.89
C ILE A 401 9.23 4.11 7.51
N ASP A 402 8.12 3.85 8.18
CA ASP A 402 7.38 4.91 8.88
C ASP A 402 7.60 4.87 10.39
N ASP A 403 7.33 6.01 11.00
CA ASP A 403 7.19 6.18 12.47
C ASP A 403 8.48 5.68 13.10
N THR A 404 9.60 6.06 12.52
CA THR A 404 10.92 5.67 13.06
C THR A 404 11.63 6.89 13.62
N PHE A 405 12.72 6.66 14.33
CA PHE A 405 13.51 7.75 14.94
C PHE A 405 14.37 8.40 13.88
N GLY A 406 14.53 9.71 13.97
CA GLY A 406 15.47 10.45 13.11
C GLY A 406 15.88 11.74 13.76
N HIS A 407 16.54 12.63 13.02
CA HIS A 407 17.18 13.85 13.58
C HIS A 407 16.19 15.03 13.59
N GLY A 408 15.91 15.55 14.78
CA GLY A 408 14.91 16.59 15.09
C GLY A 408 15.16 17.93 14.41
N LEU A 409 16.40 18.28 14.10
CA LEU A 409 16.73 19.55 13.39
C LEU A 409 16.14 19.51 11.98
N ASN A 410 16.15 18.35 11.35
CA ASN A 410 15.59 18.12 9.99
C ASN A 410 14.08 18.22 10.13
N PRO A 411 13.40 19.18 9.47
CA PRO A 411 11.96 19.33 9.63
C PRO A 411 11.08 18.21 9.05
N SER A 412 11.66 17.25 8.33
CA SER A 412 11.01 15.95 7.93
C SER A 412 10.81 15.05 9.14
N PHE A 413 11.44 15.40 10.27
CA PHE A 413 11.44 14.58 11.53
C PHE A 413 11.07 15.42 12.74
N PRO A 414 9.85 16.01 12.79
CA PRO A 414 9.44 16.79 13.96
C PRO A 414 9.50 15.91 15.23
N ASP A 415 10.23 16.40 16.24
CA ASP A 415 10.38 15.69 17.53
C ASP A 415 11.06 14.33 17.29
N TYR A 416 12.03 14.27 16.39
CA TYR A 416 12.94 13.11 16.24
C TYR A 416 12.12 11.88 15.83
N PHE A 417 11.16 12.07 14.93
CA PHE A 417 10.15 11.07 14.50
C PHE A 417 9.63 11.36 13.10
N GLY A 418 9.66 10.32 12.23
CA GLY A 418 9.17 10.45 10.86
C GLY A 418 9.49 9.26 9.97
N SER A 419 9.46 9.46 8.66
CA SER A 419 9.58 8.41 7.63
C SER A 419 10.90 8.54 6.91
N LYS A 420 11.50 7.41 6.61
CA LYS A 420 12.79 7.24 5.93
C LYS A 420 12.46 6.49 4.64
N VAL A 421 13.29 6.62 3.61
CA VAL A 421 13.00 5.97 2.31
C VAL A 421 14.30 5.53 1.66
N GLY A 422 14.33 4.31 1.21
CA GLY A 422 15.51 3.76 0.52
C GLY A 422 15.20 3.50 -0.94
N PHE A 423 16.14 3.82 -1.80
CA PHE A 423 16.03 3.62 -3.26
C PHE A 423 17.04 2.59 -3.65
N ASP A 424 16.59 1.54 -4.27
CA ASP A 424 17.50 0.50 -4.81
C ASP A 424 17.67 0.81 -6.29
N ALA A 425 18.68 1.58 -6.63
CA ALA A 425 18.96 2.00 -8.00
C ALA A 425 20.02 1.10 -8.60
N THR A 426 19.95 -0.21 -8.34
CA THR A 426 20.92 -1.18 -8.92
C THR A 426 20.37 -1.76 -10.21
N ARG A 427 21.29 -2.14 -11.08
CA ARG A 427 20.97 -2.97 -12.26
C ARG A 427 20.46 -4.33 -11.78
N SER A 428 19.92 -5.08 -12.73
CA SER A 428 19.32 -6.40 -12.48
C SER A 428 20.47 -7.39 -12.42
N PHE A 429 20.29 -8.41 -11.60
CA PHE A 429 21.30 -9.47 -11.37
C PHE A 429 20.62 -10.81 -11.59
N PRO A 430 21.16 -11.72 -12.43
CA PRO A 430 22.49 -11.57 -13.03
C PRO A 430 22.63 -10.40 -14.03
N PHE A 431 23.85 -9.95 -14.19
CA PHE A 431 24.16 -8.78 -15.06
C PHE A 431 23.69 -9.10 -16.46
N GLU A 432 23.10 -8.10 -17.13
CA GLU A 432 22.59 -8.17 -18.52
C GLU A 432 23.21 -7.07 -19.36
N GLU A 433 23.44 -7.31 -20.67
CA GLU A 433 24.06 -6.35 -21.63
C GLU A 433 23.29 -5.01 -21.61
N LYS A 434 21.97 -5.03 -21.50
CA LYS A 434 21.12 -3.83 -21.63
C LYS A 434 21.46 -2.77 -20.55
N HIS A 435 22.21 -3.15 -19.52
CA HIS A 435 22.66 -2.24 -18.44
C HIS A 435 24.17 -1.92 -18.53
N GLU A 436 24.89 -2.35 -19.56
CA GLU A 436 26.37 -2.08 -19.71
C GLU A 436 26.52 -0.63 -20.21
N ARG A 437 27.18 0.19 -19.42
CA ARG A 437 27.32 1.63 -19.72
C ARG A 437 28.34 1.81 -20.82
N ILE A 438 28.10 2.78 -21.68
CA ILE A 438 29.06 3.20 -22.74
C ILE A 438 30.27 3.75 -22.00
N THR A 439 31.36 3.79 -22.73
CA THR A 439 32.68 4.15 -22.20
C THR A 439 33.46 4.81 -23.34
N TYR A 440 34.17 5.88 -23.05
CA TYR A 440 35.05 6.58 -24.01
C TYR A 440 36.50 6.30 -23.58
N GLN A 441 37.40 6.12 -24.54
CA GLN A 441 38.83 5.91 -24.24
C GLN A 441 39.35 7.00 -23.29
N ASP A 442 40.08 6.56 -22.26
CA ASP A 442 40.77 7.43 -21.30
C ASP A 442 41.99 8.01 -22.02
N VAL A 443 42.27 9.28 -21.80
CA VAL A 443 43.20 10.01 -22.69
C VAL A 443 43.88 11.07 -21.82
N ASP A 444 45.21 11.08 -21.90
CA ASP A 444 46.05 12.08 -21.22
C ASP A 444 46.02 13.36 -22.06
N LEU A 445 45.53 14.47 -21.49
CA LEU A 445 45.44 15.77 -22.21
C LEU A 445 46.81 16.43 -22.33
N SER A 446 47.75 16.05 -21.49
CA SER A 446 49.12 16.61 -21.52
C SER A 446 49.86 16.08 -22.74
N ARG A 447 49.41 14.96 -23.33
CA ARG A 447 50.00 14.36 -24.57
C ARG A 447 49.68 15.18 -25.84
N PHE A 448 48.92 16.27 -25.75
CA PHE A 448 48.48 17.08 -26.93
C PHE A 448 48.63 18.58 -26.67
N GLU A 449 48.84 19.35 -27.74
CA GLU A 449 48.89 20.83 -27.68
C GLU A 449 47.44 21.29 -27.85
N ILE A 450 46.90 21.96 -26.83
CA ILE A 450 45.49 22.40 -26.78
C ILE A 450 45.48 23.87 -26.36
N VAL A 451 45.02 24.77 -27.22
CA VAL A 451 44.76 26.19 -26.92
C VAL A 451 43.26 26.32 -26.57
N GLU A 452 42.94 26.64 -25.29
CA GLU A 452 41.55 26.63 -24.71
C GLU A 452 41.04 28.07 -24.52
N GLY A 453 40.66 28.81 -25.57
CA GLY A 453 40.07 30.16 -25.51
C GLY A 453 41.09 31.29 -25.45
N HIS A 454 40.85 32.38 -26.18
CA HIS A 454 41.50 33.70 -26.01
C HIS A 454 40.50 34.84 -26.17
N HIS B 1 23.50 38.61 -34.72
CA HIS B 1 23.30 37.29 -34.02
C HIS B 1 22.41 36.38 -34.88
N MET B 2 22.77 36.24 -36.16
CA MET B 2 22.15 35.31 -37.15
C MET B 2 23.31 34.58 -37.85
N HIS B 3 23.08 33.39 -38.39
CA HIS B 3 24.15 32.49 -38.88
C HIS B 3 23.70 31.71 -40.11
N LYS B 4 24.41 31.89 -41.23
CA LYS B 4 24.00 31.38 -42.56
C LYS B 4 24.40 29.90 -42.66
N ASP B 5 25.48 29.54 -41.99
CA ASP B 5 26.18 28.23 -42.14
C ASP B 5 27.13 28.02 -40.96
N LEU B 6 27.78 26.87 -40.91
CA LEU B 6 28.64 26.45 -39.76
C LEU B 6 29.88 27.35 -39.65
N HIS B 7 30.40 27.86 -40.79
CA HIS B 7 31.56 28.81 -40.83
C HIS B 7 31.30 29.98 -39.89
N SER B 8 30.11 30.60 -40.03
CA SER B 8 29.65 31.75 -39.22
C SER B 8 29.80 31.41 -37.74
N ILE B 9 29.31 30.20 -37.37
CA ILE B 9 29.27 29.66 -35.97
C ILE B 9 30.71 29.60 -35.46
N ILE B 10 31.57 28.89 -36.19
CA ILE B 10 32.96 28.61 -35.75
C ILE B 10 33.71 29.93 -35.54
N ASP B 11 33.55 30.90 -36.45
CA ASP B 11 34.25 32.20 -36.39
C ASP B 11 33.78 32.95 -35.15
N ALA B 12 32.47 32.93 -34.89
CA ALA B 12 31.82 33.61 -33.75
C ALA B 12 32.36 33.05 -32.42
N LEU B 13 32.51 31.71 -32.37
CA LEU B 13 33.03 30.97 -31.19
C LEU B 13 34.52 31.27 -31.01
N ASP B 14 35.30 31.18 -32.09
CA ASP B 14 36.74 31.56 -32.15
C ASP B 14 36.89 32.99 -31.61
N THR B 15 36.15 33.95 -32.17
CA THR B 15 36.17 35.38 -31.76
C THR B 15 35.84 35.47 -30.27
N ALA B 16 34.82 34.72 -29.82
CA ALA B 16 34.32 34.79 -28.43
C ALA B 16 35.23 33.99 -27.47
N GLY B 17 36.21 33.23 -27.99
CA GLY B 17 37.14 32.44 -27.17
C GLY B 17 36.44 31.24 -26.54
N ARG B 18 35.43 30.75 -27.22
CA ARG B 18 34.63 29.57 -26.85
C ARG B 18 35.02 28.42 -27.78
N LEU B 19 36.23 28.46 -28.32
CA LEU B 19 36.75 27.34 -29.14
C LEU B 19 38.00 26.77 -28.47
N ILE B 20 38.01 25.44 -28.33
CA ILE B 20 39.16 24.62 -27.91
C ILE B 20 39.76 24.06 -29.19
N ARG B 21 41.01 24.44 -29.45
CA ARG B 21 41.76 24.07 -30.66
C ARG B 21 42.70 22.93 -30.26
N VAL B 22 42.47 21.74 -30.80
CA VAL B 22 43.38 20.59 -30.58
C VAL B 22 44.26 20.45 -31.81
N ARG B 23 45.53 20.85 -31.65
CA ARG B 23 46.48 21.13 -32.78
C ARG B 23 47.23 19.84 -33.16
N SER B 24 47.57 19.02 -32.16
CA SER B 24 48.29 17.73 -32.35
C SER B 24 47.41 16.84 -33.24
N GLN B 25 48.03 15.88 -33.92
CA GLN B 25 47.33 14.73 -34.55
C GLN B 25 46.57 13.97 -33.46
N VAL B 26 45.34 13.59 -33.75
CA VAL B 26 44.50 12.64 -32.96
C VAL B 26 43.95 11.56 -33.90
N LYS B 27 43.63 10.40 -33.35
CA LYS B 27 43.07 9.25 -34.12
C LYS B 27 41.54 9.37 -34.06
N ALA B 28 40.88 9.23 -35.20
CA ALA B 28 39.41 9.23 -35.30
C ALA B 28 38.85 8.02 -34.54
N GLU B 29 39.61 6.90 -34.48
CA GLU B 29 39.27 5.69 -33.71
C GLU B 29 39.48 6.01 -32.23
N HIS B 30 38.39 6.22 -31.49
CA HIS B 30 38.29 6.29 -30.01
C HIS B 30 38.97 7.54 -29.42
N GLU B 31 40.17 7.92 -29.90
CA GLU B 31 40.99 8.97 -29.24
C GLU B 31 40.23 10.29 -29.27
N LEU B 32 39.58 10.60 -30.40
CA LEU B 32 38.99 11.94 -30.63
C LEU B 32 37.86 12.14 -29.63
N ALA B 33 36.92 11.21 -29.65
CA ALA B 33 35.79 11.20 -28.70
C ALA B 33 36.32 11.27 -27.27
N GLY B 34 37.35 10.48 -26.92
CA GLY B 34 38.00 10.50 -25.60
C GLY B 34 38.37 11.91 -25.14
N ILE B 35 38.86 12.73 -26.04
CA ILE B 35 39.31 14.12 -25.72
C ILE B 35 38.06 14.98 -25.52
N ALA B 36 37.16 14.96 -26.51
CA ALA B 36 35.82 15.60 -26.43
C ALA B 36 35.21 15.29 -25.05
N ALA B 37 35.20 14.02 -24.68
CA ALA B 37 34.58 13.53 -23.42
C ALA B 37 35.14 14.29 -22.21
N LYS B 38 36.42 14.63 -22.18
CA LYS B 38 36.98 15.35 -21.01
C LYS B 38 36.47 16.79 -20.98
N TYR B 39 35.88 17.29 -22.07
CA TYR B 39 35.45 18.70 -22.15
C TYR B 39 33.91 18.79 -22.13
N GLU B 40 33.21 17.65 -22.21
CA GLU B 40 31.73 17.59 -22.32
C GLU B 40 31.12 18.55 -21.29
N GLY B 41 30.30 19.51 -21.73
CA GLY B 41 29.47 20.34 -20.84
C GLY B 41 30.08 21.71 -20.54
N CYS B 42 31.37 21.91 -20.74
CA CYS B 42 31.98 23.23 -20.48
C CYS B 42 31.49 24.24 -21.55
N ASP B 43 31.77 25.53 -21.35
CA ASP B 43 31.18 26.65 -22.12
C ASP B 43 31.91 26.86 -23.44
N LYS B 44 32.47 25.81 -24.05
CA LYS B 44 33.24 25.87 -25.31
C LYS B 44 33.04 24.61 -26.13
N ALA B 45 33.14 24.71 -27.45
CA ALA B 45 33.19 23.53 -28.34
C ALA B 45 34.64 23.19 -28.62
N VAL B 46 34.89 22.15 -29.41
CA VAL B 46 36.25 21.57 -29.65
C VAL B 46 36.41 21.44 -31.16
N LEU B 47 37.44 22.09 -31.70
CA LEU B 47 37.86 21.90 -33.10
C LEU B 47 39.18 21.16 -33.12
N PHE B 48 39.14 20.01 -33.78
CA PHE B 48 40.30 19.11 -33.95
C PHE B 48 40.93 19.46 -35.30
N GLU B 49 42.02 20.22 -35.27
CA GLU B 49 42.69 20.74 -36.49
C GLU B 49 43.31 19.62 -37.32
N ASN B 50 43.57 18.47 -36.71
CA ASN B 50 44.38 17.41 -37.35
C ASN B 50 43.88 16.03 -36.88
N VAL B 51 43.11 15.38 -37.73
CA VAL B 51 42.56 14.02 -37.47
C VAL B 51 43.18 13.07 -38.48
N ASP B 52 44.18 12.28 -38.04
CA ASP B 52 44.86 11.29 -38.91
C ASP B 52 45.48 12.03 -40.11
N GLY B 53 45.96 13.26 -39.90
CA GLY B 53 46.47 14.13 -40.96
C GLY B 53 45.49 14.36 -42.11
N ASN B 54 44.19 14.37 -41.87
CA ASN B 54 43.16 14.82 -42.86
C ASN B 54 43.29 16.34 -43.03
N ASP B 55 42.94 16.90 -44.20
CA ASP B 55 42.89 18.38 -44.40
C ASP B 55 41.64 18.91 -43.71
N ILE B 56 40.66 18.02 -43.52
CA ILE B 56 39.33 18.32 -42.94
C ILE B 56 39.40 18.18 -41.43
N PRO B 57 39.20 19.29 -40.71
CA PRO B 57 39.15 19.26 -39.25
C PRO B 57 37.77 18.77 -38.78
N VAL B 58 37.60 18.35 -37.52
CA VAL B 58 36.24 18.00 -37.03
C VAL B 58 35.91 18.87 -35.83
N LEU B 59 34.65 19.32 -35.84
CA LEU B 59 34.01 20.10 -34.77
C LEU B 59 33.11 19.16 -33.98
N MET B 60 33.20 19.27 -32.66
CA MET B 60 32.41 18.45 -31.72
C MET B 60 32.06 19.40 -30.57
N GLY B 61 30.91 19.17 -29.95
CA GLY B 61 30.59 19.79 -28.66
C GLY B 61 29.83 21.09 -28.82
N LEU B 62 29.21 21.28 -30.00
CA LEU B 62 28.43 22.51 -30.26
C LEU B 62 27.20 22.58 -29.35
N TYR B 63 26.61 21.45 -28.95
CA TYR B 63 25.28 21.42 -28.31
C TYR B 63 25.36 21.13 -26.82
N TRP B 64 26.53 20.93 -26.24
CA TRP B 64 26.55 20.41 -24.84
C TRP B 64 26.47 21.52 -23.81
N SER B 65 26.44 22.78 -24.21
CA SER B 65 26.33 23.91 -23.26
C SER B 65 25.28 24.91 -23.76
N ARG B 66 24.20 25.04 -23.01
CA ARG B 66 23.14 26.01 -23.34
C ARG B 66 23.72 27.41 -23.30
N ASP B 67 24.71 27.66 -22.45
CA ASP B 67 25.31 29.01 -22.33
C ASP B 67 25.97 29.34 -23.68
N LEU B 68 26.69 28.38 -24.25
CA LEU B 68 27.37 28.55 -25.55
C LEU B 68 26.34 28.79 -26.64
N LEU B 69 25.32 27.95 -26.76
CA LEU B 69 24.28 28.15 -27.81
C LEU B 69 23.63 29.53 -27.65
N GLY B 70 23.38 29.92 -26.42
CA GLY B 70 22.82 31.24 -26.12
C GLY B 70 23.71 32.33 -26.64
N SER B 71 25.01 32.23 -26.40
CA SER B 71 26.01 33.27 -26.78
C SER B 71 25.93 33.48 -28.28
N LEU B 72 25.70 32.44 -29.08
CA LEU B 72 25.65 32.51 -30.57
C LEU B 72 24.46 33.33 -31.05
N TYR B 73 23.39 33.45 -30.27
CA TYR B 73 22.14 34.12 -30.71
C TYR B 73 21.82 35.32 -29.80
N GLY B 74 22.69 35.61 -28.85
CA GLY B 74 22.55 36.74 -27.92
C GLY B 74 21.52 36.51 -26.82
N VAL B 75 21.27 35.26 -26.37
CA VAL B 75 20.24 35.02 -25.31
C VAL B 75 20.91 34.30 -24.14
N ASP B 76 20.45 34.57 -22.89
CA ASP B 76 20.90 33.80 -21.71
C ASP B 76 20.55 32.32 -21.89
N ALA B 77 21.31 31.41 -21.29
CA ALA B 77 20.99 29.95 -21.34
C ALA B 77 19.51 29.73 -20.97
N VAL B 78 19.06 30.39 -19.92
CA VAL B 78 17.70 30.17 -19.40
C VAL B 78 16.64 30.53 -20.47
N ASP B 79 16.91 31.50 -21.34
CA ASP B 79 15.89 31.98 -22.31
C ASP B 79 15.99 31.21 -23.63
N MET B 80 16.93 30.27 -23.80
CA MET B 80 17.14 29.62 -25.11
C MET B 80 15.94 28.77 -25.53
N PRO B 81 15.35 27.96 -24.63
CA PRO B 81 14.23 27.15 -25.02
C PRO B 81 13.08 28.02 -25.53
N ARG B 82 12.77 29.12 -24.85
CA ARG B 82 11.67 30.00 -25.31
C ARG B 82 12.05 30.62 -26.67
N PHE B 83 13.28 31.08 -26.78
CA PHE B 83 13.83 31.64 -28.03
C PHE B 83 13.51 30.69 -29.20
N ILE B 84 13.89 29.42 -29.05
CA ILE B 84 13.72 28.44 -30.16
C ILE B 84 12.23 28.25 -30.43
N THR B 85 11.40 28.20 -29.39
CA THR B 85 9.97 27.84 -29.50
C THR B 85 9.26 28.98 -30.21
N SER B 86 9.55 30.21 -29.79
CA SER B 86 9.00 31.43 -30.43
C SER B 86 9.33 31.40 -31.92
N LYS B 87 10.51 30.95 -32.29
CA LYS B 87 10.92 30.96 -33.69
C LYS B 87 10.14 29.89 -34.43
N ILE B 88 10.02 28.72 -33.86
CA ILE B 88 9.19 27.65 -34.49
C ILE B 88 7.72 28.12 -34.57
N SER B 89 7.23 28.94 -33.65
CA SER B 89 5.85 29.48 -33.69
C SER B 89 5.68 30.40 -34.91
N HIS B 90 6.61 31.33 -35.08
CA HIS B 90 6.66 32.26 -36.23
C HIS B 90 6.67 31.44 -37.55
N TRP B 91 7.43 30.36 -37.65
CA TRP B 91 7.49 29.52 -38.88
C TRP B 91 6.14 28.84 -39.14
N LYS B 92 5.47 28.38 -38.08
CA LYS B 92 4.16 27.70 -38.21
C LYS B 92 3.13 28.69 -38.76
N SER B 93 3.24 29.94 -38.37
CA SER B 93 2.29 31.04 -38.65
C SER B 93 2.60 31.65 -40.04
N GLU B 94 3.87 31.89 -40.38
CA GLU B 94 4.34 32.57 -41.63
C GLU B 94 5.61 31.90 -42.16
N PRO B 95 5.54 30.69 -42.76
CA PRO B 95 6.74 29.98 -43.18
C PRO B 95 7.49 30.80 -44.24
N THR B 96 8.81 30.71 -44.30
CA THR B 96 9.69 31.21 -45.39
C THR B 96 9.92 30.06 -46.40
N ALA B 97 9.48 30.27 -47.64
CA ALA B 97 9.73 29.36 -48.77
C ALA B 97 11.24 29.25 -48.97
N HIS B 98 11.75 28.06 -49.33
CA HIS B 98 13.19 27.86 -49.61
C HIS B 98 13.57 28.64 -50.88
N GLN B 99 14.85 28.86 -51.10
CA GLN B 99 15.42 29.48 -52.33
C GLN B 99 16.23 28.40 -53.07
N LEU B 100 15.74 27.95 -54.22
CA LEU B 100 16.49 27.03 -55.12
C LEU B 100 17.58 27.86 -55.80
N ILE B 101 18.81 27.34 -55.87
CA ILE B 101 19.94 28.06 -56.51
C ILE B 101 20.75 27.10 -57.38
N ALA B 102 21.50 27.69 -58.33
CA ALA B 102 22.19 26.94 -59.40
C ALA B 102 23.34 26.14 -58.75
N ARG B 103 23.60 24.94 -59.26
CA ARG B 103 24.74 24.10 -58.81
C ARG B 103 26.04 24.94 -58.64
N GLU B 104 26.48 25.79 -59.57
CA GLU B 104 27.83 26.41 -59.40
C GLU B 104 27.79 27.64 -58.47
N HIS B 105 26.64 27.97 -57.88
CA HIS B 105 26.49 29.04 -56.86
C HIS B 105 26.49 28.44 -55.46
N ALA B 106 26.35 27.11 -55.34
CA ALA B 106 26.07 26.40 -54.06
C ALA B 106 27.37 25.98 -53.41
N PRO B 107 27.83 26.64 -52.31
CA PRO B 107 29.18 26.42 -51.79
C PRO B 107 29.56 24.94 -51.62
N VAL B 108 28.56 24.09 -51.32
CA VAL B 108 28.72 22.64 -51.04
C VAL B 108 29.07 21.88 -52.31
N MET B 109 28.82 22.46 -53.49
CA MET B 109 29.02 21.78 -54.80
C MET B 109 30.42 22.12 -55.37
N ALA B 110 31.19 22.95 -54.65
CA ALA B 110 32.59 23.29 -54.96
C ALA B 110 33.34 22.05 -55.50
N HIS B 111 33.27 20.89 -54.83
CA HIS B 111 34.03 19.64 -55.18
C HIS B 111 33.07 18.44 -55.24
N SER B 112 33.33 17.46 -56.11
CA SER B 112 32.61 16.16 -56.15
C SER B 112 33.58 15.00 -56.37
N PRO B 113 34.50 14.70 -55.43
CA PRO B 113 35.38 13.53 -55.52
C PRO B 113 34.64 12.21 -55.77
N ARG B 114 35.34 11.20 -56.32
CA ARG B 114 34.93 9.78 -56.26
C ARG B 114 34.48 9.51 -54.84
N VAL B 115 33.32 8.88 -54.64
CA VAL B 115 32.71 8.55 -53.32
C VAL B 115 33.68 7.72 -52.46
N ASP B 116 34.43 8.32 -51.50
CA ASP B 116 35.29 7.54 -50.54
C ASP B 116 35.03 7.98 -49.10
N LEU B 117 34.05 7.36 -48.44
CA LEU B 117 33.66 7.62 -47.02
C LEU B 117 34.87 7.47 -46.08
N LEU B 118 35.80 6.57 -46.40
CA LEU B 118 37.00 6.30 -45.55
C LEU B 118 38.04 7.43 -45.68
N SER B 119 37.88 8.37 -46.62
CA SER B 119 38.76 9.57 -46.78
C SER B 119 38.29 10.68 -45.81
N LEU B 120 37.07 10.56 -45.30
CA LEU B 120 36.50 11.53 -44.33
C LEU B 120 36.95 11.15 -42.93
N PRO B 121 37.23 12.16 -42.07
CA PRO B 121 37.67 11.93 -40.69
C PRO B 121 36.48 11.62 -39.77
N ILE B 122 35.70 10.59 -40.11
CA ILE B 122 34.46 10.21 -39.39
C ILE B 122 34.87 9.45 -38.13
N PRO B 123 34.57 9.95 -36.92
CA PRO B 123 35.02 9.30 -35.69
C PRO B 123 34.29 7.97 -35.42
N VAL B 124 35.04 7.02 -34.87
CA VAL B 124 34.48 5.89 -34.06
C VAL B 124 34.49 6.39 -32.61
N HIS B 125 33.31 6.53 -32.02
CA HIS B 125 33.08 7.36 -30.81
C HIS B 125 33.30 6.52 -29.53
N ALA B 126 32.28 5.76 -29.13
CA ALA B 126 32.31 4.94 -27.93
C ALA B 126 33.05 3.63 -28.24
N GLN B 127 33.69 3.08 -27.21
CA GLN B 127 34.70 1.99 -27.34
C GLN B 127 34.07 0.73 -27.94
N LYS B 128 32.75 0.55 -27.92
CA LYS B 128 32.11 -0.68 -28.47
C LYS B 128 31.20 -0.37 -29.67
N ASP B 129 31.28 0.83 -30.22
CA ASP B 129 30.50 1.23 -31.44
C ASP B 129 30.88 0.26 -32.56
N GLY B 130 29.91 -0.21 -33.36
CA GLY B 130 30.13 -1.17 -34.45
C GLY B 130 30.88 -0.58 -35.64
N GLY B 131 31.33 0.67 -35.53
CA GLY B 131 32.17 1.34 -36.53
C GLY B 131 32.07 2.84 -36.46
N ALA B 132 32.60 3.53 -37.47
CA ALA B 132 32.56 5.00 -37.55
C ALA B 132 31.12 5.38 -37.87
N TYR B 133 30.69 6.52 -37.31
CA TYR B 133 29.30 7.00 -37.44
C TYR B 133 29.30 8.48 -37.79
N VAL B 134 28.36 8.81 -38.65
CA VAL B 134 27.93 10.22 -38.80
C VAL B 134 26.61 10.32 -38.05
N ASP B 135 26.58 11.28 -37.12
CA ASP B 135 25.48 11.40 -36.14
C ASP B 135 25.02 12.86 -36.01
N ALA B 136 25.53 13.79 -36.80
CA ALA B 136 25.14 15.23 -36.79
C ALA B 136 24.58 15.58 -38.18
N GLY B 137 24.47 14.56 -39.00
CA GLY B 137 23.97 14.70 -40.37
C GLY B 137 22.48 14.82 -40.35
N VAL B 138 21.99 15.83 -41.04
CA VAL B 138 20.55 16.09 -41.28
C VAL B 138 20.15 15.49 -42.63
N VAL B 139 19.18 14.59 -42.62
CA VAL B 139 18.63 13.91 -43.83
C VAL B 139 17.51 14.79 -44.38
N ILE B 140 17.65 15.23 -45.63
CA ILE B 140 16.55 15.86 -46.42
C ILE B 140 16.07 14.87 -47.50
N ALA B 141 14.78 14.57 -47.50
CA ALA B 141 14.14 13.51 -48.31
C ALA B 141 12.80 14.03 -48.83
N ALA B 142 12.51 13.80 -50.11
CA ALA B 142 11.25 14.22 -50.73
C ALA B 142 10.27 13.06 -50.71
N ASP B 143 9.03 13.33 -50.31
CA ASP B 143 7.87 12.43 -50.45
C ASP B 143 7.79 11.90 -51.88
N PRO B 144 8.02 10.57 -52.09
CA PRO B 144 7.83 9.92 -53.38
C PRO B 144 6.48 10.13 -54.12
N ASP B 145 5.41 10.50 -53.42
CA ASP B 145 4.06 10.77 -54.00
C ASP B 145 3.87 12.27 -54.26
N THR B 146 4.21 13.14 -53.29
CA THR B 146 3.85 14.59 -53.25
C THR B 146 5.10 15.49 -53.28
N GLY B 147 6.33 14.96 -53.28
CA GLY B 147 7.58 15.74 -53.35
C GLY B 147 7.84 16.66 -52.14
N VAL B 148 6.94 16.67 -51.13
CA VAL B 148 7.06 17.50 -49.88
C VAL B 148 8.28 17.04 -49.07
N LEU B 149 9.11 17.96 -48.62
CA LEU B 149 10.37 17.63 -47.92
C LEU B 149 10.10 17.19 -46.48
N ASN B 150 10.99 16.37 -45.95
CA ASN B 150 11.07 16.00 -44.52
C ASN B 150 12.54 16.06 -44.14
N THR B 151 12.82 16.65 -42.99
CA THR B 151 14.16 16.91 -42.43
C THR B 151 14.21 16.20 -41.07
N SER B 152 15.09 15.22 -40.96
CA SER B 152 15.27 14.40 -39.75
C SER B 152 16.76 14.22 -39.52
N ILE B 153 17.11 13.68 -38.36
CA ILE B 153 18.51 13.37 -38.00
C ILE B 153 18.53 11.93 -37.48
N GLN B 154 19.51 11.17 -37.95
CA GLN B 154 19.53 9.70 -37.83
C GLN B 154 20.99 9.30 -37.82
N ARG B 155 21.32 8.24 -37.10
CA ARG B 155 22.71 7.75 -37.04
C ARG B 155 22.93 6.86 -38.26
N PHE B 156 24.06 7.06 -38.94
CA PHE B 156 24.51 6.22 -40.08
C PHE B 156 25.89 5.68 -39.75
N MET B 157 26.02 4.35 -39.83
CA MET B 157 27.29 3.62 -39.62
C MET B 157 27.94 3.43 -40.99
N VAL B 158 29.25 3.66 -41.12
CA VAL B 158 30.01 3.38 -42.38
C VAL B 158 30.32 1.86 -42.42
N GLU B 159 29.87 1.18 -43.49
CA GLU B 159 30.14 -0.26 -43.75
C GLU B 159 31.44 -0.33 -44.57
N ASN B 160 31.50 0.41 -45.67
CA ASN B 160 32.67 0.50 -46.61
C ASN B 160 32.64 1.88 -47.28
N GLU B 161 33.50 2.11 -48.29
CA GLU B 161 33.71 3.46 -48.88
C GLU B 161 32.46 4.07 -49.53
N ASN B 162 31.41 3.29 -49.85
CA ASN B 162 30.18 3.78 -50.55
C ASN B 162 28.87 3.29 -49.91
N THR B 163 28.91 2.55 -48.79
CA THR B 163 27.70 2.01 -48.12
C THR B 163 27.64 2.47 -46.66
N LEU B 164 26.46 2.92 -46.21
CA LEU B 164 26.13 3.20 -44.78
C LEU B 164 24.99 2.28 -44.35
N HIS B 165 24.91 1.96 -43.06
CA HIS B 165 23.69 1.34 -42.47
C HIS B 165 23.10 2.39 -41.53
N VAL B 166 21.80 2.62 -41.66
CA VAL B 166 21.07 3.68 -40.95
C VAL B 166 20.08 3.03 -39.99
N ASN B 167 19.83 3.72 -38.87
CA ASN B 167 18.83 3.35 -37.85
C ASN B 167 17.64 4.25 -38.04
N ILE B 168 16.48 3.66 -38.34
CA ILE B 168 15.21 4.39 -38.48
C ILE B 168 14.26 3.86 -37.43
N ASP B 169 13.99 4.65 -36.38
CA ASP B 169 13.06 4.28 -35.28
C ASP B 169 11.66 4.13 -35.88
N ALA B 170 10.78 3.38 -35.20
CA ALA B 170 9.37 3.18 -35.59
C ALA B 170 8.66 4.55 -35.64
N GLY B 171 7.82 4.80 -36.66
CA GLY B 171 6.94 5.99 -36.75
C GLY B 171 7.70 7.26 -37.13
N ARG B 172 9.01 7.17 -37.43
CA ARG B 172 9.82 8.23 -38.06
C ARG B 172 9.27 8.56 -39.46
N HIS B 173 9.39 9.81 -39.90
CA HIS B 173 8.85 10.27 -41.20
C HIS B 173 9.66 9.66 -42.36
N LEU B 174 10.96 9.51 -42.17
CA LEU B 174 11.84 8.84 -43.16
C LEU B 174 11.31 7.40 -43.36
N GLY B 175 10.91 6.74 -42.28
CA GLY B 175 10.30 5.40 -42.31
C GLY B 175 9.10 5.36 -43.25
N ALA B 176 8.22 6.35 -43.12
CA ALA B 176 6.94 6.48 -43.87
C ALA B 176 7.23 6.75 -45.36
N TYR B 177 8.23 7.59 -45.68
CA TYR B 177 8.66 7.90 -47.08
C TYR B 177 9.20 6.62 -47.72
N LEU B 178 9.91 5.79 -46.96
CA LEU B 178 10.43 4.51 -47.46
C LEU B 178 9.26 3.56 -47.80
N ALA B 179 8.20 3.53 -46.99
CA ALA B 179 6.99 2.71 -47.23
C ALA B 179 6.36 3.07 -48.60
N LYS B 180 6.45 4.35 -49.00
CA LYS B 180 5.86 4.90 -50.25
C LYS B 180 6.69 4.51 -51.48
N ALA B 181 8.02 4.67 -51.39
CA ALA B 181 8.98 4.26 -52.45
C ALA B 181 8.87 2.74 -52.70
N LYS B 182 8.63 1.98 -51.63
CA LYS B 182 8.45 0.50 -51.63
C LYS B 182 7.09 0.14 -52.22
N ALA B 183 6.28 1.12 -52.64
CA ALA B 183 5.19 0.92 -53.63
C ALA B 183 5.60 1.46 -55.02
N LYS B 184 6.81 1.08 -55.51
CA LYS B 184 7.42 1.46 -56.81
C LYS B 184 8.64 0.55 -57.09
N PRO B 187 12.15 2.67 -54.64
CA PRO B 187 13.31 2.85 -53.71
C PRO B 187 13.59 4.34 -53.42
N LEU B 188 14.07 4.69 -52.22
CA LEU B 188 14.04 6.10 -51.72
C LEU B 188 15.43 6.77 -51.80
N SER B 189 15.48 7.89 -52.50
CA SER B 189 16.65 8.80 -52.62
C SER B 189 16.50 9.90 -51.56
N PHE B 190 17.61 10.48 -51.11
CA PHE B 190 17.65 11.60 -50.15
C PHE B 190 19.08 12.10 -50.07
N SER B 191 19.31 13.21 -49.37
CA SER B 191 20.66 13.74 -49.06
C SER B 191 20.89 13.67 -47.56
N LEU B 192 22.16 13.52 -47.19
CA LEU B 192 22.66 13.55 -45.80
C LEU B 192 23.60 14.75 -45.68
N ASN B 193 23.16 15.80 -44.99
CA ASN B 193 23.85 17.11 -44.99
C ASN B 193 24.61 17.27 -43.67
N ILE B 194 25.92 17.18 -43.69
CA ILE B 194 26.81 17.23 -42.51
C ILE B 194 27.42 18.62 -42.37
N GLY B 195 27.45 19.17 -41.16
CA GLY B 195 27.99 20.50 -40.86
C GLY B 195 26.99 21.58 -41.22
N VAL B 196 25.86 21.57 -40.52
CA VAL B 196 24.75 22.54 -40.71
C VAL B 196 24.69 23.41 -39.46
N HIS B 197 24.05 24.56 -39.52
CA HIS B 197 23.93 25.47 -38.36
C HIS B 197 22.77 25.02 -37.49
N PRO B 198 22.73 25.47 -36.22
CA PRO B 198 21.72 25.00 -35.25
C PRO B 198 20.26 25.10 -35.71
N GLY B 199 19.91 26.16 -36.47
CA GLY B 199 18.60 26.28 -37.11
C GLY B 199 18.21 25.03 -37.89
N VAL B 200 19.13 24.43 -38.64
CA VAL B 200 18.82 23.19 -39.41
C VAL B 200 18.68 22.04 -38.41
N HIS B 201 19.53 22.02 -37.39
CA HIS B 201 19.54 20.98 -36.35
C HIS B 201 18.19 20.93 -35.65
N PHE B 202 17.71 22.09 -35.20
CA PHE B 202 16.40 22.22 -34.53
C PHE B 202 15.26 21.85 -35.48
N ALA B 203 15.36 22.17 -36.78
CA ALA B 203 14.35 21.75 -37.77
C ALA B 203 14.29 20.22 -37.80
N ALA B 204 15.48 19.62 -37.88
CA ALA B 204 15.66 18.16 -38.01
C ALA B 204 15.05 17.50 -36.78
N ALA B 205 15.28 18.09 -35.61
CA ALA B 205 14.91 17.47 -34.30
C ALA B 205 13.49 17.85 -33.91
N THR B 206 12.82 18.72 -34.67
CA THR B 206 11.43 19.12 -34.32
C THR B 206 10.53 17.91 -34.49
N PRO B 207 9.78 17.56 -33.42
CA PRO B 207 8.98 16.34 -33.43
C PRO B 207 7.73 16.40 -34.32
N SER B 208 7.16 15.21 -34.56
CA SER B 208 5.96 14.92 -35.37
C SER B 208 4.77 15.86 -35.04
N GLU B 209 4.52 16.16 -33.76
CA GLU B 209 3.25 16.85 -33.38
C GLU B 209 3.39 18.36 -33.63
N VAL B 210 4.60 18.86 -33.90
CA VAL B 210 4.85 20.28 -34.29
C VAL B 210 4.85 20.40 -35.82
N ALA B 211 5.50 19.45 -36.50
CA ALA B 211 5.60 19.34 -37.97
C ALA B 211 5.07 17.97 -38.41
N PRO B 212 3.76 17.82 -38.72
CA PRO B 212 3.22 16.55 -39.22
C PRO B 212 3.92 16.00 -40.48
N LEU B 213 3.52 14.81 -40.93
CA LEU B 213 4.13 14.05 -42.06
C LEU B 213 4.00 14.88 -43.35
N ASP B 214 2.80 15.42 -43.60
CA ASP B 214 2.44 16.22 -44.81
C ASP B 214 3.02 17.66 -44.75
N VAL B 215 4.04 17.95 -43.92
CA VAL B 215 4.50 19.35 -43.64
C VAL B 215 6.04 19.39 -43.61
N ASP B 216 6.59 20.49 -44.14
CA ASP B 216 8.03 20.74 -44.48
C ASP B 216 8.65 21.60 -43.37
N GLU B 217 9.32 20.95 -42.42
CA GLU B 217 9.81 21.61 -41.18
C GLU B 217 11.11 22.37 -41.47
N LEU B 218 11.67 22.27 -42.66
CA LEU B 218 13.02 22.83 -42.94
C LEU B 218 13.04 24.36 -42.86
N GLY B 219 11.91 25.00 -43.12
CA GLY B 219 11.78 26.47 -42.99
C GLY B 219 12.05 26.95 -41.58
N ILE B 220 11.97 26.04 -40.61
CA ILE B 220 12.28 26.43 -39.21
C ILE B 220 13.68 27.07 -39.22
N ALA B 221 14.59 26.51 -40.01
CA ALA B 221 15.99 26.93 -40.08
C ALA B 221 16.06 28.40 -40.51
N ALA B 222 15.11 28.86 -41.33
CA ALA B 222 15.13 30.21 -41.93
C ALA B 222 15.00 31.26 -40.82
N GLU B 223 14.46 30.84 -39.67
CA GLU B 223 14.16 31.76 -38.53
C GLU B 223 15.46 32.08 -37.80
N PHE B 224 16.53 31.31 -38.02
CA PHE B 224 17.84 31.47 -37.33
C PHE B 224 18.91 32.00 -38.28
N GLN B 225 18.50 32.49 -39.45
CA GLN B 225 19.40 33.12 -40.45
C GLN B 225 18.69 34.27 -41.15
N ASP B 226 19.47 35.23 -41.65
CA ASP B 226 18.94 36.23 -42.61
C ASP B 226 18.47 35.47 -43.84
N GLY B 227 17.27 35.79 -44.32
CA GLY B 227 16.76 35.23 -45.58
C GLY B 227 16.41 33.75 -45.47
N PRO B 228 16.08 33.15 -46.64
CA PRO B 228 15.55 31.81 -46.69
C PRO B 228 16.66 30.76 -46.75
N VAL B 229 16.27 29.53 -46.45
CA VAL B 229 17.15 28.34 -46.55
C VAL B 229 17.47 28.13 -48.03
N ARG B 230 18.74 28.09 -48.35
CA ARG B 230 19.21 27.81 -49.72
C ARG B 230 19.29 26.29 -49.96
N ILE B 231 18.57 25.81 -50.97
CA ILE B 231 18.64 24.40 -51.48
C ILE B 231 19.18 24.39 -52.92
N VAL B 232 19.50 23.20 -53.44
CA VAL B 232 20.08 22.97 -54.79
C VAL B 232 19.74 21.56 -55.28
N GLN B 233 19.32 21.41 -56.56
CA GLN B 233 19.06 20.07 -57.17
C GLN B 233 20.33 19.24 -57.01
N GLY B 234 20.19 17.99 -56.56
CA GLY B 234 21.29 17.02 -56.54
C GLY B 234 21.53 16.50 -57.93
N ASP B 235 22.52 15.60 -58.09
CA ASP B 235 22.75 14.80 -59.31
C ASP B 235 21.62 13.77 -59.52
N ASP B 236 20.64 13.58 -58.61
CA ASP B 236 19.83 12.33 -58.56
C ASP B 236 18.93 12.11 -59.78
N PRO B 237 17.83 12.85 -60.10
CA PRO B 237 17.40 14.06 -59.41
C PRO B 237 16.10 13.97 -58.55
N ARG B 238 15.79 12.82 -57.95
CA ARG B 238 14.66 12.70 -56.97
C ARG B 238 15.06 13.40 -55.62
N VAL B 239 16.33 13.86 -55.44
CA VAL B 239 16.86 14.46 -54.17
C VAL B 239 17.02 15.98 -54.24
N THR B 240 17.10 16.61 -53.09
CA THR B 240 17.34 18.05 -52.80
C THR B 240 18.49 18.13 -51.79
N VAL B 241 19.48 18.98 -52.04
CA VAL B 241 20.69 19.13 -51.17
C VAL B 241 20.66 20.49 -50.50
N LEU B 242 21.19 20.56 -49.28
CA LEU B 242 21.29 21.83 -48.51
C LEU B 242 22.54 22.57 -48.99
N ALA B 243 22.36 23.74 -49.57
CA ALA B 243 23.46 24.43 -50.31
C ALA B 243 24.59 24.86 -49.38
N ASP B 244 24.30 25.18 -48.13
CA ASP B 244 25.28 25.83 -47.22
C ASP B 244 25.88 24.80 -46.25
N ALA B 245 25.52 23.52 -46.38
CA ALA B 245 26.18 22.38 -45.70
C ALA B 245 27.69 22.45 -45.94
N MET B 246 28.48 21.90 -45.00
CA MET B 246 29.95 21.71 -45.18
C MET B 246 30.17 20.56 -46.16
N ILE B 247 29.44 19.47 -46.00
CA ILE B 247 29.54 18.22 -46.79
C ILE B 247 28.12 17.73 -47.04
N SER B 248 27.85 17.09 -48.19
CA SER B 248 26.50 16.51 -48.44
C SER B 248 26.63 15.20 -49.23
N LEU B 249 25.91 14.17 -48.79
CA LEU B 249 26.00 12.83 -49.42
C LEU B 249 24.65 12.52 -50.10
N GLU B 250 24.67 12.36 -51.42
CA GLU B 250 23.46 11.88 -52.15
C GLU B 250 23.38 10.37 -51.89
N CYS B 251 22.20 9.89 -51.55
CA CYS B 251 22.00 8.55 -50.98
C CYS B 251 20.73 7.91 -51.56
N GLN B 252 20.75 6.59 -51.66
CA GLN B 252 19.60 5.77 -52.09
C GLN B 252 19.49 4.56 -51.16
N MET B 253 18.26 4.15 -50.83
CA MET B 253 17.93 3.05 -49.91
C MET B 253 16.70 2.28 -50.38
N TYR B 254 16.82 0.95 -50.54
CA TYR B 254 15.70 0.04 -50.88
C TYR B 254 15.07 -0.53 -49.60
N ALA B 255 13.74 -0.58 -49.49
CA ALA B 255 12.99 -1.30 -48.42
C ALA B 255 13.42 -2.78 -48.40
N ASP B 256 13.20 -3.47 -47.27
CA ASP B 256 13.39 -4.96 -47.15
C ASP B 256 14.82 -5.34 -47.57
N ASP B 257 15.79 -4.47 -47.30
CA ASP B 257 17.22 -4.66 -47.65
C ASP B 257 18.03 -4.31 -46.42
N LEU B 258 18.16 -5.28 -45.49
CA LEU B 258 18.67 -5.03 -44.12
C LEU B 258 20.12 -5.56 -44.01
N ALA B 259 20.90 -5.04 -43.06
CA ALA B 259 22.31 -5.45 -42.76
C ALA B 259 22.70 -4.99 -41.34
N ASP B 260 23.52 -5.76 -40.64
CA ASP B 260 23.89 -5.55 -39.21
C ASP B 260 24.45 -4.13 -39.04
N GLU B 261 23.81 -3.30 -38.19
CA GLU B 261 24.35 -2.00 -37.70
C GLU B 261 24.25 -1.90 -36.17
N GLY B 262 25.13 -1.07 -35.59
CA GLY B 262 25.35 -0.96 -34.15
C GLY B 262 26.55 -1.79 -33.76
N PRO B 263 26.94 -1.82 -32.47
CA PRO B 263 26.26 -1.02 -31.45
C PRO B 263 26.53 0.47 -31.65
N PHE B 264 25.74 1.32 -31.01
CA PHE B 264 25.96 2.78 -30.88
C PHE B 264 25.37 3.24 -29.54
N ALA B 265 25.90 4.34 -28.99
CA ALA B 265 25.39 4.91 -27.71
C ALA B 265 23.96 5.44 -27.89
N GLU B 266 23.04 5.06 -27.00
CA GLU B 266 21.67 5.61 -26.87
C GLU B 266 21.62 6.69 -25.77
N VAL B 267 20.56 7.52 -25.72
CA VAL B 267 20.40 8.61 -24.71
C VAL B 267 20.49 8.00 -23.32
N THR B 268 20.03 6.77 -23.17
CA THR B 268 20.03 6.05 -21.89
C THR B 268 21.44 5.99 -21.32
N GLY B 269 22.51 6.03 -22.11
CA GLY B 269 23.89 5.82 -21.66
C GLY B 269 24.32 4.38 -21.83
N TYR B 270 23.52 3.59 -22.54
CA TYR B 270 23.72 2.16 -22.85
C TYR B 270 23.92 1.99 -24.35
N TYR B 271 24.34 0.83 -24.81
CA TYR B 271 24.56 0.56 -26.25
C TYR B 271 23.25 0.10 -26.86
N ALA B 272 22.99 0.50 -28.11
CA ALA B 272 21.97 -0.16 -28.96
C ALA B 272 22.43 -1.58 -29.29
N GLU B 273 21.49 -2.51 -29.41
CA GLU B 273 21.75 -3.89 -29.87
C GLU B 273 22.14 -3.79 -31.36
N ARG B 274 23.27 -4.36 -31.75
CA ARG B 274 23.64 -4.64 -33.17
C ARG B 274 22.53 -5.48 -33.81
N ALA B 275 21.98 -5.07 -34.96
CA ALA B 275 20.80 -5.76 -35.55
C ALA B 275 20.61 -5.39 -37.03
N PRO B 276 19.89 -6.23 -37.80
CA PRO B 276 19.62 -5.95 -39.21
C PRO B 276 18.76 -4.68 -39.37
N ARG B 277 19.35 -3.63 -39.95
CA ARG B 277 18.68 -2.32 -40.21
C ARG B 277 19.05 -1.81 -41.63
N PRO B 278 18.21 -0.94 -42.23
CA PRO B 278 18.32 -0.61 -43.66
C PRO B 278 19.69 -0.14 -44.17
N ARG B 279 20.12 -0.69 -45.31
CA ARG B 279 21.42 -0.31 -45.93
C ARG B 279 21.13 0.84 -46.88
N VAL B 280 22.02 1.81 -46.89
CA VAL B 280 21.88 3.00 -47.76
C VAL B 280 23.20 3.10 -48.52
N THR B 281 23.10 3.38 -49.81
CA THR B 281 24.24 3.38 -50.72
C THR B 281 24.44 4.84 -51.16
N VAL B 282 25.67 5.34 -51.04
CA VAL B 282 26.07 6.76 -51.25
C VAL B 282 26.48 6.94 -52.72
N THR B 283 25.58 7.54 -53.51
CA THR B 283 25.67 7.70 -54.99
C THR B 283 26.64 8.84 -55.34
N ALA B 284 26.87 9.83 -54.47
CA ALA B 284 27.68 11.04 -54.78
C ALA B 284 28.10 11.79 -53.52
N VAL B 285 29.13 12.63 -53.59
CA VAL B 285 29.68 13.42 -52.44
C VAL B 285 30.02 14.83 -52.89
N HIS B 286 29.57 15.83 -52.12
CA HIS B 286 29.78 17.29 -52.39
C HIS B 286 30.46 17.89 -51.16
N LEU B 287 31.40 18.82 -51.34
CA LEU B 287 32.14 19.47 -50.23
C LEU B 287 32.38 20.94 -50.53
N GLN B 288 32.22 21.84 -49.55
CA GLN B 288 32.75 23.23 -49.67
C GLN B 288 34.28 23.14 -49.80
N ARG B 289 34.95 24.22 -50.18
CA ARG B 289 36.40 24.34 -49.86
C ARG B 289 36.43 24.80 -48.41
N ASN B 290 37.42 24.37 -47.64
CA ASN B 290 37.54 24.63 -46.18
C ASN B 290 36.37 23.99 -45.44
N PRO B 291 36.01 22.73 -45.75
CA PRO B 291 34.92 22.04 -45.06
C PRO B 291 35.41 21.68 -43.65
N VAL B 292 34.57 21.77 -42.62
CA VAL B 292 34.82 21.11 -41.30
C VAL B 292 33.77 20.04 -41.12
N PHE B 293 34.20 18.85 -40.69
CA PHE B 293 33.31 17.71 -40.41
C PHE B 293 32.72 17.88 -39.00
N HIS B 294 31.40 17.83 -38.89
CA HIS B 294 30.66 18.08 -37.62
C HIS B 294 30.17 16.75 -37.07
N SER B 295 30.61 16.44 -35.84
CA SER B 295 30.14 15.25 -35.09
C SER B 295 29.57 15.67 -33.73
N ILE B 296 28.73 14.80 -33.21
CA ILE B 296 28.05 14.99 -31.91
C ILE B 296 28.58 13.88 -30.99
N LEU B 297 29.07 14.27 -29.82
CA LEU B 297 29.35 13.32 -28.73
C LEU B 297 28.04 12.95 -28.04
N SER B 298 27.65 11.66 -28.09
CA SER B 298 26.49 11.14 -27.31
C SER B 298 26.65 11.58 -25.85
N GLY B 299 25.54 12.05 -25.28
CA GLY B 299 25.55 12.67 -23.96
C GLY B 299 24.84 14.02 -23.95
N GLN B 300 25.42 15.00 -23.27
CA GLN B 300 24.79 16.31 -23.07
C GLN B 300 24.44 16.94 -24.40
N GLU B 301 25.18 16.65 -25.48
CA GLU B 301 24.91 17.27 -26.79
C GLU B 301 23.47 16.86 -27.14
N VAL B 302 23.09 15.64 -26.83
CA VAL B 302 21.75 15.11 -27.19
C VAL B 302 20.73 15.54 -26.13
N PHE B 303 21.09 15.49 -24.85
CA PHE B 303 20.18 15.93 -23.75
C PHE B 303 19.69 17.36 -24.02
N ASN B 304 20.62 18.28 -24.26
CA ASN B 304 20.26 19.68 -24.58
C ASN B 304 19.48 19.79 -25.91
N SER B 305 19.73 18.99 -26.94
CA SER B 305 18.92 19.08 -28.20
C SER B 305 17.46 18.88 -27.83
N VAL B 306 17.19 17.93 -26.96
CA VAL B 306 15.82 17.51 -26.63
C VAL B 306 15.22 18.50 -25.65
N GLY B 307 15.95 18.85 -24.61
CA GLY B 307 15.50 19.81 -23.60
C GLY B 307 15.15 21.16 -24.20
N LEU B 308 15.98 21.68 -25.10
CA LEU B 308 15.77 23.03 -25.66
C LEU B 308 14.49 23.04 -26.49
N LEU B 309 14.21 21.96 -27.19
CA LEU B 309 12.99 21.81 -28.02
C LEU B 309 11.76 21.43 -27.20
N GLY B 310 11.90 20.73 -26.08
CA GLY B 310 10.76 20.14 -25.35
C GLY B 310 10.29 20.96 -24.15
N GLU B 311 11.18 21.68 -23.46
CA GLU B 311 10.85 22.31 -22.15
C GLU B 311 9.77 23.37 -22.26
N SER B 312 9.82 24.23 -23.24
CA SER B 312 8.84 25.35 -23.32
C SER B 312 7.43 24.78 -23.51
N ALA B 313 7.21 23.75 -24.34
CA ALA B 313 5.88 23.14 -24.55
C ALA B 313 5.36 22.55 -23.24
N LEU B 314 6.26 21.89 -22.53
CA LEU B 314 5.96 21.20 -21.26
C LEU B 314 5.58 22.25 -20.21
N PHE B 315 6.40 23.28 -20.07
CA PHE B 315 6.10 24.41 -19.16
C PHE B 315 4.75 24.99 -19.55
N ASP B 316 4.51 25.18 -20.83
CA ASP B 316 3.26 25.82 -21.32
C ASP B 316 2.08 24.97 -20.89
N GLN B 317 2.23 23.66 -20.94
CA GLN B 317 1.10 22.72 -20.71
C GLN B 317 0.85 22.64 -19.22
N VAL B 318 1.90 22.60 -18.43
CA VAL B 318 1.76 22.50 -16.94
C VAL B 318 1.27 23.83 -16.39
N SER B 319 1.80 24.99 -16.81
CA SER B 319 1.42 26.32 -16.22
C SER B 319 -0.02 26.63 -16.58
N LYS B 320 -0.54 26.03 -17.64
CA LYS B 320 -1.94 26.25 -18.04
C LYS B 320 -2.86 25.49 -17.06
N GLN B 321 -2.43 24.38 -16.47
CA GLN B 321 -3.29 23.48 -15.65
C GLN B 321 -3.04 23.73 -14.16
N VAL B 322 -1.95 24.43 -13.82
CA VAL B 322 -1.53 24.59 -12.40
C VAL B 322 -0.99 25.99 -12.22
N PRO B 323 -1.44 26.71 -11.18
CA PRO B 323 -0.88 28.04 -10.90
C PRO B 323 0.55 27.99 -10.29
N GLY B 324 1.34 29.01 -10.59
CA GLY B 324 2.60 29.33 -9.91
C GLY B 324 3.77 28.58 -10.52
N ILE B 325 3.61 27.95 -11.66
CA ILE B 325 4.75 27.27 -12.34
C ILE B 325 5.75 28.33 -12.83
N LEU B 326 7.04 28.17 -12.57
CA LEU B 326 8.13 29.09 -13.00
C LEU B 326 9.00 28.49 -14.11
N GLU B 327 9.33 27.21 -14.06
CA GLU B 327 10.34 26.60 -14.97
C GLU B 327 10.28 25.09 -14.82
N VAL B 328 10.66 24.39 -15.87
CA VAL B 328 10.71 22.91 -15.97
C VAL B 328 12.06 22.56 -16.56
N ALA B 329 12.79 21.64 -15.94
CA ALA B 329 14.09 21.19 -16.49
C ALA B 329 13.98 19.71 -16.84
N LEU B 330 14.33 19.36 -18.06
CA LEU B 330 14.59 17.98 -18.44
C LEU B 330 16.06 17.75 -18.17
N THR B 331 16.39 17.31 -16.98
CA THR B 331 17.77 17.29 -16.46
C THR B 331 18.67 16.37 -17.27
N ASP B 332 19.96 16.68 -17.29
CA ASP B 332 21.05 15.88 -17.90
C ASP B 332 21.18 14.53 -17.16
N GLY B 333 21.02 14.52 -15.85
CA GLY B 333 21.02 13.24 -15.11
C GLY B 333 19.98 12.30 -15.70
N GLY B 334 18.84 12.83 -16.11
CA GLY B 334 17.77 11.97 -16.62
C GLY B 334 17.86 11.80 -18.12
N CYS B 335 19.02 12.05 -18.71
CA CYS B 335 19.24 11.86 -20.16
C CYS B 335 18.30 12.78 -20.97
N GLY B 336 17.95 13.93 -20.41
CA GLY B 336 17.11 14.96 -21.06
C GLY B 336 15.80 14.38 -21.53
N PHE B 337 15.22 13.47 -20.80
CA PHE B 337 14.09 12.66 -21.29
C PHE B 337 13.34 11.97 -20.16
N TYR B 338 14.03 11.57 -19.07
CA TYR B 338 13.46 10.65 -18.07
C TYR B 338 13.16 11.36 -16.76
N HIS B 339 13.81 12.48 -16.47
CA HIS B 339 13.53 13.24 -15.23
C HIS B 339 13.18 14.68 -15.51
N ALA B 340 12.04 15.11 -15.04
CA ALA B 340 11.64 16.53 -15.12
C ALA B 340 11.56 17.09 -13.72
N VAL B 341 12.22 18.19 -13.47
CA VAL B 341 12.11 18.97 -12.22
C VAL B 341 11.28 20.20 -12.55
N VAL B 342 10.26 20.44 -11.77
CA VAL B 342 9.28 21.54 -12.01
C VAL B 342 9.42 22.45 -10.84
N GLN B 343 9.63 23.71 -11.10
CA GLN B 343 9.87 24.69 -10.03
C GLN B 343 8.61 25.53 -9.95
N LEU B 344 8.04 25.70 -8.77
CA LEU B 344 6.87 26.56 -8.65
C LEU B 344 6.94 27.38 -7.38
N LYS B 345 6.06 28.38 -7.32
CA LYS B 345 5.80 29.25 -6.15
C LYS B 345 4.43 28.82 -5.63
N GLN B 346 4.37 28.14 -4.50
CA GLN B 346 3.10 27.54 -4.07
C GLN B 346 2.12 28.63 -3.69
N VAL B 347 0.83 28.41 -4.01
CA VAL B 347 -0.23 29.39 -3.62
C VAL B 347 -1.29 28.72 -2.78
N ARG B 348 -1.30 27.40 -2.74
CA ARG B 348 -2.27 26.65 -1.91
C ARG B 348 -1.88 25.16 -1.81
N ALA B 349 -2.13 24.54 -0.66
CA ALA B 349 -1.83 23.11 -0.56
C ALA B 349 -2.52 22.40 -1.72
N GLY B 350 -1.83 21.41 -2.29
CA GLY B 350 -2.45 20.45 -3.22
C GLY B 350 -1.94 20.64 -4.62
N TRP B 351 -1.62 21.86 -5.01
CA TRP B 351 -1.23 22.15 -6.42
C TRP B 351 0.04 21.39 -6.77
N SER B 352 1.00 21.24 -5.85
CA SER B 352 2.22 20.42 -6.14
C SER B 352 1.86 19.04 -6.69
N LYS B 353 0.86 18.36 -6.14
CA LYS B 353 0.47 17.03 -6.66
C LYS B 353 -0.16 17.17 -8.04
N GLN B 354 -1.02 18.15 -8.27
CA GLN B 354 -1.57 18.36 -9.63
C GLN B 354 -0.40 18.58 -10.61
N ALA B 355 0.64 19.27 -10.18
CA ALA B 355 1.81 19.56 -11.04
C ALA B 355 2.43 18.23 -11.46
N ILE B 356 2.48 17.26 -10.57
CA ILE B 356 3.01 15.92 -10.92
C ILE B 356 2.14 15.30 -12.01
N LEU B 357 0.82 15.30 -11.84
CA LEU B 357 -0.10 14.69 -12.84
C LEU B 357 0.11 15.40 -14.18
N ALA B 358 0.13 16.71 -14.16
CA ALA B 358 0.17 17.48 -15.43
C ALA B 358 1.48 17.18 -16.17
N THR B 359 2.59 17.10 -15.43
CA THR B 359 3.92 16.90 -16.04
C THR B 359 4.00 15.50 -16.68
N PHE B 360 3.50 14.49 -15.99
CA PHE B 360 3.56 13.09 -16.49
C PHE B 360 2.69 12.90 -17.75
N ALA B 361 1.59 13.64 -17.76
CA ALA B 361 0.56 13.61 -18.82
C ALA B 361 1.08 14.30 -20.08
N ALA B 362 1.91 15.31 -19.88
CA ALA B 362 2.42 16.16 -20.96
C ALA B 362 3.66 15.59 -21.64
N PHE B 363 4.39 14.59 -21.09
CA PHE B 363 5.69 14.07 -21.67
C PHE B 363 5.87 12.58 -21.36
N PRO B 364 5.29 11.73 -22.22
CA PRO B 364 5.18 10.29 -21.96
C PRO B 364 6.46 9.51 -21.67
N PRO B 365 7.61 9.91 -22.20
CA PRO B 365 8.87 9.25 -21.81
C PRO B 365 9.27 9.38 -20.34
N LEU B 366 8.78 10.42 -19.65
CA LEU B 366 9.26 10.71 -18.28
C LEU B 366 9.09 9.51 -17.37
N LYS B 367 10.11 9.25 -16.54
CA LYS B 367 10.01 8.22 -15.49
C LYS B 367 9.83 8.86 -14.12
N MET B 368 10.52 9.97 -13.87
CA MET B 368 10.49 10.65 -12.56
C MET B 368 10.07 12.09 -12.79
N VAL B 369 9.30 12.62 -11.88
CA VAL B 369 9.07 14.08 -11.78
C VAL B 369 9.36 14.51 -10.36
N THR B 370 10.08 15.58 -10.19
CA THR B 370 10.34 16.17 -8.88
C THR B 370 9.79 17.59 -8.91
N ILE B 371 9.03 17.97 -7.90
CA ILE B 371 8.55 19.36 -7.73
C ILE B 371 9.40 20.03 -6.66
N VAL B 372 9.80 21.28 -6.90
CA VAL B 372 10.54 22.08 -5.89
C VAL B 372 10.02 23.51 -5.90
N ASP B 373 10.31 24.23 -4.83
CA ASP B 373 9.94 25.64 -4.68
C ASP B 373 10.91 26.57 -5.42
N GLU B 374 10.54 27.84 -5.49
CA GLU B 374 11.22 28.95 -6.24
C GLU B 374 12.65 29.09 -5.71
N ASP B 375 12.95 28.62 -4.50
CA ASP B 375 14.23 28.91 -3.84
C ASP B 375 15.19 27.72 -3.94
N VAL B 376 14.91 26.76 -4.82
CA VAL B 376 15.77 25.59 -5.13
C VAL B 376 16.20 25.68 -6.59
N ASP B 377 17.44 25.40 -6.92
CA ASP B 377 17.94 25.45 -8.31
C ASP B 377 17.58 24.16 -9.02
N LEU B 378 16.52 24.17 -9.80
CA LEU B 378 15.98 22.92 -10.41
C LEU B 378 17.03 22.27 -11.31
N ARG B 379 17.98 23.03 -11.81
CA ARG B 379 19.00 22.48 -12.75
C ARG B 379 20.22 21.98 -12.00
N ASN B 380 20.27 22.12 -10.68
CA ASN B 380 21.41 21.63 -9.88
C ASN B 380 20.99 20.37 -9.12
N PRO B 381 21.51 19.20 -9.52
CA PRO B 381 21.08 17.99 -8.86
C PRO B 381 21.39 17.97 -7.35
N ARG B 382 22.52 18.55 -6.88
CA ARG B 382 22.88 18.74 -5.43
C ARG B 382 21.67 19.44 -4.80
N ASP B 383 21.10 20.46 -5.43
CA ASP B 383 20.11 21.33 -4.76
C ASP B 383 18.77 20.59 -4.65
N VAL B 384 18.44 19.81 -5.68
CA VAL B 384 17.20 18.99 -5.68
C VAL B 384 17.35 17.87 -4.65
N GLU B 385 18.53 17.25 -4.53
CA GLU B 385 18.89 16.24 -3.48
C GLU B 385 18.62 16.92 -2.14
N TRP B 386 19.05 18.16 -1.98
CA TRP B 386 18.85 18.90 -0.72
C TRP B 386 17.37 19.03 -0.42
N ALA B 387 16.56 19.43 -1.41
CA ALA B 387 15.09 19.57 -1.26
C ALA B 387 14.50 18.22 -0.85
N MET B 388 14.99 17.16 -1.47
CA MET B 388 14.60 15.78 -1.09
C MET B 388 14.98 15.50 0.35
N ALA B 389 16.11 15.97 0.81
CA ALA B 389 16.62 15.61 2.14
C ALA B 389 15.83 16.38 3.22
N THR B 390 15.39 17.60 2.96
CA THR B 390 14.82 18.46 4.05
C THR B 390 13.32 18.73 3.87
N ARG B 391 12.76 18.54 2.68
CA ARG B 391 11.35 18.98 2.42
C ARG B 391 10.46 17.78 2.07
N LEU B 392 10.90 16.82 1.27
CA LEU B 392 10.05 15.66 0.85
C LEU B 392 9.47 14.99 2.09
N ASP B 393 8.17 14.76 2.10
CA ASP B 393 7.54 13.81 3.05
C ASP B 393 7.54 12.44 2.39
N PRO B 394 8.38 11.48 2.83
CA PRO B 394 8.44 10.22 2.09
C PRO B 394 7.08 9.49 2.09
N GLU B 395 6.26 9.77 3.08
CA GLU B 395 5.00 9.00 3.23
C GLU B 395 3.98 9.59 2.29
N ARG B 396 3.79 10.90 2.27
CA ARG B 396 2.69 11.50 1.49
C ARG B 396 3.16 12.13 0.18
N GLY B 397 4.46 12.37 0.00
CA GLY B 397 5.03 13.11 -1.14
C GLY B 397 5.56 12.22 -2.26
N ILE B 398 5.49 10.88 -2.15
CA ILE B 398 5.92 10.01 -3.27
C ILE B 398 4.68 9.42 -3.96
N LEU B 399 4.46 9.72 -5.23
CA LEU B 399 3.25 9.27 -5.97
C LEU B 399 3.71 8.33 -7.08
N ARG B 400 3.23 7.10 -7.04
CA ARG B 400 3.69 6.06 -7.98
C ARG B 400 2.54 5.70 -8.92
N ILE B 401 2.83 5.69 -10.22
CA ILE B 401 1.87 5.33 -11.28
C ILE B 401 2.36 3.99 -11.84
N ASP B 402 1.54 2.95 -11.83
CA ASP B 402 1.97 1.65 -12.38
C ASP B 402 1.32 1.36 -13.72
N ASP B 403 1.97 0.46 -14.47
CA ASP B 403 1.42 -0.17 -15.69
C ASP B 403 1.01 0.94 -16.64
N THR B 404 1.86 1.94 -16.79
CA THR B 404 1.62 3.05 -17.72
C THR B 404 2.59 2.99 -18.88
N PHE B 405 2.34 3.79 -19.90
CA PHE B 405 3.19 3.84 -21.11
C PHE B 405 4.45 4.64 -20.82
N GLY B 406 5.57 4.20 -21.36
CA GLY B 406 6.82 4.98 -21.30
C GLY B 406 7.74 4.63 -22.45
N HIS B 407 8.98 5.03 -22.40
CA HIS B 407 9.93 4.92 -23.53
C HIS B 407 10.70 3.59 -23.47
N GLY B 408 10.55 2.77 -24.52
CA GLY B 408 11.04 1.38 -24.62
C GLY B 408 12.56 1.25 -24.57
N LEU B 409 13.30 2.27 -25.00
CA LEU B 409 14.79 2.28 -24.92
C LEU B 409 15.26 2.23 -23.47
N ASN B 410 14.53 2.88 -22.57
CA ASN B 410 14.81 2.90 -21.11
C ASN B 410 14.47 1.52 -20.59
N PRO B 411 15.43 0.74 -20.03
CA PRO B 411 15.12 -0.62 -19.57
C PRO B 411 14.21 -0.70 -18.33
N SER B 412 13.86 0.41 -17.68
CA SER B 412 12.78 0.50 -16.64
C SER B 412 11.40 0.31 -17.28
N PHE B 413 11.34 0.37 -18.62
CA PHE B 413 10.09 0.33 -19.43
C PHE B 413 10.17 -0.73 -20.53
N PRO B 414 10.34 -2.03 -20.19
CA PRO B 414 10.35 -3.07 -21.22
C PRO B 414 9.04 -3.04 -22.03
N ASP B 415 9.18 -2.94 -23.35
CA ASP B 415 8.05 -2.91 -24.30
C ASP B 415 7.16 -1.69 -23.99
N TYR B 416 7.76 -0.56 -23.65
CA TYR B 416 7.06 0.75 -23.61
C TYR B 416 5.99 0.69 -22.50
N PHE B 417 6.34 0.07 -21.36
CA PHE B 417 5.40 -0.25 -20.25
C PHE B 417 6.15 -0.37 -18.92
N GLY B 418 5.67 0.35 -17.89
CA GLY B 418 6.28 0.31 -16.57
C GLY B 418 5.73 1.34 -15.60
N SER B 419 6.49 1.63 -14.55
CA SER B 419 6.08 2.48 -13.42
C SER B 419 6.85 3.79 -13.48
N LYS B 420 6.16 4.86 -13.13
CA LYS B 420 6.64 6.24 -13.09
C LYS B 420 6.51 6.64 -11.62
N VAL B 421 7.28 7.63 -11.17
CA VAL B 421 7.21 8.04 -9.75
C VAL B 421 7.44 9.54 -9.65
N GLY B 422 6.61 10.23 -8.91
CA GLY B 422 6.77 11.67 -8.70
C GLY B 422 7.12 11.98 -7.26
N PHE B 423 8.03 12.89 -7.05
CA PHE B 423 8.46 13.35 -5.72
C PHE B 423 8.03 14.78 -5.51
N ASP B 424 7.28 15.01 -4.47
CA ASP B 424 6.85 16.38 -4.12
C ASP B 424 7.82 16.87 -3.03
N ALA B 425 8.89 17.51 -3.45
CA ALA B 425 9.94 18.01 -2.54
C ALA B 425 9.69 19.47 -2.24
N THR B 426 8.45 19.86 -2.02
CA THR B 426 8.10 21.26 -1.67
C THR B 426 8.07 21.43 -0.17
N ARG B 427 8.37 22.64 0.27
CA ARG B 427 8.11 23.07 1.66
C ARG B 427 6.60 23.04 1.90
N SER B 428 6.23 23.18 3.17
CA SER B 428 4.84 23.09 3.64
C SER B 428 4.23 24.46 3.38
N PHE B 429 2.94 24.46 3.07
CA PHE B 429 2.17 25.69 2.77
C PHE B 429 0.97 25.72 3.70
N PRO B 430 0.70 26.80 4.45
CA PRO B 430 1.43 28.07 4.31
C PRO B 430 2.92 28.02 4.70
N PHE B 431 3.69 28.93 4.13
CA PHE B 431 5.15 29.01 4.35
C PHE B 431 5.40 29.18 5.85
N GLU B 432 6.42 28.50 6.36
CA GLU B 432 6.86 28.53 7.78
C GLU B 432 8.35 28.89 7.86
N GLU B 433 8.76 29.55 8.94
CA GLU B 433 10.16 30.01 9.19
C GLU B 433 11.14 28.83 9.10
N LYS B 434 10.77 27.66 9.60
CA LYS B 434 11.67 26.48 9.71
C LYS B 434 12.16 26.01 8.34
N HIS B 435 11.56 26.49 7.25
CA HIS B 435 11.94 26.18 5.85
C HIS B 435 12.62 27.36 5.14
N GLU B 436 12.89 28.48 5.81
CA GLU B 436 13.59 29.67 5.20
C GLU B 436 15.08 29.36 5.06
N ARG B 437 15.58 29.34 3.84
CA ARG B 437 16.99 28.95 3.57
C ARG B 437 17.93 30.08 3.95
N ILE B 438 19.08 29.73 4.50
CA ILE B 438 20.13 30.72 4.82
C ILE B 438 20.60 31.31 3.51
N THR B 439 21.23 32.45 3.60
CA THR B 439 21.62 33.27 2.46
C THR B 439 22.92 34.01 2.85
N TYR B 440 23.87 34.11 1.95
CA TYR B 440 25.14 34.85 2.11
C TYR B 440 25.06 36.04 1.14
N GLN B 441 25.57 37.19 1.57
CA GLN B 441 25.60 38.39 0.70
C GLN B 441 26.25 38.06 -0.66
N ASP B 442 25.60 38.54 -1.71
CA ASP B 442 26.10 38.45 -3.11
C ASP B 442 27.22 39.50 -3.23
N VAL B 443 28.28 39.16 -3.92
CA VAL B 443 29.52 39.98 -3.86
C VAL B 443 30.21 39.86 -5.21
N ASP B 444 30.56 41.00 -5.80
CA ASP B 444 31.33 41.08 -7.05
C ASP B 444 32.82 40.80 -6.73
N LEU B 445 33.38 39.73 -7.29
CA LEU B 445 34.80 39.34 -7.06
C LEU B 445 35.76 40.26 -7.83
N SER B 446 35.26 40.95 -8.85
CA SER B 446 36.10 41.88 -9.65
C SER B 446 36.41 43.13 -8.81
N ARG B 447 35.61 43.41 -7.77
CA ARG B 447 35.80 44.58 -6.86
C ARG B 447 37.01 44.38 -5.91
N PHE B 448 37.71 43.24 -5.97
CA PHE B 448 38.84 42.92 -5.05
C PHE B 448 40.03 42.33 -5.81
N GLU B 449 41.22 42.55 -5.26
CA GLU B 449 42.49 41.95 -5.73
C GLU B 449 42.59 40.59 -5.04
N ILE B 450 42.57 39.53 -5.83
CA ILE B 450 42.59 38.13 -5.36
C ILE B 450 43.67 37.40 -6.17
N VAL B 451 44.72 36.91 -5.49
CA VAL B 451 45.74 35.99 -6.05
C VAL B 451 45.30 34.57 -5.64
N GLU B 452 44.91 33.74 -6.63
CA GLU B 452 44.34 32.37 -6.45
C GLU B 452 45.38 31.29 -6.85
N GLY B 453 46.45 31.07 -6.07
CA GLY B 453 47.34 29.90 -6.17
C GLY B 453 48.51 30.05 -7.14
N HIS B 454 49.72 29.64 -6.74
CA HIS B 454 50.82 29.19 -7.63
C HIS B 454 51.60 28.07 -6.95
N HIS C 1 -21.56 -39.09 34.84
CA HIS C 1 -20.94 -37.82 34.35
C HIS C 1 -22.02 -36.72 34.27
N MET C 2 -22.78 -36.53 35.36
CA MET C 2 -23.74 -35.41 35.58
C MET C 2 -23.46 -34.90 37.00
N HIS C 3 -23.77 -33.63 37.30
CA HIS C 3 -23.35 -32.95 38.57
C HIS C 3 -24.46 -32.01 39.03
N LYS C 4 -24.95 -32.23 40.25
CA LYS C 4 -26.11 -31.53 40.82
C LYS C 4 -25.63 -30.19 41.39
N ASP C 5 -24.38 -30.15 41.85
CA ASP C 5 -23.82 -29.03 42.64
C ASP C 5 -22.28 -29.12 42.67
N LEU C 6 -21.64 -28.13 43.30
CA LEU C 6 -20.16 -28.01 43.31
C LEU C 6 -19.51 -29.17 44.10
N HIS C 7 -20.18 -29.70 45.13
CA HIS C 7 -19.71 -30.85 45.95
C HIS C 7 -19.37 -32.02 45.01
N SER C 8 -20.29 -32.35 44.12
CA SER C 8 -20.17 -33.43 43.11
C SER C 8 -18.85 -33.23 42.33
N ILE C 9 -18.62 -31.99 41.88
CA ILE C 9 -17.46 -31.57 41.05
C ILE C 9 -16.19 -31.85 41.86
N ILE C 10 -16.11 -31.29 43.07
CA ILE C 10 -14.89 -31.36 43.92
C ILE C 10 -14.55 -32.84 44.22
N ASP C 11 -15.55 -33.67 44.53
CA ASP C 11 -15.33 -35.11 44.87
C ASP C 11 -14.78 -35.82 43.65
N ALA C 12 -15.34 -35.53 42.48
CA ALA C 12 -14.96 -36.15 41.18
C ALA C 12 -13.49 -35.81 40.87
N LEU C 13 -13.11 -34.54 41.10
CA LEU C 13 -11.74 -34.02 40.86
C LEU C 13 -10.78 -34.65 41.87
N ASP C 14 -11.15 -34.64 43.15
CA ASP C 14 -10.40 -35.31 44.25
C ASP C 14 -10.15 -36.77 43.87
N THR C 15 -11.22 -37.51 43.53
CA THR C 15 -11.15 -38.93 43.12
C THR C 15 -10.21 -39.07 41.93
N ALA C 16 -10.31 -38.16 40.94
CA ALA C 16 -9.56 -38.22 39.67
C ALA C 16 -8.12 -37.71 39.87
N GLY C 17 -7.79 -37.15 41.04
CA GLY C 17 -6.43 -36.66 41.35
C GLY C 17 -6.12 -35.39 40.58
N ARG C 18 -7.17 -34.65 40.27
CA ARG C 18 -7.12 -33.35 39.55
C ARG C 18 -7.41 -32.24 40.56
N LEU C 19 -7.10 -32.48 41.83
CA LEU C 19 -7.25 -31.44 42.87
C LEU C 19 -5.89 -31.24 43.52
N ILE C 20 -5.49 -29.98 43.61
CA ILE C 20 -4.29 -29.49 44.33
C ILE C 20 -4.83 -28.94 45.65
N ARG C 21 -4.42 -29.57 46.75
CA ARG C 21 -4.81 -29.21 48.13
C ARG C 21 -3.66 -28.38 48.71
N VAL C 22 -3.96 -27.12 49.00
CA VAL C 22 -3.00 -26.23 49.70
C VAL C 22 -3.43 -26.19 51.16
N ARG C 23 -2.66 -26.87 52.01
CA ARG C 23 -3.00 -27.24 53.41
C ARG C 23 -2.55 -26.12 54.34
N SER C 24 -1.40 -25.47 54.05
CA SER C 24 -0.87 -24.30 54.79
C SER C 24 -1.94 -23.20 54.83
N GLN C 25 -1.91 -22.34 55.86
CA GLN C 25 -2.60 -21.04 55.86
C GLN C 25 -2.06 -20.22 54.69
N VAL C 26 -2.97 -19.55 54.00
CA VAL C 26 -2.67 -18.52 52.96
C VAL C 26 -3.50 -17.26 53.26
N LYS C 27 -3.02 -16.10 52.82
CA LYS C 27 -3.72 -14.81 53.01
C LYS C 27 -4.63 -14.58 51.80
N ALA C 28 -5.88 -14.21 52.04
CA ALA C 28 -6.84 -13.89 50.98
C ALA C 28 -6.34 -12.64 50.23
N GLU C 29 -5.65 -11.72 50.92
CA GLU C 29 -5.00 -10.52 50.30
C GLU C 29 -3.78 -11.01 49.51
N HIS C 30 -3.92 -11.06 48.19
CA HIS C 30 -2.85 -11.25 47.17
C HIS C 30 -2.26 -12.68 47.18
N GLU C 31 -1.95 -13.25 48.35
CA GLU C 31 -1.12 -14.50 48.43
C GLU C 31 -1.86 -15.64 47.71
N LEU C 32 -3.18 -15.73 47.90
CA LEU C 32 -3.97 -16.89 47.42
C LEU C 32 -3.94 -16.90 45.90
N ALA C 33 -4.34 -15.79 45.32
CA ALA C 33 -4.29 -15.58 43.85
C ALA C 33 -2.88 -15.88 43.33
N GLY C 34 -1.84 -15.38 44.01
CA GLY C 34 -0.43 -15.62 43.67
C GLY C 34 -0.13 -17.09 43.47
N ILE C 35 -0.69 -17.94 44.31
CA ILE C 35 -0.45 -19.41 44.28
C ILE C 35 -1.21 -19.98 43.09
N ALA C 36 -2.51 -19.68 43.02
CA ALA C 36 -3.36 -20.00 41.85
C ALA C 36 -2.61 -19.70 40.55
N ALA C 37 -2.07 -18.48 40.47
CA ALA C 37 -1.37 -17.98 39.26
C ALA C 37 -0.27 -18.94 38.84
N LYS C 38 0.47 -19.55 39.76
CA LYS C 38 1.58 -20.47 39.38
C LYS C 38 1.01 -21.78 38.81
N TYR C 39 -0.28 -22.04 38.97
CA TYR C 39 -0.88 -23.32 38.52
C TYR C 39 -1.80 -23.08 37.31
N GLU C 40 -2.07 -21.81 36.96
CA GLU C 40 -3.05 -21.43 35.91
C GLU C 40 -2.80 -22.30 34.69
N GLY C 41 -3.81 -23.02 34.20
CA GLY C 41 -3.76 -23.74 32.91
C GLY C 41 -3.43 -25.22 33.03
N CYS C 42 -2.82 -25.67 34.11
CA CYS C 42 -2.52 -27.12 34.28
C CYS C 42 -3.84 -27.91 34.46
N ASP C 43 -3.77 -29.24 34.42
CA ASP C 43 -4.94 -30.14 34.30
C ASP C 43 -5.55 -30.40 35.67
N LYS C 44 -5.48 -29.44 36.59
CA LYS C 44 -6.03 -29.59 37.96
C LYS C 44 -6.55 -28.25 38.47
N ALA C 45 -7.54 -28.26 39.35
CA ALA C 45 -7.97 -27.05 40.09
C ALA C 45 -7.24 -27.02 41.43
N VAL C 46 -7.49 -25.97 42.21
CA VAL C 46 -6.77 -25.71 43.50
C VAL C 46 -7.83 -25.50 44.57
N LEU C 47 -7.76 -26.32 45.62
CA LEU C 47 -8.54 -26.11 46.85
C LEU C 47 -7.60 -25.64 47.95
N PHE C 48 -7.92 -24.46 48.48
CA PHE C 48 -7.20 -23.84 49.61
C PHE C 48 -7.94 -24.25 50.87
N GLU C 49 -7.41 -25.23 51.61
CA GLU C 49 -8.06 -25.80 52.84
C GLU C 49 -8.11 -24.75 53.96
N ASN C 50 -7.26 -23.73 53.92
CA ASN C 50 -7.06 -22.81 55.05
C ASN C 50 -6.73 -21.41 54.53
N VAL C 51 -7.73 -20.53 54.54
CA VAL C 51 -7.59 -19.11 54.12
C VAL C 51 -7.80 -18.23 55.34
N ASP C 52 -6.71 -17.71 55.92
CA ASP C 52 -6.76 -16.84 57.12
C ASP C 52 -7.48 -17.58 58.27
N GLY C 53 -7.28 -18.89 58.35
CA GLY C 53 -7.97 -19.77 59.30
C GLY C 53 -9.49 -19.68 59.25
N ASN C 54 -10.08 -19.46 58.07
CA ASN C 54 -11.54 -19.60 57.86
C ASN C 54 -11.90 -21.10 57.92
N ASP C 55 -13.13 -21.45 58.31
CA ASP C 55 -13.61 -22.87 58.23
C ASP C 55 -13.93 -23.19 56.78
N ILE C 56 -14.18 -22.13 56.00
CA ILE C 56 -14.60 -22.18 54.58
C ILE C 56 -13.34 -22.18 53.73
N PRO C 57 -13.12 -23.27 52.98
CA PRO C 57 -12.02 -23.34 52.02
C PRO C 57 -12.40 -22.59 50.73
N VAL C 58 -11.45 -22.23 49.86
CA VAL C 58 -11.82 -21.64 48.55
C VAL C 58 -11.24 -22.49 47.43
N LEU C 59 -12.10 -22.66 46.42
CA LEU C 59 -11.80 -23.38 45.16
C LEU C 59 -11.55 -22.32 44.09
N MET C 60 -10.51 -22.55 43.31
CA MET C 60 -10.08 -21.65 42.24
C MET C 60 -9.57 -22.57 41.12
N GLY C 61 -9.73 -22.15 39.87
CA GLY C 61 -9.04 -22.79 38.73
C GLY C 61 -9.88 -23.87 38.09
N LEU C 62 -11.18 -23.83 38.31
CA LEU C 62 -12.10 -24.84 37.75
C LEU C 62 -12.15 -24.72 36.21
N TYR C 63 -11.98 -23.52 35.66
CA TYR C 63 -12.30 -23.26 34.23
C TYR C 63 -11.03 -23.10 33.38
N TRP C 64 -9.84 -23.18 33.96
CA TRP C 64 -8.65 -22.81 33.16
C TRP C 64 -8.12 -23.96 32.32
N SER C 65 -8.71 -25.16 32.38
CA SER C 65 -8.24 -26.31 31.57
C SER C 65 -9.45 -27.01 30.96
N ARG C 66 -9.55 -26.96 29.64
CA ARG C 66 -10.63 -27.65 28.90
C ARG C 66 -10.51 -29.15 29.15
N ASP C 67 -9.29 -29.67 29.36
CA ASP C 67 -9.10 -31.12 29.59
C ASP C 67 -9.82 -31.47 30.90
N LEU C 68 -9.64 -30.66 31.92
CA LEU C 68 -10.29 -30.87 33.24
C LEU C 68 -11.81 -30.79 33.09
N LEU C 69 -12.35 -29.74 32.48
CA LEU C 69 -13.82 -29.62 32.31
C LEU C 69 -14.35 -30.81 31.53
N GLY C 70 -13.60 -31.25 30.52
CA GLY C 70 -13.99 -32.41 29.73
C GLY C 70 -14.07 -33.65 30.60
N SER C 71 -13.08 -33.85 31.46
CA SER C 71 -12.99 -35.04 32.36
C SER C 71 -14.25 -35.10 33.23
N LEU C 72 -14.80 -33.95 33.68
CA LEU C 72 -16.00 -33.90 34.54
C LEU C 72 -17.25 -34.41 33.83
N TYR C 73 -17.31 -34.36 32.50
CA TYR C 73 -18.54 -34.73 31.73
C TYR C 73 -18.23 -35.91 30.79
N GLY C 74 -17.01 -36.44 30.83
CA GLY C 74 -16.55 -37.58 30.01
C GLY C 74 -16.34 -37.24 28.53
N VAL C 75 -15.94 -36.00 28.20
CA VAL C 75 -15.70 -35.61 26.78
C VAL C 75 -14.25 -35.13 26.65
N ASP C 76 -13.64 -35.35 25.50
CA ASP C 76 -12.28 -34.86 25.19
C ASP C 76 -12.31 -33.32 25.24
N ALA C 77 -11.20 -32.68 25.58
CA ALA C 77 -11.10 -31.19 25.53
C ALA C 77 -11.66 -30.67 24.19
N VAL C 78 -11.22 -31.30 23.10
CA VAL C 78 -11.56 -30.83 21.74
C VAL C 78 -13.08 -30.84 21.54
N ASP C 79 -13.83 -31.76 22.16
CA ASP C 79 -15.28 -31.91 21.88
C ASP C 79 -16.11 -31.06 22.86
N MET C 80 -15.50 -30.36 23.81
CA MET C 80 -16.29 -29.65 24.86
C MET C 80 -17.14 -28.53 24.29
N PRO C 81 -16.61 -27.66 23.40
CA PRO C 81 -17.43 -26.58 22.85
C PRO C 81 -18.68 -27.14 22.15
N ARG C 82 -18.53 -28.19 21.34
CA ARG C 82 -19.71 -28.79 20.66
C ARG C 82 -20.68 -29.37 21.70
N PHE C 83 -20.14 -30.09 22.68
CA PHE C 83 -20.91 -30.68 23.80
C PHE C 83 -21.81 -29.61 24.40
N ILE C 84 -21.25 -28.48 24.77
CA ILE C 84 -22.01 -27.43 25.47
C ILE C 84 -23.08 -26.88 24.52
N THR C 85 -22.75 -26.71 23.24
CA THR C 85 -23.63 -26.06 22.24
C THR C 85 -24.82 -26.97 21.99
N SER C 86 -24.55 -28.26 21.79
CA SER C 86 -25.60 -29.29 21.62
C SER C 86 -26.58 -29.22 22.80
N LYS C 87 -26.07 -29.02 24.00
CA LYS C 87 -26.94 -29.02 25.20
C LYS C 87 -27.75 -27.73 25.20
N ILE C 88 -27.14 -26.60 24.89
CA ILE C 88 -27.91 -25.33 24.77
C ILE C 88 -28.95 -25.45 23.63
N SER C 89 -28.68 -26.22 22.56
CA SER C 89 -29.66 -26.44 21.47
C SER C 89 -30.88 -27.20 21.99
N HIS C 90 -30.66 -28.28 22.71
CA HIS C 90 -31.70 -29.11 23.35
C HIS C 90 -32.56 -28.22 24.27
N TRP C 91 -31.97 -27.32 25.05
CA TRP C 91 -32.71 -26.41 25.97
C TRP C 91 -33.60 -25.43 25.18
N LYS C 92 -33.08 -24.92 24.06
CA LYS C 92 -33.82 -23.94 23.22
C LYS C 92 -35.08 -24.64 22.65
N SER C 93 -34.94 -25.92 22.32
CA SER C 93 -35.94 -26.75 21.62
C SER C 93 -36.96 -27.30 22.63
N GLU C 94 -36.53 -27.78 23.81
CA GLU C 94 -37.41 -28.38 24.86
C GLU C 94 -36.96 -27.95 26.25
N PRO C 95 -37.22 -26.69 26.69
CA PRO C 95 -36.69 -26.21 27.98
C PRO C 95 -37.25 -27.06 29.13
N THR C 96 -36.46 -27.31 30.19
CA THR C 96 -36.91 -27.92 31.47
C THR C 96 -37.30 -26.79 32.44
N ALA C 97 -38.57 -26.78 32.86
CA ALA C 97 -39.11 -25.84 33.87
C ALA C 97 -38.38 -26.14 35.17
N HIS C 98 -38.09 -25.09 35.95
CA HIS C 98 -37.40 -25.22 37.26
C HIS C 98 -38.29 -25.96 38.24
N GLN C 99 -37.70 -26.44 39.34
CA GLN C 99 -38.42 -27.02 40.49
C GLN C 99 -38.31 -26.08 41.69
N LEU C 100 -39.41 -25.41 42.05
CA LEU C 100 -39.51 -24.57 43.28
C LEU C 100 -39.62 -25.54 44.47
N ILE C 101 -38.85 -25.33 45.53
CA ILE C 101 -38.83 -26.25 46.70
C ILE C 101 -38.85 -25.44 48.01
N ALA C 102 -39.26 -26.12 49.08
CA ALA C 102 -39.50 -25.52 50.41
C ALA C 102 -38.16 -25.07 50.98
N ARG C 103 -38.15 -23.91 51.65
CA ARG C 103 -36.94 -23.35 52.29
C ARG C 103 -36.14 -24.44 53.07
N GLU C 104 -36.74 -25.29 53.92
CA GLU C 104 -35.92 -26.18 54.79
C GLU C 104 -35.51 -27.45 54.03
N HIS C 105 -35.84 -27.59 52.74
CA HIS C 105 -35.35 -28.70 51.87
C HIS C 105 -34.15 -28.23 51.02
N ALA C 106 -33.86 -26.92 51.00
CA ALA C 106 -32.84 -26.29 50.12
C ALA C 106 -31.48 -26.22 50.82
N PRO C 107 -30.49 -27.06 50.43
CA PRO C 107 -29.22 -27.19 51.15
C PRO C 107 -28.56 -25.86 51.53
N VAL C 108 -28.75 -24.84 50.70
CA VAL C 108 -28.13 -23.49 50.82
C VAL C 108 -28.76 -22.73 52.00
N MET C 109 -29.94 -23.15 52.46
CA MET C 109 -30.70 -22.45 53.53
C MET C 109 -30.37 -23.04 54.93
N ALA C 110 -29.50 -24.06 54.96
CA ALA C 110 -28.93 -24.65 56.19
C ALA C 110 -28.63 -23.57 57.26
N HIS C 111 -27.95 -22.47 56.92
CA HIS C 111 -27.51 -21.40 57.88
C HIS C 111 -27.86 -20.01 57.33
N SER C 112 -28.15 -19.02 58.20
CA SER C 112 -28.36 -17.60 57.81
C SER C 112 -27.73 -16.66 58.83
N PRO C 113 -26.38 -16.62 58.97
CA PRO C 113 -25.72 -15.67 59.87
C PRO C 113 -26.14 -14.20 59.67
N ARG C 114 -26.02 -13.35 60.70
CA ARG C 114 -26.03 -11.88 60.54
C ARG C 114 -25.02 -11.57 59.45
N VAL C 115 -25.40 -10.73 58.48
CA VAL C 115 -24.63 -10.42 57.22
C VAL C 115 -23.24 -9.86 57.57
N ASP C 116 -22.16 -10.65 57.51
CA ASP C 116 -20.75 -10.14 57.62
C ASP C 116 -19.89 -10.68 56.46
N LEU C 117 -19.86 -9.94 55.35
CA LEU C 117 -19.07 -10.24 54.11
C LEU C 117 -17.58 -10.40 54.45
N LEU C 118 -17.07 -9.72 55.47
CA LEU C 118 -15.64 -9.79 55.87
C LEU C 118 -15.34 -11.10 56.62
N SER C 119 -16.35 -11.91 56.98
CA SER C 119 -16.18 -13.25 57.60
C SER C 119 -15.97 -14.30 56.51
N LEU C 120 -16.29 -13.96 55.27
CA LEU C 120 -16.09 -14.85 54.10
C LEU C 120 -14.67 -14.70 53.60
N PRO C 121 -14.03 -15.80 53.14
CA PRO C 121 -12.63 -15.76 52.67
C PRO C 121 -12.55 -15.26 51.23
N ILE C 122 -13.04 -14.03 51.00
CA ILE C 122 -13.16 -13.45 49.63
C ILE C 122 -11.80 -12.92 49.24
N PRO C 123 -11.15 -13.45 48.19
CA PRO C 123 -9.79 -13.01 47.82
C PRO C 123 -9.75 -11.58 47.27
N VAL C 124 -8.68 -10.85 47.61
CA VAL C 124 -8.16 -9.71 46.81
C VAL C 124 -7.13 -10.32 45.85
N HIS C 125 -7.41 -10.24 44.55
CA HIS C 125 -6.77 -11.10 43.52
C HIS C 125 -5.48 -10.43 42.99
N ALA C 126 -5.62 -9.51 42.05
CA ALA C 126 -4.49 -8.79 41.43
C ALA C 126 -4.05 -7.66 42.35
N GLN C 127 -2.76 -7.33 42.31
CA GLN C 127 -2.08 -6.46 43.30
C GLN C 127 -2.69 -5.06 43.35
N LYS C 128 -3.42 -4.60 42.34
CA LYS C 128 -3.99 -3.22 42.35
C LYS C 128 -5.51 -3.24 42.34
N ASP C 129 -6.14 -4.41 42.55
CA ASP C 129 -7.61 -4.54 42.68
C ASP C 129 -8.08 -3.60 43.80
N GLY C 130 -9.19 -2.89 43.61
CA GLY C 130 -9.69 -1.87 44.57
C GLY C 130 -10.24 -2.48 45.86
N GLY C 131 -10.18 -3.81 45.98
CA GLY C 131 -10.66 -4.58 47.13
C GLY C 131 -10.91 -6.04 46.79
N ALA C 132 -11.50 -6.76 47.73
CA ALA C 132 -11.86 -8.17 47.57
C ALA C 132 -13.04 -8.24 46.63
N TYR C 133 -13.09 -9.29 45.82
CA TYR C 133 -14.11 -9.46 44.76
C TYR C 133 -14.71 -10.86 44.81
N VAL C 134 -16.01 -10.90 44.59
CA VAL C 134 -16.66 -12.15 44.17
C VAL C 134 -16.92 -11.99 42.67
N ASP C 135 -16.40 -12.97 41.93
CA ASP C 135 -16.29 -12.93 40.45
C ASP C 135 -16.70 -14.29 39.85
N ALA C 136 -17.21 -15.25 40.64
CA ALA C 136 -17.72 -16.56 40.18
C ALA C 136 -19.21 -16.66 40.49
N GLY C 137 -19.73 -15.57 41.05
CA GLY C 137 -21.11 -15.51 41.52
C GLY C 137 -22.01 -15.28 40.32
N VAL C 138 -23.03 -16.13 40.23
CA VAL C 138 -24.13 -16.06 39.23
C VAL C 138 -25.31 -15.28 39.84
N VAL C 139 -25.71 -14.20 39.19
CA VAL C 139 -26.85 -13.33 39.61
C VAL C 139 -28.12 -13.90 38.99
N ILE C 140 -29.08 -14.29 39.82
CA ILE C 140 -30.48 -14.58 39.38
C ILE C 140 -31.39 -13.43 39.84
N ALA C 141 -32.15 -12.87 38.89
CA ALA C 141 -32.98 -11.65 39.06
C ALA C 141 -34.26 -11.84 38.27
N ALA C 142 -35.39 -11.49 38.86
CA ALA C 142 -36.73 -11.58 38.24
C ALA C 142 -37.07 -10.23 37.63
N ASP C 143 -37.56 -10.26 36.38
CA ASP C 143 -38.19 -9.10 35.70
C ASP C 143 -39.25 -8.48 36.61
N PRO C 144 -39.03 -7.24 37.10
CA PRO C 144 -40.05 -6.50 37.86
C PRO C 144 -41.47 -6.34 37.25
N ASP C 145 -41.62 -6.51 35.92
CA ASP C 145 -42.93 -6.44 35.19
C ASP C 145 -43.51 -7.84 35.00
N THR C 146 -42.71 -8.81 34.55
CA THR C 146 -43.15 -10.15 34.04
C THR C 146 -42.62 -11.31 34.91
N GLY C 147 -41.79 -11.06 35.94
CA GLY C 147 -41.25 -12.09 36.85
C GLY C 147 -40.32 -13.11 36.17
N VAL C 148 -40.07 -13.01 34.85
CA VAL C 148 -39.18 -13.92 34.05
C VAL C 148 -37.74 -13.76 34.54
N LEU C 149 -37.06 -14.88 34.79
CA LEU C 149 -35.70 -14.88 35.38
C LEU C 149 -34.65 -14.50 34.33
N ASN C 150 -33.56 -13.93 34.80
CA ASN C 150 -32.35 -13.67 34.00
C ASN C 150 -31.16 -14.07 34.88
N THR C 151 -30.22 -14.79 34.28
CA THR C 151 -29.02 -15.36 34.93
C THR C 151 -27.80 -14.78 34.20
N SER C 152 -27.01 -14.02 34.94
CA SER C 152 -25.81 -13.34 34.41
C SER C 152 -24.70 -13.53 35.45
N ILE C 153 -23.49 -13.16 35.09
CA ILE C 153 -22.31 -13.21 36.00
C ILE C 153 -21.62 -11.85 35.87
N GLN C 154 -21.24 -11.29 37.01
CA GLN C 154 -20.84 -9.88 37.15
C GLN C 154 -19.86 -9.84 38.31
N ARG C 155 -18.91 -8.92 38.27
CA ARG C 155 -17.91 -8.76 39.34
C ARG C 155 -18.56 -7.85 40.39
N PHE C 156 -18.46 -8.24 41.66
CA PHE C 156 -18.90 -7.43 42.82
C PHE C 156 -17.69 -7.22 43.74
N MET C 157 -17.41 -5.96 44.06
CA MET C 157 -16.33 -5.56 45.01
C MET C 157 -16.99 -5.40 46.38
N VAL C 158 -16.34 -5.90 47.44
CA VAL C 158 -16.81 -5.70 48.85
C VAL C 158 -16.35 -4.31 49.30
N GLU C 159 -17.30 -3.45 49.72
CA GLU C 159 -17.01 -2.12 50.30
C GLU C 159 -16.84 -2.29 51.81
N ASN C 160 -17.82 -2.91 52.46
CA ASN C 160 -17.88 -3.15 53.94
C ASN C 160 -18.69 -4.43 54.16
N GLU C 161 -19.02 -4.73 55.42
CA GLU C 161 -19.62 -6.04 55.84
C GLU C 161 -20.98 -6.31 55.19
N ASN C 162 -21.70 -5.29 54.68
CA ASN C 162 -23.09 -5.46 54.13
C ASN C 162 -23.28 -4.77 52.77
N THR C 163 -22.24 -4.15 52.18
CA THR C 163 -22.35 -3.44 50.88
C THR C 163 -21.36 -4.01 49.87
N LEU C 164 -21.82 -4.23 48.62
CA LEU C 164 -20.97 -4.51 47.42
C LEU C 164 -21.13 -3.38 46.39
N HIS C 165 -20.10 -3.13 45.57
CA HIS C 165 -20.23 -2.31 44.34
C HIS C 165 -20.09 -3.26 43.14
N VAL C 166 -21.04 -3.21 42.22
CA VAL C 166 -21.11 -4.14 41.05
C VAL C 166 -20.84 -3.37 39.77
N ASN C 167 -20.26 -4.05 38.79
CA ASN C 167 -20.00 -3.56 37.42
C ASN C 167 -21.05 -4.16 36.49
N ILE C 168 -21.86 -3.32 35.88
CA ILE C 168 -22.90 -3.75 34.90
C ILE C 168 -22.57 -3.12 33.56
N ASP C 169 -22.06 -3.90 32.61
CA ASP C 169 -21.68 -3.42 31.25
C ASP C 169 -22.95 -2.89 30.55
N ALA C 170 -22.76 -2.04 29.54
CA ALA C 170 -23.86 -1.49 28.70
C ALA C 170 -24.58 -2.67 28.01
N GLY C 171 -25.93 -2.63 27.96
CA GLY C 171 -26.77 -3.59 27.20
C GLY C 171 -26.89 -4.96 27.88
N ARG C 172 -26.36 -5.11 29.09
CA ARG C 172 -26.58 -6.29 29.98
C ARG C 172 -28.06 -6.37 30.37
N HIS C 173 -28.57 -7.59 30.56
CA HIS C 173 -30.00 -7.81 30.90
C HIS C 173 -30.27 -7.33 32.33
N LEU C 174 -29.30 -7.48 33.23
CA LEU C 174 -29.41 -6.97 34.61
C LEU C 174 -29.62 -5.46 34.56
N GLY C 175 -28.91 -4.77 33.66
CA GLY C 175 -29.05 -3.33 33.42
C GLY C 175 -30.49 -2.98 33.12
N ALA C 176 -31.12 -3.73 32.21
CA ALA C 176 -32.51 -3.52 31.73
C ALA C 176 -33.52 -3.75 32.86
N TYR C 177 -33.33 -4.79 33.69
CA TYR C 177 -34.22 -5.10 34.85
C TYR C 177 -34.13 -3.96 35.88
N LEU C 178 -32.94 -3.38 36.04
CA LEU C 178 -32.74 -2.21 36.95
C LEU C 178 -33.52 -1.00 36.41
N ALA C 179 -33.55 -0.77 35.09
CA ALA C 179 -34.30 0.34 34.45
C ALA C 179 -35.80 0.24 34.81
N LYS C 180 -36.31 -1.00 34.94
CA LYS C 180 -37.75 -1.28 35.23
C LYS C 180 -38.08 -1.02 36.70
N ALA C 181 -37.24 -1.50 37.64
CA ALA C 181 -37.37 -1.24 39.09
C ALA C 181 -37.30 0.27 39.38
N LYS C 182 -36.46 0.99 38.62
CA LYS C 182 -36.28 2.46 38.67
C LYS C 182 -37.51 3.15 38.10
N ALA C 183 -38.53 2.42 37.63
CA ALA C 183 -39.91 2.93 37.43
C ALA C 183 -40.86 2.38 38.51
N LYS C 184 -40.47 2.43 39.80
CA LYS C 184 -41.26 1.98 40.97
C LYS C 184 -40.62 2.47 42.30
N PRO C 187 -36.80 -0.26 43.17
CA PRO C 187 -35.44 -0.78 43.47
C PRO C 187 -35.38 -2.29 43.24
N LEU C 188 -34.24 -2.83 42.76
CA LEU C 188 -34.17 -4.22 42.21
C LEU C 188 -33.52 -5.17 43.21
N SER C 189 -34.26 -6.22 43.55
CA SER C 189 -33.82 -7.35 44.38
C SER C 189 -33.32 -8.45 43.44
N PHE C 190 -32.42 -9.28 43.92
CA PHE C 190 -31.88 -10.46 43.19
C PHE C 190 -31.04 -11.26 44.18
N SER C 191 -30.62 -12.44 43.75
CA SER C 191 -29.66 -13.29 44.51
C SER C 191 -28.35 -13.38 43.77
N LEU C 192 -27.28 -13.53 44.54
CA LEU C 192 -25.90 -13.73 44.05
C LEU C 192 -25.45 -15.11 44.52
N ASN C 193 -25.37 -16.07 43.61
CA ASN C 193 -25.22 -17.50 43.97
C ASN C 193 -23.79 -17.93 43.70
N ILE C 194 -22.99 -18.10 44.75
CA ILE C 194 -21.54 -18.39 44.67
C ILE C 194 -21.32 -19.90 44.89
N GLY C 195 -20.47 -20.53 44.08
CA GLY C 195 -20.20 -21.98 44.16
C GLY C 195 -21.31 -22.79 43.50
N VAL C 196 -21.46 -22.61 42.20
CA VAL C 196 -22.49 -23.28 41.36
C VAL C 196 -21.76 -24.23 40.42
N HIS C 197 -22.46 -25.18 39.81
CA HIS C 197 -21.79 -26.12 38.87
C HIS C 197 -21.68 -25.49 37.50
N PRO C 198 -20.81 -26.01 36.62
CA PRO C 198 -20.56 -25.42 35.30
C PRO C 198 -21.81 -25.14 34.46
N GLY C 199 -22.80 -26.02 34.52
CA GLY C 199 -24.12 -25.81 33.89
C GLY C 199 -24.70 -24.44 34.22
N VAL C 200 -24.63 -24.00 35.47
CA VAL C 200 -25.16 -22.67 35.86
C VAL C 200 -24.25 -21.59 35.28
N HIS C 201 -22.94 -21.84 35.31
CA HIS C 201 -21.91 -20.91 34.82
C HIS C 201 -22.16 -20.62 33.32
N PHE C 202 -22.32 -21.66 32.53
CA PHE C 202 -22.59 -21.56 31.09
C PHE C 202 -23.92 -20.87 30.83
N ALA C 203 -24.94 -21.10 31.65
CA ALA C 203 -26.24 -20.40 31.53
C ALA C 203 -26.00 -18.91 31.69
N ALA C 204 -25.25 -18.58 32.73
CA ALA C 204 -24.96 -17.20 33.14
C ALA C 204 -24.23 -16.50 32.00
N ALA C 205 -23.30 -17.20 31.38
CA ALA C 205 -22.38 -16.62 30.36
C ALA C 205 -23.00 -16.69 28.97
N THR C 206 -24.16 -17.35 28.81
CA THR C 206 -24.77 -17.47 27.46
C THR C 206 -25.22 -16.08 27.00
N PRO C 207 -24.74 -15.65 25.81
CA PRO C 207 -25.02 -14.30 25.33
C PRO C 207 -26.47 -14.03 24.89
N SER C 208 -26.77 -12.73 24.78
CA SER C 208 -28.08 -12.14 24.41
C SER C 208 -28.73 -12.80 23.18
N GLU C 209 -27.98 -13.13 22.13
CA GLU C 209 -28.59 -13.54 20.83
C GLU C 209 -28.98 -15.02 20.90
N VAL C 210 -28.54 -15.76 21.92
CA VAL C 210 -28.95 -17.18 22.17
C VAL C 210 -30.16 -17.21 23.13
N ALA C 211 -30.11 -16.36 24.16
CA ALA C 211 -31.17 -16.16 25.18
C ALA C 211 -31.56 -14.69 25.22
N PRO C 212 -32.56 -14.23 24.43
CA PRO C 212 -33.04 -12.84 24.50
C PRO C 212 -33.49 -12.37 25.90
N LEU C 213 -33.84 -11.09 26.03
CA LEU C 213 -34.20 -10.41 27.31
C LEU C 213 -35.44 -11.09 27.92
N ASP C 214 -36.45 -11.32 27.10
CA ASP C 214 -37.77 -11.92 27.47
C ASP C 214 -37.68 -13.45 27.69
N VAL C 215 -36.49 -14.03 27.90
CA VAL C 215 -36.31 -15.52 27.94
C VAL C 215 -35.35 -15.90 29.11
N ASP C 216 -35.65 -17.05 29.72
CA ASP C 216 -35.10 -17.60 30.99
C ASP C 216 -34.01 -18.64 30.67
N GLU C 217 -32.75 -18.22 30.67
CA GLU C 217 -31.61 -19.04 30.19
C GLU C 217 -31.21 -20.07 31.26
N LEU C 218 -31.77 -19.98 32.47
CA LEU C 218 -31.26 -20.79 33.61
C LEU C 218 -31.49 -22.29 33.38
N GLY C 219 -32.52 -22.66 32.59
CA GLY C 219 -32.78 -24.06 32.22
C GLY C 219 -31.61 -24.70 31.50
N ILE C 220 -30.71 -23.89 30.95
CA ILE C 220 -29.51 -24.44 30.27
C ILE C 220 -28.82 -25.37 31.28
N ALA C 221 -28.79 -24.96 32.54
CA ALA C 221 -28.09 -25.69 33.62
C ALA C 221 -28.68 -27.09 33.76
N ALA C 222 -29.98 -27.25 33.49
CA ALA C 222 -30.71 -28.53 33.69
C ALA C 222 -30.11 -29.60 32.78
N GLU C 223 -29.46 -29.18 31.71
CA GLU C 223 -28.94 -30.10 30.67
C GLU C 223 -27.66 -30.75 31.17
N PHE C 224 -27.04 -30.22 32.23
CA PHE C 224 -25.75 -30.72 32.79
C PHE C 224 -25.96 -31.41 34.15
N GLN C 225 -27.21 -31.72 34.49
CA GLN C 225 -27.58 -32.45 35.73
C GLN C 225 -28.78 -33.36 35.45
N ASP C 226 -28.92 -34.41 36.23
CA ASP C 226 -30.19 -35.19 36.31
C ASP C 226 -31.26 -34.25 36.82
N GLY C 227 -32.42 -34.24 36.17
CA GLY C 227 -33.60 -33.48 36.63
C GLY C 227 -33.40 -31.98 36.46
N PRO C 228 -34.40 -31.22 37.00
CA PRO C 228 -34.49 -29.79 36.77
C PRO C 228 -33.66 -29.00 37.77
N VAL C 229 -33.39 -27.74 37.44
CA VAL C 229 -32.72 -26.77 38.33
C VAL C 229 -33.62 -26.51 39.52
N ARG C 230 -33.10 -26.72 40.72
CA ARG C 230 -33.85 -26.46 41.97
C ARG C 230 -33.65 -24.98 42.37
N ILE C 231 -34.77 -24.27 42.49
CA ILE C 231 -34.83 -22.87 43.03
C ILE C 231 -35.65 -22.87 44.32
N VAL C 232 -35.64 -21.75 45.04
CA VAL C 232 -36.31 -21.58 46.36
C VAL C 232 -36.58 -20.10 46.61
N GLN C 233 -37.78 -19.77 47.12
CA GLN C 233 -38.15 -18.40 47.57
C GLN C 233 -37.06 -17.91 48.53
N GLY C 234 -36.59 -16.70 48.37
CA GLY C 234 -35.72 -16.04 49.35
C GLY C 234 -36.53 -15.51 50.51
N ASP C 235 -35.89 -14.84 51.47
CA ASP C 235 -36.55 -14.01 52.52
C ASP C 235 -37.19 -12.75 51.91
N ASP C 236 -37.03 -12.44 50.60
CA ASP C 236 -37.24 -11.04 50.10
C ASP C 236 -38.70 -10.54 50.22
N PRO C 237 -39.75 -11.01 49.49
CA PRO C 237 -39.71 -12.14 48.56
C PRO C 237 -39.79 -11.84 47.04
N ARG C 238 -39.30 -10.69 46.56
CA ARG C 238 -39.17 -10.40 45.11
C ARG C 238 -38.03 -11.24 44.48
N VAL C 239 -37.22 -11.97 45.27
CA VAL C 239 -36.00 -12.74 44.80
C VAL C 239 -36.24 -14.26 44.77
N THR C 240 -35.45 -14.92 43.94
CA THR C 240 -35.39 -16.38 43.73
C THR C 240 -33.94 -16.82 43.91
N VAL C 241 -33.69 -17.85 44.72
CA VAL C 241 -32.33 -18.32 45.13
C VAL C 241 -32.08 -19.69 44.50
N LEU C 242 -30.84 -19.94 44.14
CA LEU C 242 -30.42 -21.26 43.59
C LEU C 242 -30.19 -22.20 44.75
N ALA C 243 -30.97 -23.27 44.82
CA ALA C 243 -31.05 -24.11 46.05
C ALA C 243 -29.72 -24.82 46.30
N ASP C 244 -28.98 -25.16 45.22
CA ASP C 244 -27.83 -26.08 45.33
C ASP C 244 -26.52 -25.29 45.33
N ALA C 245 -26.58 -23.95 45.34
CA ALA C 245 -25.41 -23.06 45.55
C ALA C 245 -24.70 -23.46 46.85
N MET C 246 -23.40 -23.18 46.95
CA MET C 246 -22.62 -23.31 48.22
C MET C 246 -23.02 -22.18 49.14
N ILE C 247 -23.12 -20.97 48.61
CA ILE C 247 -23.43 -19.70 49.33
C ILE C 247 -24.39 -18.92 48.46
N SER C 248 -25.30 -18.15 49.02
CA SER C 248 -26.20 -17.27 48.23
C SER C 248 -26.47 -16.00 49.00
N LEU C 249 -26.37 -14.85 48.33
CA LEU C 249 -26.57 -13.53 48.96
C LEU C 249 -27.85 -12.93 48.41
N GLU C 250 -28.83 -12.66 49.28
CA GLU C 250 -30.01 -11.85 48.91
C GLU C 250 -29.55 -10.40 48.89
N CYS C 251 -29.89 -9.68 47.82
CA CYS C 251 -29.29 -8.38 47.48
C CYS C 251 -30.37 -7.44 46.94
N GLN C 252 -30.19 -6.15 47.19
CA GLN C 252 -31.06 -5.07 46.71
C GLN C 252 -30.19 -3.91 46.21
N MET C 253 -30.60 -3.27 45.12
CA MET C 253 -29.82 -2.21 44.42
C MET C 253 -30.78 -1.16 43.85
N TYR C 254 -30.57 0.11 44.20
CA TYR C 254 -31.32 1.28 43.66
C TYR C 254 -30.56 1.88 42.47
N ALA C 255 -31.25 2.22 41.38
CA ALA C 255 -30.70 3.02 40.24
C ALA C 255 -30.15 4.36 40.77
N ASP C 256 -29.29 5.03 39.98
CA ASP C 256 -28.82 6.42 40.24
C ASP C 256 -28.18 6.49 41.63
N ASP C 257 -27.55 5.41 42.08
CA ASP C 257 -26.92 5.29 43.42
C ASP C 257 -25.53 4.68 43.22
N LEU C 258 -24.56 5.51 42.85
CA LEU C 258 -23.22 5.08 42.35
C LEU C 258 -22.17 5.28 43.45
N ALA C 259 -21.07 4.51 43.41
CA ALA C 259 -19.92 4.58 44.35
C ALA C 259 -18.69 3.92 43.70
N ASP C 260 -17.50 4.42 44.01
CA ASP C 260 -16.21 4.03 43.36
C ASP C 260 -16.03 2.51 43.48
N GLU C 261 -15.92 1.80 42.33
CA GLU C 261 -15.48 0.37 42.26
C GLU C 261 -14.39 0.19 41.20
N GLY C 262 -13.58 -0.85 41.40
CA GLY C 262 -12.35 -1.11 40.63
C GLY C 262 -11.17 -0.59 41.43
N PRO C 263 -9.93 -0.74 40.93
CA PRO C 263 -9.69 -1.43 39.66
C PRO C 263 -9.99 -2.92 39.80
N PHE C 264 -10.14 -3.62 38.67
CA PHE C 264 -10.21 -5.09 38.59
C PHE C 264 -9.62 -5.50 37.24
N ALA C 265 -9.09 -6.72 37.14
CA ALA C 265 -8.57 -7.27 35.87
C ALA C 265 -9.69 -7.41 34.81
N GLU C 266 -9.46 -6.92 33.60
CA GLU C 266 -10.27 -7.18 32.38
C GLU C 266 -9.64 -8.29 31.54
N VAL C 267 -10.38 -8.84 30.54
CA VAL C 267 -9.92 -9.98 29.69
C VAL C 267 -8.62 -9.56 29.00
N THR C 268 -8.48 -8.26 28.71
CA THR C 268 -7.27 -7.72 28.05
C THR C 268 -6.02 -8.07 28.85
N GLY C 269 -6.09 -8.24 30.17
CA GLY C 269 -4.90 -8.39 31.04
C GLY C 269 -4.41 -7.06 31.58
N TYR C 270 -5.28 -6.04 31.48
CA TYR C 270 -5.09 -4.66 31.97
C TYR C 270 -6.13 -4.39 33.03
N TYR C 271 -6.00 -3.30 33.78
CA TYR C 271 -6.97 -3.00 34.87
C TYR C 271 -8.14 -2.21 34.30
N ALA C 272 -9.34 -2.43 34.81
CA ALA C 272 -10.48 -1.52 34.66
C ALA C 272 -10.19 -0.21 35.41
N GLU C 273 -10.72 0.88 34.90
CA GLU C 273 -10.67 2.18 35.57
C GLU C 273 -11.56 2.11 36.81
N ARG C 274 -11.06 2.45 37.98
CA ARG C 274 -11.89 2.76 39.19
C ARG C 274 -12.88 3.87 38.84
N ALA C 275 -14.17 3.69 39.08
CA ALA C 275 -15.20 4.67 38.66
C ALA C 275 -16.53 4.46 39.40
N PRO C 276 -17.39 5.51 39.47
CA PRO C 276 -18.69 5.40 40.11
C PRO C 276 -19.59 4.37 39.40
N ARG C 277 -19.91 3.26 40.07
CA ARG C 277 -20.77 2.15 39.57
C ARG C 277 -21.73 1.66 40.67
N PRO C 278 -22.86 1.05 40.31
CA PRO C 278 -23.97 0.83 41.25
C PRO C 278 -23.65 0.12 42.57
N ARG C 279 -24.14 0.65 43.69
CA ARG C 279 -23.96 0.02 45.02
C ARG C 279 -25.12 -0.93 45.25
N VAL C 280 -24.80 -2.08 45.81
CA VAL C 280 -25.80 -3.14 46.08
C VAL C 280 -25.60 -3.49 47.56
N THR C 281 -26.73 -3.67 48.26
CA THR C 281 -26.74 -3.85 49.72
C THR C 281 -27.25 -5.27 49.97
N VAL C 282 -26.50 -6.03 50.79
CA VAL C 282 -26.70 -7.50 51.03
C VAL C 282 -27.64 -7.69 52.23
N THR C 283 -28.91 -8.01 51.95
CA THR C 283 -30.03 -8.09 52.93
C THR C 283 -29.94 -9.38 53.76
N ALA C 284 -29.30 -10.45 53.26
CA ALA C 284 -29.27 -11.78 53.91
C ALA C 284 -28.17 -12.65 53.30
N VAL C 285 -27.76 -13.69 54.03
CA VAL C 285 -26.69 -14.66 53.61
C VAL C 285 -27.16 -16.08 53.97
N HIS C 286 -27.05 -17.00 53.02
CA HIS C 286 -27.43 -18.43 53.15
C HIS C 286 -26.18 -19.27 52.81
N LEU C 287 -25.95 -20.36 53.53
CA LEU C 287 -24.77 -21.25 53.33
C LEU C 287 -25.19 -22.71 53.52
N GLN C 288 -24.71 -23.63 52.66
CA GLN C 288 -24.77 -25.08 52.96
C GLN C 288 -23.92 -25.33 54.23
N ARG C 289 -24.03 -26.50 54.85
CA ARG C 289 -22.94 -26.92 55.76
C ARG C 289 -21.84 -27.47 54.85
N ASN C 290 -20.57 -27.27 55.24
CA ASN C 290 -19.37 -27.66 54.45
C ASN C 290 -19.35 -26.88 53.15
N PRO C 291 -19.60 -25.53 53.21
CA PRO C 291 -19.60 -24.71 52.02
C PRO C 291 -18.13 -24.57 51.59
N VAL C 292 -17.87 -24.55 50.26
CA VAL C 292 -16.56 -24.07 49.72
C VAL C 292 -16.87 -22.80 48.96
N PHE C 293 -16.05 -21.78 49.16
CA PHE C 293 -16.16 -20.50 48.44
C PHE C 293 -15.44 -20.65 47.10
N HIS C 294 -16.16 -20.32 46.01
CA HIS C 294 -15.64 -20.47 44.62
C HIS C 294 -15.23 -19.11 44.09
N SER C 295 -13.95 -18.98 43.71
CA SER C 295 -13.44 -17.79 42.99
C SER C 295 -12.84 -18.18 41.63
N ILE C 296 -12.78 -17.18 40.77
CA ILE C 296 -12.17 -17.32 39.42
C ILE C 296 -10.93 -16.44 39.41
N LEU C 297 -9.80 -16.99 39.00
CA LEU C 297 -8.62 -16.18 38.65
C LEU C 297 -8.80 -15.60 37.23
N SER C 298 -8.87 -14.26 37.10
CA SER C 298 -8.85 -13.57 35.79
C SER C 298 -7.70 -14.12 34.95
N GLY C 299 -8.02 -14.42 33.68
CA GLY C 299 -7.08 -15.11 32.78
C GLY C 299 -7.74 -16.27 32.07
N GLN C 300 -7.04 -17.40 31.97
CA GLN C 300 -7.52 -18.57 31.20
C GLN C 300 -8.91 -19.01 31.69
N GLU C 301 -9.24 -18.82 32.96
CA GLU C 301 -10.55 -19.24 33.50
C GLU C 301 -11.60 -18.50 32.67
N VAL C 302 -11.34 -17.23 32.34
CA VAL C 302 -12.32 -16.40 31.59
C VAL C 302 -12.19 -16.70 30.10
N PHE C 303 -10.96 -16.82 29.57
CA PHE C 303 -10.74 -17.12 28.13
C PHE C 303 -11.51 -18.40 27.76
N ASN C 304 -11.33 -19.48 28.51
CA ASN C 304 -12.08 -20.73 28.25
C ASN C 304 -13.59 -20.52 28.42
N SER C 305 -14.10 -19.72 29.37
CA SER C 305 -15.57 -19.53 29.51
C SER C 305 -16.12 -19.03 28.18
N VAL C 306 -15.41 -18.09 27.57
CA VAL C 306 -15.88 -17.38 26.37
C VAL C 306 -15.68 -18.28 25.15
N GLY C 307 -14.49 -18.87 25.01
CA GLY C 307 -14.16 -19.78 23.90
C GLY C 307 -15.09 -20.97 23.84
N LEU C 308 -15.41 -21.60 24.96
CA LEU C 308 -16.21 -22.86 24.97
C LEU C 308 -17.62 -22.54 24.48
N LEU C 309 -18.13 -21.36 24.84
CA LEU C 309 -19.47 -20.91 24.43
C LEU C 309 -19.48 -20.34 23.01
N GLY C 310 -18.41 -19.75 22.53
CA GLY C 310 -18.40 -18.96 21.27
C GLY C 310 -17.87 -19.69 20.05
N GLU C 311 -16.94 -20.64 20.22
CA GLU C 311 -16.22 -21.28 19.08
C GLU C 311 -17.17 -22.07 18.20
N SER C 312 -18.13 -22.81 18.76
CA SER C 312 -18.99 -23.67 17.92
C SER C 312 -19.80 -22.78 16.95
N ALA C 313 -20.36 -21.67 17.42
CA ALA C 313 -21.18 -20.76 16.55
C ALA C 313 -20.29 -20.20 15.43
N LEU C 314 -19.09 -19.81 15.79
CA LEU C 314 -18.12 -19.22 14.86
C LEU C 314 -17.73 -20.24 13.80
N PHE C 315 -17.35 -21.44 14.22
CA PHE C 315 -17.04 -22.55 13.30
C PHE C 315 -18.26 -22.79 12.40
N ASP C 316 -19.46 -22.78 12.97
CA ASP C 316 -20.70 -23.08 12.20
C ASP C 316 -20.84 -22.02 11.10
N GLN C 317 -20.53 -20.77 11.42
CA GLN C 317 -20.79 -19.63 10.52
C GLN C 317 -19.73 -19.65 9.41
N VAL C 318 -18.48 -19.93 9.76
CA VAL C 318 -17.39 -19.95 8.76
C VAL C 318 -17.51 -21.20 7.88
N SER C 319 -17.76 -22.40 8.43
CA SER C 319 -17.79 -23.66 7.62
C SER C 319 -18.99 -23.62 6.68
N LYS C 320 -19.99 -22.80 6.99
CA LYS C 320 -21.17 -22.65 6.10
C LYS C 320 -20.77 -21.83 4.87
N GLN C 321 -19.81 -20.92 4.97
CA GLN C 321 -19.44 -19.96 3.89
C GLN C 321 -18.20 -20.45 3.15
N VAL C 322 -17.47 -21.41 3.72
CA VAL C 322 -16.15 -21.82 3.17
C VAL C 322 -16.00 -23.31 3.30
N PRO C 323 -15.61 -24.02 2.23
CA PRO C 323 -15.39 -25.47 2.33
C PRO C 323 -14.11 -25.87 3.08
N GLY C 324 -14.16 -26.99 3.79
CA GLY C 324 -12.94 -27.63 4.34
C GLY C 324 -12.54 -27.01 5.68
N ILE C 325 -13.41 -26.25 6.33
CA ILE C 325 -13.10 -25.78 7.71
C ILE C 325 -13.16 -26.98 8.68
N LEU C 326 -12.17 -27.16 9.54
CA LEU C 326 -12.07 -28.27 10.53
C LEU C 326 -12.26 -27.78 11.97
N GLU C 327 -11.72 -26.63 12.34
CA GLU C 327 -11.78 -26.16 13.74
C GLU C 327 -11.43 -24.68 13.79
N VAL C 328 -11.91 -23.99 14.80
CA VAL C 328 -11.65 -22.56 15.09
C VAL C 328 -11.22 -22.44 16.54
N ALA C 329 -10.12 -21.77 16.84
CA ALA C 329 -9.70 -21.59 18.24
C ALA C 329 -9.73 -20.10 18.56
N LEU C 330 -10.40 -19.73 19.63
CA LEU C 330 -10.24 -18.39 20.22
C LEU C 330 -9.12 -18.53 21.23
N THR C 331 -7.89 -18.33 20.82
CA THR C 331 -6.68 -18.69 21.58
C THR C 331 -6.62 -17.90 22.89
N ASP C 332 -5.96 -18.50 23.88
CA ASP C 332 -5.68 -17.88 25.20
C ASP C 332 -4.74 -16.68 24.99
N GLY C 333 -3.76 -16.76 24.08
CA GLY C 333 -2.91 -15.60 23.81
C GLY C 333 -3.78 -14.40 23.48
N GLY C 334 -4.87 -14.60 22.75
CA GLY C 334 -5.69 -13.47 22.33
C GLY C 334 -6.78 -13.16 23.32
N CYS C 335 -6.64 -13.58 24.57
CA CYS C 335 -7.63 -13.29 25.64
C CYS C 335 -8.99 -13.91 25.28
N GLY C 336 -9.00 -15.02 24.55
CA GLY C 336 -10.22 -15.75 24.17
C GLY C 336 -11.21 -14.84 23.48
N PHE C 337 -10.74 -13.92 22.64
CA PHE C 337 -11.59 -12.82 22.15
C PHE C 337 -10.98 -12.09 20.96
N TYR C 338 -9.65 -11.96 20.89
CA TYR C 338 -8.98 -11.03 19.94
C TYR C 338 -8.24 -11.77 18.83
N HIS C 339 -7.92 -13.03 19.02
CA HIS C 339 -7.27 -13.86 17.99
C HIS C 339 -8.06 -15.14 17.74
N ALA C 340 -8.43 -15.36 16.49
CA ALA C 340 -9.01 -16.65 16.07
C ALA C 340 -8.05 -17.30 15.09
N VAL C 341 -7.72 -18.54 15.32
CA VAL C 341 -6.99 -19.42 14.36
C VAL C 341 -8.02 -20.36 13.75
N VAL C 342 -8.03 -20.45 12.44
CA VAL C 342 -8.99 -21.28 11.69
C VAL C 342 -8.17 -22.33 11.02
N GLN C 343 -8.56 -23.57 11.16
CA GLN C 343 -7.79 -24.68 10.58
C GLN C 343 -8.64 -25.19 9.42
N LEU C 344 -8.05 -25.34 8.25
CA LEU C 344 -8.83 -25.94 7.15
C LEU C 344 -7.96 -26.88 6.32
N LYS C 345 -8.65 -27.66 5.49
CA LYS C 345 -8.08 -28.58 4.50
C LYS C 345 -8.36 -27.96 3.14
N GLN C 346 -7.33 -27.44 2.49
CA GLN C 346 -7.55 -26.63 1.28
C GLN C 346 -8.09 -27.55 0.18
N VAL C 347 -9.01 -27.04 -0.63
CA VAL C 347 -9.54 -27.74 -1.82
C VAL C 347 -9.33 -26.88 -3.07
N ARG C 348 -9.02 -25.59 -2.89
CA ARG C 348 -8.79 -24.71 -4.05
C ARG C 348 -8.14 -23.39 -3.63
N ALA C 349 -7.24 -22.86 -4.45
CA ALA C 349 -6.66 -21.55 -4.11
C ALA C 349 -7.80 -20.57 -3.88
N GLY C 350 -7.64 -19.72 -2.88
CA GLY C 350 -8.49 -18.53 -2.67
C GLY C 350 -9.40 -18.69 -1.49
N TRP C 351 -9.85 -19.92 -1.20
CA TRP C 351 -10.77 -20.13 -0.06
C TRP C 351 -10.13 -19.66 1.26
N SER C 352 -8.82 -19.86 1.48
CA SER C 352 -8.19 -19.33 2.72
C SER C 352 -8.53 -17.84 2.94
N LYS C 353 -8.49 -16.99 1.92
CA LYS C 353 -8.84 -15.56 2.12
C LYS C 353 -10.33 -15.41 2.44
N GLN C 354 -11.21 -16.16 1.79
CA GLN C 354 -12.66 -16.05 2.15
C GLN C 354 -12.80 -16.43 3.63
N ALA C 355 -12.01 -17.39 4.10
CA ALA C 355 -12.06 -17.83 5.51
C ALA C 355 -11.74 -16.65 6.43
N ILE C 356 -10.77 -15.82 6.03
CA ILE C 356 -10.44 -14.61 6.83
C ILE C 356 -11.66 -13.68 6.88
N LEU C 357 -12.29 -13.41 5.72
CA LEU C 357 -13.44 -12.47 5.67
C LEU C 357 -14.52 -13.05 6.55
N ALA C 358 -14.82 -14.33 6.41
CA ALA C 358 -15.97 -14.91 7.13
C ALA C 358 -15.75 -14.83 8.64
N THR C 359 -14.51 -15.10 9.08
CA THR C 359 -14.18 -15.13 10.50
C THR C 359 -14.32 -13.74 11.10
N PHE C 360 -13.80 -12.72 10.43
CA PHE C 360 -13.84 -11.33 10.95
C PHE C 360 -15.28 -10.80 11.03
N ALA C 361 -16.09 -11.25 10.08
CA ALA C 361 -17.51 -10.85 9.91
C ALA C 361 -18.37 -11.46 10.98
N ALA C 362 -17.98 -12.67 11.41
CA ALA C 362 -18.77 -13.47 12.36
C ALA C 362 -18.47 -13.10 13.82
N PHE C 363 -17.36 -12.40 14.16
CA PHE C 363 -16.95 -12.14 15.59
C PHE C 363 -16.28 -10.78 15.72
N PRO C 364 -17.11 -9.72 15.88
CA PRO C 364 -16.63 -8.34 15.81
C PRO C 364 -15.47 -7.93 16.70
N PRO C 365 -15.30 -8.52 17.91
CA PRO C 365 -14.14 -8.16 18.73
C PRO C 365 -12.78 -8.56 18.15
N LEU C 366 -12.76 -9.55 17.26
CA LEU C 366 -11.48 -10.12 16.75
C LEU C 366 -10.59 -9.01 16.20
N LYS C 367 -9.30 -9.10 16.52
CA LYS C 367 -8.29 -8.16 15.95
C LYS C 367 -7.45 -8.90 14.89
N MET C 368 -7.15 -10.17 15.13
CA MET C 368 -6.28 -10.96 14.25
C MET C 368 -7.05 -12.23 13.90
N VAL C 369 -6.88 -12.68 12.68
CA VAL C 369 -7.26 -14.04 12.29
C VAL C 369 -6.07 -14.68 11.61
N THR C 370 -5.78 -15.92 11.97
CA THR C 370 -4.71 -16.69 11.30
C THR C 370 -5.34 -17.94 10.72
N ILE C 371 -5.07 -18.22 9.46
CA ILE C 371 -5.51 -19.47 8.80
C ILE C 371 -4.33 -20.43 8.74
N VAL C 372 -4.56 -21.69 9.05
CA VAL C 372 -3.52 -22.75 8.93
C VAL C 372 -4.16 -24.01 8.36
N ASP C 373 -3.30 -24.90 7.87
CA ASP C 373 -3.71 -26.19 7.29
C ASP C 373 -3.97 -27.24 8.39
N GLU C 374 -4.52 -28.39 7.96
CA GLU C 374 -4.98 -29.51 8.80
C GLU C 374 -3.79 -30.06 9.59
N ASP C 375 -2.55 -29.82 9.16
CA ASP C 375 -1.37 -30.48 9.76
C ASP C 375 -0.64 -29.55 10.72
N VAL C 376 -1.28 -28.48 11.16
CA VAL C 376 -0.79 -27.49 12.17
C VAL C 376 -1.73 -27.52 13.36
N ASP C 377 -1.21 -27.51 14.59
CA ASP C 377 -2.06 -27.52 15.81
C ASP C 377 -2.51 -26.08 16.09
N LEU C 378 -3.73 -25.74 15.72
CA LEU C 378 -4.22 -24.33 15.83
C LEU C 378 -4.18 -23.84 17.28
N ARG C 379 -4.22 -24.75 18.25
CA ARG C 379 -4.27 -24.36 19.67
C ARG C 379 -2.85 -24.30 20.25
N ASN C 380 -1.82 -24.58 19.48
CA ASN C 380 -0.42 -24.43 19.95
C ASN C 380 0.20 -23.18 19.32
N PRO C 381 0.41 -22.11 20.09
CA PRO C 381 0.99 -20.90 19.52
C PRO C 381 2.37 -21.13 18.86
N ARG C 382 3.23 -22.00 19.41
CA ARG C 382 4.53 -22.45 18.80
C ARG C 382 4.19 -22.90 17.36
N ASP C 383 3.12 -23.68 17.17
CA ASP C 383 2.92 -24.36 15.87
C ASP C 383 2.39 -23.34 14.84
N VAL C 384 1.57 -22.40 15.28
CA VAL C 384 1.06 -21.30 14.42
C VAL C 384 2.23 -20.37 14.04
N GLU C 385 3.14 -20.05 14.98
CA GLU C 385 4.38 -19.28 14.74
C GLU C 385 5.12 -20.03 13.65
N TRP C 386 5.21 -21.36 13.76
CA TRP C 386 5.94 -22.16 12.75
C TRP C 386 5.31 -21.98 11.36
N ALA C 387 3.98 -22.07 11.29
CA ALA C 387 3.23 -21.90 10.02
C ALA C 387 3.55 -20.52 9.44
N MET C 388 3.55 -19.52 10.31
CA MET C 388 3.95 -18.15 9.93
C MET C 388 5.38 -18.14 9.38
N ALA C 389 6.28 -18.88 9.99
CA ALA C 389 7.71 -18.81 9.64
C ALA C 389 7.96 -19.50 8.31
N THR C 390 7.22 -20.55 7.95
CA THR C 390 7.57 -21.37 6.76
C THR C 390 6.53 -21.23 5.63
N ARG C 391 5.32 -20.77 5.92
CA ARG C 391 4.24 -20.84 4.91
C ARG C 391 3.72 -19.44 4.59
N LEU C 392 3.50 -18.54 5.55
CA LEU C 392 2.94 -17.19 5.28
C LEU C 392 3.74 -16.51 4.16
N ASP C 393 3.06 -16.01 3.14
CA ASP C 393 3.66 -15.04 2.19
C ASP C 393 3.41 -13.64 2.76
N PRO C 394 4.44 -12.95 3.24
CA PRO C 394 4.19 -11.66 3.86
C PRO C 394 3.57 -10.66 2.86
N GLU C 395 3.82 -10.84 1.58
CA GLU C 395 3.37 -9.86 0.57
C GLU C 395 1.90 -10.09 0.26
N ARG C 396 1.50 -11.32 -0.02
CA ARG C 396 0.12 -11.58 -0.49
C ARG C 396 -0.77 -12.15 0.62
N GLY C 397 -0.21 -12.65 1.73
CA GLY C 397 -0.95 -13.39 2.77
C GLY C 397 -1.37 -12.53 3.97
N ILE C 398 -1.05 -11.25 3.99
CA ILE C 398 -1.47 -10.35 5.11
C ILE C 398 -2.57 -9.43 4.61
N LEU C 399 -3.76 -9.51 5.17
CA LEU C 399 -4.91 -8.68 4.78
C LEU C 399 -5.26 -7.73 5.92
N ARG C 400 -5.19 -6.45 5.66
CA ARG C 400 -5.42 -5.42 6.70
C ARG C 400 -6.72 -4.70 6.42
N ILE C 401 -7.55 -4.57 7.43
CA ILE C 401 -8.86 -3.88 7.38
C ILE C 401 -8.70 -2.67 8.25
N ASP C 402 -8.92 -1.47 7.74
CA ASP C 402 -8.84 -0.26 8.59
C ASP C 402 -10.23 0.28 8.91
N ASP C 403 -10.27 1.08 9.97
CA ASP C 403 -11.41 1.94 10.32
C ASP C 403 -12.64 1.06 10.47
N THR C 404 -12.49 -0.07 11.11
CA THR C 404 -13.63 -1.00 11.32
C THR C 404 -13.99 -1.05 12.80
N PHE C 405 -15.14 -1.61 13.10
CA PHE C 405 -15.63 -1.74 14.50
C PHE C 405 -14.87 -2.85 15.22
N GLY C 406 -14.58 -2.64 16.49
CA GLY C 406 -13.97 -3.67 17.34
C GLY C 406 -14.32 -3.43 18.81
N HIS C 407 -13.62 -4.10 19.71
CA HIS C 407 -13.93 -4.08 21.16
C HIS C 407 -13.16 -2.97 21.89
N GLY C 408 -13.89 -2.03 22.50
CA GLY C 408 -13.38 -0.80 23.14
C GLY C 408 -12.49 -1.04 24.33
N LEU C 409 -12.64 -2.17 25.04
CA LEU C 409 -11.76 -2.52 26.18
C LEU C 409 -10.34 -2.73 25.69
N ASN C 410 -10.17 -3.31 24.52
CA ASN C 410 -8.86 -3.53 23.87
C ASN C 410 -8.33 -2.17 23.44
N PRO C 411 -7.19 -1.68 23.97
CA PRO C 411 -6.68 -0.36 23.61
C PRO C 411 -6.20 -0.20 22.15
N SER C 412 -6.12 -1.28 21.35
CA SER C 412 -5.90 -1.26 19.88
C SER C 412 -7.13 -0.69 19.17
N PHE C 413 -8.25 -0.56 19.90
CA PHE C 413 -9.58 -0.14 19.37
C PHE C 413 -10.16 0.98 20.21
N PRO C 414 -9.52 2.17 20.26
CA PRO C 414 -10.07 3.29 21.01
C PRO C 414 -11.47 3.65 20.49
N ASP C 415 -12.42 3.69 21.39
CA ASP C 415 -13.83 4.00 21.09
C ASP C 415 -14.40 2.99 20.07
N TYR C 416 -14.05 1.72 20.22
CA TYR C 416 -14.72 0.60 19.48
C TYR C 416 -14.45 0.78 17.97
N PHE C 417 -13.21 1.16 17.62
CA PHE C 417 -12.79 1.59 16.26
C PHE C 417 -11.28 1.39 16.04
N GLY C 418 -10.89 0.71 14.96
CA GLY C 418 -9.48 0.47 14.66
C GLY C 418 -9.23 -0.53 13.53
N SER C 419 -8.03 -1.08 13.47
CA SER C 419 -7.56 -1.94 12.36
C SER C 419 -7.46 -3.38 12.83
N LYS C 420 -7.85 -4.27 11.94
CA LYS C 420 -7.82 -5.72 12.10
C LYS C 420 -6.84 -6.24 11.06
N VAL C 421 -6.32 -7.44 11.24
CA VAL C 421 -5.33 -8.00 10.29
C VAL C 421 -5.48 -9.50 10.24
N GLY C 422 -5.53 -10.06 9.03
CA GLY C 422 -5.58 -11.51 8.85
C GLY C 422 -4.30 -12.05 8.27
N PHE C 423 -3.85 -13.17 8.75
CA PHE C 423 -2.64 -13.86 8.24
C PHE C 423 -3.05 -15.16 7.61
N ASP C 424 -2.73 -15.34 6.35
CA ASP C 424 -2.99 -16.60 5.64
C ASP C 424 -1.69 -17.39 5.70
N ALA C 425 -1.54 -18.21 6.72
CA ALA C 425 -0.34 -19.04 6.93
C ALA C 425 -0.57 -20.44 6.37
N THR C 426 -1.22 -20.56 5.22
CA THR C 426 -1.42 -21.86 4.56
C THR C 426 -0.29 -22.16 3.60
N ARG C 427 -0.03 -23.44 3.41
CA ARG C 427 0.84 -23.94 2.32
C ARG C 427 0.20 -23.58 0.99
N SER C 428 0.96 -23.75 -0.08
CA SER C 428 0.49 -23.42 -1.45
C SER C 428 -0.34 -24.63 -1.91
N PHE C 429 -1.36 -24.34 -2.71
CA PHE C 429 -2.29 -25.33 -3.27
C PHE C 429 -2.28 -25.18 -4.79
N PRO C 430 -2.10 -26.26 -5.59
CA PRO C 430 -2.06 -27.63 -5.09
C PRO C 430 -0.86 -27.96 -4.17
N PHE C 431 -1.07 -28.97 -3.33
CA PHE C 431 -0.07 -29.40 -2.32
C PHE C 431 1.21 -29.77 -3.05
N GLU C 432 2.35 -29.41 -2.48
CA GLU C 432 3.72 -29.63 -3.00
C GLU C 432 4.57 -30.30 -1.91
N GLU C 433 5.54 -31.12 -2.30
CA GLU C 433 6.45 -31.89 -1.40
C GLU C 433 7.15 -30.92 -0.43
N LYS C 434 7.56 -29.74 -0.88
CA LYS C 434 8.44 -28.84 -0.10
C LYS C 434 7.72 -28.36 1.19
N HIS C 435 6.41 -28.57 1.28
CA HIS C 435 5.59 -28.23 2.47
C HIS C 435 5.16 -29.48 3.28
N GLU C 436 5.60 -30.70 2.94
CA GLU C 436 5.24 -31.95 3.67
C GLU C 436 6.04 -32.00 4.98
N ARG C 437 5.35 -31.97 6.11
CA ARG C 437 6.02 -31.88 7.43
C ARG C 437 6.60 -33.24 7.80
N ILE C 438 7.76 -33.21 8.45
CA ILE C 438 8.32 -34.42 9.10
C ILE C 438 7.36 -34.84 10.19
N THR C 439 7.46 -36.09 10.56
CA THR C 439 6.47 -36.79 11.37
C THR C 439 7.21 -37.88 12.12
N TYR C 440 6.92 -38.00 13.42
CA TYR C 440 7.50 -39.05 14.30
C TYR C 440 6.40 -40.05 14.61
N GLN C 441 6.71 -41.34 14.72
CA GLN C 441 5.69 -42.36 15.06
C GLN C 441 4.90 -41.95 16.32
N ASP C 442 3.57 -42.03 16.25
CA ASP C 442 2.70 -41.80 17.41
C ASP C 442 2.80 -43.03 18.30
N VAL C 443 2.85 -42.82 19.61
CA VAL C 443 3.31 -43.88 20.52
C VAL C 443 2.52 -43.78 21.82
N ASP C 444 1.98 -44.91 22.23
CA ASP C 444 1.33 -45.10 23.55
C ASP C 444 2.43 -45.28 24.59
N LEU C 445 2.52 -44.41 25.58
CA LEU C 445 3.59 -44.50 26.63
C LEU C 445 3.27 -45.58 27.66
N SER C 446 2.01 -46.02 27.74
CA SER C 446 1.62 -47.11 28.66
C SER C 446 2.17 -48.44 28.14
N ARG C 447 2.53 -48.52 26.85
CA ARG C 447 3.13 -49.73 26.20
C ARG C 447 4.56 -49.98 26.69
N PHE C 448 5.15 -49.10 27.52
CA PHE C 448 6.56 -49.20 27.99
C PHE C 448 6.66 -48.89 29.49
N GLU C 449 7.66 -49.47 30.15
CA GLU C 449 8.01 -49.14 31.55
C GLU C 449 8.96 -47.94 31.49
N ILE C 450 8.55 -46.84 32.08
CA ILE C 450 9.30 -45.55 32.03
C ILE C 450 9.39 -44.98 33.45
N VAL C 451 10.59 -44.86 34.02
CA VAL C 451 10.85 -44.14 35.28
C VAL C 451 11.37 -42.74 34.87
N GLU C 452 10.61 -41.66 35.17
CA GLU C 452 10.97 -40.23 34.87
C GLU C 452 11.41 -39.47 36.14
N GLY C 453 12.64 -39.70 36.65
CA GLY C 453 13.31 -38.79 37.63
C GLY C 453 13.01 -39.11 39.08
N HIS C 454 14.03 -39.13 39.94
CA HIS C 454 13.99 -39.64 41.33
C HIS C 454 15.41 -39.77 41.87
N HIS D 1 -54.49 -13.65 -7.52
CA HIS D 1 -53.04 -13.47 -7.78
C HIS D 1 -52.30 -14.80 -7.60
N MET D 2 -52.82 -15.88 -8.21
CA MET D 2 -52.17 -17.22 -8.32
C MET D 2 -52.29 -17.64 -9.79
N HIS D 3 -51.40 -18.50 -10.28
CA HIS D 3 -51.28 -18.80 -11.74
C HIS D 3 -50.93 -20.28 -11.94
N LYS D 4 -51.80 -20.98 -12.66
CA LYS D 4 -51.74 -22.45 -12.83
C LYS D 4 -50.74 -22.77 -13.94
N ASP D 5 -50.60 -21.87 -14.91
CA ASP D 5 -49.84 -22.08 -16.17
C ASP D 5 -49.56 -20.73 -16.85
N LEU D 6 -48.83 -20.77 -17.97
CA LEU D 6 -48.38 -19.55 -18.66
C LEU D 6 -49.57 -18.77 -19.27
N HIS D 7 -50.64 -19.46 -19.68
CA HIS D 7 -51.89 -18.84 -20.23
C HIS D 7 -52.40 -17.80 -19.23
N SER D 8 -52.51 -18.19 -17.96
CA SER D 8 -52.96 -17.33 -16.84
C SER D 8 -52.14 -16.04 -16.84
N ILE D 9 -50.81 -16.19 -16.94
CA ILE D 9 -49.80 -15.09 -16.90
C ILE D 9 -50.10 -14.14 -18.06
N ILE D 10 -50.14 -14.68 -19.28
CA ILE D 10 -50.28 -13.86 -20.52
C ILE D 10 -51.60 -13.07 -20.47
N ASP D 11 -52.70 -13.69 -20.02
CA ASP D 11 -54.04 -13.03 -19.97
C ASP D 11 -53.98 -11.89 -18.96
N ALA D 12 -53.34 -12.13 -17.81
CA ALA D 12 -53.19 -11.16 -16.70
C ALA D 12 -52.41 -9.94 -17.20
N LEU D 13 -51.34 -10.17 -17.96
CA LEU D 13 -50.44 -9.14 -18.54
C LEU D 13 -51.21 -8.36 -19.61
N ASP D 14 -51.87 -9.08 -20.52
CA ASP D 14 -52.76 -8.51 -21.57
C ASP D 14 -53.79 -7.59 -20.89
N THR D 15 -54.53 -8.12 -19.90
CA THR D 15 -55.57 -7.36 -19.14
C THR D 15 -54.91 -6.13 -18.50
N ALA D 16 -53.72 -6.28 -17.92
CA ALA D 16 -53.01 -5.21 -17.18
C ALA D 16 -52.32 -4.24 -18.15
N GLY D 17 -52.28 -4.53 -19.44
CA GLY D 17 -51.69 -3.65 -20.47
C GLY D 17 -50.18 -3.66 -20.37
N ARG D 18 -49.63 -4.75 -19.89
CA ARG D 18 -48.18 -5.00 -19.72
C ARG D 18 -47.74 -6.00 -20.78
N LEU D 19 -48.44 -6.05 -21.91
CA LEU D 19 -48.03 -6.91 -23.03
C LEU D 19 -47.82 -6.02 -24.24
N ILE D 20 -46.68 -6.23 -24.89
CA ILE D 20 -46.30 -5.63 -26.20
C ILE D 20 -46.56 -6.72 -27.23
N ARG D 21 -47.49 -6.46 -28.14
CA ARG D 21 -47.88 -7.38 -29.24
C ARG D 21 -47.14 -6.90 -30.49
N VAL D 22 -46.25 -7.75 -30.99
CA VAL D 22 -45.59 -7.49 -32.29
C VAL D 22 -46.32 -8.36 -33.32
N ARG D 23 -47.10 -7.67 -34.17
CA ARG D 23 -48.13 -8.25 -35.06
C ARG D 23 -47.47 -8.59 -36.42
N SER D 24 -46.50 -7.78 -36.87
CA SER D 24 -45.71 -8.03 -38.11
C SER D 24 -45.05 -9.41 -38.02
N GLN D 25 -44.78 -10.04 -39.17
CA GLN D 25 -43.80 -11.17 -39.27
C GLN D 25 -42.44 -10.65 -38.80
N VAL D 26 -41.77 -11.49 -38.01
CA VAL D 26 -40.34 -11.30 -37.61
C VAL D 26 -39.60 -12.62 -37.88
N LYS D 27 -38.28 -12.54 -38.07
CA LYS D 27 -37.42 -13.73 -38.30
C LYS D 27 -36.91 -14.21 -36.94
N ALA D 28 -36.99 -15.51 -36.69
CA ALA D 28 -36.47 -16.12 -35.45
C ALA D 28 -34.95 -15.94 -35.43
N GLU D 29 -34.28 -15.92 -36.61
CA GLU D 29 -32.84 -15.65 -36.77
C GLU D 29 -32.62 -14.16 -36.49
N HIS D 30 -32.08 -13.85 -35.31
CA HIS D 30 -31.54 -12.54 -34.88
C HIS D 30 -32.64 -11.48 -34.70
N GLU D 31 -33.58 -11.33 -35.64
CA GLU D 31 -34.49 -10.15 -35.69
C GLU D 31 -35.33 -10.11 -34.41
N LEU D 32 -35.80 -11.26 -33.94
CA LEU D 32 -36.78 -11.34 -32.83
C LEU D 32 -36.10 -10.82 -31.56
N ALA D 33 -34.97 -11.42 -31.23
CA ALA D 33 -34.15 -11.00 -30.08
C ALA D 33 -33.83 -9.51 -30.20
N GLY D 34 -33.43 -9.04 -31.39
CA GLY D 34 -33.16 -7.62 -31.66
C GLY D 34 -34.28 -6.70 -31.20
N ILE D 35 -35.53 -7.12 -31.39
CA ILE D 35 -36.73 -6.31 -31.02
C ILE D 35 -36.87 -6.35 -29.50
N ALA D 36 -36.90 -7.55 -28.95
CA ALA D 36 -36.88 -7.78 -27.50
C ALA D 36 -35.84 -6.86 -26.85
N ALA D 37 -34.62 -6.87 -27.38
CA ALA D 37 -33.48 -6.11 -26.84
C ALA D 37 -33.83 -4.63 -26.69
N LYS D 38 -34.60 -4.04 -27.60
CA LYS D 38 -34.94 -2.60 -27.49
C LYS D 38 -35.93 -2.38 -26.35
N TYR D 39 -36.55 -3.42 -25.82
CA TYR D 39 -37.60 -3.28 -24.79
C TYR D 39 -37.06 -3.81 -23.44
N GLU D 40 -35.88 -4.44 -23.42
CA GLU D 40 -35.29 -5.10 -22.22
C GLU D 40 -35.43 -4.15 -21.02
N GLY D 41 -36.08 -4.58 -19.95
CA GLY D 41 -36.12 -3.85 -18.68
C GLY D 41 -37.37 -3.01 -18.47
N CYS D 42 -38.11 -2.65 -19.51
CA CYS D 42 -39.38 -1.88 -19.33
C CYS D 42 -40.44 -2.76 -18.64
N ASP D 43 -41.54 -2.15 -18.21
CA ASP D 43 -42.53 -2.76 -17.30
C ASP D 43 -43.51 -3.63 -18.08
N LYS D 44 -43.09 -4.26 -19.18
CA LYS D 44 -43.95 -5.09 -20.05
C LYS D 44 -43.15 -6.22 -20.67
N ALA D 45 -43.78 -7.35 -20.93
CA ALA D 45 -43.18 -8.43 -21.76
C ALA D 45 -43.58 -8.24 -23.22
N VAL D 46 -43.09 -9.10 -24.09
CA VAL D 46 -43.26 -9.00 -25.56
C VAL D 46 -43.81 -10.33 -26.07
N LEU D 47 -44.97 -10.27 -26.71
CA LEU D 47 -45.54 -11.42 -27.47
C LEU D 47 -45.39 -11.13 -28.96
N PHE D 48 -44.70 -12.03 -29.62
CA PHE D 48 -44.50 -12.02 -31.08
C PHE D 48 -45.60 -12.92 -31.68
N GLU D 49 -46.65 -12.31 -32.21
CA GLU D 49 -47.83 -13.03 -32.79
C GLU D 49 -47.45 -13.82 -34.04
N ASN D 50 -46.34 -13.50 -34.69
CA ASN D 50 -46.00 -14.05 -36.03
C ASN D 50 -44.48 -14.15 -36.17
N VAL D 51 -43.97 -15.36 -36.00
CA VAL D 51 -42.52 -15.68 -36.17
C VAL D 51 -42.35 -16.60 -37.37
N ASP D 52 -41.91 -16.05 -38.50
CA ASP D 52 -41.69 -16.83 -39.75
C ASP D 52 -43.01 -17.50 -40.17
N GLY D 53 -44.14 -16.82 -39.94
CA GLY D 53 -45.49 -17.38 -40.15
C GLY D 53 -45.73 -18.71 -39.44
N ASN D 54 -45.16 -18.95 -38.27
CA ASN D 54 -45.52 -20.08 -37.38
C ASN D 54 -46.94 -19.81 -36.81
N ASP D 55 -47.71 -20.83 -36.46
CA ASP D 55 -49.02 -20.66 -35.74
C ASP D 55 -48.71 -20.33 -34.28
N ILE D 56 -47.50 -20.72 -33.85
CA ILE D 56 -47.02 -20.63 -32.45
C ILE D 56 -46.35 -19.28 -32.28
N PRO D 57 -46.91 -18.42 -31.41
CA PRO D 57 -46.29 -17.15 -31.08
C PRO D 57 -45.16 -17.37 -30.06
N VAL D 58 -44.24 -16.41 -29.88
CA VAL D 58 -43.21 -16.56 -28.80
C VAL D 58 -43.32 -15.38 -27.85
N LEU D 59 -43.22 -15.71 -26.57
CA LEU D 59 -43.21 -14.76 -25.44
C LEU D 59 -41.76 -14.65 -24.96
N MET D 60 -41.35 -13.42 -24.72
CA MET D 60 -40.00 -13.07 -24.28
C MET D 60 -40.16 -11.92 -23.29
N GLY D 61 -39.28 -11.82 -22.30
CA GLY D 61 -39.16 -10.61 -21.46
C GLY D 61 -40.00 -10.70 -20.21
N LEU D 62 -40.39 -11.93 -19.83
CA LEU D 62 -41.22 -12.13 -18.63
C LEU D 62 -40.46 -11.73 -17.35
N TYR D 63 -39.14 -11.88 -17.32
CA TYR D 63 -38.35 -11.80 -16.06
C TYR D 63 -37.53 -10.51 -15.97
N TRP D 64 -37.58 -9.63 -16.96
CA TRP D 64 -36.61 -8.51 -16.97
C TRP D 64 -37.10 -7.32 -16.13
N SER D 65 -38.29 -7.38 -15.55
CA SER D 65 -38.81 -6.28 -14.72
C SER D 65 -39.44 -6.85 -13.45
N ARG D 66 -38.83 -6.55 -12.31
CA ARG D 66 -39.36 -6.97 -11.00
C ARG D 66 -40.73 -6.35 -10.81
N ASP D 67 -40.99 -5.16 -11.36
CA ASP D 67 -42.29 -4.47 -11.19
C ASP D 67 -43.36 -5.36 -11.85
N LEU D 68 -43.07 -5.86 -13.04
CA LEU D 68 -44.00 -6.74 -13.79
C LEU D 68 -44.23 -8.03 -13.01
N LEU D 69 -43.18 -8.73 -12.58
CA LEU D 69 -43.36 -9.99 -11.81
C LEU D 69 -44.17 -9.72 -10.56
N GLY D 70 -43.91 -8.59 -9.90
CA GLY D 70 -44.66 -8.20 -8.70
C GLY D 70 -46.12 -8.04 -9.01
N SER D 71 -46.44 -7.37 -10.11
CA SER D 71 -47.84 -7.09 -10.52
C SER D 71 -48.60 -8.42 -10.67
N LEU D 72 -47.94 -9.49 -11.16
CA LEU D 72 -48.56 -10.82 -11.37
C LEU D 72 -48.99 -11.47 -10.05
N TYR D 73 -48.36 -11.13 -8.93
CA TYR D 73 -48.61 -11.80 -7.63
C TYR D 73 -49.14 -10.80 -6.60
N GLY D 74 -49.33 -9.53 -7.01
CA GLY D 74 -49.84 -8.44 -6.16
C GLY D 74 -48.82 -7.93 -5.14
N VAL D 75 -47.51 -7.97 -5.41
CA VAL D 75 -46.48 -7.47 -4.46
C VAL D 75 -45.67 -6.38 -5.16
N ASP D 76 -45.22 -5.38 -4.40
CA ASP D 76 -44.32 -4.31 -4.90
C ASP D 76 -43.02 -4.97 -5.40
N ALA D 77 -42.35 -4.38 -6.38
CA ALA D 77 -41.05 -4.89 -6.86
C ALA D 77 -40.12 -5.15 -5.67
N VAL D 78 -40.06 -4.19 -4.77
CA VAL D 78 -39.10 -4.23 -3.64
C VAL D 78 -39.38 -5.47 -2.76
N ASP D 79 -40.63 -5.93 -2.64
CA ASP D 79 -40.96 -7.03 -1.70
C ASP D 79 -40.88 -8.39 -2.41
N MET D 80 -40.55 -8.45 -3.71
CA MET D 80 -40.62 -9.74 -4.45
C MET D 80 -39.59 -10.75 -3.95
N PRO D 81 -38.32 -10.37 -3.69
CA PRO D 81 -37.35 -11.34 -3.21
C PRO D 81 -37.82 -11.98 -1.89
N ARG D 82 -38.33 -11.19 -0.96
CA ARG D 82 -38.82 -11.75 0.33
C ARG D 82 -40.02 -12.67 0.06
N PHE D 83 -40.95 -12.21 -0.78
CA PHE D 83 -42.14 -12.99 -1.20
C PHE D 83 -41.69 -14.39 -1.62
N ILE D 84 -40.74 -14.46 -2.54
CA ILE D 84 -40.32 -15.76 -3.10
C ILE D 84 -39.70 -16.61 -1.98
N THR D 85 -38.91 -15.99 -1.10
CA THR D 85 -38.12 -16.71 -0.07
C THR D 85 -39.09 -17.28 0.95
N SER D 86 -40.04 -16.46 1.39
CA SER D 86 -41.11 -16.89 2.32
C SER D 86 -41.79 -18.14 1.75
N LYS D 87 -42.03 -18.16 0.45
CA LYS D 87 -42.77 -19.28 -0.17
C LYS D 87 -41.85 -20.49 -0.20
N ILE D 88 -40.59 -20.33 -0.55
CA ILE D 88 -39.63 -21.46 -0.49
C ILE D 88 -39.49 -21.95 0.96
N SER D 89 -39.62 -21.09 1.97
CA SER D 89 -39.57 -21.49 3.40
C SER D 89 -40.75 -22.39 3.75
N HIS D 90 -41.94 -21.99 3.37
CA HIS D 90 -43.19 -22.77 3.55
C HIS D 90 -43.03 -24.15 2.90
N TRP D 91 -42.46 -24.24 1.70
CA TRP D 91 -42.26 -25.54 0.98
C TRP D 91 -41.29 -26.45 1.74
N LYS D 92 -40.22 -25.86 2.31
CA LYS D 92 -39.18 -26.63 3.03
C LYS D 92 -39.82 -27.25 4.29
N SER D 93 -40.74 -26.51 4.90
CA SER D 93 -41.37 -26.83 6.19
C SER D 93 -42.56 -27.79 5.98
N GLU D 94 -43.38 -27.59 4.96
CA GLU D 94 -44.60 -28.42 4.65
C GLU D 94 -44.73 -28.64 3.16
N PRO D 95 -43.92 -29.53 2.51
CA PRO D 95 -43.95 -29.66 1.06
C PRO D 95 -45.33 -30.14 0.60
N THR D 96 -45.80 -29.69 -0.58
CA THR D 96 -47.01 -30.22 -1.28
C THR D 96 -46.57 -31.33 -2.24
N ALA D 97 -47.09 -32.55 -2.01
CA ALA D 97 -46.88 -33.73 -2.88
C ALA D 97 -47.50 -33.39 -4.24
N HIS D 98 -46.86 -33.82 -5.33
CA HIS D 98 -47.38 -33.58 -6.70
C HIS D 98 -48.69 -34.34 -6.90
N GLN D 99 -49.43 -33.99 -7.95
CA GLN D 99 -50.61 -34.74 -8.42
C GLN D 99 -50.30 -35.39 -9.77
N LEU D 100 -50.13 -36.72 -9.80
CA LEU D 100 -50.00 -37.52 -11.04
C LEU D 100 -51.40 -37.58 -11.67
N ILE D 101 -51.51 -37.35 -12.98
CA ILE D 101 -52.83 -37.34 -13.69
C ILE D 101 -52.71 -38.09 -15.02
N ALA D 102 -53.86 -38.53 -15.52
CA ALA D 102 -53.98 -39.38 -16.72
C ALA D 102 -53.54 -38.57 -17.95
N ARG D 103 -52.85 -39.22 -18.88
CA ARG D 103 -52.37 -38.60 -20.13
C ARG D 103 -53.48 -37.72 -20.79
N GLU D 104 -54.73 -38.16 -20.97
CA GLU D 104 -55.69 -37.36 -21.78
C GLU D 104 -56.34 -36.24 -20.93
N HIS D 105 -55.96 -36.08 -19.66
CA HIS D 105 -56.40 -34.95 -18.79
C HIS D 105 -55.33 -33.84 -18.78
N ALA D 106 -54.12 -34.13 -19.29
CA ALA D 106 -52.93 -33.25 -19.21
C ALA D 106 -52.87 -32.32 -20.43
N PRO D 107 -53.17 -31.00 -20.27
CA PRO D 107 -53.33 -30.11 -21.41
C PRO D 107 -52.19 -30.19 -22.45
N VAL D 108 -50.99 -30.50 -21.98
CA VAL D 108 -49.73 -30.54 -22.80
C VAL D 108 -49.75 -31.77 -23.72
N MET D 109 -50.59 -32.76 -23.45
CA MET D 109 -50.64 -34.04 -24.21
C MET D 109 -51.67 -33.96 -25.34
N ALA D 110 -52.38 -32.83 -25.45
CA ALA D 110 -53.30 -32.50 -26.56
C ALA D 110 -52.75 -33.02 -27.91
N HIS D 111 -51.48 -32.73 -28.28
CA HIS D 111 -50.88 -33.08 -29.62
C HIS D 111 -49.52 -33.77 -29.44
N SER D 112 -49.14 -34.69 -30.33
CA SER D 112 -47.79 -35.33 -30.36
C SER D 112 -47.28 -35.48 -31.79
N PRO D 113 -47.00 -34.38 -32.53
CA PRO D 113 -46.45 -34.47 -33.89
C PRO D 113 -45.20 -35.36 -34.02
N ARG D 114 -44.91 -35.90 -35.21
CA ARG D 114 -43.57 -36.41 -35.57
C ARG D 114 -42.56 -35.36 -35.14
N VAL D 115 -41.50 -35.76 -34.41
CA VAL D 115 -40.50 -34.85 -33.76
C VAL D 115 -39.81 -33.95 -34.80
N ASP D 116 -40.21 -32.68 -34.97
CA ASP D 116 -39.50 -31.71 -35.87
C ASP D 116 -39.23 -30.40 -35.13
N LEU D 117 -38.07 -30.31 -34.47
CA LEU D 117 -37.59 -29.11 -33.72
C LEU D 117 -37.54 -27.88 -34.64
N LEU D 118 -37.29 -28.05 -35.93
CA LEU D 118 -37.21 -26.93 -36.90
C LEU D 118 -38.61 -26.37 -37.24
N SER D 119 -39.70 -27.05 -36.82
CA SER D 119 -41.10 -26.57 -36.98
C SER D 119 -41.47 -25.59 -35.85
N LEU D 120 -40.68 -25.61 -34.77
CA LEU D 120 -40.87 -24.69 -33.62
C LEU D 120 -40.17 -23.37 -33.92
N PRO D 121 -40.77 -22.23 -33.49
CA PRO D 121 -40.18 -20.91 -33.71
C PRO D 121 -39.09 -20.59 -32.67
N ILE D 122 -38.07 -21.44 -32.61
CA ILE D 122 -36.97 -21.34 -31.60
C ILE D 122 -36.01 -20.25 -32.05
N PRO D 123 -35.84 -19.14 -31.31
CA PRO D 123 -34.99 -18.03 -31.75
C PRO D 123 -33.49 -18.37 -31.76
N VAL D 124 -32.77 -17.85 -32.75
CA VAL D 124 -31.31 -17.62 -32.68
C VAL D 124 -31.17 -16.18 -32.15
N HIS D 125 -30.59 -16.04 -30.94
CA HIS D 125 -30.72 -14.82 -30.10
C HIS D 125 -29.60 -13.82 -30.45
N ALA D 126 -28.41 -14.03 -29.89
CA ALA D 126 -27.24 -13.14 -30.10
C ALA D 126 -26.58 -13.50 -31.43
N GLN D 127 -25.98 -12.50 -32.08
CA GLN D 127 -25.50 -12.58 -33.48
C GLN D 127 -24.46 -13.69 -33.68
N LYS D 128 -23.78 -14.18 -32.65
CA LYS D 128 -22.73 -15.22 -32.83
C LYS D 128 -23.11 -16.53 -32.13
N ASP D 129 -24.36 -16.66 -31.66
CA ASP D 129 -24.87 -17.91 -31.05
C ASP D 129 -24.67 -19.04 -32.06
N GLY D 130 -24.22 -20.22 -31.64
CA GLY D 130 -23.89 -21.35 -32.54
C GLY D 130 -25.13 -22.01 -33.16
N GLY D 131 -26.31 -21.47 -32.85
CA GLY D 131 -27.59 -21.95 -33.38
C GLY D 131 -28.76 -21.42 -32.59
N ALA D 132 -29.95 -21.93 -32.89
CA ALA D 132 -31.19 -21.65 -32.15
C ALA D 132 -31.08 -22.36 -30.82
N TYR D 133 -31.64 -21.75 -29.78
CA TYR D 133 -31.55 -22.23 -28.39
C TYR D 133 -32.92 -22.19 -27.73
N VAL D 134 -33.17 -23.21 -26.95
CA VAL D 134 -34.22 -23.13 -25.90
C VAL D 134 -33.45 -22.92 -24.58
N ASP D 135 -33.84 -21.86 -23.90
CA ASP D 135 -33.16 -21.31 -22.71
C ASP D 135 -34.18 -20.95 -21.61
N ALA D 136 -35.47 -21.26 -21.75
CA ALA D 136 -36.52 -21.02 -20.72
C ALA D 136 -37.10 -22.34 -20.24
N GLY D 137 -36.58 -23.39 -20.84
CA GLY D 137 -37.03 -24.77 -20.62
C GLY D 137 -36.50 -25.26 -19.29
N VAL D 138 -37.41 -25.78 -18.50
CA VAL D 138 -37.15 -26.44 -17.19
C VAL D 138 -37.05 -27.95 -17.41
N VAL D 139 -35.92 -28.52 -17.03
CA VAL D 139 -35.64 -29.99 -17.11
C VAL D 139 -36.17 -30.66 -15.85
N ILE D 140 -37.08 -31.60 -15.99
CA ILE D 140 -37.46 -32.56 -14.91
C ILE D 140 -36.88 -33.95 -15.23
N ALA D 141 -36.14 -34.51 -14.29
CA ALA D 141 -35.37 -35.76 -14.41
C ALA D 141 -35.50 -36.54 -13.11
N ALA D 142 -35.72 -37.85 -13.20
CA ALA D 142 -35.85 -38.75 -12.05
C ALA D 142 -34.49 -39.39 -11.79
N ASP D 143 -34.08 -39.40 -10.52
CA ASP D 143 -32.93 -40.19 -10.02
C ASP D 143 -33.03 -41.63 -10.49
N PRO D 144 -32.12 -42.08 -11.39
CA PRO D 144 -32.04 -43.50 -11.80
C PRO D 144 -31.97 -44.58 -10.71
N ASP D 145 -31.55 -44.23 -9.48
CA ASP D 145 -31.47 -45.15 -8.31
C ASP D 145 -32.75 -45.06 -7.44
N THR D 146 -33.19 -43.83 -7.12
CA THR D 146 -34.22 -43.52 -6.07
C THR D 146 -35.49 -42.88 -6.67
N GLY D 147 -35.53 -42.59 -7.98
CA GLY D 147 -36.72 -42.01 -8.66
C GLY D 147 -37.09 -40.60 -8.20
N VAL D 148 -36.35 -40.00 -7.24
CA VAL D 148 -36.58 -38.62 -6.70
C VAL D 148 -36.33 -37.59 -7.81
N LEU D 149 -37.25 -36.65 -7.98
CA LEU D 149 -37.21 -35.67 -9.08
C LEU D 149 -36.16 -34.57 -8.81
N ASN D 150 -35.63 -34.02 -9.89
CA ASN D 150 -34.76 -32.82 -9.84
C ASN D 150 -35.21 -31.91 -10.98
N THR D 151 -35.34 -30.64 -10.68
CA THR D 151 -35.83 -29.58 -11.59
C THR D 151 -34.70 -28.53 -11.71
N SER D 152 -34.19 -28.38 -12.92
CA SER D 152 -33.08 -27.46 -13.25
C SER D 152 -33.44 -26.76 -14.55
N ILE D 153 -32.66 -25.76 -14.92
CA ILE D 153 -32.83 -25.00 -16.18
C ILE D 153 -31.45 -24.91 -16.81
N GLN D 154 -31.38 -25.14 -18.10
CA GLN D 154 -30.13 -25.41 -18.84
C GLN D 154 -30.38 -24.94 -20.26
N ARG D 155 -29.34 -24.47 -20.93
CA ARG D 155 -29.43 -24.05 -22.34
C ARG D 155 -29.28 -25.29 -23.20
N PHE D 156 -30.15 -25.45 -24.20
CA PHE D 156 -30.09 -26.51 -25.23
C PHE D 156 -30.04 -25.85 -26.61
N MET D 157 -29.04 -26.22 -27.40
CA MET D 157 -28.85 -25.75 -28.79
C MET D 157 -29.49 -26.81 -29.70
N VAL D 158 -30.25 -26.39 -30.72
CA VAL D 158 -30.80 -27.31 -31.75
C VAL D 158 -29.69 -27.62 -32.77
N GLU D 159 -29.37 -28.90 -32.96
CA GLU D 159 -28.39 -29.36 -34.00
C GLU D 159 -29.17 -29.62 -35.29
N ASN D 160 -30.24 -30.42 -35.20
CA ASN D 160 -31.11 -30.85 -36.33
C ASN D 160 -32.51 -31.12 -35.75
N GLU D 161 -33.41 -31.66 -36.55
CA GLU D 161 -34.86 -31.80 -36.24
C GLU D 161 -35.14 -32.67 -34.99
N ASN D 162 -34.20 -33.52 -34.55
CA ASN D 162 -34.42 -34.48 -33.42
C ASN D 162 -33.27 -34.49 -32.40
N THR D 163 -32.23 -33.66 -32.57
CA THR D 163 -31.06 -33.63 -31.64
C THR D 163 -30.87 -32.21 -31.06
N LEU D 164 -30.62 -32.13 -29.75
CA LEU D 164 -30.13 -30.91 -29.03
C LEU D 164 -28.73 -31.17 -28.46
N HIS D 165 -27.91 -30.12 -28.32
CA HIS D 165 -26.68 -30.17 -27.47
C HIS D 165 -26.92 -29.29 -26.24
N VAL D 166 -26.70 -29.84 -25.06
CA VAL D 166 -27.00 -29.19 -23.76
C VAL D 166 -25.69 -28.86 -23.04
N ASN D 167 -25.72 -27.76 -22.27
CA ASN D 167 -24.62 -27.30 -21.39
C ASN D 167 -24.99 -27.66 -19.96
N ILE D 168 -24.18 -28.49 -19.31
CA ILE D 168 -24.36 -28.90 -17.90
C ILE D 168 -23.14 -28.42 -17.13
N ASP D 169 -23.30 -27.37 -16.32
CA ASP D 169 -22.19 -26.80 -15.50
C ASP D 169 -21.70 -27.86 -14.52
N ALA D 170 -20.47 -27.71 -14.00
CA ALA D 170 -19.87 -28.58 -12.97
C ALA D 170 -20.76 -28.53 -11.70
N GLY D 171 -21.00 -29.68 -11.06
CA GLY D 171 -21.69 -29.81 -9.76
C GLY D 171 -23.20 -29.64 -9.86
N ARG D 172 -23.75 -29.50 -11.07
CA ARG D 172 -25.20 -29.52 -11.33
C ARG D 172 -25.80 -30.89 -10.98
N HIS D 173 -27.06 -30.90 -10.53
CA HIS D 173 -27.75 -32.16 -10.11
C HIS D 173 -28.02 -33.03 -11.34
N LEU D 174 -28.33 -32.41 -12.48
CA LEU D 174 -28.53 -33.15 -13.75
C LEU D 174 -27.24 -33.91 -14.08
N GLY D 175 -26.08 -33.28 -13.85
CA GLY D 175 -24.76 -33.89 -14.05
C GLY D 175 -24.67 -35.19 -13.24
N ALA D 176 -25.06 -35.14 -11.97
CA ALA D 176 -24.98 -36.26 -11.00
C ALA D 176 -25.93 -37.41 -11.41
N TYR D 177 -27.15 -37.10 -11.87
CA TYR D 177 -28.14 -38.10 -12.35
C TYR D 177 -27.60 -38.80 -13.60
N LEU D 178 -26.90 -38.07 -14.46
CA LEU D 178 -26.24 -38.64 -15.67
C LEU D 178 -25.14 -39.63 -15.23
N ALA D 179 -24.36 -39.33 -14.18
CA ALA D 179 -23.29 -40.21 -13.64
C ALA D 179 -23.90 -41.57 -13.23
N LYS D 180 -25.14 -41.56 -12.73
CA LYS D 180 -25.87 -42.77 -12.23
C LYS D 180 -26.37 -43.63 -13.40
N ALA D 181 -26.99 -43.02 -14.40
CA ALA D 181 -27.44 -43.70 -15.65
C ALA D 181 -26.25 -44.33 -16.38
N LYS D 182 -25.09 -43.66 -16.33
CA LYS D 182 -23.79 -44.09 -16.90
C LYS D 182 -23.22 -45.22 -16.06
N ALA D 183 -23.90 -45.67 -15.00
CA ALA D 183 -23.71 -47.00 -14.35
C ALA D 183 -24.87 -47.94 -14.72
N LYS D 184 -25.23 -48.02 -16.02
CA LYS D 184 -26.23 -48.93 -16.63
C LYS D 184 -26.08 -48.91 -18.16
N PRO D 187 -28.30 -44.93 -19.59
CA PRO D 187 -28.55 -43.65 -20.30
C PRO D 187 -29.74 -42.90 -19.69
N LEU D 188 -29.73 -41.56 -19.66
CA LEU D 188 -30.68 -40.78 -18.80
C LEU D 188 -31.79 -40.16 -19.66
N SER D 189 -33.03 -40.50 -19.28
CA SER D 189 -34.27 -39.92 -19.82
C SER D 189 -34.68 -38.75 -18.93
N PHE D 190 -35.40 -37.78 -19.48
CA PHE D 190 -35.96 -36.63 -18.74
C PHE D 190 -36.89 -35.89 -19.70
N SER D 191 -37.63 -34.91 -19.17
CA SER D 191 -38.46 -34.00 -19.97
C SER D 191 -37.88 -32.59 -19.92
N LEU D 192 -38.09 -31.84 -21.00
CA LEU D 192 -37.74 -30.42 -21.14
C LEU D 192 -39.04 -29.65 -21.29
N ASN D 193 -39.45 -28.90 -20.29
CA ASN D 193 -40.80 -28.32 -20.21
C ASN D 193 -40.69 -26.82 -20.50
N ILE D 194 -41.12 -26.40 -21.69
CA ILE D 194 -41.00 -25.01 -22.19
C ILE D 194 -42.33 -24.29 -22.00
N GLY D 195 -42.33 -23.04 -21.52
CA GLY D 195 -43.55 -22.26 -21.26
C GLY D 195 -44.21 -22.67 -19.95
N VAL D 196 -43.50 -22.50 -18.84
CA VAL D 196 -43.96 -22.82 -17.48
C VAL D 196 -44.16 -21.50 -16.74
N HIS D 197 -44.89 -21.53 -15.63
CA HIS D 197 -45.12 -20.29 -14.85
C HIS D 197 -43.95 -20.03 -13.92
N PRO D 198 -43.81 -18.79 -13.41
CA PRO D 198 -42.65 -18.40 -12.62
C PRO D 198 -42.33 -19.32 -11.43
N GLY D 199 -43.37 -19.85 -10.76
CA GLY D 199 -43.21 -20.86 -9.70
C GLY D 199 -42.30 -22.00 -10.13
N VAL D 200 -42.45 -22.50 -11.36
CA VAL D 200 -41.61 -23.63 -11.85
C VAL D 200 -40.21 -23.09 -12.10
N HIS D 201 -40.12 -21.88 -12.63
CA HIS D 201 -38.84 -21.21 -12.99
C HIS D 201 -37.98 -21.07 -11.72
N PHE D 202 -38.58 -20.53 -10.66
CA PHE D 202 -37.90 -20.35 -9.36
C PHE D 202 -37.51 -21.69 -8.77
N ALA D 203 -38.32 -22.73 -8.91
CA ALA D 203 -37.99 -24.10 -8.44
C ALA D 203 -36.70 -24.54 -9.16
N ALA D 204 -36.70 -24.36 -10.46
CA ALA D 204 -35.63 -24.79 -11.37
C ALA D 204 -34.34 -24.08 -10.95
N ALA D 205 -34.43 -22.80 -10.63
CA ALA D 205 -33.26 -21.93 -10.37
C ALA D 205 -32.87 -22.00 -8.91
N THR D 206 -33.63 -22.68 -8.05
CA THR D 206 -33.30 -22.74 -6.60
C THR D 206 -32.00 -23.51 -6.44
N PRO D 207 -30.99 -22.91 -5.78
CA PRO D 207 -29.66 -23.53 -5.70
C PRO D 207 -29.59 -24.75 -4.75
N SER D 208 -28.49 -25.49 -4.91
CA SER D 208 -28.13 -26.74 -4.20
C SER D 208 -28.29 -26.64 -2.67
N GLU D 209 -27.92 -25.52 -2.04
CA GLU D 209 -27.84 -25.45 -0.55
C GLU D 209 -29.23 -25.19 0.03
N VAL D 210 -30.22 -24.86 -0.80
CA VAL D 210 -31.66 -24.73 -0.37
C VAL D 210 -32.38 -26.07 -0.60
N ALA D 211 -32.12 -26.70 -1.76
CA ALA D 211 -32.67 -28.00 -2.18
C ALA D 211 -31.52 -28.95 -2.51
N PRO D 212 -31.00 -29.75 -1.54
CA PRO D 212 -29.95 -30.75 -1.82
C PRO D 212 -30.30 -31.77 -2.93
N LEU D 213 -29.33 -32.62 -3.28
CA LEU D 213 -29.40 -33.60 -4.41
C LEU D 213 -30.56 -34.58 -4.17
N ASP D 214 -30.65 -35.11 -2.95
CA ASP D 214 -31.63 -36.13 -2.49
C ASP D 214 -33.02 -35.51 -2.23
N VAL D 215 -33.33 -34.31 -2.76
CA VAL D 215 -34.59 -33.58 -2.42
C VAL D 215 -35.21 -32.97 -3.70
N ASP D 216 -36.56 -32.96 -3.73
CA ASP D 216 -37.46 -32.66 -4.87
C ASP D 216 -37.96 -31.22 -4.77
N GLU D 217 -37.29 -30.30 -5.47
CA GLU D 217 -37.51 -28.84 -5.31
C GLU D 217 -38.77 -28.42 -6.08
N LEU D 218 -39.38 -29.31 -6.87
CA LEU D 218 -40.47 -28.92 -7.80
C LEU D 218 -41.71 -28.44 -7.03
N GLY D 219 -41.91 -28.93 -5.82
CA GLY D 219 -43.02 -28.49 -4.94
C GLY D 219 -42.98 -27.00 -4.67
N ILE D 220 -41.81 -26.38 -4.86
CA ILE D 220 -41.70 -24.91 -4.66
C ILE D 220 -42.79 -24.26 -5.53
N ALA D 221 -42.98 -24.79 -6.73
CA ALA D 221 -43.92 -24.24 -7.73
C ALA D 221 -45.34 -24.22 -7.14
N ALA D 222 -45.67 -25.18 -6.29
CA ALA D 222 -47.04 -25.37 -5.74
C ALA D 222 -47.42 -24.15 -4.90
N GLU D 223 -46.42 -23.42 -4.42
CA GLU D 223 -46.63 -22.27 -3.50
C GLU D 223 -47.12 -21.06 -4.30
N PHE D 224 -46.98 -21.07 -5.63
CA PHE D 224 -47.35 -19.95 -6.52
C PHE D 224 -48.59 -20.27 -7.36
N GLN D 225 -49.31 -21.34 -6.98
CA GLN D 225 -50.58 -21.75 -7.64
C GLN D 225 -51.52 -22.34 -6.59
N ASP D 226 -52.82 -22.29 -6.86
CA ASP D 226 -53.84 -23.09 -6.13
C ASP D 226 -53.49 -24.56 -6.35
N GLY D 227 -53.48 -25.34 -5.29
CA GLY D 227 -53.31 -26.80 -5.37
C GLY D 227 -51.90 -27.20 -5.78
N PRO D 228 -51.73 -28.51 -6.03
CA PRO D 228 -50.41 -29.10 -6.23
C PRO D 228 -49.97 -29.01 -7.70
N VAL D 229 -48.68 -29.18 -7.91
CA VAL D 229 -48.07 -29.26 -9.27
C VAL D 229 -48.60 -30.52 -9.93
N ARG D 230 -49.21 -30.38 -11.10
CA ARG D 230 -49.72 -31.51 -11.89
C ARG D 230 -48.58 -32.03 -12.78
N ILE D 231 -48.26 -33.32 -12.61
CA ILE D 231 -47.31 -34.09 -13.46
C ILE D 231 -48.08 -35.22 -14.17
N VAL D 232 -47.43 -35.88 -15.13
CA VAL D 232 -48.04 -36.95 -15.98
C VAL D 232 -46.93 -37.86 -16.51
N GLN D 233 -47.16 -39.17 -16.50
CA GLN D 233 -46.27 -40.18 -17.12
C GLN D 233 -46.02 -39.76 -18.56
N GLY D 234 -44.77 -39.79 -19.01
CA GLY D 234 -44.43 -39.61 -20.43
C GLY D 234 -44.68 -40.89 -21.20
N ASP D 235 -44.39 -40.90 -22.49
CA ASP D 235 -44.31 -42.13 -23.34
C ASP D 235 -43.10 -42.99 -22.96
N ASP D 236 -42.20 -42.57 -22.05
CA ASP D 236 -40.83 -43.16 -21.96
C ASP D 236 -40.78 -44.64 -21.55
N PRO D 237 -41.13 -45.12 -20.32
CA PRO D 237 -41.68 -44.33 -19.21
C PRO D 237 -40.77 -44.05 -18.01
N ARG D 238 -39.45 -43.94 -18.17
CA ARG D 238 -38.51 -43.50 -17.09
C ARG D 238 -38.69 -41.98 -16.80
N VAL D 239 -39.47 -41.23 -17.61
CA VAL D 239 -39.63 -39.73 -17.52
C VAL D 239 -40.97 -39.31 -16.92
N THR D 240 -40.98 -38.09 -16.40
CA THR D 240 -42.13 -37.39 -15.78
C THR D 240 -42.26 -36.03 -16.47
N VAL D 241 -43.45 -35.69 -16.94
CA VAL D 241 -43.72 -34.47 -17.74
C VAL D 241 -44.56 -33.50 -16.91
N LEU D 242 -44.32 -32.21 -17.08
CA LEU D 242 -45.11 -31.17 -16.40
C LEU D 242 -46.40 -30.94 -17.18
N ALA D 243 -47.54 -31.21 -16.57
CA ALA D 243 -48.82 -31.32 -17.30
C ALA D 243 -49.24 -29.96 -17.88
N ASP D 244 -48.86 -28.86 -17.23
CA ASP D 244 -49.42 -27.52 -17.54
C ASP D 244 -48.42 -26.71 -18.38
N ALA D 245 -47.30 -27.31 -18.77
CA ALA D 245 -46.34 -26.73 -19.75
C ALA D 245 -47.10 -26.36 -21.03
N MET D 246 -46.57 -25.40 -21.79
CA MET D 246 -47.06 -25.07 -23.16
C MET D 246 -46.61 -26.16 -24.11
N ILE D 247 -45.35 -26.55 -23.99
CA ILE D 247 -44.67 -27.56 -24.84
C ILE D 247 -43.84 -28.43 -23.90
N SER D 248 -43.65 -29.71 -24.20
CA SER D 248 -42.75 -30.58 -23.40
C SER D 248 -42.05 -31.57 -24.32
N LEU D 249 -40.75 -31.74 -24.14
CA LEU D 249 -39.93 -32.63 -25.00
C LEU D 249 -39.46 -33.80 -24.14
N GLU D 250 -39.85 -35.02 -24.51
CA GLU D 250 -39.26 -36.24 -23.93
C GLU D 250 -37.89 -36.41 -24.57
N CYS D 251 -36.88 -36.66 -23.75
CA CYS D 251 -35.45 -36.55 -24.13
C CYS D 251 -34.68 -37.70 -23.50
N GLN D 252 -33.63 -38.12 -24.20
CA GLN D 252 -32.68 -39.16 -23.74
C GLN D 252 -31.26 -38.70 -24.06
N MET D 253 -30.31 -38.98 -23.15
CA MET D 253 -28.90 -38.52 -23.25
C MET D 253 -27.97 -39.60 -22.67
N TYR D 254 -26.98 -40.04 -23.44
CA TYR D 254 -25.92 -41.01 -23.02
C TYR D 254 -24.68 -40.23 -22.54
N ALA D 255 -24.06 -40.63 -21.43
CA ALA D 255 -22.72 -40.12 -20.99
C ALA D 255 -21.67 -40.34 -22.09
N ASP D 256 -20.54 -39.62 -22.03
CA ASP D 256 -19.37 -39.82 -22.93
C ASP D 256 -19.79 -39.73 -24.41
N ASP D 257 -20.79 -38.88 -24.70
CA ASP D 257 -21.36 -38.70 -26.05
C ASP D 257 -21.44 -37.20 -26.33
N LEU D 258 -20.32 -36.59 -26.72
CA LEU D 258 -20.15 -35.10 -26.74
C LEU D 258 -20.21 -34.62 -28.20
N ALA D 259 -20.60 -33.35 -28.42
CA ALA D 259 -20.67 -32.69 -29.74
C ALA D 259 -20.64 -31.15 -29.57
N ASP D 260 -20.06 -30.43 -30.52
CA ASP D 260 -19.79 -28.97 -30.42
C ASP D 260 -21.11 -28.23 -30.14
N GLU D 261 -21.20 -27.50 -29.00
CA GLU D 261 -22.29 -26.53 -28.69
C GLU D 261 -21.72 -25.18 -28.24
N GLY D 262 -22.52 -24.14 -28.46
CA GLY D 262 -22.12 -22.73 -28.29
C GLY D 262 -21.72 -22.17 -29.65
N PRO D 263 -21.33 -20.89 -29.73
CA PRO D 263 -21.32 -20.01 -28.56
C PRO D 263 -22.75 -19.71 -28.09
N PHE D 264 -22.88 -19.19 -26.88
CA PHE D 264 -24.13 -18.64 -26.32
C PHE D 264 -23.75 -17.54 -25.31
N ALA D 265 -24.64 -16.58 -25.06
CA ALA D 265 -24.39 -15.51 -24.06
C ALA D 265 -24.32 -16.10 -22.64
N GLU D 266 -23.30 -15.73 -21.88
CA GLU D 266 -23.18 -15.94 -20.41
C GLU D 266 -23.60 -14.67 -19.63
N VAL D 267 -23.84 -14.78 -18.32
CA VAL D 267 -24.31 -13.63 -17.46
C VAL D 267 -23.33 -12.47 -17.60
N THR D 268 -22.05 -12.78 -17.81
CA THR D 268 -20.98 -11.78 -17.94
C THR D 268 -21.31 -10.80 -19.08
N GLY D 269 -22.07 -11.18 -20.10
CA GLY D 269 -22.28 -10.32 -21.28
C GLY D 269 -21.31 -10.65 -22.40
N TYR D 270 -20.60 -11.79 -22.26
CA TYR D 270 -19.59 -12.30 -23.21
C TYR D 270 -20.08 -13.66 -23.71
N TYR D 271 -19.45 -14.23 -24.73
CA TYR D 271 -19.90 -15.53 -25.31
C TYR D 271 -19.24 -16.67 -24.55
N ALA D 272 -19.95 -17.77 -24.37
CA ALA D 272 -19.37 -19.07 -24.01
C ALA D 272 -18.52 -19.58 -25.18
N GLU D 273 -17.46 -20.31 -24.85
CA GLU D 273 -16.61 -21.00 -25.84
C GLU D 273 -17.44 -22.14 -26.43
N ARG D 274 -17.54 -22.22 -27.75
CA ARG D 274 -18.01 -23.44 -28.48
C ARG D 274 -17.13 -24.62 -28.08
N ALA D 275 -17.71 -25.74 -27.65
CA ALA D 275 -16.92 -26.89 -27.13
C ALA D 275 -17.75 -28.17 -27.10
N PRO D 276 -17.08 -29.35 -27.07
CA PRO D 276 -17.78 -30.63 -26.99
C PRO D 276 -18.57 -30.75 -25.67
N ARG D 277 -19.91 -30.77 -25.76
CA ARG D 277 -20.85 -30.92 -24.61
C ARG D 277 -21.98 -31.90 -24.96
N PRO D 278 -22.62 -32.54 -23.96
CA PRO D 278 -23.50 -33.69 -24.20
C PRO D 278 -24.61 -33.52 -25.24
N ARG D 279 -24.76 -34.51 -26.12
CA ARG D 279 -25.87 -34.54 -27.12
C ARG D 279 -27.06 -35.24 -26.48
N VAL D 280 -28.22 -34.68 -26.73
CA VAL D 280 -29.50 -35.19 -26.16
C VAL D 280 -30.42 -35.33 -27.38
N THR D 281 -31.15 -36.44 -27.40
CA THR D 281 -31.95 -36.85 -28.57
C THR D 281 -33.41 -36.80 -28.12
N VAL D 282 -34.26 -36.13 -28.91
CA VAL D 282 -35.68 -35.79 -28.56
C VAL D 282 -36.61 -36.89 -29.08
N THR D 283 -37.07 -37.77 -28.17
CA THR D 283 -37.83 -39.02 -28.44
C THR D 283 -39.30 -38.69 -28.78
N ALA D 284 -39.84 -37.56 -28.31
CA ALA D 284 -41.28 -37.22 -28.46
C ALA D 284 -41.49 -35.73 -28.17
N VAL D 285 -42.62 -35.17 -28.64
CA VAL D 285 -43.01 -33.74 -28.47
C VAL D 285 -44.50 -33.67 -28.15
N HIS D 286 -44.85 -32.92 -27.11
CA HIS D 286 -46.22 -32.70 -26.60
C HIS D 286 -46.51 -31.19 -26.62
N LEU D 287 -47.72 -30.79 -26.99
CA LEU D 287 -48.12 -29.36 -27.09
C LEU D 287 -49.57 -29.19 -26.60
N GLN D 288 -49.88 -28.15 -25.83
CA GLN D 288 -51.28 -27.70 -25.61
C GLN D 288 -51.84 -27.28 -26.99
N ARG D 289 -53.15 -27.10 -27.13
CA ARG D 289 -53.64 -26.28 -28.26
C ARG D 289 -53.46 -24.82 -27.80
N ASN D 290 -53.16 -23.93 -28.75
CA ASN D 290 -52.86 -22.50 -28.51
C ASN D 290 -51.61 -22.38 -27.66
N PRO D 291 -50.54 -23.14 -28.03
CA PRO D 291 -49.29 -23.13 -27.28
C PRO D 291 -48.62 -21.78 -27.59
N VAL D 292 -47.95 -21.16 -26.60
CA VAL D 292 -46.98 -20.06 -26.89
C VAL D 292 -45.60 -20.59 -26.50
N PHE D 293 -44.63 -20.35 -27.36
CA PHE D 293 -43.21 -20.72 -27.10
C PHE D 293 -42.59 -19.63 -26.25
N HIS D 294 -41.99 -20.03 -25.11
CA HIS D 294 -41.39 -19.07 -24.13
C HIS D 294 -39.88 -19.10 -24.28
N SER D 295 -39.29 -17.94 -24.57
CA SER D 295 -37.82 -17.75 -24.58
C SER D 295 -37.41 -16.63 -23.61
N ILE D 296 -36.15 -16.71 -23.20
CA ILE D 296 -35.53 -15.70 -22.31
C ILE D 296 -34.47 -14.98 -23.14
N LEU D 297 -34.51 -13.66 -23.15
CA LEU D 297 -33.36 -12.85 -23.63
C LEU D 297 -32.26 -12.80 -22.54
N SER D 298 -31.07 -13.34 -22.83
CA SER D 298 -29.87 -13.18 -21.96
C SER D 298 -29.72 -11.70 -21.59
N GLY D 299 -29.48 -11.47 -20.29
CA GLY D 299 -29.43 -10.10 -19.73
C GLY D 299 -30.26 -9.98 -18.48
N GLN D 300 -31.02 -8.89 -18.37
CA GLN D 300 -31.81 -8.61 -17.14
C GLN D 300 -32.73 -9.78 -16.78
N GLU D 301 -33.20 -10.54 -17.76
CA GLU D 301 -34.14 -11.67 -17.48
C GLU D 301 -33.37 -12.61 -16.55
N VAL D 302 -32.08 -12.78 -16.79
CA VAL D 302 -31.26 -13.73 -15.97
C VAL D 302 -30.82 -13.03 -14.68
N PHE D 303 -30.39 -11.77 -14.75
CA PHE D 303 -29.95 -11.00 -13.56
C PHE D 303 -31.05 -11.03 -12.49
N ASN D 304 -32.28 -10.69 -12.86
CA ASN D 304 -33.43 -10.74 -11.93
C ASN D 304 -33.70 -12.17 -11.46
N SER D 305 -33.56 -13.23 -12.26
CA SER D 305 -33.83 -14.61 -11.78
C SER D 305 -32.92 -14.89 -10.59
N VAL D 306 -31.67 -14.46 -10.69
CA VAL D 306 -30.64 -14.76 -9.68
C VAL D 306 -30.83 -13.84 -8.47
N GLY D 307 -30.99 -12.56 -8.70
CA GLY D 307 -31.20 -11.55 -7.64
C GLY D 307 -32.43 -11.83 -6.80
N LEU D 308 -33.55 -12.21 -7.42
CA LEU D 308 -34.83 -12.41 -6.68
C LEU D 308 -34.67 -13.61 -5.75
N LEU D 309 -33.94 -14.63 -6.19
CA LEU D 309 -33.68 -15.84 -5.37
C LEU D 309 -32.57 -15.62 -4.35
N GLY D 310 -31.59 -14.78 -4.61
CA GLY D 310 -30.34 -14.71 -3.81
C GLY D 310 -30.30 -13.58 -2.79
N GLU D 311 -30.96 -12.45 -3.06
CA GLU D 311 -30.85 -11.23 -2.22
C GLU D 311 -31.36 -11.46 -0.80
N SER D 312 -32.46 -12.16 -0.61
CA SER D 312 -33.02 -12.31 0.74
C SER D 312 -32.01 -13.05 1.64
N ALA D 313 -31.38 -14.12 1.16
CA ALA D 313 -30.43 -14.91 1.97
C ALA D 313 -29.22 -14.02 2.35
N LEU D 314 -28.77 -13.24 1.38
CA LEU D 314 -27.60 -12.35 1.52
C LEU D 314 -27.92 -11.28 2.57
N PHE D 315 -29.06 -10.61 2.42
CA PHE D 315 -29.52 -9.62 3.41
C PHE D 315 -29.63 -10.30 4.79
N ASP D 316 -30.17 -11.50 4.83
CA ASP D 316 -30.38 -12.22 6.12
C ASP D 316 -29.02 -12.43 6.78
N GLN D 317 -28.01 -12.75 6.00
CA GLN D 317 -26.69 -13.15 6.53
C GLN D 317 -25.97 -11.90 7.00
N VAL D 318 -26.05 -10.83 6.22
CA VAL D 318 -25.34 -9.57 6.58
C VAL D 318 -26.05 -8.90 7.75
N SER D 319 -27.40 -8.81 7.79
CA SER D 319 -28.11 -8.06 8.87
C SER D 319 -27.94 -8.79 10.17
N LYS D 320 -27.63 -10.08 10.12
CA LYS D 320 -27.40 -10.88 11.34
C LYS D 320 -26.03 -10.48 11.94
N GLN D 321 -25.05 -10.07 11.15
CA GLN D 321 -23.66 -9.82 11.59
C GLN D 321 -23.42 -8.32 11.79
N VAL D 322 -24.32 -7.47 11.30
CA VAL D 322 -24.10 -6.00 11.27
C VAL D 322 -25.41 -5.31 11.57
N PRO D 323 -25.43 -4.33 12.48
CA PRO D 323 -26.65 -3.57 12.76
C PRO D 323 -27.05 -2.57 11.67
N GLY D 324 -28.36 -2.39 11.48
CA GLY D 324 -28.88 -1.28 10.66
C GLY D 324 -28.87 -1.60 9.18
N ILE D 325 -28.70 -2.86 8.79
CA ILE D 325 -28.84 -3.21 7.34
C ILE D 325 -30.32 -3.09 6.93
N LEU D 326 -30.62 -2.42 5.82
CA LEU D 326 -31.99 -2.19 5.30
C LEU D 326 -32.27 -3.00 4.02
N GLU D 327 -31.31 -3.12 3.10
CA GLU D 327 -31.56 -3.78 1.79
C GLU D 327 -30.23 -4.08 1.12
N VAL D 328 -30.21 -5.09 0.28
CA VAL D 328 -29.05 -5.51 -0.52
C VAL D 328 -29.51 -5.66 -1.98
N ALA D 329 -28.81 -5.07 -2.94
CA ALA D 329 -29.15 -5.22 -4.34
C ALA D 329 -28.01 -5.95 -5.05
N LEU D 330 -28.33 -7.02 -5.77
CA LEU D 330 -27.39 -7.62 -6.73
C LEU D 330 -27.67 -6.91 -8.04
N THR D 331 -27.01 -5.81 -8.31
CA THR D 331 -27.38 -4.87 -9.38
C THR D 331 -27.28 -5.53 -10.75
N ASP D 332 -28.08 -5.01 -11.69
CA ASP D 332 -28.07 -5.41 -13.12
C ASP D 332 -26.71 -5.02 -13.73
N GLY D 333 -26.13 -3.86 -13.35
CA GLY D 333 -24.79 -3.51 -13.85
C GLY D 333 -23.83 -4.65 -13.56
N GLY D 334 -23.97 -5.30 -12.40
CA GLY D 334 -23.03 -6.36 -12.04
C GLY D 334 -23.48 -7.72 -12.51
N CYS D 335 -24.37 -7.79 -13.49
CA CYS D 335 -24.84 -9.09 -14.02
C CYS D 335 -25.53 -9.92 -12.93
N GLY D 336 -26.17 -9.25 -11.97
CA GLY D 336 -26.90 -9.90 -10.86
C GLY D 336 -26.04 -10.91 -10.13
N PHE D 337 -24.77 -10.63 -9.95
CA PHE D 337 -23.81 -11.65 -9.50
C PHE D 337 -22.49 -11.04 -8.99
N TYR D 338 -22.02 -9.93 -9.57
CA TYR D 338 -20.65 -9.42 -9.38
C TYR D 338 -20.61 -8.16 -8.52
N HIS D 339 -21.72 -7.44 -8.42
CA HIS D 339 -21.78 -6.20 -7.61
C HIS D 339 -22.95 -6.26 -6.64
N ALA D 340 -22.68 -6.09 -5.36
CA ALA D 340 -23.73 -5.96 -4.35
C ALA D 340 -23.63 -4.56 -3.75
N VAL D 341 -24.75 -3.87 -3.70
CA VAL D 341 -24.89 -2.59 -2.97
C VAL D 341 -25.66 -2.87 -1.70
N VAL D 342 -25.14 -2.46 -0.57
CA VAL D 342 -25.78 -2.70 0.74
C VAL D 342 -26.19 -1.36 1.27
N GLN D 343 -27.42 -1.23 1.68
CA GLN D 343 -27.93 0.04 2.19
C GLN D 343 -28.08 -0.11 3.69
N LEU D 344 -27.54 0.82 4.47
CA LEU D 344 -27.75 0.72 5.93
C LEU D 344 -27.99 2.09 6.53
N LYS D 345 -28.47 2.06 7.78
CA LYS D 345 -28.68 3.24 8.65
C LYS D 345 -27.58 3.18 9.70
N GLN D 346 -26.60 4.06 9.63
CA GLN D 346 -25.42 3.94 10.50
C GLN D 346 -25.82 4.19 11.94
N VAL D 347 -25.23 3.44 12.87
CA VAL D 347 -25.43 3.62 14.33
C VAL D 347 -24.08 3.85 15.00
N ARG D 348 -22.98 3.55 14.32
CA ARG D 348 -21.64 3.74 14.91
C ARG D 348 -20.53 3.64 13.86
N ALA D 349 -19.49 4.45 13.99
CA ALA D 349 -18.38 4.33 13.04
C ALA D 349 -17.90 2.89 13.05
N GLY D 350 -17.55 2.37 11.88
CA GLY D 350 -16.83 1.10 11.73
C GLY D 350 -17.71 0.02 11.15
N TRP D 351 -19.00 0.04 11.45
CA TRP D 351 -19.91 -1.03 11.00
C TRP D 351 -19.93 -1.11 9.47
N SER D 352 -19.89 0.00 8.75
CA SER D 352 -19.84 -0.05 7.27
C SER D 352 -18.74 -1.00 6.78
N LYS D 353 -17.54 -1.00 7.37
CA LYS D 353 -16.47 -1.93 6.92
C LYS D 353 -16.85 -3.36 7.26
N GLN D 354 -17.42 -3.63 8.43
CA GLN D 354 -17.84 -5.03 8.75
C GLN D 354 -18.85 -5.45 7.67
N ALA D 355 -19.72 -4.53 7.24
CA ALA D 355 -20.75 -4.84 6.21
C ALA D 355 -20.07 -5.33 4.94
N ILE D 356 -18.96 -4.72 4.57
CA ILE D 356 -18.20 -5.18 3.38
C ILE D 356 -17.71 -6.61 3.61
N LEU D 357 -17.09 -6.90 4.75
CA LEU D 357 -16.55 -8.26 5.03
C LEU D 357 -17.71 -9.25 4.98
N ALA D 358 -18.81 -8.92 5.63
CA ALA D 358 -19.94 -9.88 5.74
C ALA D 358 -20.49 -10.20 4.34
N THR D 359 -20.61 -9.17 3.50
CA THR D 359 -21.21 -9.32 2.16
C THR D 359 -20.30 -10.20 1.30
N PHE D 360 -19.00 -9.98 1.32
CA PHE D 360 -18.05 -10.75 0.47
C PHE D 360 -18.00 -12.22 0.88
N ALA D 361 -18.16 -12.45 2.18
CA ALA D 361 -18.10 -13.76 2.84
C ALA D 361 -19.34 -14.56 2.53
N ALA D 362 -20.47 -13.86 2.36
CA ALA D 362 -21.79 -14.48 2.15
C ALA D 362 -22.03 -14.82 0.68
N PHE D 363 -21.30 -14.28 -0.33
CA PHE D 363 -21.62 -14.47 -1.80
C PHE D 363 -20.35 -14.50 -2.64
N PRO D 364 -19.72 -15.68 -2.74
CA PRO D 364 -18.37 -15.80 -3.29
C PRO D 364 -18.13 -15.25 -4.69
N PRO D 365 -19.12 -15.26 -5.59
CA PRO D 365 -18.92 -14.66 -6.91
C PRO D 365 -18.67 -13.15 -6.92
N LEU D 366 -19.12 -12.44 -5.87
CA LEU D 366 -19.06 -10.97 -5.85
C LEU D 366 -17.62 -10.48 -6.15
N LYS D 367 -17.51 -9.43 -6.96
CA LYS D 367 -16.23 -8.75 -7.20
C LYS D 367 -16.19 -7.41 -6.46
N MET D 368 -17.30 -6.71 -6.43
CA MET D 368 -17.39 -5.37 -5.82
C MET D 368 -18.50 -5.40 -4.79
N VAL D 369 -18.29 -4.68 -3.71
CA VAL D 369 -19.38 -4.34 -2.79
C VAL D 369 -19.34 -2.84 -2.56
N THR D 370 -20.49 -2.19 -2.62
CA THR D 370 -20.59 -0.76 -2.29
C THR D 370 -21.55 -0.62 -1.13
N ILE D 371 -21.17 0.14 -0.10
CA ILE D 371 -22.08 0.47 1.02
C ILE D 371 -22.61 1.88 0.86
N VAL D 372 -23.89 2.10 1.11
CA VAL D 372 -24.49 3.46 1.09
C VAL D 372 -25.48 3.60 2.22
N ASP D 373 -25.81 4.84 2.53
CA ASP D 373 -26.77 5.19 3.61
C ASP D 373 -28.23 5.06 3.13
N GLU D 374 -29.15 5.17 4.08
CA GLU D 374 -30.62 4.97 3.93
C GLU D 374 -31.15 5.98 2.92
N ASP D 375 -30.44 7.08 2.66
CA ASP D 375 -30.98 8.18 1.83
C ASP D 375 -30.45 8.12 0.38
N VAL D 376 -29.89 6.99 -0.04
CA VAL D 376 -29.35 6.73 -1.40
C VAL D 376 -30.13 5.55 -1.99
N ASP D 377 -30.53 5.61 -3.25
CA ASP D 377 -31.27 4.51 -3.91
C ASP D 377 -30.29 3.45 -4.37
N LEU D 378 -30.12 2.38 -3.62
CA LEU D 378 -29.09 1.35 -3.92
C LEU D 378 -29.32 0.73 -5.29
N ARG D 379 -30.55 0.77 -5.80
CA ARG D 379 -30.88 0.14 -7.10
C ARG D 379 -30.71 1.13 -8.25
N ASN D 380 -30.36 2.39 -7.98
CA ASN D 380 -30.10 3.37 -9.05
C ASN D 380 -28.60 3.61 -9.18
N PRO D 381 -27.97 3.13 -10.26
CA PRO D 381 -26.53 3.30 -10.38
C PRO D 381 -26.10 4.78 -10.40
N ARG D 382 -26.90 5.71 -10.98
CA ARG D 382 -26.69 7.20 -10.91
C ARG D 382 -26.50 7.53 -9.42
N ASP D 383 -27.34 6.99 -8.54
CA ASP D 383 -27.38 7.50 -7.13
C ASP D 383 -26.18 6.95 -6.36
N VAL D 384 -25.77 5.73 -6.66
CA VAL D 384 -24.56 5.09 -6.06
C VAL D 384 -23.30 5.84 -6.55
N GLU D 385 -23.23 6.19 -7.84
CA GLU D 385 -22.16 7.02 -8.45
C GLU D 385 -22.12 8.32 -7.63
N TRP D 386 -23.29 8.90 -7.34
CA TRP D 386 -23.36 10.17 -6.58
C TRP D 386 -22.74 9.98 -5.19
N ALA D 387 -23.11 8.90 -4.49
CA ALA D 387 -22.58 8.58 -3.15
C ALA D 387 -21.05 8.47 -3.24
N MET D 388 -20.58 7.81 -4.29
CA MET D 388 -19.14 7.68 -4.55
C MET D 388 -18.53 9.08 -4.74
N ALA D 389 -19.23 9.97 -5.40
CA ALA D 389 -18.63 11.27 -5.78
C ALA D 389 -18.55 12.18 -4.56
N THR D 390 -19.49 12.08 -3.62
CA THR D 390 -19.60 13.10 -2.53
C THR D 390 -19.28 12.52 -1.15
N ARG D 391 -19.30 11.20 -0.97
CA ARG D 391 -19.18 10.61 0.37
C ARG D 391 -17.95 9.71 0.45
N LEU D 392 -17.65 8.87 -0.55
CA LEU D 392 -16.51 7.91 -0.46
C LEU D 392 -15.23 8.65 -0.08
N ASP D 393 -14.51 8.18 0.91
CA ASP D 393 -13.12 8.58 1.15
C ASP D 393 -12.22 7.65 0.34
N PRO D 394 -11.60 8.11 -0.75
CA PRO D 394 -10.81 7.19 -1.56
C PRO D 394 -9.66 6.57 -0.76
N GLU D 395 -9.18 7.26 0.28
CA GLU D 395 -7.99 6.77 1.00
C GLU D 395 -8.41 5.70 1.99
N ARG D 396 -9.44 5.92 2.77
CA ARG D 396 -9.78 4.97 3.86
C ARG D 396 -10.99 4.10 3.50
N GLY D 397 -11.75 4.41 2.46
CA GLY D 397 -13.03 3.77 2.11
C GLY D 397 -12.92 2.71 1.03
N ILE D 398 -11.75 2.46 0.48
CA ILE D 398 -11.57 1.40 -0.53
C ILE D 398 -10.83 0.23 0.10
N LEU D 399 -11.44 -0.93 0.19
CA LEU D 399 -10.86 -2.13 0.80
C LEU D 399 -10.65 -3.17 -0.30
N ARG D 400 -9.43 -3.59 -0.49
CA ARG D 400 -9.07 -4.51 -1.57
C ARG D 400 -8.65 -5.84 -0.94
N ILE D 401 -9.20 -6.93 -1.45
CA ILE D 401 -8.89 -8.31 -1.02
C ILE D 401 -8.20 -8.93 -2.22
N ASP D 402 -7.00 -9.46 -2.06
CA ASP D 402 -6.31 -10.10 -3.20
C ASP D 402 -6.28 -11.61 -3.04
N ASP D 403 -6.06 -12.28 -4.16
CA ASP D 403 -5.75 -13.72 -4.23
C ASP D 403 -6.87 -14.48 -3.51
N THR D 404 -8.09 -14.11 -3.76
CA THR D 404 -9.25 -14.77 -3.14
C THR D 404 -10.05 -15.52 -4.20
N PHE D 405 -10.97 -16.36 -3.75
CA PHE D 405 -11.82 -17.17 -4.66
C PHE D 405 -12.92 -16.30 -5.25
N GLY D 406 -13.24 -16.54 -6.52
CA GLY D 406 -14.37 -15.87 -7.18
C GLY D 406 -14.88 -16.73 -8.33
N HIS D 407 -15.69 -16.15 -9.21
CA HIS D 407 -16.40 -16.88 -10.28
C HIS D 407 -15.58 -16.90 -11.59
N GLY D 408 -15.21 -18.08 -12.06
CA GLY D 408 -14.30 -18.35 -13.20
C GLY D 408 -14.82 -17.86 -14.54
N LEU D 409 -16.15 -17.77 -14.72
CA LEU D 409 -16.74 -17.24 -15.98
C LEU D 409 -16.38 -15.77 -16.13
N ASN D 410 -16.33 -15.04 -15.04
CA ASN D 410 -15.91 -13.60 -15.01
C ASN D 410 -14.42 -13.55 -15.31
N PRO D 411 -13.97 -12.93 -16.43
CA PRO D 411 -12.55 -12.90 -16.75
C PRO D 411 -11.65 -12.10 -15.80
N SER D 412 -12.19 -11.35 -14.83
CA SER D 412 -11.47 -10.73 -13.68
C SER D 412 -10.97 -11.80 -12.72
N PHE D 413 -11.46 -13.04 -12.87
CA PHE D 413 -11.17 -14.18 -11.98
C PHE D 413 -10.72 -15.40 -12.77
N PRO D 414 -9.57 -15.34 -13.47
CA PRO D 414 -9.06 -16.50 -14.20
C PRO D 414 -8.84 -17.68 -13.22
N ASP D 415 -9.45 -18.80 -13.54
CA ASP D 415 -9.36 -20.04 -12.73
C ASP D 415 -9.92 -19.78 -11.32
N TYR D 416 -11.01 -19.02 -11.21
CA TYR D 416 -11.78 -18.89 -9.95
C TYR D 416 -10.90 -18.24 -8.86
N PHE D 417 -10.11 -17.23 -9.25
CA PHE D 417 -9.03 -16.61 -8.45
C PHE D 417 -8.73 -15.17 -8.90
N GLY D 418 -8.73 -14.22 -7.96
CA GLY D 418 -8.47 -12.80 -8.27
C GLY D 418 -8.78 -11.85 -7.13
N SER D 419 -8.95 -10.58 -7.45
CA SER D 419 -9.10 -9.49 -6.44
C SER D 419 -10.53 -8.99 -6.44
N LYS D 420 -10.99 -8.69 -5.23
CA LYS D 420 -12.32 -8.14 -4.94
C LYS D 420 -12.06 -6.79 -4.31
N VAL D 421 -13.02 -5.89 -4.35
CA VAL D 421 -12.82 -4.51 -3.84
C VAL D 421 -14.14 -4.00 -3.27
N GLY D 422 -14.09 -3.45 -2.08
CA GLY D 422 -15.29 -2.85 -1.45
C GLY D 422 -15.16 -1.35 -1.33
N PHE D 423 -16.23 -0.65 -1.60
CA PHE D 423 -16.30 0.82 -1.52
C PHE D 423 -17.24 1.21 -0.41
N ASP D 424 -16.74 1.96 0.54
CA ASP D 424 -17.55 2.45 1.67
C ASP D 424 -17.97 3.87 1.29
N ALA D 425 -19.11 4.00 0.63
CA ALA D 425 -19.61 5.31 0.17
C ALA D 425 -20.64 5.85 1.16
N THR D 426 -20.39 5.68 2.45
CA THR D 426 -21.26 6.23 3.51
C THR D 426 -20.81 7.63 3.92
N ARG D 427 -21.75 8.42 4.35
CA ARG D 427 -21.48 9.70 5.03
C ARG D 427 -20.74 9.41 6.34
N SER D 428 -20.21 10.45 6.95
CA SER D 428 -19.44 10.33 8.20
C SER D 428 -20.46 10.23 9.33
N PHE D 429 -20.12 9.49 10.37
CA PHE D 429 -20.94 9.27 11.58
C PHE D 429 -20.13 9.69 12.79
N PRO D 430 -20.64 10.53 13.70
CA PRO D 430 -22.04 10.98 13.67
C PRO D 430 -22.42 11.85 12.47
N PHE D 431 -23.71 11.84 12.15
CA PHE D 431 -24.27 12.57 10.99
C PHE D 431 -23.93 14.05 11.17
N GLU D 432 -23.56 14.69 10.06
CA GLU D 432 -23.17 16.13 9.96
C GLU D 432 -24.02 16.79 8.88
N GLU D 433 -24.30 18.09 9.03
CA GLU D 433 -25.16 18.89 8.13
C GLU D 433 -24.62 18.82 6.69
N LYS D 434 -23.30 18.84 6.50
CA LYS D 434 -22.68 18.97 5.14
C LYS D 434 -23.04 17.78 4.24
N HIS D 435 -23.59 16.70 4.83
CA HIS D 435 -24.04 15.50 4.09
C HIS D 435 -25.58 15.39 4.01
N GLU D 436 -26.36 16.37 4.48
CA GLU D 436 -27.85 16.36 4.40
C GLU D 436 -28.27 16.65 2.96
N ARG D 437 -28.92 15.69 2.32
CA ARG D 437 -29.29 15.82 0.90
C ARG D 437 -30.49 16.73 0.77
N ILE D 438 -30.49 17.54 -0.28
CA ILE D 438 -31.67 18.37 -0.64
C ILE D 438 -32.78 17.39 -0.99
N THR D 439 -33.98 17.89 -0.94
CA THR D 439 -35.20 17.08 -0.98
C THR D 439 -36.28 17.93 -1.65
N TYR D 440 -37.05 17.34 -2.55
CA TYR D 440 -38.19 18.00 -3.23
C TYR D 440 -39.47 17.42 -2.62
N GLN D 441 -40.50 18.25 -2.45
CA GLN D 441 -41.79 17.71 -1.92
C GLN D 441 -42.25 16.50 -2.77
N ASP D 442 -42.65 15.43 -2.09
CA ASP D 442 -43.23 14.23 -2.73
C ASP D 442 -44.65 14.59 -3.14
N VAL D 443 -45.07 14.15 -4.31
CA VAL D 443 -46.27 14.71 -4.96
C VAL D 443 -46.96 13.60 -5.74
N ASP D 444 -48.24 13.43 -5.51
CA ASP D 444 -49.12 12.53 -6.29
C ASP D 444 -49.49 13.24 -7.60
N LEU D 445 -49.12 12.68 -8.74
CA LEU D 445 -49.37 13.26 -10.08
C LEU D 445 -50.85 13.11 -10.47
N SER D 446 -51.57 12.18 -9.86
CA SER D 446 -53.02 11.97 -10.14
C SER D 446 -53.82 13.15 -9.58
N ARG D 447 -53.26 13.91 -8.63
CA ARG D 447 -53.91 15.08 -7.98
C ARG D 447 -53.93 16.29 -8.92
N PHE D 448 -53.38 16.20 -10.14
CA PHE D 448 -53.30 17.32 -11.11
C PHE D 448 -53.66 16.85 -12.52
N GLU D 449 -54.19 17.76 -13.34
CA GLU D 449 -54.43 17.53 -14.79
C GLU D 449 -53.14 17.92 -15.49
N ILE D 450 -52.51 16.95 -16.16
CA ILE D 450 -51.20 17.14 -16.85
C ILE D 450 -51.31 16.56 -18.27
N VAL D 451 -51.15 17.37 -19.32
CA VAL D 451 -51.01 16.87 -20.72
C VAL D 451 -49.50 16.86 -21.02
N GLU D 452 -48.89 15.67 -21.22
CA GLU D 452 -47.46 15.46 -21.57
C GLU D 452 -47.33 15.05 -23.06
N GLY D 453 -47.49 15.96 -24.04
CA GLY D 453 -47.06 15.75 -25.44
C GLY D 453 -48.12 15.08 -26.32
N HIS D 454 -48.24 15.54 -27.56
CA HIS D 454 -49.36 15.26 -28.50
C HIS D 454 -49.43 16.35 -29.56
N HIS E 1 31.15 -28.21 38.23
CA HIS E 1 30.31 -27.92 37.03
C HIS E 1 31.18 -27.81 35.78
N MET E 2 32.05 -28.81 35.57
CA MET E 2 32.86 -29.05 34.36
C MET E 2 32.71 -30.53 34.02
N HIS E 3 32.91 -30.93 32.76
CA HIS E 3 32.56 -32.29 32.27
C HIS E 3 33.58 -32.75 31.22
N LYS E 4 34.23 -33.88 31.46
CA LYS E 4 35.36 -34.38 30.63
C LYS E 4 34.78 -35.12 29.43
N ASP E 5 33.59 -35.71 29.59
CA ASP E 5 33.00 -36.66 28.62
C ASP E 5 31.50 -36.84 28.92
N LEU E 6 30.81 -37.62 28.08
CA LEU E 6 29.35 -37.81 28.17
C LEU E 6 28.94 -38.54 29.47
N HIS E 7 29.79 -39.45 29.98
CA HIS E 7 29.57 -40.18 31.26
C HIS E 7 29.27 -39.19 32.38
N SER E 8 30.13 -38.17 32.51
CA SER E 8 30.03 -37.08 33.51
C SER E 8 28.62 -36.48 33.43
N ILE E 9 28.17 -36.16 32.20
CA ILE E 9 26.88 -35.52 31.87
C ILE E 9 25.75 -36.43 32.40
N ILE E 10 25.75 -37.68 31.95
CA ILE E 10 24.66 -38.65 32.26
C ILE E 10 24.55 -38.84 33.78
N ASP E 11 25.68 -38.96 34.49
CA ASP E 11 25.70 -39.19 35.96
C ASP E 11 25.11 -37.96 36.65
N ALA E 12 25.49 -36.77 36.19
CA ALA E 12 25.04 -35.46 36.73
C ALA E 12 23.51 -35.34 36.59
N LEU E 13 22.99 -35.74 35.42
CA LEU E 13 21.54 -35.71 35.07
C LEU E 13 20.81 -36.74 35.92
N ASP E 14 21.34 -37.98 35.98
CA ASP E 14 20.82 -39.09 36.84
C ASP E 14 20.73 -38.58 38.27
N THR E 15 21.84 -38.06 38.82
CA THR E 15 21.91 -37.51 40.20
C THR E 15 20.85 -36.41 40.36
N ALA E 16 20.72 -35.53 39.37
CA ALA E 16 19.83 -34.34 39.43
C ALA E 16 18.36 -34.74 39.16
N GLY E 17 18.11 -35.99 38.75
CA GLY E 17 16.74 -36.48 38.50
C GLY E 17 16.18 -35.89 37.22
N ARG E 18 17.08 -35.57 36.29
CA ARG E 18 16.75 -35.02 34.96
C ARG E 18 16.99 -36.11 33.93
N LEU E 19 16.92 -37.38 34.34
CA LEU E 19 17.04 -38.49 33.38
C LEU E 19 15.77 -39.30 33.41
N ILE E 20 15.21 -39.53 32.21
CA ILE E 20 14.07 -40.43 31.95
C ILE E 20 14.68 -41.73 31.46
N ARG E 21 14.47 -42.81 32.22
CA ARG E 21 14.99 -44.16 31.92
C ARG E 21 13.82 -44.94 31.29
N VAL E 22 13.98 -45.31 30.03
CA VAL E 22 13.00 -46.20 29.35
C VAL E 22 13.59 -47.61 29.37
N ARG E 23 13.02 -48.46 30.20
CA ARG E 23 13.58 -49.78 30.63
C ARG E 23 13.12 -50.87 29.66
N SER E 24 11.87 -50.79 29.17
CA SER E 24 11.30 -51.72 28.16
C SER E 24 12.18 -51.72 26.92
N GLN E 25 12.18 -52.84 26.16
CA GLN E 25 12.69 -52.88 24.77
C GLN E 25 11.87 -51.89 23.94
N VAL E 26 12.57 -51.13 23.08
CA VAL E 26 12.00 -50.25 22.03
C VAL E 26 12.71 -50.56 20.71
N LYS E 27 12.05 -50.25 19.58
CA LYS E 27 12.62 -50.49 18.23
C LYS E 27 13.35 -49.22 17.79
N ALA E 28 14.55 -49.39 17.24
CA ALA E 28 15.35 -48.27 16.69
C ALA E 28 14.61 -47.66 15.49
N GLU E 29 13.86 -48.47 14.75
CA GLU E 29 13.00 -48.02 13.62
C GLU E 29 11.79 -47.29 14.19
N HIS E 30 11.79 -45.96 14.10
CA HIS E 30 10.65 -45.03 14.35
C HIS E 30 10.25 -44.96 15.83
N GLU E 31 10.16 -46.10 16.53
CA GLU E 31 9.52 -46.16 17.88
C GLU E 31 10.31 -45.26 18.85
N LEU E 32 11.64 -45.30 18.76
CA LEU E 32 12.50 -44.64 19.76
C LEU E 32 12.29 -43.12 19.67
N ALA E 33 12.48 -42.59 18.47
CA ALA E 33 12.23 -41.16 18.17
C ALA E 33 10.81 -40.78 18.63
N GLY E 34 9.81 -41.61 18.32
CA GLY E 34 8.40 -41.39 18.72
C GLY E 34 8.26 -41.13 20.21
N ILE E 35 9.05 -41.83 21.03
CA ILE E 35 8.98 -41.70 22.52
C ILE E 35 9.67 -40.39 22.90
N ALA E 36 10.89 -40.20 22.44
CA ALA E 36 11.63 -38.91 22.54
C ALA E 36 10.67 -37.76 22.23
N ALA E 37 9.99 -37.83 21.10
CA ALA E 37 9.10 -36.76 20.60
C ALA E 37 8.05 -36.40 21.66
N LYS E 38 7.54 -37.33 22.43
CA LYS E 38 6.51 -36.99 23.46
C LYS E 38 7.18 -36.24 24.62
N TYR E 39 8.50 -36.24 24.71
CA TYR E 39 9.21 -35.61 25.85
C TYR E 39 9.94 -34.33 25.37
N GLU E 40 9.98 -34.08 24.07
CA GLU E 40 10.78 -32.97 23.45
C GLU E 40 10.49 -31.69 24.23
N GLY E 41 11.53 -31.04 24.76
CA GLY E 41 11.43 -29.70 25.35
C GLY E 41 11.30 -29.70 26.87
N CYS E 42 10.88 -30.80 27.49
CA CYS E 42 10.79 -30.85 28.97
C CYS E 42 12.22 -30.82 29.58
N ASP E 43 12.30 -30.64 30.90
CA ASP E 43 13.55 -30.33 31.63
C ASP E 43 14.38 -31.59 31.90
N LYS E 44 14.31 -32.60 31.04
CA LYS E 44 15.02 -33.90 31.23
C LYS E 44 15.42 -34.48 29.88
N ALA E 45 16.52 -35.22 29.83
CA ALA E 45 16.88 -36.04 28.65
C ALA E 45 16.33 -37.46 28.86
N VAL E 46 16.53 -38.31 27.86
CA VAL E 46 15.91 -39.67 27.78
C VAL E 46 17.03 -40.67 27.50
N LEU E 47 17.20 -41.63 28.42
CA LEU E 47 18.10 -42.78 28.22
C LEU E 47 17.25 -44.03 28.00
N PHE E 48 17.45 -44.63 26.84
CA PHE E 48 16.78 -45.87 26.42
C PHE E 48 17.72 -47.01 26.79
N GLU E 49 17.43 -47.70 27.90
CA GLU E 49 18.26 -48.79 28.45
C GLU E 49 18.31 -49.99 27.50
N ASN E 50 17.35 -50.15 26.60
CA ASN E 50 17.17 -51.39 25.81
C ASN E 50 16.61 -51.06 24.43
N VAL E 51 17.48 -51.02 23.42
CA VAL E 51 17.10 -50.77 22.02
C VAL E 51 17.34 -52.04 21.20
N ASP E 52 16.26 -52.78 20.91
CA ASP E 52 16.34 -54.05 20.13
C ASP E 52 17.29 -55.02 20.85
N GLY E 53 17.28 -55.01 22.18
CA GLY E 53 18.20 -55.80 23.01
C GLY E 53 19.67 -55.59 22.69
N ASN E 54 20.08 -54.37 22.29
CA ASN E 54 21.52 -54.00 22.16
C ASN E 54 22.09 -53.88 23.58
N ASP E 55 23.40 -54.08 23.77
CA ASP E 55 24.06 -53.83 25.08
C ASP E 55 24.22 -52.31 25.25
N ILE E 56 24.21 -51.60 24.12
CA ILE E 56 24.44 -50.14 24.02
C ILE E 56 23.10 -49.44 24.15
N PRO E 57 22.92 -48.64 25.21
CA PRO E 57 21.73 -47.81 25.38
C PRO E 57 21.87 -46.55 24.52
N VAL E 58 20.78 -45.81 24.24
CA VAL E 58 20.93 -44.53 23.49
C VAL E 58 20.35 -43.39 24.34
N LEU E 59 21.08 -42.28 24.29
CA LEU E 59 20.72 -41.00 24.91
C LEU E 59 20.22 -40.06 23.82
N MET E 60 19.11 -39.40 24.12
CA MET E 60 18.48 -38.43 23.22
C MET E 60 17.97 -37.30 24.10
N GLY E 61 17.93 -36.08 23.55
CA GLY E 61 17.21 -34.96 24.17
C GLY E 61 18.11 -34.13 25.06
N LEU E 62 19.42 -34.21 24.85
CA LEU E 62 20.40 -33.45 25.67
C LEU E 62 20.23 -31.95 25.43
N TYR E 63 19.84 -31.52 24.23
CA TYR E 63 19.95 -30.10 23.81
C TYR E 63 18.56 -29.44 23.76
N TRP E 64 17.47 -30.13 24.06
CA TRP E 64 16.15 -29.51 23.80
C TRP E 64 15.69 -28.61 24.94
N SER E 65 16.43 -28.51 26.03
CA SER E 65 16.01 -27.65 27.18
C SER E 65 17.22 -26.85 27.66
N ARG E 66 17.15 -25.54 27.49
CA ARG E 66 18.24 -24.64 27.95
C ARG E 66 18.33 -24.76 29.46
N ASP E 67 17.21 -25.03 30.16
CA ASP E 67 17.24 -25.14 31.64
C ASP E 67 18.15 -26.32 31.99
N LEU E 68 17.99 -27.43 31.30
CA LEU E 68 18.81 -28.65 31.53
C LEU E 68 20.27 -28.35 31.25
N LEU E 69 20.61 -27.79 30.08
CA LEU E 69 22.03 -27.49 29.75
C LEU E 69 22.62 -26.55 30.82
N GLY E 70 21.83 -25.58 31.25
CA GLY E 70 22.26 -24.63 32.28
C GLY E 70 22.57 -25.36 33.58
N SER E 71 21.71 -26.31 33.98
CA SER E 71 21.87 -27.09 35.24
C SER E 71 23.22 -27.81 35.23
N LEU E 72 23.67 -28.29 34.06
CA LEU E 72 24.95 -29.03 33.92
C LEU E 72 26.16 -28.14 34.18
N TYR E 73 26.06 -26.82 34.02
CA TYR E 73 27.21 -25.89 34.12
C TYR E 73 26.97 -24.88 35.25
N GLY E 74 25.84 -25.00 35.96
CA GLY E 74 25.46 -24.10 37.08
C GLY E 74 25.04 -22.70 36.60
N VAL E 75 24.47 -22.54 35.40
CA VAL E 75 24.02 -21.20 34.92
C VAL E 75 22.52 -21.27 34.63
N ASP E 76 21.80 -20.17 34.88
CA ASP E 76 20.36 -20.09 34.56
C ASP E 76 20.20 -20.22 33.04
N ALA E 77 19.07 -20.74 32.57
CA ALA E 77 18.81 -20.86 31.11
C ALA E 77 19.09 -19.50 30.44
N VAL E 78 18.59 -18.44 31.02
CA VAL E 78 18.71 -17.07 30.44
C VAL E 78 20.20 -16.68 30.24
N ASP E 79 21.12 -17.14 31.06
CA ASP E 79 22.54 -16.72 30.99
C ASP E 79 23.33 -17.65 30.08
N MET E 80 22.75 -18.73 29.55
CA MET E 80 23.54 -19.76 28.82
C MET E 80 24.15 -19.21 27.53
N PRO E 81 23.42 -18.46 26.69
CA PRO E 81 24.02 -17.94 25.46
C PRO E 81 25.24 -17.06 25.77
N ARG E 82 25.15 -16.19 26.77
CA ARG E 82 26.32 -15.33 27.14
C ARG E 82 27.45 -16.23 27.64
N PHE E 83 27.13 -17.17 28.52
CA PHE E 83 28.08 -18.17 29.07
C PHE E 83 28.90 -18.76 27.92
N ILE E 84 28.23 -19.29 26.91
CA ILE E 84 28.92 -19.99 25.80
C ILE E 84 29.81 -18.99 25.04
N THR E 85 29.32 -17.77 24.84
CA THR E 85 29.99 -16.76 24.00
C THR E 85 31.25 -16.30 24.72
N SER E 86 31.12 -16.01 26.00
CA SER E 86 32.25 -15.65 26.89
C SER E 86 33.35 -16.72 26.78
N LYS E 87 32.96 -17.99 26.73
CA LYS E 87 33.94 -19.08 26.72
C LYS E 87 34.59 -19.11 25.34
N ILE E 88 33.82 -18.97 24.27
CA ILE E 88 34.42 -18.88 22.91
C ILE E 88 35.34 -17.65 22.83
N SER E 89 35.04 -16.55 23.54
CA SER E 89 35.90 -15.33 23.55
C SER E 89 37.26 -15.65 24.18
N HIS E 90 37.24 -16.30 25.35
CA HIS E 90 38.44 -16.73 26.08
C HIS E 90 39.30 -17.63 25.16
N TRP E 91 38.68 -18.56 24.41
CA TRP E 91 39.42 -19.47 23.48
C TRP E 91 40.08 -18.68 22.34
N LYS E 92 39.40 -17.67 21.81
CA LYS E 92 39.93 -16.86 20.69
C LYS E 92 41.18 -16.12 21.17
N SER E 93 41.15 -15.68 22.43
CA SER E 93 42.17 -14.81 23.05
C SER E 93 43.36 -15.66 23.56
N GLU E 94 43.12 -16.81 24.18
CA GLU E 94 44.15 -17.71 24.77
C GLU E 94 43.79 -19.18 24.53
N PRO E 95 43.94 -19.73 23.30
CA PRO E 95 43.51 -21.10 23.02
C PRO E 95 44.27 -22.10 23.91
N THR E 96 43.66 -23.22 24.32
CA THR E 96 44.34 -24.39 24.93
C THR E 96 44.72 -25.40 23.83
N ALA E 97 46.02 -25.65 23.69
CA ALA E 97 46.57 -26.67 22.76
C ALA E 97 46.04 -28.03 23.23
N HIS E 98 45.74 -28.93 22.29
CA HIS E 98 45.20 -30.29 22.60
C HIS E 98 46.27 -31.10 23.31
N GLN E 99 45.86 -32.20 23.95
CA GLN E 99 46.79 -33.21 24.53
C GLN E 99 46.71 -34.51 23.73
N LEU E 100 47.76 -34.80 22.95
CA LEU E 100 47.92 -36.08 22.22
C LEU E 100 48.29 -37.14 23.27
N ILE E 101 47.65 -38.31 23.24
CA ILE E 101 47.89 -39.38 24.24
C ILE E 101 47.98 -40.74 23.52
N ALA E 102 48.61 -41.69 24.22
CA ALA E 102 48.92 -43.03 23.70
C ALA E 102 47.60 -43.79 23.48
N ARG E 103 47.55 -44.57 22.39
CA ARG E 103 46.38 -45.39 22.05
C ARG E 103 45.80 -46.13 23.28
N GLU E 104 46.59 -46.82 24.10
CA GLU E 104 46.00 -47.72 25.15
C GLU E 104 45.63 -46.91 26.41
N HIS E 105 45.80 -45.58 26.40
CA HIS E 105 45.34 -44.67 27.50
C HIS E 105 43.99 -44.03 27.14
N ALA E 106 43.55 -44.16 25.89
CA ALA E 106 42.36 -43.45 25.33
C ALA E 106 41.09 -44.30 25.53
N PRO E 107 40.18 -43.95 26.46
CA PRO E 107 39.03 -44.81 26.81
C PRO E 107 38.26 -45.38 25.61
N VAL E 108 38.22 -44.61 24.51
CA VAL E 108 37.46 -44.93 23.26
C VAL E 108 38.13 -46.09 22.51
N MET E 109 39.41 -46.38 22.80
CA MET E 109 40.20 -47.40 22.09
C MET E 109 40.13 -48.76 22.83
N ALA E 110 39.40 -48.81 23.95
CA ALA E 110 39.08 -50.03 24.71
C ALA E 110 38.81 -51.22 23.77
N HIS E 111 37.95 -51.08 22.74
CA HIS E 111 37.53 -52.17 21.81
C HIS E 111 37.66 -51.71 20.35
N SER E 112 37.95 -52.62 19.40
CA SER E 112 37.93 -52.34 17.93
C SER E 112 37.31 -53.50 17.16
N PRO E 113 35.99 -53.79 17.34
CA PRO E 113 35.31 -54.83 16.55
C PRO E 113 35.50 -54.73 15.03
N ARG E 114 35.36 -55.84 14.29
CA ARG E 114 35.09 -55.84 12.84
C ARG E 114 34.00 -54.80 12.59
N VAL E 115 34.18 -53.90 11.61
CA VAL E 115 33.28 -52.74 11.31
C VAL E 115 31.85 -53.23 10.98
N ASP E 116 30.89 -53.18 11.93
CA ASP E 116 29.47 -53.54 11.66
C ASP E 116 28.52 -52.44 12.18
N LEU E 117 28.24 -51.45 11.33
CA LEU E 117 27.32 -50.30 11.63
C LEU E 117 25.93 -50.81 12.01
N LEU E 118 25.50 -51.96 11.48
CA LEU E 118 24.15 -52.53 11.76
C LEU E 118 24.09 -53.18 13.16
N SER E 119 25.23 -53.32 13.86
CA SER E 119 25.29 -53.83 15.26
C SER E 119 25.02 -52.67 16.24
N LEU E 120 25.15 -51.43 15.76
CA LEU E 120 24.91 -50.22 16.58
C LEU E 120 23.43 -49.88 16.58
N PRO E 121 22.88 -49.40 17.71
CA PRO E 121 21.45 -49.11 17.84
C PRO E 121 21.14 -47.72 17.26
N ILE E 122 21.47 -47.51 15.97
CA ILE E 122 21.36 -46.19 15.28
C ILE E 122 19.89 -46.01 14.91
N PRO E 123 19.19 -44.98 15.44
CA PRO E 123 17.77 -44.82 15.18
C PRO E 123 17.49 -44.41 13.72
N VAL E 124 16.37 -44.93 13.19
CA VAL E 124 15.63 -44.32 12.07
C VAL E 124 14.60 -43.41 12.74
N HIS E 125 14.71 -42.10 12.50
CA HIS E 125 14.09 -41.05 13.35
C HIS E 125 12.67 -40.73 12.82
N ALA E 126 12.60 -39.86 11.81
CA ALA E 126 11.32 -39.42 11.21
C ALA E 126 10.84 -40.49 10.24
N GLN E 127 9.51 -40.62 10.10
CA GLN E 127 8.84 -41.75 9.44
C GLN E 127 9.27 -41.86 7.96
N LYS E 128 9.81 -40.80 7.32
CA LYS E 128 10.19 -40.89 5.88
C LYS E 128 11.70 -40.73 5.68
N ASP E 129 12.49 -40.79 6.75
CA ASP E 129 13.98 -40.72 6.67
C ASP E 129 14.44 -41.87 5.77
N GLY E 130 15.42 -41.64 4.88
CA GLY E 130 15.92 -42.64 3.90
C GLY E 130 16.70 -43.78 4.54
N GLY E 131 16.84 -43.76 5.86
CA GLY E 131 17.50 -44.82 6.63
C GLY E 131 17.82 -44.37 8.05
N ALA E 132 18.61 -45.19 8.75
CA ALA E 132 19.14 -44.86 10.08
C ALA E 132 20.22 -43.79 9.86
N TYR E 133 20.32 -42.88 10.82
CA TYR E 133 21.22 -41.71 10.76
C TYR E 133 21.99 -41.57 12.07
N VAL E 134 23.25 -41.21 11.93
CA VAL E 134 24.00 -40.62 13.06
C VAL E 134 24.04 -39.11 12.78
N ASP E 135 23.57 -38.35 13.75
CA ASP E 135 23.30 -36.91 13.61
C ASP E 135 23.83 -36.11 14.81
N ALA E 136 24.53 -36.74 15.75
CA ALA E 136 25.14 -36.06 16.94
C ALA E 136 26.67 -36.22 16.87
N GLY E 137 27.11 -36.85 15.79
CA GLY E 137 28.51 -37.14 15.55
C GLY E 137 29.23 -35.88 15.10
N VAL E 138 30.34 -35.61 15.77
CA VAL E 138 31.29 -34.52 15.47
C VAL E 138 32.43 -35.08 14.59
N VAL E 139 32.61 -34.49 13.42
CA VAL E 139 33.68 -34.86 12.46
C VAL E 139 34.92 -34.07 12.81
N ILE E 140 36.02 -34.76 13.11
CA ILE E 140 37.39 -34.15 13.17
C ILE E 140 38.19 -34.58 11.95
N ALA E 141 38.75 -33.61 11.23
CA ALA E 141 39.45 -33.80 9.93
C ALA E 141 40.64 -32.84 9.86
N ALA E 142 41.78 -33.34 9.38
CA ALA E 142 43.02 -32.57 9.26
C ALA E 142 43.14 -32.04 7.82
N ASP E 143 43.48 -30.76 7.70
CA ASP E 143 43.87 -30.13 6.41
C ASP E 143 44.95 -30.98 5.73
N PRO E 144 44.64 -31.61 4.57
CA PRO E 144 45.64 -32.31 3.76
C PRO E 144 46.94 -31.57 3.38
N ASP E 145 46.95 -30.23 3.41
CA ASP E 145 48.14 -29.36 3.11
C ASP E 145 48.87 -28.97 4.39
N THR E 146 48.14 -28.51 5.42
CA THR E 146 48.69 -27.82 6.64
C THR E 146 48.43 -28.64 7.93
N GLY E 147 47.70 -29.76 7.88
CA GLY E 147 47.41 -30.62 9.05
C GLY E 147 46.55 -29.96 10.13
N VAL E 148 46.12 -28.69 9.94
CA VAL E 148 45.26 -27.91 10.90
C VAL E 148 43.88 -28.57 11.00
N LEU E 149 43.39 -28.78 12.21
CA LEU E 149 42.10 -29.50 12.43
C LEU E 149 40.89 -28.62 12.09
N ASN E 150 39.80 -29.27 11.70
CA ASN E 150 38.47 -28.64 11.57
C ASN E 150 37.47 -29.61 12.20
N THR E 151 36.56 -29.06 12.99
CA THR E 151 35.53 -29.77 13.77
C THR E 151 34.18 -29.26 13.30
N SER E 152 33.38 -30.14 12.71
CA SER E 152 32.04 -29.82 12.16
C SER E 152 31.10 -30.94 12.59
N ILE E 153 29.82 -30.74 12.36
CA ILE E 153 28.77 -31.76 12.64
C ILE E 153 27.90 -31.87 11.40
N GLN E 154 27.59 -33.08 11.00
CA GLN E 154 27.04 -33.41 9.68
C GLN E 154 26.21 -34.66 9.87
N ARG E 155 25.14 -34.80 9.09
CA ARG E 155 24.28 -35.99 9.15
C ARG E 155 24.91 -37.06 8.26
N PHE E 156 24.99 -38.28 8.76
CA PHE E 156 25.47 -39.47 8.00
C PHE E 156 24.37 -40.54 8.02
N MET E 157 23.97 -41.01 6.85
CA MET E 157 22.96 -42.08 6.64
C MET E 157 23.74 -43.39 6.52
N VAL E 158 23.29 -44.47 7.19
CA VAL E 158 23.89 -45.83 7.04
C VAL E 158 23.32 -46.47 5.76
N GLU E 159 24.20 -46.85 4.81
CA GLU E 159 23.83 -47.55 3.55
C GLU E 159 23.86 -49.06 3.84
N ASN E 160 24.99 -49.54 4.39
CA ASN E 160 25.26 -50.97 4.76
C ASN E 160 26.25 -50.97 5.92
N GLU E 161 26.76 -52.14 6.31
CA GLU E 161 27.56 -52.35 7.54
C GLU E 161 28.87 -51.54 7.57
N ASN E 162 29.39 -51.05 6.43
CA ASN E 162 30.70 -50.34 6.35
C ASN E 162 30.64 -49.04 5.52
N THR E 163 29.46 -48.64 5.00
CA THR E 163 29.32 -47.42 4.17
C THR E 163 28.27 -46.46 4.78
N LEU E 164 28.62 -45.17 4.85
CA LEU E 164 27.69 -44.05 5.17
C LEU E 164 27.58 -43.11 3.97
N HIS E 165 26.44 -42.44 3.82
CA HIS E 165 26.31 -41.27 2.90
C HIS E 165 26.15 -40.02 3.76
N VAL E 166 26.97 -39.00 3.49
CA VAL E 166 27.05 -37.77 4.31
C VAL E 166 26.53 -36.59 3.48
N ASN E 167 25.93 -35.62 4.16
CA ASN E 167 25.46 -34.33 3.60
C ASN E 167 26.48 -33.26 3.96
N ILE E 168 27.11 -32.64 2.97
CA ILE E 168 28.08 -31.53 3.16
C ILE E 168 27.52 -30.30 2.45
N ASP E 169 26.99 -29.32 3.21
CA ASP E 169 26.42 -28.07 2.64
C ASP E 169 27.53 -27.31 1.89
N ALA E 170 27.15 -26.42 0.97
CA ALA E 170 28.08 -25.56 0.21
C ALA E 170 28.84 -24.66 1.22
N GLY E 171 30.15 -24.48 1.02
CA GLY E 171 31.01 -23.54 1.79
C GLY E 171 31.36 -24.05 3.19
N ARG E 172 30.96 -25.29 3.53
CA ARG E 172 31.44 -26.03 4.73
C ARG E 172 32.95 -26.27 4.64
N HIS E 173 33.63 -26.29 5.77
CA HIS E 173 35.11 -26.43 5.82
C HIS E 173 35.50 -27.85 5.43
N LEU E 174 34.69 -28.85 5.80
CA LEU E 174 34.89 -30.26 5.38
C LEU E 174 34.89 -30.32 3.85
N GLY E 175 33.99 -29.58 3.21
CA GLY E 175 33.90 -29.45 1.75
C GLY E 175 35.23 -29.01 1.18
N ALA E 176 35.83 -27.96 1.77
CA ALA E 176 37.10 -27.32 1.32
C ALA E 176 38.28 -28.29 1.50
N TYR E 177 38.34 -29.05 2.61
CA TYR E 177 39.38 -30.07 2.88
C TYR E 177 39.28 -31.19 1.83
N LEU E 178 38.06 -31.55 1.43
CA LEU E 178 37.83 -32.57 0.37
C LEU E 178 38.38 -32.04 -0.96
N ALA E 179 38.21 -30.74 -1.28
CA ALA E 179 38.72 -30.11 -2.53
C ALA E 179 40.25 -30.29 -2.62
N LYS E 180 40.94 -30.26 -1.45
CA LYS E 180 42.42 -30.36 -1.35
C LYS E 180 42.89 -31.80 -1.54
N ALA E 181 42.25 -32.77 -0.90
CA ALA E 181 42.52 -34.23 -1.07
C ALA E 181 42.31 -34.65 -2.54
N LYS E 182 41.31 -34.04 -3.19
CA LYS E 182 40.95 -34.22 -4.62
C LYS E 182 42.00 -33.55 -5.52
N ALA E 183 43.03 -32.92 -4.94
CA ALA E 183 44.32 -32.61 -5.64
C ALA E 183 45.43 -33.58 -5.15
N LYS E 184 45.16 -34.91 -5.12
CA LYS E 184 46.11 -35.98 -4.74
C LYS E 184 45.54 -37.36 -5.12
N PRO E 187 42.21 -38.38 -1.76
CA PRO E 187 40.99 -38.78 -1.01
C PRO E 187 41.13 -38.49 0.51
N LEU E 188 40.04 -38.12 1.20
CA LEU E 188 40.11 -37.48 2.56
C LEU E 188 39.73 -38.49 3.66
N SER E 189 40.62 -38.64 4.64
CA SER E 189 40.40 -39.39 5.90
C SER E 189 39.91 -38.42 6.98
N PHE E 190 39.18 -38.92 7.99
CA PHE E 190 38.71 -38.14 9.17
C PHE E 190 38.11 -39.12 10.17
N SER E 191 37.75 -38.64 11.37
CA SER E 191 37.03 -39.44 12.39
C SER E 191 35.63 -38.83 12.60
N LEU E 192 34.70 -39.69 12.98
CA LEU E 192 33.32 -39.33 13.33
C LEU E 192 33.10 -39.71 14.80
N ASN E 193 33.03 -38.73 15.69
CA ASN E 193 33.10 -38.97 17.14
C ASN E 193 31.71 -38.82 17.74
N ILE E 194 31.09 -39.92 18.13
CA ILE E 194 29.69 -39.99 18.63
C ILE E 194 29.70 -40.06 20.15
N GLY E 195 28.85 -39.30 20.84
CA GLY E 195 28.75 -39.30 22.31
C GLY E 195 29.83 -38.42 22.92
N VAL E 196 29.78 -37.14 22.60
CA VAL E 196 30.78 -36.12 23.04
C VAL E 196 30.05 -35.17 23.99
N HIS E 197 30.78 -34.39 24.79
CA HIS E 197 30.13 -33.45 25.73
C HIS E 197 29.81 -32.16 25.00
N PRO E 198 28.91 -31.32 25.57
CA PRO E 198 28.43 -30.11 24.91
C PRO E 198 29.52 -29.17 24.39
N GLY E 199 30.62 -29.04 25.14
CA GLY E 199 31.80 -28.30 24.69
C GLY E 199 32.25 -28.70 23.29
N VAL E 200 32.26 -30.00 22.98
CA VAL E 200 32.68 -30.47 21.63
C VAL E 200 31.60 -30.07 20.63
N HIS E 201 30.35 -30.21 21.04
CA HIS E 201 29.15 -29.92 20.20
C HIS E 201 29.20 -28.46 19.76
N PHE E 202 29.38 -27.56 20.71
CA PHE E 202 29.45 -26.10 20.45
C PHE E 202 30.67 -25.77 19.58
N ALA E 203 31.79 -26.45 19.76
CA ALA E 203 32.98 -26.26 18.90
C ALA E 203 32.58 -26.59 17.45
N ALA E 204 31.94 -27.75 17.31
CA ALA E 204 31.54 -28.30 16.01
C ALA E 204 30.61 -27.31 15.32
N ALA E 205 29.69 -26.73 16.09
CA ALA E 205 28.59 -25.88 15.55
C ALA E 205 29.05 -24.43 15.42
N THR E 206 30.25 -24.08 15.89
CA THR E 206 30.71 -22.67 15.83
C THR E 206 30.91 -22.29 14.36
N PRO E 207 30.26 -21.21 13.90
CA PRO E 207 30.26 -20.85 12.49
C PRO E 207 31.60 -20.30 11.96
N SER E 208 31.70 -20.26 10.63
CA SER E 208 32.88 -19.86 9.82
C SER E 208 33.47 -18.51 10.27
N GLU E 209 32.66 -17.51 10.60
CA GLU E 209 33.17 -16.12 10.80
C GLU E 209 33.74 -15.99 12.21
N VAL E 210 33.50 -16.97 13.11
CA VAL E 210 34.09 -17.02 14.48
C VAL E 210 35.40 -17.85 14.44
N ALA E 211 35.37 -18.97 13.71
CA ALA E 211 36.52 -19.87 13.48
C ALA E 211 36.74 -20.04 11.98
N PRO E 212 37.58 -19.18 11.33
CA PRO E 212 37.90 -19.33 9.91
C PRO E 212 38.44 -20.72 9.49
N LEU E 213 38.65 -20.90 8.18
CA LEU E 213 39.09 -22.18 7.56
C LEU E 213 40.46 -22.60 8.12
N ASP E 214 41.40 -21.65 8.16
CA ASP E 214 42.81 -21.81 8.60
C ASP E 214 42.91 -21.85 10.14
N VAL E 215 41.84 -22.14 10.89
CA VAL E 215 41.82 -22.04 12.39
C VAL E 215 41.09 -23.25 12.99
N ASP E 216 41.59 -23.71 14.15
CA ASP E 216 41.28 -24.98 14.86
C ASP E 216 40.30 -24.69 16.01
N GLU E 217 39.01 -24.86 15.77
CA GLU E 217 37.93 -24.44 16.70
C GLU E 217 37.81 -25.45 17.86
N LEU E 218 38.51 -26.59 17.81
CA LEU E 218 38.24 -27.70 18.74
C LEU E 218 38.62 -27.30 20.18
N GLY E 219 39.57 -26.38 20.34
CA GLY E 219 39.95 -25.86 21.66
C GLY E 219 38.77 -25.22 22.40
N ILE E 220 37.73 -24.85 21.67
CA ILE E 220 36.52 -24.27 22.32
C ILE E 220 36.08 -25.26 23.40
N ALA E 221 36.14 -26.55 23.09
CA ALA E 221 35.68 -27.63 23.99
C ALA E 221 36.44 -27.56 25.32
N ALA E 222 37.71 -27.14 25.30
CA ALA E 222 38.62 -27.13 26.47
C ALA E 222 38.05 -26.19 27.53
N GLU E 223 37.22 -25.23 27.12
CA GLU E 223 36.69 -24.17 28.00
C GLU E 223 35.56 -24.73 28.87
N PHE E 224 35.04 -25.91 28.51
CA PHE E 224 33.90 -26.55 29.23
C PHE E 224 34.36 -27.81 30.00
N GLN E 225 35.67 -27.97 30.15
CA GLN E 225 36.26 -29.08 30.93
C GLN E 225 37.53 -28.57 31.64
N ASP E 226 37.89 -29.24 32.73
CA ASP E 226 39.24 -29.10 33.33
C ASP E 226 40.25 -29.58 32.29
N GLY E 227 41.31 -28.81 32.06
CA GLY E 227 42.42 -29.22 31.20
C GLY E 227 42.03 -29.27 29.73
N PRO E 228 42.96 -29.79 28.91
CA PRO E 228 42.86 -29.72 27.46
C PRO E 228 42.03 -30.88 26.90
N VAL E 229 41.56 -30.70 25.66
CA VAL E 229 40.87 -31.73 24.86
C VAL E 229 41.89 -32.84 24.59
N ARG E 230 41.54 -34.06 24.97
CA ARG E 230 42.38 -35.26 24.72
C ARG E 230 42.08 -35.80 23.33
N ILE E 231 43.11 -35.87 22.48
CA ILE E 231 43.07 -36.52 21.14
C ILE E 231 44.04 -37.71 21.13
N VAL E 232 43.97 -38.54 20.08
CA VAL E 232 44.77 -39.78 19.92
C VAL E 232 44.90 -40.10 18.43
N GLN E 233 46.10 -40.49 17.98
CA GLN E 233 46.37 -41.00 16.62
C GLN E 233 45.37 -42.12 16.33
N GLY E 234 44.74 -42.10 15.17
CA GLY E 234 43.90 -43.22 14.71
C GLY E 234 44.78 -44.35 14.18
N ASP E 235 44.18 -45.42 13.68
CA ASP E 235 44.83 -46.48 12.86
C ASP E 235 45.25 -45.94 11.49
N ASP E 236 44.92 -44.70 11.08
CA ASP E 236 44.91 -44.30 9.65
C ASP E 236 46.29 -44.31 8.96
N PRO E 237 47.30 -43.44 9.24
CA PRO E 237 47.31 -42.42 10.29
C PRO E 237 47.19 -40.94 9.86
N ARG E 238 46.52 -40.62 8.75
CA ARG E 238 46.22 -39.21 8.37
C ARG E 238 45.11 -38.62 9.31
N VAL E 239 44.47 -39.41 10.19
CA VAL E 239 43.30 -38.99 11.04
C VAL E 239 43.67 -38.80 12.52
N THR E 240 42.83 -38.04 13.21
CA THR E 240 42.91 -37.72 14.66
C THR E 240 41.57 -38.07 15.29
N VAL E 241 41.55 -38.80 16.40
CA VAL E 241 40.33 -39.29 17.10
C VAL E 241 40.17 -38.56 18.44
N LEU E 242 38.93 -38.32 18.84
CA LEU E 242 38.61 -37.72 20.15
C LEU E 242 38.62 -38.81 21.22
N ALA E 243 39.54 -38.71 22.17
CA ALA E 243 39.87 -39.84 23.08
C ALA E 243 38.69 -40.16 24.00
N ASP E 244 37.88 -39.17 24.36
CA ASP E 244 36.87 -39.34 25.44
C ASP E 244 35.47 -39.53 24.82
N ALA E 245 35.36 -39.64 23.49
CA ALA E 245 34.14 -40.04 22.78
C ALA E 245 33.63 -41.37 23.36
N MET E 246 32.32 -41.62 23.26
CA MET E 246 31.72 -42.96 23.58
C MET E 246 32.08 -43.94 22.47
N ILE E 247 31.97 -43.49 21.21
CA ILE E 247 32.22 -44.28 19.99
C ILE E 247 33.00 -43.37 19.03
N SER E 248 33.88 -43.92 18.20
CA SER E 248 34.54 -43.13 17.14
C SER E 248 34.73 -43.97 15.89
N LEU E 249 34.42 -43.42 14.73
CA LEU E 249 34.53 -44.14 13.44
C LEU E 249 35.65 -43.50 12.61
N GLU E 250 36.70 -44.26 12.30
CA GLU E 250 37.71 -43.83 11.30
C GLU E 250 37.08 -44.01 9.93
N CYS E 251 37.21 -42.99 9.08
CA CYS E 251 36.43 -42.85 7.84
C CYS E 251 37.32 -42.32 6.72
N GLN E 252 36.98 -42.69 5.49
CA GLN E 252 37.65 -42.19 4.27
C GLN E 252 36.57 -41.90 3.22
N MET E 253 36.77 -40.83 2.44
CA MET E 253 35.79 -40.34 1.42
C MET E 253 36.54 -39.78 0.20
N TYR E 254 36.20 -40.27 -0.99
CA TYR E 254 36.74 -39.78 -2.29
C TYR E 254 35.82 -38.69 -2.87
N ALA E 255 36.36 -37.59 -3.39
CA ALA E 255 35.61 -36.58 -4.18
C ALA E 255 34.92 -37.26 -5.38
N ASP E 256 33.89 -36.62 -5.96
CA ASP E 256 33.25 -37.05 -7.23
C ASP E 256 32.75 -38.50 -7.13
N ASP E 257 32.34 -38.92 -5.93
CA ASP E 257 31.89 -40.31 -5.63
C ASP E 257 30.57 -40.23 -4.85
N LEU E 258 29.46 -40.05 -5.57
CA LEU E 258 28.15 -39.66 -4.99
C LEU E 258 27.23 -40.89 -4.93
N ALA E 259 26.23 -40.88 -4.03
CA ALA E 259 25.19 -41.93 -3.86
C ALA E 259 23.97 -41.34 -3.12
N ASP E 260 22.77 -41.82 -3.46
CA ASP E 260 21.48 -41.27 -2.96
C ASP E 260 21.48 -41.28 -1.42
N GLU E 261 21.31 -40.10 -0.79
CA GLU E 261 21.07 -39.95 0.68
C GLU E 261 19.90 -39.00 0.93
N GLY E 262 19.25 -39.21 2.08
CA GLY E 262 17.99 -38.56 2.44
C GLY E 262 16.85 -39.52 2.16
N PRO E 263 15.59 -39.13 2.43
CA PRO E 263 15.30 -37.84 3.06
C PRO E 263 15.79 -37.81 4.50
N PHE E 264 15.89 -36.62 5.08
CA PHE E 264 16.14 -36.38 6.52
C PHE E 264 15.49 -35.07 6.90
N ALA E 265 15.12 -34.89 8.16
CA ALA E 265 14.55 -33.61 8.65
C ALA E 265 15.55 -32.45 8.52
N GLU E 266 15.10 -31.33 7.95
CA GLU E 266 15.79 -30.02 7.99
C GLU E 266 15.23 -29.16 9.12
N VAL E 267 15.92 -28.06 9.46
CA VAL E 267 15.51 -27.14 10.58
C VAL E 267 14.09 -26.66 10.33
N THR E 268 13.72 -26.51 9.06
CA THR E 268 12.39 -26.04 8.64
C THR E 268 11.30 -26.94 9.22
N GLY E 269 11.55 -28.22 9.48
CA GLY E 269 10.49 -29.19 9.87
C GLY E 269 9.88 -29.89 8.66
N TYR E 270 10.58 -29.79 7.53
CA TYR E 270 10.28 -30.43 6.23
C TYR E 270 11.45 -31.37 5.91
N TYR E 271 11.29 -32.24 4.91
CA TYR E 271 12.31 -33.24 4.55
C TYR E 271 13.28 -32.62 3.58
N ALA E 272 14.56 -32.98 3.68
CA ALA E 272 15.55 -32.78 2.61
C ALA E 272 15.19 -33.68 1.41
N GLU E 273 15.50 -33.19 0.22
CA GLU E 273 15.36 -33.95 -1.04
C GLU E 273 16.40 -35.08 -1.00
N ARG E 274 15.97 -36.32 -1.21
CA ARG E 274 16.89 -37.48 -1.44
C ARG E 274 17.71 -37.15 -2.71
N ALA E 275 19.04 -37.24 -2.67
CA ALA E 275 19.88 -36.80 -3.79
C ALA E 275 21.30 -37.37 -3.72
N PRO E 276 22.02 -37.44 -4.87
CA PRO E 276 23.40 -37.93 -4.88
C PRO E 276 24.32 -37.02 -4.05
N ARG E 277 24.84 -37.55 -2.94
CA ARG E 277 25.78 -36.85 -2.01
C ARG E 277 26.89 -37.81 -1.56
N PRO E 278 28.07 -37.29 -1.16
CA PRO E 278 29.28 -38.10 -1.00
C PRO E 278 29.15 -39.38 -0.16
N ARG E 279 29.69 -40.49 -0.66
CA ARG E 279 29.75 -41.77 0.10
C ARG E 279 31.05 -41.77 0.90
N VAL E 280 30.95 -42.25 2.12
CA VAL E 280 32.11 -42.32 3.04
C VAL E 280 32.16 -43.78 3.52
N THR E 281 33.35 -44.32 3.58
CA THR E 281 33.56 -45.75 3.86
C THR E 281 34.27 -45.81 5.23
N VAL E 282 33.74 -46.62 6.15
CA VAL E 282 34.16 -46.70 7.59
C VAL E 282 35.25 -47.76 7.75
N THR E 283 36.51 -47.32 7.88
CA THR E 283 37.75 -48.14 7.88
C THR E 283 37.92 -48.85 9.24
N ALA E 284 37.37 -48.32 10.34
CA ALA E 284 37.60 -48.84 11.72
C ALA E 284 36.55 -48.29 12.70
N VAL E 285 36.36 -48.96 13.84
CA VAL E 285 35.38 -48.60 14.91
C VAL E 285 36.02 -48.79 16.28
N HIS E 286 35.90 -47.78 17.13
CA HIS E 286 36.46 -47.74 18.51
C HIS E 286 35.30 -47.49 19.48
N LEU E 287 35.30 -48.13 20.65
CA LEU E 287 34.22 -48.00 21.66
C LEU E 287 34.82 -48.01 23.06
N GLN E 288 34.34 -47.15 23.97
CA GLN E 288 34.59 -47.31 25.43
C GLN E 288 33.94 -48.64 25.86
N ARG E 289 34.26 -49.17 27.03
CA ARG E 289 33.34 -50.13 27.70
C ARG E 289 32.27 -49.25 28.34
N ASN E 290 31.03 -49.75 28.42
CA ASN E 290 29.84 -48.99 28.90
C ASN E 290 29.58 -47.79 27.99
N PRO E 291 29.64 -47.99 26.63
CA PRO E 291 29.39 -46.89 25.70
C PRO E 291 27.88 -46.60 25.74
N VAL E 292 27.46 -45.33 25.63
CA VAL E 292 26.05 -44.98 25.29
C VAL E 292 26.08 -44.30 23.93
N PHE E 293 25.16 -44.67 23.06
CA PHE E 293 24.99 -44.05 21.73
C PHE E 293 24.18 -42.77 21.86
N HIS E 294 24.71 -41.66 21.37
CA HIS E 294 24.09 -40.31 21.48
C HIS E 294 23.45 -39.92 20.16
N SER E 295 22.14 -39.68 20.17
CA SER E 295 21.39 -39.16 19.01
C SER E 295 20.64 -37.86 19.35
N ILE E 296 20.36 -37.10 18.31
CA ILE E 296 19.65 -35.81 18.39
C ILE E 296 18.31 -35.98 17.67
N LEU E 297 17.22 -35.64 18.34
CA LEU E 297 15.91 -35.51 17.69
C LEU E 297 15.83 -34.16 16.98
N SER E 298 15.69 -34.16 15.65
CA SER E 298 15.44 -32.92 14.86
C SER E 298 14.27 -32.17 15.48
N GLY E 299 14.43 -30.86 15.63
CA GLY E 299 13.52 -30.01 16.40
C GLY E 299 14.28 -29.13 17.38
N GLN E 300 13.74 -28.98 18.58
CA GLN E 300 14.29 -28.07 19.61
C GLN E 300 15.76 -28.36 19.88
N GLU E 301 16.20 -29.60 19.75
CA GLU E 301 17.62 -29.95 20.02
C GLU E 301 18.46 -29.10 19.06
N VAL E 302 17.99 -28.91 17.83
CA VAL E 302 18.75 -28.16 16.80
C VAL E 302 18.50 -26.66 16.98
N PHE E 303 17.25 -26.26 17.24
CA PHE E 303 16.91 -24.82 17.45
C PHE E 303 17.78 -24.24 18.56
N ASN E 304 17.84 -24.90 19.72
CA ASN E 304 18.72 -24.46 20.84
C ASN E 304 20.20 -24.47 20.42
N SER E 305 20.70 -25.44 19.63
CA SER E 305 22.14 -25.43 19.23
C SER E 305 22.44 -24.10 18.54
N VAL E 306 21.54 -23.66 17.68
CA VAL E 306 21.75 -22.45 16.84
C VAL E 306 21.54 -21.19 17.69
N GLY E 307 20.43 -21.14 18.43
CA GLY E 307 20.07 -20.00 19.29
C GLY E 307 21.15 -19.72 20.34
N LEU E 308 21.69 -20.75 21.00
CA LEU E 308 22.63 -20.56 22.13
C LEU E 308 23.92 -19.98 21.57
N LEU E 309 24.30 -20.37 20.36
CA LEU E 309 25.54 -19.87 19.72
C LEU E 309 25.31 -18.50 19.07
N GLY E 310 24.09 -18.17 18.60
CA GLY E 310 23.87 -17.00 17.73
C GLY E 310 23.30 -15.78 18.44
N GLU E 311 22.51 -15.97 19.50
CA GLU E 311 21.72 -14.86 20.12
C GLU E 311 22.64 -13.77 20.69
N SER E 312 23.72 -14.10 21.34
CA SER E 312 24.55 -13.06 22.00
C SER E 312 25.09 -12.11 20.94
N ALA E 313 25.58 -12.59 19.80
CA ALA E 313 26.13 -11.71 18.72
C ALA E 313 25.03 -10.76 18.20
N LEU E 314 23.85 -11.33 18.02
CA LEU E 314 22.69 -10.61 17.49
C LEU E 314 22.27 -9.50 18.48
N PHE E 315 22.12 -9.87 19.74
CA PHE E 315 21.84 -8.89 20.83
C PHE E 315 22.94 -7.81 20.83
N ASP E 316 24.19 -8.22 20.70
CA ASP E 316 25.32 -7.28 20.76
C ASP E 316 25.17 -6.27 19.61
N GLN E 317 24.73 -6.74 18.44
CA GLN E 317 24.72 -5.91 17.21
C GLN E 317 23.53 -4.96 17.30
N VAL E 318 22.39 -5.45 17.78
CA VAL E 318 21.19 -4.59 17.89
C VAL E 318 21.36 -3.59 19.03
N SER E 319 21.86 -3.98 20.21
CA SER E 319 21.94 -3.04 21.39
C SER E 319 22.96 -1.96 21.09
N LYS E 320 23.88 -2.21 20.18
CA LYS E 320 24.88 -1.20 19.79
C LYS E 320 24.21 -0.10 18.95
N GLN E 321 23.16 -0.41 18.18
CA GLN E 321 22.54 0.52 17.21
C GLN E 321 21.25 1.12 17.79
N VAL E 322 20.75 0.56 18.87
CA VAL E 322 19.41 0.94 19.42
C VAL E 322 19.48 0.94 20.94
N PRO E 323 19.01 2.01 21.60
CA PRO E 323 18.96 2.03 23.05
C PRO E 323 17.89 1.13 23.67
N GLY E 324 18.20 0.55 24.84
CA GLY E 324 17.17 -0.08 25.69
C GLY E 324 16.91 -1.51 25.29
N ILE E 325 17.75 -2.13 24.45
CA ILE E 325 17.60 -3.56 24.15
C ILE E 325 17.98 -4.39 25.40
N LEU E 326 17.14 -5.34 25.80
CA LEU E 326 17.35 -6.24 26.98
C LEU E 326 17.69 -7.67 26.56
N GLU E 327 17.06 -8.22 25.52
CA GLU E 327 17.22 -9.66 25.16
C GLU E 327 16.68 -9.88 23.75
N VAL E 328 17.20 -10.89 23.09
CA VAL E 328 16.79 -11.30 21.73
C VAL E 328 16.57 -12.80 21.76
N ALA E 329 15.43 -13.29 21.28
CA ALA E 329 15.19 -14.74 21.25
C ALA E 329 15.06 -15.17 19.81
N LEU E 330 15.82 -16.17 19.42
CA LEU E 330 15.55 -16.93 18.19
C LEU E 330 14.60 -18.04 18.59
N THR E 331 13.30 -17.79 18.50
CA THR E 331 12.26 -18.68 19.03
C THR E 331 12.29 -20.05 18.36
N ASP E 332 11.83 -21.06 19.11
CA ASP E 332 11.65 -22.45 18.66
C ASP E 332 10.55 -22.49 17.58
N GLY E 333 9.49 -21.70 17.73
CA GLY E 333 8.45 -21.64 16.67
C GLY E 333 9.11 -21.29 15.35
N GLY E 334 10.14 -20.43 15.37
CA GLY E 334 10.76 -20.00 14.12
C GLY E 334 11.91 -20.91 13.74
N CYS E 335 11.99 -22.10 14.28
CA CYS E 335 13.07 -23.06 13.92
C CYS E 335 14.44 -22.50 14.30
N GLY E 336 14.50 -21.66 15.34
CA GLY E 336 15.71 -21.03 15.88
C GLY E 336 16.47 -20.32 14.77
N PHE E 337 15.77 -19.66 13.86
CA PHE E 337 16.41 -19.17 12.62
C PHE E 337 15.55 -18.13 11.89
N TYR E 338 14.22 -18.24 11.94
CA TYR E 338 13.31 -17.49 11.06
C TYR E 338 12.53 -16.43 11.81
N HIS E 339 12.41 -16.54 13.13
CA HIS E 339 11.73 -15.52 13.96
C HIS E 339 12.63 -15.07 15.10
N ALA E 340 12.86 -13.77 15.18
CA ALA E 340 13.53 -13.16 16.34
C ALA E 340 12.54 -12.27 17.07
N VAL E 341 12.39 -12.45 18.37
CA VAL E 341 11.68 -11.50 19.26
C VAL E 341 12.72 -10.66 20.01
N VAL E 342 12.56 -9.36 19.98
CA VAL E 342 13.51 -8.41 20.59
C VAL E 342 12.79 -7.73 21.72
N GLN E 343 13.37 -7.72 22.89
CA GLN E 343 12.67 -7.16 24.06
C GLN E 343 13.38 -5.88 24.39
N LEU E 344 12.63 -4.78 24.54
CA LEU E 344 13.33 -3.54 24.92
C LEU E 344 12.50 -2.75 25.91
N LYS E 345 13.18 -1.79 26.54
CA LYS E 345 12.61 -0.77 27.45
C LYS E 345 12.63 0.54 26.66
N GLN E 346 11.49 1.02 26.23
CA GLN E 346 11.41 2.16 25.30
C GLN E 346 11.90 3.41 26.04
N VAL E 347 12.60 4.27 25.31
CA VAL E 347 13.05 5.58 25.85
C VAL E 347 12.55 6.71 24.97
N ARG E 348 12.09 6.40 23.76
CA ARG E 348 11.60 7.43 22.81
C ARG E 348 10.85 6.82 21.64
N ALA E 349 9.78 7.46 21.21
CA ALA E 349 9.04 6.90 20.05
C ALA E 349 10.03 6.75 18.89
N GLY E 350 9.92 5.67 18.14
CA GLY E 350 10.63 5.47 16.87
C GLY E 350 11.72 4.43 16.99
N TRP E 351 12.34 4.29 18.16
CA TRP E 351 13.44 3.30 18.32
C TRP E 351 12.94 1.88 18.03
N SER E 352 11.72 1.52 18.39
CA SER E 352 11.19 0.16 18.07
C SER E 352 11.36 -0.14 16.58
N LYS E 353 11.11 0.80 15.68
CA LYS E 353 11.28 0.52 14.23
C LYS E 353 12.75 0.36 13.90
N GLN E 354 13.64 1.17 14.46
CA GLN E 354 15.08 0.97 14.18
C GLN E 354 15.47 -0.43 14.64
N ALA E 355 14.89 -0.90 15.76
CA ALA E 355 15.18 -2.26 16.27
C ALA E 355 14.85 -3.30 15.20
N ILE E 356 13.76 -3.12 14.50
CA ILE E 356 13.40 -4.06 13.39
C ILE E 356 14.48 -4.02 12.31
N LEU E 357 14.89 -2.84 11.87
CA LEU E 357 15.88 -2.73 10.78
C LEU E 357 17.17 -3.39 11.26
N ALA E 358 17.59 -3.12 12.49
CA ALA E 358 18.91 -3.60 12.97
C ALA E 358 18.89 -5.12 13.04
N THR E 359 17.79 -5.69 13.49
CA THR E 359 17.66 -7.14 13.66
C THR E 359 17.69 -7.84 12.29
N PHE E 360 16.97 -7.32 11.31
CA PHE E 360 16.92 -7.93 9.96
C PHE E 360 18.26 -7.88 9.24
N ALA E 361 18.98 -6.81 9.50
CA ALA E 361 20.30 -6.50 8.92
C ALA E 361 21.37 -7.41 9.50
N ALA E 362 21.20 -7.77 10.77
CA ALA E 362 22.20 -8.55 11.52
C ALA E 362 22.05 -10.05 11.29
N PHE E 363 20.93 -10.59 10.76
CA PHE E 363 20.68 -12.07 10.67
C PHE E 363 19.84 -12.40 9.43
N PRO E 364 20.52 -12.58 8.29
CA PRO E 364 19.86 -12.69 6.98
C PRO E 364 18.82 -13.76 6.82
N PRO E 365 18.89 -14.89 7.53
CA PRO E 365 17.83 -15.90 7.45
C PRO E 365 16.47 -15.46 7.96
N LEU E 366 16.43 -14.47 8.86
CA LEU E 366 15.18 -14.09 9.55
C LEU E 366 14.09 -13.78 8.54
N LYS E 367 12.89 -14.26 8.82
CA LYS E 367 11.69 -13.88 8.03
C LYS E 367 10.83 -12.88 8.81
N MET E 368 10.71 -13.07 10.12
CA MET E 368 9.88 -12.23 10.99
C MET E 368 10.77 -11.68 12.10
N VAL E 369 10.50 -10.46 12.49
CA VAL E 369 10.97 -9.90 13.75
C VAL E 369 9.79 -9.31 14.48
N THR E 370 9.69 -9.58 15.76
CA THR E 370 8.66 -8.99 16.63
C THR E 370 9.37 -8.22 17.74
N ILE E 371 8.97 -6.99 17.98
CA ILE E 371 9.49 -6.18 19.11
C ILE E 371 8.46 -6.16 20.20
N VAL E 372 8.91 -6.34 21.45
CA VAL E 372 7.99 -6.25 22.63
C VAL E 372 8.68 -5.48 23.74
N ASP E 373 7.90 -5.01 24.67
CA ASP E 373 8.38 -4.29 25.87
C ASP E 373 8.91 -5.25 26.97
N GLU E 374 9.55 -4.67 27.98
CA GLU E 374 10.25 -5.32 29.10
C GLU E 374 9.25 -6.21 29.86
N ASP E 375 7.94 -5.98 29.76
CA ASP E 375 6.94 -6.66 30.61
C ASP E 375 6.24 -7.81 29.86
N VAL E 376 6.81 -8.24 28.74
CA VAL E 376 6.33 -9.39 27.90
C VAL E 376 7.42 -10.45 27.89
N ASP E 377 7.09 -11.73 28.07
CA ASP E 377 8.09 -12.81 28.06
C ASP E 377 8.40 -13.18 26.61
N LEU E 378 9.49 -12.67 26.05
CA LEU E 378 9.81 -12.82 24.62
C LEU E 378 9.93 -14.31 24.25
N ARG E 379 10.20 -15.18 25.21
CA ARG E 379 10.39 -16.62 24.91
C ARG E 379 9.09 -17.39 25.08
N ASN E 380 7.99 -16.73 25.46
CA ASN E 380 6.67 -17.41 25.54
C ASN E 380 5.79 -16.99 24.35
N PRO E 381 5.56 -17.87 23.39
CA PRO E 381 4.78 -17.48 22.23
C PRO E 381 3.36 -16.98 22.60
N ARG E 382 2.68 -17.55 23.60
CA ARG E 382 1.37 -17.08 24.17
C ARG E 382 1.56 -15.58 24.47
N ASP E 383 2.69 -15.18 25.08
CA ASP E 383 2.78 -13.81 25.64
C ASP E 383 3.03 -12.82 24.49
N VAL E 384 3.79 -13.24 23.49
CA VAL E 384 4.05 -12.42 22.28
C VAL E 384 2.73 -12.27 21.48
N GLU E 385 1.95 -13.34 21.33
CA GLU E 385 0.57 -13.35 20.73
C GLU E 385 -0.24 -12.31 21.49
N TRP E 386 -0.14 -12.28 22.80
CA TRP E 386 -0.89 -11.30 23.63
C TRP E 386 -0.48 -9.87 23.26
N ALA E 387 0.83 -9.62 23.16
CA ALA E 387 1.37 -8.28 22.81
C ALA E 387 0.83 -7.90 21.43
N MET E 388 0.81 -8.86 20.51
CA MET E 388 0.20 -8.66 19.17
C MET E 388 -1.28 -8.31 19.31
N ALA E 389 -1.99 -8.96 20.22
CA ALA E 389 -3.45 -8.80 20.30
C ALA E 389 -3.82 -7.45 20.92
N THR E 390 -3.00 -6.91 21.82
CA THR E 390 -3.42 -5.69 22.60
C THR E 390 -2.57 -4.47 22.23
N ARG E 391 -1.38 -4.65 21.67
CA ARG E 391 -0.45 -3.48 21.54
C ARG E 391 -0.15 -3.17 20.07
N LEU E 392 0.07 -4.14 19.20
CA LEU E 392 0.38 -3.92 17.77
C LEU E 392 -0.66 -3.00 17.15
N ASP E 393 -0.23 -1.96 16.48
CA ASP E 393 -1.08 -1.18 15.55
C ASP E 393 -0.90 -1.83 14.19
N PRO E 394 -1.91 -2.53 13.67
CA PRO E 394 -1.70 -3.23 12.41
C PRO E 394 -1.37 -2.27 11.26
N GLU E 395 -1.81 -1.03 11.35
CA GLU E 395 -1.61 -0.08 10.22
C GLU E 395 -0.18 0.45 10.25
N ARG E 396 0.33 0.88 11.38
CA ARG E 396 1.65 1.54 11.42
C ARG E 396 2.75 0.62 11.96
N GLY E 397 2.41 -0.51 12.58
CA GLY E 397 3.36 -1.39 13.27
C GLY E 397 3.78 -2.62 12.46
N ILE E 398 3.29 -2.77 11.25
CA ILE E 398 3.75 -3.88 10.35
C ILE E 398 4.65 -3.30 9.29
N LEU E 399 5.90 -3.74 9.23
CA LEU E 399 6.89 -3.25 8.27
C LEU E 399 7.27 -4.41 7.37
N ARG E 400 7.02 -4.26 6.08
CA ARG E 400 7.25 -5.34 5.11
C ARG E 400 8.42 -4.95 4.21
N ILE E 401 9.36 -5.86 4.03
CA ILE E 401 10.56 -5.70 3.17
C ILE E 401 10.36 -6.70 2.04
N ASP E 402 10.34 -6.25 0.79
CA ASP E 402 10.23 -7.20 -0.34
C ASP E 402 11.57 -7.40 -1.04
N ASP E 403 11.64 -8.51 -1.76
CA ASP E 403 12.70 -8.80 -2.77
C ASP E 403 14.05 -8.69 -2.08
N THR E 404 14.15 -9.27 -0.90
CA THR E 404 15.41 -9.27 -0.14
C THR E 404 15.96 -10.69 -0.05
N PHE E 405 17.21 -10.80 0.40
CA PHE E 405 17.88 -12.11 0.56
C PHE E 405 17.38 -12.80 1.81
N GLY E 406 17.23 -14.11 1.73
CA GLY E 406 16.89 -14.94 2.90
C GLY E 406 17.38 -16.36 2.73
N HIS E 407 16.93 -17.27 3.58
CA HIS E 407 17.45 -18.66 3.63
C HIS E 407 16.67 -19.58 2.69
N GLY E 408 17.36 -20.19 1.71
CA GLY E 408 16.79 -20.99 0.60
C GLY E 408 16.10 -22.25 1.07
N LEU E 409 16.48 -22.82 2.21
CA LEU E 409 15.83 -24.04 2.77
C LEU E 409 14.40 -23.72 3.14
N ASN E 410 14.14 -22.51 3.63
CA ASN E 410 12.78 -22.05 3.99
C ASN E 410 12.03 -21.82 2.69
N PRO E 411 10.93 -22.53 2.40
CA PRO E 411 10.20 -22.34 1.14
C PRO E 411 9.50 -21.00 0.96
N SER E 412 9.45 -20.11 1.97
CA SER E 412 9.03 -18.68 1.86
C SER E 412 10.08 -17.87 1.10
N PHE E 413 11.26 -18.47 0.86
CA PHE E 413 12.42 -17.82 0.21
C PHE E 413 12.97 -18.67 -0.93
N PRO E 414 12.19 -18.92 -2.00
CA PRO E 414 12.70 -19.69 -3.14
C PRO E 414 13.94 -19.04 -3.73
N ASP E 415 15.01 -19.81 -3.84
CA ASP E 415 16.30 -19.33 -4.39
C ASP E 415 16.84 -18.16 -3.54
N TYR E 416 16.68 -18.24 -2.21
CA TYR E 416 17.34 -17.32 -1.26
C TYR E 416 16.83 -15.88 -1.50
N PHE E 417 15.53 -15.72 -1.74
CA PHE E 417 14.87 -14.47 -2.19
C PHE E 417 13.38 -14.44 -1.82
N GLY E 418 12.92 -13.37 -1.17
CA GLY E 418 11.52 -13.23 -0.73
C GLY E 418 11.27 -12.04 0.19
N SER E 419 10.16 -12.07 0.92
CA SER E 419 9.69 -10.96 1.76
C SER E 419 9.86 -11.31 3.23
N LYS E 420 10.23 -10.30 3.99
CA LYS E 420 10.43 -10.33 5.46
C LYS E 420 9.40 -9.37 6.03
N VAL E 421 9.04 -9.52 7.29
CA VAL E 421 8.00 -8.67 7.92
C VAL E 421 8.33 -8.48 9.38
N GLY E 422 8.29 -7.25 9.84
CA GLY E 422 8.50 -6.93 11.26
C GLY E 422 7.23 -6.47 11.92
N PHE E 423 7.01 -6.92 13.14
CA PHE E 423 5.85 -6.53 13.94
C PHE E 423 6.32 -5.71 15.13
N ASP E 424 5.79 -4.53 15.27
CA ASP E 424 6.12 -3.64 16.39
C ASP E 424 4.99 -3.78 17.36
N ALA E 425 5.10 -4.75 18.28
CA ALA E 425 4.07 -5.02 19.28
C ALA E 425 4.42 -4.33 20.59
N THR E 426 4.92 -3.10 20.53
CA THR E 426 5.21 -2.30 21.74
C THR E 426 3.99 -1.48 22.13
N ARG E 427 3.87 -1.23 23.41
CA ARG E 427 2.93 -0.22 23.95
C ARG E 427 3.33 1.15 23.40
N SER E 428 2.46 2.12 23.61
CA SER E 428 2.66 3.49 23.15
C SER E 428 3.60 4.14 24.14
N PHE E 429 4.45 5.05 23.64
CA PHE E 429 5.42 5.82 24.43
C PHE E 429 5.18 7.29 24.15
N PRO E 430 5.00 8.17 25.17
CA PRO E 430 5.18 7.83 26.58
C PRO E 430 4.21 6.78 27.14
N PHE E 431 4.67 6.06 28.17
CA PHE E 431 3.90 4.97 28.80
C PHE E 431 2.58 5.55 29.29
N GLU E 432 1.48 4.83 29.12
CA GLU E 432 0.11 5.20 29.54
C GLU E 432 -0.50 4.07 30.40
N GLU E 433 -1.40 4.40 31.33
CA GLU E 433 -2.01 3.44 32.31
C GLU E 433 -2.71 2.30 31.56
N LYS E 434 -3.35 2.57 30.44
CA LYS E 434 -4.21 1.59 29.73
C LYS E 434 -3.39 0.38 29.25
N HIS E 435 -2.04 0.49 29.27
CA HIS E 435 -1.12 -0.60 28.89
C HIS E 435 -0.40 -1.21 30.10
N GLU E 436 -0.71 -0.83 31.34
CA GLU E 436 -0.09 -1.42 32.57
C GLU E 436 -0.74 -2.78 32.82
N ARG E 437 0.04 -3.83 32.78
CA ARG E 437 -0.45 -5.22 32.91
C ARG E 437 -0.78 -5.49 34.37
N ILE E 438 -1.83 -6.27 34.59
CA ILE E 438 -2.18 -6.82 35.92
C ILE E 438 -1.01 -7.69 36.37
N THR E 439 -0.96 -7.88 37.66
CA THR E 439 0.19 -8.53 38.31
C THR E 439 -0.37 -9.30 39.51
N TYR E 440 0.08 -10.53 39.68
CA TYR E 440 -0.24 -11.36 40.86
C TYR E 440 1.03 -11.42 41.71
N GLN E 441 0.88 -11.33 43.03
CA GLN E 441 2.04 -11.46 43.96
C GLN E 441 2.87 -12.71 43.64
N ASP E 442 4.19 -12.51 43.58
CA ASP E 442 5.18 -13.60 43.40
C ASP E 442 5.25 -14.36 44.74
N VAL E 443 5.33 -15.67 44.67
CA VAL E 443 5.08 -16.52 45.87
C VAL E 443 5.96 -17.76 45.75
N ASP E 444 6.70 -18.03 46.81
CA ASP E 444 7.52 -19.25 46.96
C ASP E 444 6.60 -20.42 47.32
N LEU E 445 6.51 -21.42 46.46
CA LEU E 445 5.61 -22.59 46.68
C LEU E 445 6.21 -23.54 47.73
N SER E 446 7.52 -23.45 47.97
CA SER E 446 8.19 -24.31 48.98
C SER E 446 7.77 -23.85 50.39
N ARG E 447 7.29 -22.62 50.54
CA ARG E 447 6.82 -22.04 51.83
C ARG E 447 5.48 -22.65 52.30
N PHE E 448 4.86 -23.54 51.51
CA PHE E 448 3.51 -24.12 51.82
C PHE E 448 3.50 -25.63 51.60
N GLU E 449 2.63 -26.32 52.36
CA GLU E 449 2.36 -27.76 52.18
C GLU E 449 1.29 -27.87 51.11
N ILE E 450 1.65 -28.49 49.99
CA ILE E 450 0.77 -28.63 48.80
C ILE E 450 0.83 -30.08 48.35
N VAL E 451 -0.27 -30.83 48.43
CA VAL E 451 -0.40 -32.19 47.86
C VAL E 451 -1.09 -32.04 46.49
N GLU E 452 -0.36 -32.33 45.39
CA GLU E 452 -0.77 -32.13 43.97
C GLU E 452 -1.16 -33.46 43.28
N GLY E 453 -2.36 -34.00 43.51
CA GLY E 453 -2.87 -35.21 42.81
C GLY E 453 -2.49 -36.52 43.49
N HIS E 454 -3.41 -37.50 43.50
CA HIS E 454 -3.40 -38.66 44.42
C HIS E 454 -4.82 -39.11 44.74
N HIS F 1 -33.77 26.67 -37.23
CA HIS F 1 -33.21 26.19 -35.92
C HIS F 1 -32.36 27.27 -35.27
N MET F 2 -32.91 28.48 -35.17
CA MET F 2 -32.37 29.66 -34.45
C MET F 2 -33.52 30.25 -33.64
N HIS F 3 -33.24 30.97 -32.55
CA HIS F 3 -34.26 31.38 -31.54
C HIS F 3 -33.92 32.76 -30.96
N LYS F 4 -34.81 33.73 -31.12
CA LYS F 4 -34.56 35.15 -30.78
C LYS F 4 -34.81 35.34 -29.27
N ASP F 5 -35.70 34.53 -28.70
CA ASP F 5 -36.21 34.68 -27.31
C ASP F 5 -36.86 33.39 -26.84
N LEU F 6 -37.31 33.36 -25.59
CA LEU F 6 -37.88 32.17 -24.93
C LEU F 6 -39.20 31.74 -25.61
N HIS F 7 -40.00 32.69 -26.12
CA HIS F 7 -41.27 32.42 -26.86
C HIS F 7 -41.01 31.41 -27.97
N SER F 8 -39.99 31.70 -28.79
CA SER F 8 -39.55 30.84 -29.92
C SER F 8 -39.36 29.41 -29.42
N ILE F 9 -38.63 29.27 -28.30
CA ILE F 9 -38.25 27.98 -27.65
C ILE F 9 -39.54 27.23 -27.29
N ILE F 10 -40.40 27.89 -26.51
CA ILE F 10 -41.62 27.24 -25.97
C ILE F 10 -42.52 26.76 -27.12
N ASP F 11 -42.69 27.57 -28.17
CA ASP F 11 -43.56 27.23 -29.33
C ASP F 11 -42.96 26.02 -30.06
N ALA F 12 -41.65 26.00 -30.22
CA ALA F 12 -40.90 24.91 -30.90
C ALA F 12 -41.08 23.59 -30.13
N LEU F 13 -41.01 23.66 -28.79
CA LEU F 13 -41.18 22.51 -27.87
C LEU F 13 -42.64 22.03 -27.91
N ASP F 14 -43.59 22.97 -27.79
CA ASP F 14 -45.06 22.72 -27.93
C ASP F 14 -45.30 21.99 -29.26
N THR F 15 -44.83 22.57 -30.37
CA THR F 15 -44.97 21.98 -31.73
C THR F 15 -44.37 20.58 -31.75
N ALA F 16 -43.18 20.41 -31.14
CA ALA F 16 -42.41 19.15 -31.16
C ALA F 16 -42.99 18.13 -30.17
N GLY F 17 -43.93 18.54 -29.30
CA GLY F 17 -44.57 17.64 -28.32
C GLY F 17 -43.61 17.29 -27.20
N ARG F 18 -42.69 18.22 -26.94
CA ARG F 18 -41.69 18.11 -25.85
C ARG F 18 -42.08 19.07 -24.74
N LEU F 19 -43.37 19.37 -24.63
CA LEU F 19 -43.86 20.24 -23.53
C LEU F 19 -44.88 19.45 -22.72
N ILE F 20 -44.67 19.44 -21.41
CA ILE F 20 -45.61 18.91 -20.38
C ILE F 20 -46.35 20.12 -19.83
N ARG F 21 -47.65 20.17 -20.05
CA ARG F 21 -48.54 21.27 -19.61
C ARG F 21 -49.24 20.80 -18.33
N VAL F 22 -48.95 21.48 -17.23
CA VAL F 22 -49.64 21.22 -15.94
C VAL F 22 -50.71 22.30 -15.79
N ARG F 23 -51.98 21.91 -15.97
CA ARG F 23 -53.13 22.81 -16.17
C ARG F 23 -53.75 23.18 -14.81
N SER F 24 -53.79 22.22 -13.86
CA SER F 24 -54.32 22.44 -12.48
C SER F 24 -53.52 23.57 -11.82
N GLN F 25 -54.12 24.25 -10.84
CA GLN F 25 -53.38 25.12 -9.89
C GLN F 25 -52.36 24.26 -9.16
N VAL F 26 -51.16 24.81 -9.00
CA VAL F 26 -50.05 24.28 -8.14
C VAL F 26 -49.52 25.41 -7.25
N LYS F 27 -48.92 25.06 -6.12
CA LYS F 27 -48.36 26.07 -5.17
C LYS F 27 -46.90 26.29 -5.52
N ALA F 28 -46.48 27.55 -5.59
CA ALA F 28 -45.06 27.93 -5.82
C ALA F 28 -44.20 27.42 -4.66
N GLU F 29 -44.76 27.36 -3.45
CA GLU F 29 -44.09 26.80 -2.24
C GLU F 29 -44.05 25.27 -2.39
N HIS F 30 -42.88 24.74 -2.73
CA HIS F 30 -42.50 23.29 -2.70
C HIS F 30 -43.22 22.45 -3.77
N GLU F 31 -44.53 22.62 -3.95
CA GLU F 31 -45.34 21.69 -4.78
C GLU F 31 -44.83 21.70 -6.23
N LEU F 32 -44.50 22.88 -6.75
CA LEU F 32 -44.17 23.05 -8.19
C LEU F 32 -42.90 22.26 -8.49
N ALA F 33 -41.85 22.57 -7.73
CA ALA F 33 -40.55 21.88 -7.82
C ALA F 33 -40.77 20.37 -7.67
N GLY F 34 -41.58 19.94 -6.70
CA GLY F 34 -41.93 18.52 -6.49
C GLY F 34 -42.40 17.84 -7.76
N ILE F 35 -43.20 18.54 -8.57
CA ILE F 35 -43.76 17.97 -9.83
C ILE F 35 -42.63 17.89 -10.87
N ALA F 36 -41.96 19.03 -11.08
CA ALA F 36 -40.75 19.12 -11.92
C ALA F 36 -39.84 17.93 -11.60
N ALA F 37 -39.55 17.71 -10.32
CA ALA F 37 -38.62 16.66 -9.83
C ALA F 37 -39.04 15.29 -10.36
N LYS F 38 -40.31 14.98 -10.48
CA LYS F 38 -40.74 13.64 -10.99
C LYS F 38 -40.47 13.54 -12.49
N TYR F 39 -40.18 14.65 -13.17
CA TYR F 39 -39.98 14.63 -14.63
C TYR F 39 -38.49 14.88 -14.97
N GLU F 40 -37.67 15.23 -13.98
CA GLU F 40 -36.25 15.64 -14.17
C GLU F 40 -35.58 14.62 -15.10
N GLY F 41 -35.00 15.09 -16.21
CA GLY F 41 -34.15 14.27 -17.08
C GLY F 41 -34.85 13.69 -18.28
N CYS F 42 -36.18 13.60 -18.29
CA CYS F 42 -36.91 13.08 -19.47
C CYS F 42 -36.80 14.10 -20.63
N ASP F 43 -37.21 13.71 -21.82
CA ASP F 43 -36.95 14.43 -23.09
C ASP F 43 -37.95 15.57 -23.29
N LYS F 44 -38.46 16.19 -22.23
CA LYS F 44 -39.48 17.27 -22.30
C LYS F 44 -39.28 18.26 -21.17
N ALA F 45 -39.64 19.53 -21.37
CA ALA F 45 -39.69 20.53 -20.29
C ALA F 45 -41.12 20.58 -19.75
N VAL F 46 -41.32 21.39 -18.71
CA VAL F 46 -42.60 21.47 -17.96
C VAL F 46 -43.05 22.92 -17.93
N LEU F 47 -44.24 23.18 -18.46
CA LEU F 47 -44.91 24.49 -18.33
C LEU F 47 -46.08 24.35 -17.36
N PHE F 48 -46.01 25.15 -16.32
CA PHE F 48 -47.06 25.23 -15.28
C PHE F 48 -47.98 26.38 -15.66
N GLU F 49 -49.14 26.07 -16.25
CA GLU F 49 -50.10 27.09 -16.76
C GLU F 49 -50.70 27.90 -15.61
N ASN F 50 -50.69 27.41 -14.39
CA ASN F 50 -51.44 28.02 -13.25
C ASN F 50 -50.67 27.81 -11.95
N VAL F 51 -49.97 28.85 -11.51
CA VAL F 51 -49.20 28.87 -10.25
C VAL F 51 -49.87 29.86 -9.28
N ASP F 52 -50.63 29.34 -8.32
CA ASP F 52 -51.32 30.19 -7.30
C ASP F 52 -52.26 31.17 -8.02
N GLY F 53 -52.87 30.74 -9.13
CA GLY F 53 -53.71 31.58 -9.99
C GLY F 53 -53.03 32.87 -10.46
N ASN F 54 -51.71 32.84 -10.69
CA ASN F 54 -50.98 33.95 -11.36
C ASN F 54 -51.39 33.98 -12.83
N ASP F 55 -51.31 35.12 -13.53
CA ASP F 55 -51.50 35.16 -15.01
C ASP F 55 -50.24 34.60 -15.69
N ILE F 56 -49.14 34.66 -14.95
CA ILE F 56 -47.77 34.27 -15.40
C ILE F 56 -47.56 32.80 -15.12
N PRO F 57 -47.40 31.99 -16.19
CA PRO F 57 -47.04 30.58 -16.05
C PRO F 57 -45.54 30.45 -15.78
N VAL F 58 -45.04 29.30 -15.29
CA VAL F 58 -43.57 29.14 -15.13
C VAL F 58 -43.12 27.92 -15.93
N LEU F 59 -41.97 28.11 -16.57
CA LEU F 59 -41.26 27.07 -17.34
C LEU F 59 -40.07 26.58 -16.50
N MET F 60 -39.92 25.27 -16.46
CA MET F 60 -38.84 24.60 -15.74
C MET F 60 -38.41 23.43 -16.61
N GLY F 61 -37.14 23.06 -16.53
CA GLY F 61 -36.65 21.77 -17.06
C GLY F 61 -36.14 21.90 -18.48
N LEU F 62 -35.80 23.13 -18.88
CA LEU F 62 -35.26 23.40 -20.24
C LEU F 62 -33.92 22.72 -20.44
N TYR F 63 -33.09 22.57 -19.39
CA TYR F 63 -31.66 22.20 -19.54
C TYR F 63 -31.41 20.76 -19.10
N TRP F 64 -32.42 20.01 -18.62
CA TRP F 64 -32.10 18.71 -18.00
C TRP F 64 -31.96 17.58 -19.03
N SER F 65 -32.19 17.84 -20.30
CA SER F 65 -32.07 16.81 -21.35
C SER F 65 -31.32 17.41 -22.54
N ARG F 66 -30.13 16.88 -22.79
CA ARG F 66 -29.31 17.25 -23.94
C ARG F 66 -30.07 16.92 -25.22
N ASP F 67 -30.89 15.86 -25.20
CA ASP F 67 -31.67 15.47 -26.42
C ASP F 67 -32.61 16.62 -26.75
N LEU F 68 -33.28 17.16 -25.75
CA LEU F 68 -34.23 18.28 -25.93
C LEU F 68 -33.48 19.50 -26.46
N LEU F 69 -32.39 19.92 -25.81
CA LEU F 69 -31.63 21.11 -26.28
C LEU F 69 -31.17 20.90 -27.72
N GLY F 70 -30.73 19.69 -28.02
CA GLY F 70 -30.30 19.33 -29.38
C GLY F 70 -31.43 19.51 -30.37
N SER F 71 -32.63 19.05 -30.02
CA SER F 71 -33.83 19.13 -30.90
C SER F 71 -34.10 20.59 -31.27
N LEU F 72 -33.88 21.53 -30.35
CA LEU F 72 -34.13 22.98 -30.57
C LEU F 72 -33.18 23.57 -31.60
N TYR F 73 -32.01 22.99 -31.82
CA TYR F 73 -30.95 23.55 -32.70
C TYR F 73 -30.66 22.58 -33.86
N GLY F 74 -31.36 21.45 -33.93
CA GLY F 74 -31.21 20.43 -34.98
C GLY F 74 -29.94 19.60 -34.84
N VAL F 75 -29.40 19.38 -33.63
CA VAL F 75 -28.15 18.57 -33.45
C VAL F 75 -28.46 17.40 -32.53
N ASP F 76 -27.82 16.26 -32.78
CA ASP F 76 -27.91 15.07 -31.90
C ASP F 76 -27.38 15.46 -30.51
N ALA F 77 -27.87 14.85 -29.44
CA ALA F 77 -27.40 15.15 -28.05
C ALA F 77 -25.87 15.05 -28.03
N VAL F 78 -25.32 14.01 -28.63
CA VAL F 78 -23.86 13.74 -28.60
C VAL F 78 -23.07 14.92 -29.20
N ASP F 79 -23.61 15.65 -30.18
CA ASP F 79 -22.84 16.72 -30.87
C ASP F 79 -23.08 18.06 -30.19
N MET F 80 -23.91 18.17 -29.15
CA MET F 80 -24.27 19.48 -28.58
C MET F 80 -23.06 20.18 -27.94
N PRO F 81 -22.21 19.50 -27.16
CA PRO F 81 -21.06 20.17 -26.56
C PRO F 81 -20.15 20.76 -27.65
N ARG F 82 -19.87 20.03 -28.71
CA ARG F 82 -19.02 20.56 -29.81
C ARG F 82 -19.74 21.75 -30.48
N PHE F 83 -21.03 21.60 -30.75
CA PHE F 83 -21.90 22.66 -31.32
C PHE F 83 -21.68 23.96 -30.54
N ILE F 84 -21.83 23.90 -29.23
CA ILE F 84 -21.73 25.13 -28.39
C ILE F 84 -20.32 25.69 -28.46
N THR F 85 -19.31 24.84 -28.47
CA THR F 85 -17.89 25.24 -28.39
C THR F 85 -17.53 25.92 -29.70
N SER F 86 -17.90 25.31 -30.82
CA SER F 86 -17.72 25.87 -32.18
C SER F 86 -18.30 27.28 -32.22
N LYS F 87 -19.47 27.48 -31.60
CA LYS F 87 -20.14 28.79 -31.68
C LYS F 87 -19.37 29.78 -30.82
N ILE F 88 -18.95 29.38 -29.63
CA ILE F 88 -18.11 30.27 -28.80
C ILE F 88 -16.78 30.56 -29.53
N SER F 89 -16.24 29.64 -30.33
CA SER F 89 -15.00 29.87 -31.12
C SER F 89 -15.21 30.98 -32.14
N HIS F 90 -16.30 30.88 -32.91
CA HIS F 90 -16.70 31.87 -33.92
C HIS F 90 -16.84 33.26 -33.25
N TRP F 91 -17.43 33.35 -32.06
CA TRP F 91 -17.62 34.64 -31.32
C TRP F 91 -16.26 35.23 -30.92
N LYS F 92 -15.33 34.39 -30.50
CA LYS F 92 -13.99 34.84 -30.05
C LYS F 92 -13.25 35.46 -31.25
N SER F 93 -13.46 34.87 -32.41
CA SER F 93 -12.75 35.21 -33.68
C SER F 93 -13.42 36.42 -34.36
N GLU F 94 -14.75 36.49 -34.40
CA GLU F 94 -15.52 37.58 -35.06
C GLU F 94 -16.76 37.95 -34.23
N PRO F 95 -16.62 38.70 -33.10
CA PRO F 95 -17.76 38.96 -32.22
C PRO F 95 -18.84 39.74 -32.98
N THR F 96 -20.13 39.55 -32.67
CA THR F 96 -21.25 40.43 -33.12
C THR F 96 -21.50 41.52 -32.07
N ALA F 97 -21.34 42.78 -32.47
CA ALA F 97 -21.66 43.97 -31.64
C ALA F 97 -23.16 43.92 -31.35
N HIS F 98 -23.56 44.32 -30.14
CA HIS F 98 -25.00 44.33 -29.74
C HIS F 98 -25.74 45.38 -30.54
N GLN F 99 -27.07 45.30 -30.56
CA GLN F 99 -27.95 46.33 -31.16
C GLN F 99 -28.73 47.05 -30.05
N LEU F 100 -28.37 48.30 -29.78
CA LEU F 100 -29.08 49.18 -28.83
C LEU F 100 -30.37 49.61 -29.52
N ILE F 101 -31.52 49.55 -28.84
CA ILE F 101 -32.84 49.91 -29.46
C ILE F 101 -33.67 50.76 -28.48
N ALA F 102 -34.65 51.48 -29.05
CA ALA F 102 -35.48 52.46 -28.34
C ALA F 102 -36.35 51.72 -27.30
N ARG F 103 -36.53 52.33 -26.13
CA ARG F 103 -37.39 51.79 -25.05
C ARG F 103 -38.73 51.22 -25.60
N GLU F 104 -39.50 51.92 -26.45
CA GLU F 104 -40.88 51.43 -26.77
C GLU F 104 -40.83 50.39 -27.90
N HIS F 105 -39.64 50.01 -28.40
CA HIS F 105 -39.46 48.92 -29.40
C HIS F 105 -39.07 47.62 -28.68
N ALA F 106 -38.71 47.68 -27.39
CA ALA F 106 -38.15 46.56 -26.61
C ALA F 106 -39.28 45.77 -25.93
N PRO F 107 -39.64 44.56 -26.41
CA PRO F 107 -40.83 43.84 -25.93
C PRO F 107 -40.95 43.78 -24.39
N VAL F 108 -39.79 43.76 -23.70
CA VAL F 108 -39.68 43.61 -22.22
C VAL F 108 -40.15 44.89 -21.52
N MET F 109 -40.22 46.01 -22.24
CA MET F 109 -40.57 47.34 -21.66
C MET F 109 -42.07 47.62 -21.78
N ALA F 110 -42.82 46.68 -22.39
CA ALA F 110 -44.29 46.68 -22.50
C ALA F 110 -44.94 47.20 -21.19
N HIS F 111 -44.57 46.68 -20.01
CA HIS F 111 -45.19 47.03 -18.70
C HIS F 111 -44.11 47.37 -17.66
N SER F 112 -44.39 48.27 -16.72
CA SER F 112 -43.48 48.59 -15.57
C SER F 112 -44.27 48.76 -14.28
N PRO F 113 -44.92 47.69 -13.74
CA PRO F 113 -45.62 47.77 -12.46
C PRO F 113 -44.81 48.38 -11.31
N ARG F 114 -45.46 48.95 -10.28
CA ARG F 114 -44.86 49.18 -8.96
C ARG F 114 -44.16 47.90 -8.56
N VAL F 115 -42.90 47.97 -8.13
CA VAL F 115 -41.99 46.80 -7.86
C VAL F 115 -42.61 45.86 -6.80
N ASP F 116 -43.25 44.73 -7.18
CA ASP F 116 -43.79 43.74 -6.19
C ASP F 116 -43.34 42.31 -6.55
N LEU F 117 -42.17 41.90 -6.03
CA LEU F 117 -41.56 40.56 -6.23
C LEU F 117 -42.53 39.46 -5.76
N LEU F 118 -43.36 39.73 -4.75
CA LEU F 118 -44.32 38.74 -4.19
C LEU F 118 -45.53 38.52 -5.14
N SER F 119 -45.69 39.34 -6.19
CA SER F 119 -46.75 39.18 -7.22
C SER F 119 -46.29 38.18 -8.29
N LEU F 120 -44.98 37.92 -8.35
CA LEU F 120 -44.36 36.99 -9.31
C LEU F 120 -44.46 35.57 -8.76
N PRO F 121 -44.70 34.56 -9.63
CA PRO F 121 -44.85 33.17 -9.20
C PRO F 121 -43.47 32.51 -8.99
N ILE F 122 -42.63 33.10 -8.13
CA ILE F 122 -41.22 32.69 -7.92
C ILE F 122 -41.25 31.47 -7.02
N PRO F 123 -40.78 30.28 -7.45
CA PRO F 123 -40.88 29.07 -6.65
C PRO F 123 -39.94 29.11 -5.42
N VAL F 124 -40.42 28.53 -4.32
CA VAL F 124 -39.55 27.97 -3.24
C VAL F 124 -39.36 26.50 -3.63
N HIS F 125 -38.12 26.11 -3.92
CA HIS F 125 -37.79 24.87 -4.68
C HIS F 125 -37.63 23.67 -3.71
N ALA F 126 -36.46 23.58 -3.09
CA ALA F 126 -36.15 22.49 -2.15
C ALA F 126 -36.74 22.82 -0.80
N GLN F 127 -37.13 21.79 -0.05
CA GLN F 127 -37.94 21.88 1.19
C GLN F 127 -37.24 22.74 2.25
N LYS F 128 -35.92 22.96 2.20
CA LYS F 128 -35.22 23.73 3.27
C LYS F 128 -34.61 25.02 2.72
N ASP F 129 -34.92 25.38 1.47
CA ASP F 129 -34.44 26.65 0.85
C ASP F 129 -34.92 27.82 1.73
N GLY F 130 -34.07 28.83 1.97
CA GLY F 130 -34.35 29.94 2.91
C GLY F 130 -35.40 30.92 2.41
N GLY F 131 -35.97 30.65 1.24
CA GLY F 131 -37.04 31.45 0.62
C GLY F 131 -37.22 31.12 -0.84
N ALA F 132 -38.03 31.91 -1.52
CA ALA F 132 -38.22 31.82 -2.99
C ALA F 132 -36.94 32.34 -3.63
N TYR F 133 -36.58 31.77 -4.77
CA TYR F 133 -35.33 32.07 -5.49
C TYR F 133 -35.61 32.28 -6.98
N VAL F 134 -34.92 33.25 -7.54
CA VAL F 134 -34.74 33.30 -9.00
C VAL F 134 -33.31 32.80 -9.26
N ASP F 135 -33.23 31.79 -10.12
CA ASP F 135 -31.98 31.02 -10.34
C ASP F 135 -31.72 30.79 -11.84
N ALA F 136 -32.52 31.36 -12.75
CA ALA F 136 -32.34 31.25 -14.22
C ALA F 136 -32.06 32.62 -14.80
N GLY F 137 -31.99 33.60 -13.90
CA GLY F 137 -31.79 35.00 -14.24
C GLY F 137 -30.33 35.23 -14.59
N VAL F 138 -30.14 35.87 -15.73
CA VAL F 138 -28.82 36.34 -16.25
C VAL F 138 -28.62 37.80 -15.85
N VAL F 139 -27.53 38.06 -15.13
CA VAL F 139 -27.14 39.42 -14.67
C VAL F 139 -26.30 40.07 -15.76
N ILE F 140 -26.75 41.20 -16.28
CA ILE F 140 -25.91 42.11 -17.14
C ILE F 140 -25.52 43.36 -16.34
N ALA F 141 -24.23 43.65 -16.29
CA ALA F 141 -23.62 44.72 -15.46
C ALA F 141 -22.49 45.38 -16.24
N ALA F 142 -22.42 46.71 -16.20
CA ALA F 142 -21.39 47.50 -16.90
C ALA F 142 -20.26 47.80 -15.92
N ASP F 143 -19.01 47.59 -16.36
CA ASP F 143 -17.78 48.05 -15.66
C ASP F 143 -17.92 49.53 -15.31
N PRO F 144 -18.01 49.88 -14.00
CA PRO F 144 -18.00 51.27 -13.55
C PRO F 144 -16.85 52.19 -14.03
N ASP F 145 -15.72 51.65 -14.49
CA ASP F 145 -14.55 52.40 -15.04
C ASP F 145 -14.62 52.49 -16.57
N THR F 146 -14.87 51.36 -17.25
CA THR F 146 -14.72 51.19 -18.73
C THR F 146 -16.07 50.90 -19.44
N GLY F 147 -17.18 50.75 -18.71
CA GLY F 147 -18.52 50.51 -19.29
C GLY F 147 -18.65 49.17 -20.02
N VAL F 148 -17.60 48.33 -20.08
CA VAL F 148 -17.59 46.99 -20.75
C VAL F 148 -18.53 46.04 -20.00
N LEU F 149 -19.40 45.34 -20.72
CA LEU F 149 -20.44 44.48 -20.10
C LEU F 149 -19.84 43.17 -19.57
N ASN F 150 -20.50 42.62 -18.56
CA ASN F 150 -20.24 41.25 -18.03
C ASN F 150 -21.60 40.60 -17.80
N THR F 151 -21.71 39.35 -18.23
CA THR F 151 -22.94 38.52 -18.19
C THR F 151 -22.62 37.28 -17.36
N SER F 152 -23.30 37.15 -16.23
CA SER F 152 -23.11 36.02 -15.28
C SER F 152 -24.51 35.55 -14.86
N ILE F 153 -24.55 34.43 -14.16
CA ILE F 153 -25.81 33.86 -13.60
C ILE F 153 -25.54 33.53 -12.13
N GLN F 154 -26.48 33.88 -11.29
CA GLN F 154 -26.28 33.94 -9.83
C GLN F 154 -27.66 33.68 -9.22
N ARG F 155 -27.69 33.05 -8.06
CA ARG F 155 -28.95 32.79 -7.34
C ARG F 155 -29.27 34.04 -6.53
N PHE F 156 -30.53 34.48 -6.60
CA PHE F 156 -31.06 35.60 -5.79
C PHE F 156 -32.25 35.09 -4.98
N MET F 157 -32.20 35.31 -3.66
CA MET F 157 -33.30 34.96 -2.72
C MET F 157 -34.16 36.21 -2.56
N VAL F 158 -35.50 36.07 -2.58
CA VAL F 158 -36.44 37.20 -2.29
C VAL F 158 -36.54 37.36 -0.77
N GLU F 159 -36.22 38.56 -0.27
CA GLU F 159 -36.37 38.90 1.18
C GLU F 159 -37.78 39.46 1.40
N ASN F 160 -38.16 40.45 0.59
CA ASN F 160 -39.47 41.16 0.63
C ASN F 160 -39.76 41.66 -0.79
N GLU F 161 -40.81 42.47 -0.96
CA GLU F 161 -41.37 42.87 -2.28
C GLU F 161 -40.35 43.63 -3.16
N ASN F 162 -39.29 44.23 -2.60
CA ASN F 162 -38.33 45.09 -3.35
C ASN F 162 -36.86 44.77 -3.05
N THR F 163 -36.56 43.77 -2.22
CA THR F 163 -35.15 43.40 -1.86
C THR F 163 -34.88 41.92 -2.19
N LEU F 164 -33.71 41.65 -2.81
CA LEU F 164 -33.15 40.29 -2.99
C LEU F 164 -31.81 40.18 -2.22
N HIS F 165 -31.44 38.96 -1.80
CA HIS F 165 -30.06 38.65 -1.34
C HIS F 165 -29.42 37.73 -2.39
N VAL F 166 -28.23 38.10 -2.85
CA VAL F 166 -27.53 37.40 -3.97
C VAL F 166 -26.27 36.73 -3.41
N ASN F 167 -25.91 35.60 -4.02
CA ASN F 167 -24.68 34.82 -3.73
C ASN F 167 -23.67 35.13 -4.82
N ILE F 168 -22.52 35.70 -4.44
CA ILE F 168 -21.40 36.00 -5.38
C ILE F 168 -20.20 35.18 -4.94
N ASP F 169 -19.87 34.12 -5.66
CA ASP F 169 -18.69 33.25 -5.35
C ASP F 169 -17.42 34.09 -5.46
N ALA F 170 -16.33 33.63 -4.83
CA ALA F 170 -14.98 34.25 -4.90
C ALA F 170 -14.52 34.23 -6.38
N GLY F 171 -13.92 35.32 -6.86
CA GLY F 171 -13.28 35.43 -8.19
C GLY F 171 -14.29 35.61 -9.32
N ARG F 172 -15.59 35.72 -9.01
CA ARG F 172 -16.65 36.09 -9.98
C ARG F 172 -16.43 37.52 -10.49
N HIS F 173 -16.79 37.78 -11.74
CA HIS F 173 -16.58 39.10 -12.39
C HIS F 173 -17.53 40.13 -11.78
N LEU F 174 -18.73 39.72 -11.40
CA LEU F 174 -19.69 40.61 -10.70
C LEU F 174 -19.04 41.10 -9.40
N GLY F 175 -18.32 40.21 -8.70
CA GLY F 175 -17.55 40.55 -7.49
C GLY F 175 -16.60 41.69 -7.76
N ALA F 176 -15.83 41.59 -8.85
CA ALA F 176 -14.79 42.56 -9.26
C ALA F 176 -15.40 43.93 -9.63
N TYR F 177 -16.54 43.94 -10.34
CA TYR F 177 -17.29 45.18 -10.71
C TYR F 177 -17.79 45.87 -9.45
N LEU F 178 -18.20 45.10 -8.44
CA LEU F 178 -18.63 45.65 -7.13
C LEU F 178 -17.44 46.31 -6.43
N ALA F 179 -16.23 45.73 -6.50
CA ALA F 179 -15.00 46.30 -5.89
C ALA F 179 -14.74 47.70 -6.44
N LYS F 180 -15.07 47.92 -7.73
CA LYS F 180 -14.84 49.19 -8.46
C LYS F 180 -15.86 50.25 -8.07
N ALA F 181 -17.14 49.91 -8.02
CA ALA F 181 -18.24 50.80 -7.56
C ALA F 181 -18.00 51.23 -6.10
N LYS F 182 -17.45 50.32 -5.28
CA LYS F 182 -17.06 50.54 -3.87
C LYS F 182 -15.83 51.46 -3.80
N ALA F 183 -15.26 51.90 -4.93
CA ALA F 183 -14.37 53.07 -5.04
C ALA F 183 -15.11 54.26 -5.70
N LYS F 184 -16.34 54.58 -5.25
CA LYS F 184 -17.18 55.69 -5.78
C LYS F 184 -18.38 55.98 -4.84
N PRO F 187 -21.55 52.52 -5.56
CA PRO F 187 -22.51 51.40 -5.47
C PRO F 187 -22.92 50.90 -6.88
N LEU F 188 -23.18 49.60 -7.07
CA LEU F 188 -23.25 48.98 -8.43
C LEU F 188 -24.71 48.74 -8.87
N SER F 189 -25.05 49.28 -10.02
CA SER F 189 -26.32 49.06 -10.76
C SER F 189 -26.10 47.93 -11.76
N PHE F 190 -27.17 47.20 -12.12
CA PHE F 190 -27.16 46.12 -13.14
C PHE F 190 -28.61 45.70 -13.39
N SER F 191 -28.83 44.84 -14.38
CA SER F 191 -30.15 44.21 -14.66
C SER F 191 -30.07 42.71 -14.40
N LEU F 192 -31.21 42.14 -14.02
CA LEU F 192 -31.42 40.68 -13.83
C LEU F 192 -32.46 40.23 -14.83
N ASN F 193 -32.06 39.50 -15.86
CA ASN F 193 -32.93 39.24 -17.03
C ASN F 193 -33.42 37.79 -16.97
N ILE F 194 -34.69 37.59 -16.64
CA ILE F 194 -35.31 36.25 -16.41
C ILE F 194 -36.08 35.83 -17.66
N GLY F 195 -35.94 34.58 -18.08
CA GLY F 195 -36.64 34.06 -19.28
C GLY F 195 -35.90 34.44 -20.54
N VAL F 196 -34.66 33.96 -20.66
CA VAL F 196 -33.77 34.23 -21.82
C VAL F 196 -33.59 32.92 -22.58
N HIS F 197 -33.11 32.98 -23.82
CA HIS F 197 -32.90 31.74 -24.61
C HIS F 197 -31.54 31.13 -24.26
N PRO F 198 -31.31 29.85 -24.59
CA PRO F 198 -30.09 29.14 -24.22
C PRO F 198 -28.78 29.85 -24.58
N GLY F 199 -28.74 30.51 -25.74
CA GLY F 199 -27.60 31.37 -26.13
C GLY F 199 -27.20 32.35 -25.04
N VAL F 200 -28.15 32.98 -24.37
CA VAL F 200 -27.83 33.95 -23.28
C VAL F 200 -27.30 33.16 -22.08
N HIS F 201 -27.93 32.02 -21.82
CA HIS F 201 -27.60 31.12 -20.68
C HIS F 201 -26.13 30.69 -20.80
N PHE F 202 -25.75 30.19 -21.97
CA PHE F 202 -24.38 29.73 -22.24
C PHE F 202 -23.39 30.90 -22.15
N ALA F 203 -23.78 32.10 -22.58
CA ALA F 203 -22.91 33.30 -22.46
C ALA F 203 -22.63 33.53 -20.98
N ALA F 204 -23.71 33.49 -20.20
CA ALA F 204 -23.70 33.80 -18.75
C ALA F 204 -22.77 32.78 -18.08
N ALA F 205 -22.86 31.52 -18.48
CA ALA F 205 -22.18 30.40 -17.82
C ALA F 205 -20.78 30.20 -18.38
N THR F 206 -20.39 30.93 -19.42
CA THR F 206 -19.04 30.76 -20.01
C THR F 206 -18.00 31.23 -18.99
N PRO F 207 -17.03 30.35 -18.65
CA PRO F 207 -16.08 30.63 -17.58
C PRO F 207 -15.03 31.71 -17.89
N SER F 208 -14.39 32.20 -16.84
CA SER F 208 -13.36 33.29 -16.82
C SER F 208 -12.27 33.08 -17.88
N GLU F 209 -11.76 31.87 -18.10
CA GLU F 209 -10.55 31.66 -18.94
C GLU F 209 -10.94 31.67 -20.42
N VAL F 210 -12.24 31.61 -20.75
CA VAL F 210 -12.77 31.72 -22.15
C VAL F 210 -13.11 33.19 -22.44
N ALA F 211 -13.74 33.86 -21.46
CA ALA F 211 -14.10 35.30 -21.50
C ALA F 211 -13.49 36.01 -20.30
N PRO F 212 -12.25 36.55 -20.41
CA PRO F 212 -11.65 37.33 -19.31
C PRO F 212 -12.50 38.51 -18.80
N LEU F 213 -12.02 39.18 -17.74
CA LEU F 213 -12.73 40.28 -17.01
C LEU F 213 -13.00 41.44 -17.97
N ASP F 214 -11.95 41.83 -18.71
CA ASP F 214 -11.93 42.98 -19.66
C ASP F 214 -12.67 42.66 -20.98
N VAL F 215 -13.54 41.63 -21.04
CA VAL F 215 -14.14 41.15 -22.31
C VAL F 215 -15.64 40.85 -22.09
N ASP F 216 -16.44 41.10 -23.14
CA ASP F 216 -17.94 41.14 -23.18
C ASP F 216 -18.46 39.83 -23.80
N GLU F 217 -18.82 38.88 -22.95
CA GLU F 217 -19.14 37.49 -23.36
C GLU F 217 -20.55 37.43 -23.96
N LEU F 218 -21.33 38.51 -23.86
CA LEU F 218 -22.78 38.45 -24.19
C LEU F 218 -22.99 38.17 -25.69
N GLY F 219 -22.05 38.56 -26.54
CA GLY F 219 -22.11 38.28 -27.98
C GLY F 219 -22.17 36.79 -28.28
N ILE F 220 -21.79 35.96 -27.32
CA ILE F 220 -21.88 34.49 -27.53
C ILE F 220 -23.33 34.18 -27.92
N ALA F 221 -24.28 34.87 -27.29
CA ALA F 221 -25.73 34.64 -27.49
C ALA F 221 -26.09 34.85 -28.96
N ALA F 222 -25.40 35.79 -29.65
CA ALA F 222 -25.73 36.19 -31.03
C ALA F 222 -25.54 35.00 -31.97
N GLU F 223 -24.73 34.03 -31.55
CA GLU F 223 -24.36 32.86 -32.39
C GLU F 223 -25.53 31.87 -32.44
N PHE F 224 -26.50 32.00 -31.54
CA PHE F 224 -27.66 31.06 -31.42
C PHE F 224 -28.96 31.73 -31.86
N GLN F 225 -28.86 32.89 -32.54
CA GLN F 225 -30.02 33.62 -33.10
C GLN F 225 -29.61 34.28 -34.41
N ASP F 226 -30.60 34.54 -35.28
CA ASP F 226 -30.42 35.46 -36.42
C ASP F 226 -30.11 36.84 -35.85
N GLY F 227 -29.09 37.51 -36.38
CA GLY F 227 -28.78 38.90 -36.02
C GLY F 227 -28.22 39.02 -34.61
N PRO F 228 -28.06 40.27 -34.16
CA PRO F 228 -27.34 40.58 -32.94
C PRO F 228 -28.26 40.53 -31.73
N VAL F 229 -27.65 40.42 -30.55
CA VAL F 229 -28.34 40.53 -29.23
C VAL F 229 -28.89 41.94 -29.12
N ARG F 230 -30.19 42.05 -28.90
CA ARG F 230 -30.88 43.34 -28.70
C ARG F 230 -30.79 43.74 -27.21
N ILE F 231 -30.21 44.90 -26.95
CA ILE F 231 -30.16 45.55 -25.60
C ILE F 231 -30.95 46.88 -25.65
N VAL F 232 -31.19 47.49 -24.49
CA VAL F 232 -31.98 48.74 -24.31
C VAL F 232 -31.54 49.45 -23.03
N GLN F 233 -31.37 50.77 -23.07
CA GLN F 233 -31.12 51.64 -21.88
C GLN F 233 -32.19 51.30 -20.83
N GLY F 234 -31.78 51.10 -19.58
CA GLY F 234 -32.74 50.99 -18.46
C GLY F 234 -33.22 52.38 -18.05
N ASP F 235 -34.06 52.45 -17.01
CA ASP F 235 -34.41 53.71 -16.30
C ASP F 235 -33.20 54.26 -15.51
N ASP F 236 -32.05 53.59 -15.42
CA ASP F 236 -31.05 53.86 -14.34
C ASP F 236 -30.40 55.24 -14.40
N PRO F 237 -29.53 55.66 -15.37
CA PRO F 237 -29.15 54.91 -16.56
C PRO F 237 -27.73 54.31 -16.63
N ARG F 238 -27.10 53.95 -15.50
CA ARG F 238 -25.81 53.22 -15.49
C ARG F 238 -26.01 51.74 -15.96
N VAL F 239 -27.27 51.25 -16.14
CA VAL F 239 -27.61 49.82 -16.47
C VAL F 239 -28.02 49.64 -17.93
N THR F 240 -27.89 48.39 -18.40
CA THR F 240 -28.26 47.90 -19.75
C THR F 240 -29.18 46.69 -19.56
N VAL F 241 -30.31 46.65 -20.25
CA VAL F 241 -31.35 45.59 -20.12
C VAL F 241 -31.40 44.75 -21.39
N LEU F 242 -31.69 43.47 -21.26
CA LEU F 242 -31.84 42.54 -22.41
C LEU F 242 -33.25 42.70 -22.96
N ALA F 243 -33.38 43.16 -24.20
CA ALA F 243 -34.67 43.62 -24.76
C ALA F 243 -35.65 42.46 -24.90
N ASP F 244 -35.17 41.23 -25.14
CA ASP F 244 -36.04 40.11 -25.54
C ASP F 244 -36.30 39.19 -24.34
N ALA F 245 -35.81 39.55 -23.14
CA ALA F 245 -36.14 38.86 -21.87
C ALA F 245 -37.66 38.79 -21.71
N MET F 246 -38.17 37.80 -20.97
CA MET F 246 -39.59 37.73 -20.54
C MET F 246 -39.84 38.79 -19.47
N ILE F 247 -38.92 38.89 -18.51
CA ILE F 247 -38.98 39.81 -17.34
C ILE F 247 -37.58 40.37 -17.16
N SER F 248 -37.42 41.60 -16.67
CA SER F 248 -36.08 42.16 -16.34
C SER F 248 -36.18 43.06 -15.12
N LEU F 249 -35.26 42.92 -14.18
CA LEU F 249 -35.26 43.70 -12.92
C LEU F 249 -34.06 44.65 -12.94
N GLU F 250 -34.32 45.96 -12.89
CA GLU F 250 -33.25 46.95 -12.65
C GLU F 250 -32.92 46.90 -11.17
N CYS F 251 -31.63 46.85 -10.85
CA CYS F 251 -31.13 46.50 -9.50
C CYS F 251 -29.95 47.40 -9.13
N GLN F 252 -29.79 47.62 -7.83
CA GLN F 252 -28.65 48.35 -7.25
C GLN F 252 -28.18 47.62 -5.99
N MET F 253 -26.86 47.59 -5.74
CA MET F 253 -26.23 46.85 -4.62
C MET F 253 -25.01 47.64 -4.10
N TYR F 254 -24.95 47.89 -2.79
CA TYR F 254 -23.78 48.49 -2.11
C TYR F 254 -22.84 47.41 -1.56
N ALA F 255 -21.52 47.53 -1.72
CA ALA F 255 -20.50 46.71 -1.02
C ALA F 255 -20.70 46.77 0.51
N ASP F 256 -20.18 45.78 1.25
CA ASP F 256 -20.14 45.79 2.74
C ASP F 256 -21.55 46.00 3.33
N ASP F 257 -22.56 45.48 2.64
CA ASP F 257 -23.99 45.57 3.02
C ASP F 257 -24.60 44.17 2.93
N LEU F 258 -24.42 43.37 3.97
CA LEU F 258 -24.66 41.90 3.95
C LEU F 258 -25.97 41.59 4.71
N ALA F 259 -26.63 40.47 4.39
CA ALA F 259 -27.86 39.96 5.04
C ALA F 259 -28.02 38.45 4.78
N ASP F 260 -28.58 37.71 5.75
CA ASP F 260 -28.66 36.22 5.72
C ASP F 260 -29.37 35.77 4.44
N GLU F 261 -28.68 34.95 3.61
CA GLU F 261 -29.27 34.23 2.44
C GLU F 261 -28.88 32.75 2.46
N GLY F 262 -29.73 31.94 1.85
CA GLY F 262 -29.67 30.48 1.90
C GLY F 262 -30.65 29.97 2.95
N PRO F 263 -30.77 28.65 3.17
CA PRO F 263 -30.03 27.68 2.37
C PRO F 263 -30.54 27.66 0.92
N PHE F 264 -29.76 27.07 0.02
CA PHE F 264 -30.16 26.75 -1.37
C PHE F 264 -29.40 25.50 -1.80
N ALA F 265 -29.92 24.74 -2.75
CA ALA F 265 -29.23 23.56 -3.31
C ALA F 265 -27.94 23.94 -4.04
N GLU F 266 -26.83 23.26 -3.72
CA GLU F 266 -25.55 23.31 -4.47
C GLU F 266 -25.45 22.12 -5.45
N VAL F 267 -24.49 22.14 -6.39
CA VAL F 267 -24.32 21.06 -7.42
C VAL F 267 -24.12 19.73 -6.72
N THR F 268 -23.53 19.75 -5.55
CA THR F 268 -23.27 18.55 -4.74
C THR F 268 -24.57 17.80 -4.47
N GLY F 269 -25.73 18.45 -4.40
CA GLY F 269 -26.98 17.82 -3.95
C GLY F 269 -27.19 17.99 -2.44
N TYR F 270 -26.42 18.88 -1.83
CA TYR F 270 -26.45 19.29 -0.41
C TYR F 270 -26.82 20.79 -0.35
N TYR F 271 -27.14 21.30 0.82
CA TYR F 271 -27.59 22.71 0.99
C TYR F 271 -26.37 23.59 1.19
N ALA F 272 -26.40 24.80 0.66
CA ALA F 272 -25.50 25.90 1.05
C ALA F 272 -25.81 26.31 2.49
N GLU F 273 -24.78 26.74 3.21
CA GLU F 273 -24.93 27.29 4.57
C GLU F 273 -25.60 28.66 4.42
N ARG F 274 -26.70 28.90 5.15
CA ARG F 274 -27.30 30.25 5.33
C ARG F 274 -26.23 31.18 5.92
N ALA F 275 -25.98 32.34 5.33
CA ALA F 275 -24.87 33.24 5.75
C ALA F 275 -25.04 34.67 5.22
N PRO F 276 -24.38 35.66 5.89
CA PRO F 276 -24.46 37.06 5.44
C PRO F 276 -23.83 37.22 4.04
N ARG F 277 -24.65 37.56 3.05
CA ARG F 277 -24.24 37.79 1.64
C ARG F 277 -24.96 39.02 1.07
N PRO F 278 -24.39 39.69 0.04
CA PRO F 278 -24.83 41.02 -0.38
C PRO F 278 -26.32 41.21 -0.66
N ARG F 279 -26.91 42.29 -0.14
CA ARG F 279 -28.33 42.64 -0.40
C ARG F 279 -28.38 43.51 -1.64
N VAL F 280 -29.37 43.26 -2.47
CA VAL F 280 -29.57 44.02 -3.73
C VAL F 280 -31.02 44.50 -3.71
N THR F 281 -31.23 45.73 -4.13
CA THR F 281 -32.54 46.39 -4.01
C THR F 281 -33.03 46.63 -5.45
N VAL F 282 -34.29 46.24 -5.71
CA VAL F 282 -34.90 46.20 -7.08
C VAL F 282 -35.60 47.53 -7.36
N THR F 283 -34.96 48.39 -8.16
CA THR F 283 -35.37 49.80 -8.46
C THR F 283 -36.55 49.83 -9.45
N ALA F 284 -36.74 48.81 -10.29
CA ALA F 284 -37.76 48.81 -11.37
C ALA F 284 -37.98 47.37 -11.89
N VAL F 285 -39.12 47.14 -12.55
CA VAL F 285 -39.54 45.81 -13.12
C VAL F 285 -40.16 46.04 -14.49
N HIS F 286 -39.70 45.28 -15.49
CA HIS F 286 -40.16 45.33 -16.90
C HIS F 286 -40.67 43.93 -17.28
N LEU F 287 -41.75 43.83 -18.06
CA LEU F 287 -42.36 42.55 -18.47
C LEU F 287 -42.86 42.65 -19.90
N GLN F 288 -42.66 41.63 -20.73
CA GLN F 288 -43.41 41.48 -22.02
C GLN F 288 -44.90 41.33 -21.67
N ARG F 289 -45.81 41.47 -22.63
CA ARG F 289 -47.15 40.87 -22.47
C ARG F 289 -46.97 39.39 -22.80
N ASN F 290 -47.73 38.52 -22.14
CA ASN F 290 -47.60 37.03 -22.25
C ASN F 290 -46.23 36.59 -21.75
N PRO F 291 -45.76 37.10 -20.59
CA PRO F 291 -44.47 36.70 -20.04
C PRO F 291 -44.65 35.28 -19.48
N VAL F 292 -43.64 34.41 -19.60
CA VAL F 292 -43.52 33.15 -18.79
C VAL F 292 -42.31 33.31 -17.89
N PHE F 293 -42.46 32.95 -16.62
CA PHE F 293 -41.37 32.97 -15.63
C PHE F 293 -40.54 31.70 -15.78
N HIS F 294 -39.22 31.86 -15.94
CA HIS F 294 -38.28 30.74 -16.18
C HIS F 294 -37.50 30.43 -14.90
N SER F 295 -37.64 29.20 -14.42
CA SER F 295 -36.85 28.69 -13.27
C SER F 295 -36.08 27.42 -13.65
N ILE F 296 -35.03 27.18 -12.89
CA ILE F 296 -34.15 25.99 -13.07
C ILE F 296 -34.32 25.13 -11.82
N LEU F 297 -34.61 23.85 -12.02
CA LEU F 297 -34.54 22.85 -10.95
C LEU F 297 -33.08 22.45 -10.73
N SER F 298 -32.52 22.74 -9.55
CA SER F 298 -31.15 22.26 -9.18
C SER F 298 -31.09 20.75 -9.39
N GLY F 299 -29.99 20.30 -10.00
CA GLY F 299 -29.84 18.92 -10.48
C GLY F 299 -29.34 18.89 -11.92
N GLN F 300 -29.92 18.01 -12.72
CA GLN F 300 -29.46 17.78 -14.11
C GLN F 300 -29.44 19.07 -14.91
N GLU F 301 -30.33 20.02 -14.61
CA GLU F 301 -30.39 21.29 -15.38
C GLU F 301 -29.01 21.93 -15.24
N VAL F 302 -28.41 21.83 -14.05
CA VAL F 302 -27.10 22.49 -13.80
C VAL F 302 -25.97 21.57 -14.29
N PHE F 303 -26.06 20.26 -14.07
CA PHE F 303 -25.03 19.29 -14.52
C PHE F 303 -24.80 19.47 -16.03
N ASN F 304 -25.89 19.44 -16.82
CA ASN F 304 -25.79 19.67 -18.28
C ASN F 304 -25.25 21.07 -18.59
N SER F 305 -25.60 22.15 -17.86
CA SER F 305 -25.06 23.50 -18.19
C SER F 305 -23.53 23.44 -18.16
N VAL F 306 -22.98 22.74 -17.18
CA VAL F 306 -21.52 22.70 -16.95
C VAL F 306 -20.88 21.74 -17.95
N GLY F 307 -21.44 20.54 -18.08
CA GLY F 307 -20.94 19.50 -19.00
C GLY F 307 -20.91 19.98 -20.44
N LEU F 308 -21.96 20.68 -20.90
CA LEU F 308 -22.07 21.07 -22.33
C LEU F 308 -20.95 22.08 -22.62
N LEU F 309 -20.66 22.95 -21.67
CA LEU F 309 -19.63 24.01 -21.83
C LEU F 309 -18.22 23.45 -21.58
N GLY F 310 -18.04 22.41 -20.76
CA GLY F 310 -16.72 21.95 -20.31
C GLY F 310 -16.15 20.74 -21.04
N GLU F 311 -17.01 19.85 -21.56
CA GLU F 311 -16.56 18.53 -22.09
C GLU F 311 -15.66 18.68 -23.31
N SER F 312 -15.97 19.57 -24.22
CA SER F 312 -15.19 19.68 -25.46
C SER F 312 -13.75 20.08 -25.12
N ALA F 313 -13.53 21.04 -24.23
CA ALA F 313 -12.14 21.46 -23.84
C ALA F 313 -11.37 20.28 -23.23
N LEU F 314 -12.06 19.55 -22.37
CA LEU F 314 -11.50 18.41 -21.63
C LEU F 314 -11.11 17.31 -22.63
N PHE F 315 -12.02 16.95 -23.52
CA PHE F 315 -11.75 15.99 -24.61
C PHE F 315 -10.54 16.48 -25.42
N ASP F 316 -10.52 17.77 -25.74
CA ASP F 316 -9.46 18.32 -26.60
C ASP F 316 -8.12 18.14 -25.87
N GLN F 317 -8.11 18.32 -24.55
CA GLN F 317 -6.84 18.35 -23.78
C GLN F 317 -6.35 16.92 -23.61
N VAL F 318 -7.26 15.99 -23.34
CA VAL F 318 -6.87 14.58 -23.15
C VAL F 318 -6.49 13.95 -24.49
N SER F 319 -7.24 14.17 -25.57
CA SER F 319 -6.94 13.51 -26.90
C SER F 319 -5.64 14.02 -27.45
N LYS F 320 -5.21 15.21 -27.01
CA LYS F 320 -3.93 15.78 -27.44
C LYS F 320 -2.77 15.01 -26.80
N GLN F 321 -2.94 14.48 -25.58
CA GLN F 321 -1.85 13.86 -24.78
C GLN F 321 -1.90 12.32 -24.89
N VAL F 322 -3.01 11.77 -25.40
CA VAL F 322 -3.24 10.31 -25.37
C VAL F 322 -3.91 9.89 -26.67
N PRO F 323 -3.41 8.85 -27.34
CA PRO F 323 -4.07 8.36 -28.54
C PRO F 323 -5.37 7.59 -28.29
N GLY F 324 -6.33 7.72 -29.22
CA GLY F 324 -7.50 6.85 -29.26
C GLY F 324 -8.60 7.36 -28.37
N ILE F 325 -8.53 8.58 -27.87
CA ILE F 325 -9.68 9.15 -27.10
C ILE F 325 -10.86 9.40 -28.06
N LEU F 326 -12.06 8.96 -27.71
CA LEU F 326 -13.31 9.13 -28.51
C LEU F 326 -14.28 10.14 -27.86
N GLU F 327 -14.45 10.15 -26.55
CA GLU F 327 -15.48 11.00 -25.88
C GLU F 327 -15.17 11.04 -24.38
N VAL F 328 -15.61 12.10 -23.73
CA VAL F 328 -15.44 12.33 -22.28
C VAL F 328 -16.79 12.76 -21.72
N ALA F 329 -17.28 12.12 -20.67
CA ALA F 329 -18.58 12.51 -20.10
C ALA F 329 -18.35 13.00 -18.69
N LEU F 330 -18.86 14.18 -18.39
CA LEU F 330 -18.99 14.65 -17.00
C LEU F 330 -20.34 14.16 -16.53
N THR F 331 -20.39 12.97 -15.95
CA THR F 331 -21.65 12.27 -15.67
C THR F 331 -22.54 13.03 -14.70
N ASP F 332 -23.85 12.82 -14.82
CA ASP F 332 -24.87 13.38 -13.91
C ASP F 332 -24.70 12.78 -12.51
N GLY F 333 -24.34 11.49 -12.40
CA GLY F 333 -24.06 10.93 -11.06
C GLY F 333 -22.99 11.78 -10.36
N GLY F 334 -22.02 12.28 -11.09
CA GLY F 334 -20.95 13.05 -10.47
C GLY F 334 -21.26 14.53 -10.40
N CYS F 335 -22.52 14.92 -10.53
CA CYS F 335 -22.92 16.34 -10.43
C CYS F 335 -22.28 17.16 -11.55
N GLY F 336 -22.02 16.54 -12.70
CA GLY F 336 -21.41 17.18 -13.88
C GLY F 336 -20.12 17.89 -13.51
N PHE F 337 -19.32 17.31 -12.63
CA PHE F 337 -18.19 18.05 -12.01
C PHE F 337 -17.16 17.11 -11.36
N TYR F 338 -17.59 16.00 -10.77
CA TYR F 338 -16.78 15.17 -9.86
C TYR F 338 -16.42 13.83 -10.47
N HIS F 339 -17.13 13.37 -11.48
CA HIS F 339 -16.80 12.12 -12.21
C HIS F 339 -16.71 12.34 -13.70
N ALA F 340 -15.58 11.97 -14.28
CA ALA F 340 -15.41 11.95 -15.74
C ALA F 340 -15.21 10.50 -16.18
N VAL F 341 -15.96 10.06 -17.17
CA VAL F 341 -15.72 8.77 -17.87
C VAL F 341 -15.11 9.09 -19.23
N VAL F 342 -14.02 8.44 -19.55
CA VAL F 342 -13.25 8.71 -20.78
C VAL F 342 -13.34 7.45 -21.58
N GLN F 343 -13.73 7.58 -22.83
CA GLN F 343 -13.94 6.39 -23.68
C GLN F 343 -12.81 6.39 -24.68
N LEU F 344 -12.11 5.26 -24.81
CA LEU F 344 -11.04 5.24 -25.82
C LEU F 344 -11.01 3.91 -26.52
N LYS F 345 -10.30 3.89 -27.64
CA LYS F 345 -9.96 2.71 -28.46
C LYS F 345 -8.49 2.43 -28.22
N GLN F 346 -8.16 1.38 -27.49
CA GLN F 346 -6.78 1.11 -27.07
C GLN F 346 -5.95 0.80 -28.31
N VAL F 347 -4.70 1.27 -28.32
CA VAL F 347 -3.71 0.96 -29.39
C VAL F 347 -2.47 0.34 -28.76
N ARG F 348 -2.31 0.45 -27.44
CA ARG F 348 -1.12 -0.12 -26.75
C ARG F 348 -1.32 -0.15 -25.23
N ALA F 349 -0.84 -1.19 -24.57
CA ALA F 349 -0.97 -1.21 -23.11
C ALA F 349 -0.34 0.07 -22.56
N GLY F 350 -0.97 0.64 -21.54
CA GLY F 350 -0.37 1.70 -20.72
C GLY F 350 -1.06 3.04 -20.96
N TRP F 351 -1.56 3.27 -22.19
CA TRP F 351 -2.18 4.57 -22.50
C TRP F 351 -3.39 4.81 -21.58
N SER F 352 -4.18 3.81 -21.23
CA SER F 352 -5.32 4.01 -20.29
C SER F 352 -4.86 4.72 -19.02
N LYS F 353 -3.73 4.38 -18.44
CA LYS F 353 -3.26 5.10 -17.22
C LYS F 353 -2.86 6.53 -17.55
N GLN F 354 -2.19 6.77 -18.67
CA GLN F 354 -1.87 8.18 -19.04
C GLN F 354 -3.19 8.96 -19.16
N ALA F 355 -4.25 8.30 -19.69
CA ALA F 355 -5.56 8.96 -19.84
C ALA F 355 -6.05 9.46 -18.48
N ILE F 356 -5.84 8.63 -17.45
CA ILE F 356 -6.24 9.05 -16.08
C ILE F 356 -5.47 10.30 -15.67
N LEU F 357 -4.15 10.31 -15.83
CA LEU F 357 -3.32 11.48 -15.40
C LEU F 357 -3.79 12.70 -16.18
N ALA F 358 -3.99 12.56 -17.49
CA ALA F 358 -4.32 13.74 -18.33
C ALA F 358 -5.67 14.32 -17.91
N THR F 359 -6.62 13.46 -17.62
CA THR F 359 -7.98 13.89 -17.26
C THR F 359 -7.97 14.62 -15.91
N PHE F 360 -7.26 14.10 -14.93
CA PHE F 360 -7.20 14.71 -13.57
C PHE F 360 -6.51 16.06 -13.60
N ALA F 361 -5.53 16.17 -14.48
CA ALA F 361 -4.68 17.37 -14.70
C ALA F 361 -5.47 18.46 -15.38
N ALA F 362 -6.40 18.07 -16.23
CA ALA F 362 -7.17 19.00 -17.08
C ALA F 362 -8.39 19.56 -16.36
N PHE F 363 -8.90 18.98 -15.25
CA PHE F 363 -10.19 19.39 -14.61
C PHE F 363 -10.12 19.20 -13.09
N PRO F 364 -9.58 20.22 -12.40
CA PRO F 364 -9.22 20.11 -10.99
C PRO F 364 -10.32 19.70 -10.02
N PRO F 365 -11.60 20.01 -10.29
CA PRO F 365 -12.68 19.54 -9.41
C PRO F 365 -12.86 18.03 -9.35
N LEU F 366 -12.42 17.31 -10.39
CA LEU F 366 -12.74 15.87 -10.52
C LEU F 366 -12.29 15.11 -9.26
N LYS F 367 -13.14 14.19 -8.81
CA LYS F 367 -12.75 13.25 -7.74
C LYS F 367 -12.45 11.85 -8.32
N MET F 368 -13.22 11.43 -9.30
CA MET F 368 -13.10 10.08 -9.89
C MET F 368 -12.90 10.26 -11.39
N VAL F 369 -12.09 9.40 -11.97
CA VAL F 369 -12.05 9.22 -13.44
C VAL F 369 -12.17 7.73 -13.72
N THR F 370 -13.01 7.38 -14.66
CA THR F 370 -13.14 5.98 -15.12
C THR F 370 -12.78 5.94 -16.60
N ILE F 371 -11.93 5.03 -17.00
CA ILE F 371 -11.60 4.78 -18.42
C ILE F 371 -12.34 3.53 -18.89
N VAL F 372 -12.95 3.60 -20.07
CA VAL F 372 -13.62 2.42 -20.69
C VAL F 372 -13.31 2.36 -22.16
N ASP F 373 -13.54 1.20 -22.75
CA ASP F 373 -13.33 0.96 -24.21
C ASP F 373 -14.50 1.49 -25.05
N GLU F 374 -14.29 1.49 -26.37
CA GLU F 374 -15.21 2.03 -27.42
C GLU F 374 -16.57 1.30 -27.34
N ASP F 375 -16.62 0.10 -26.73
CA ASP F 375 -17.83 -0.75 -26.79
C ASP F 375 -18.63 -0.65 -25.50
N VAL F 376 -18.37 0.36 -24.67
CA VAL F 376 -19.09 0.66 -23.40
C VAL F 376 -19.73 2.04 -23.55
N ASP F 377 -20.99 2.22 -23.15
CA ASP F 377 -21.68 3.52 -23.26
C ASP F 377 -21.27 4.40 -22.05
N LEU F 378 -20.32 5.30 -22.23
CA LEU F 378 -19.73 6.08 -21.13
C LEU F 378 -20.81 6.88 -20.40
N ARG F 379 -21.93 7.17 -21.06
CA ARG F 379 -22.99 8.02 -20.44
C ARG F 379 -24.03 7.14 -19.77
N ASN F 380 -23.91 5.83 -19.79
CA ASN F 380 -24.85 4.93 -19.07
C ASN F 380 -24.15 4.38 -17.81
N PRO F 381 -24.54 4.82 -16.62
CA PRO F 381 -23.89 4.35 -15.41
C PRO F 381 -23.96 2.82 -15.25
N ARG F 382 -25.07 2.14 -15.64
CA ARG F 382 -25.22 0.65 -15.67
C ARG F 382 -24.02 0.13 -16.47
N ASP F 383 -23.67 0.74 -17.60
CA ASP F 383 -22.73 0.10 -18.53
C ASP F 383 -21.31 0.27 -17.99
N VAL F 384 -21.03 1.39 -17.34
CA VAL F 384 -19.72 1.65 -16.68
C VAL F 384 -19.56 0.69 -15.50
N GLU F 385 -20.62 0.50 -14.69
CA GLU F 385 -20.69 -0.48 -13.56
C GLU F 385 -20.33 -1.85 -14.17
N TRP F 386 -20.89 -2.17 -15.33
CA TRP F 386 -20.61 -3.47 -15.99
C TRP F 386 -19.11 -3.58 -16.30
N ALA F 387 -18.52 -2.54 -16.88
CA ALA F 387 -17.08 -2.52 -17.23
C ALA F 387 -16.26 -2.72 -15.95
N MET F 388 -16.69 -2.06 -14.88
CA MET F 388 -16.07 -2.26 -13.54
C MET F 388 -16.19 -3.73 -13.13
N ALA F 389 -17.32 -4.35 -13.37
CA ALA F 389 -17.57 -5.70 -12.83
C ALA F 389 -16.78 -6.74 -13.60
N THR F 390 -16.52 -6.54 -14.91
CA THR F 390 -15.92 -7.62 -15.74
C THR F 390 -14.49 -7.28 -16.19
N ARG F 391 -14.08 -6.01 -16.18
CA ARG F 391 -12.82 -5.63 -16.87
C ARG F 391 -11.83 -5.02 -15.89
N LEU F 392 -12.23 -4.18 -14.95
CA LEU F 392 -11.33 -3.55 -13.97
C LEU F 392 -10.49 -4.61 -13.29
N ASP F 393 -9.17 -4.45 -13.26
CA ASP F 393 -8.31 -5.22 -12.33
C ASP F 393 -8.22 -4.41 -11.03
N PRO F 394 -8.87 -4.84 -9.94
CA PRO F 394 -8.87 -4.00 -8.76
C PRO F 394 -7.46 -3.76 -8.21
N GLU F 395 -6.53 -4.68 -8.49
CA GLU F 395 -5.17 -4.56 -7.91
C GLU F 395 -4.36 -3.53 -8.73
N ARG F 396 -4.36 -3.60 -10.04
CA ARG F 396 -3.48 -2.74 -10.85
C ARG F 396 -4.22 -1.58 -11.50
N GLY F 397 -5.56 -1.60 -11.56
CA GLY F 397 -6.37 -0.62 -12.29
C GLY F 397 -6.95 0.48 -11.41
N ILE F 398 -6.69 0.52 -10.12
CA ILE F 398 -7.14 1.63 -9.24
C ILE F 398 -5.95 2.51 -8.92
N LEU F 399 -5.98 3.78 -9.30
CA LEU F 399 -4.87 4.73 -9.12
C LEU F 399 -5.36 5.81 -8.17
N ARG F 400 -4.70 5.95 -7.03
CA ARG F 400 -5.16 6.88 -5.98
C ARG F 400 -4.13 8.00 -5.88
N ILE F 401 -4.60 9.23 -5.87
CA ILE F 401 -3.80 10.45 -5.74
C ILE F 401 -4.18 11.03 -4.38
N ASP F 402 -3.24 11.23 -3.48
CA ASP F 402 -3.58 11.89 -2.20
C ASP F 402 -3.08 13.33 -2.18
N ASP F 403 -3.70 14.08 -1.26
CA ASP F 403 -3.20 15.38 -0.80
C ASP F 403 -3.10 16.28 -2.02
N THR F 404 -4.13 16.24 -2.84
CA THR F 404 -4.15 17.10 -4.06
C THR F 404 -5.27 18.11 -3.92
N PHE F 405 -5.28 19.09 -4.81
CA PHE F 405 -6.30 20.16 -4.85
C PHE F 405 -7.59 19.61 -5.45
N GLY F 406 -8.71 20.06 -4.92
CA GLY F 406 -10.03 19.74 -5.49
C GLY F 406 -11.06 20.78 -5.13
N HIS F 407 -12.35 20.51 -5.34
CA HIS F 407 -13.42 21.49 -5.16
C HIS F 407 -13.98 21.47 -3.74
N GLY F 408 -13.89 22.62 -3.04
CA GLY F 408 -14.22 22.82 -1.62
C GLY F 408 -15.68 22.57 -1.29
N LEU F 409 -16.60 22.77 -2.23
CA LEU F 409 -18.06 22.52 -1.99
C LEU F 409 -18.29 21.05 -1.76
N ASN F 410 -17.55 20.20 -2.45
CA ASN F 410 -17.62 18.72 -2.30
C ASN F 410 -17.03 18.39 -0.94
N PRO F 411 -17.79 17.80 0.01
CA PRO F 411 -17.24 17.51 1.33
C PRO F 411 -16.13 16.42 1.39
N SER F 412 -15.84 15.72 0.29
CA SER F 412 -14.65 14.83 0.12
C SER F 412 -13.37 15.66 0.05
N PHE F 413 -13.50 16.98 -0.11
CA PHE F 413 -12.37 17.93 -0.31
C PHE F 413 -12.46 19.11 0.65
N PRO F 414 -12.41 18.89 1.98
CA PRO F 414 -12.47 20.01 2.92
C PRO F 414 -11.30 20.97 2.65
N ASP F 415 -11.65 22.24 2.48
CA ASP F 415 -10.67 23.32 2.22
C ASP F 415 -9.92 23.02 0.91
N TYR F 416 -10.60 22.49 -0.11
CA TYR F 416 -10.08 22.40 -1.49
C TYR F 416 -8.84 21.47 -1.48
N PHE F 417 -8.92 20.37 -0.74
CA PHE F 417 -7.81 19.42 -0.45
C PHE F 417 -8.34 18.00 -0.11
N GLY F 418 -7.83 16.98 -0.79
CA GLY F 418 -8.23 15.59 -0.55
C GLY F 418 -7.70 14.60 -1.58
N SER F 419 -8.34 13.43 -1.67
CA SER F 419 -7.88 12.31 -2.50
C SER F 419 -8.80 12.14 -3.71
N LYS F 420 -8.19 11.78 -4.83
CA LYS F 420 -8.85 11.52 -6.12
C LYS F 420 -8.54 10.06 -6.45
N VAL F 421 -9.35 9.42 -7.27
CA VAL F 421 -9.13 7.98 -7.60
C VAL F 421 -9.53 7.72 -9.04
N GLY F 422 -8.67 7.06 -9.79
CA GLY F 422 -8.98 6.67 -11.16
C GLY F 422 -9.19 5.17 -11.30
N PHE F 423 -10.18 4.79 -12.08
CA PHE F 423 -10.49 3.37 -12.36
C PHE F 423 -10.21 3.08 -13.82
N ASP F 424 -9.35 2.13 -14.07
CA ASP F 424 -9.03 1.71 -15.45
C ASP F 424 -9.88 0.47 -15.72
N ALA F 425 -11.09 0.68 -16.22
CA ALA F 425 -12.04 -0.41 -16.51
C ALA F 425 -11.95 -0.80 -17.98
N THR F 426 -10.75 -0.86 -18.54
CA THR F 426 -10.53 -1.30 -19.93
C THR F 426 -10.30 -2.80 -19.98
N ARG F 427 -10.68 -3.40 -21.09
CA ARG F 427 -10.26 -4.77 -21.45
C ARG F 427 -8.74 -4.81 -21.59
N SER F 428 -8.20 -6.01 -21.65
CA SER F 428 -6.76 -6.24 -21.80
C SER F 428 -6.42 -6.02 -23.28
N PHE F 429 -5.24 -5.48 -23.53
CA PHE F 429 -4.69 -5.23 -24.87
C PHE F 429 -3.36 -5.94 -24.98
N PRO F 430 -3.10 -6.76 -26.02
CA PRO F 430 -3.98 -6.91 -27.18
C PRO F 430 -5.38 -7.49 -26.89
N PHE F 431 -6.34 -7.13 -27.73
CA PHE F 431 -7.74 -7.56 -27.57
C PHE F 431 -7.78 -9.08 -27.56
N GLU F 432 -8.60 -9.66 -26.69
CA GLU F 432 -8.78 -11.12 -26.50
C GLU F 432 -10.27 -11.46 -26.57
N GLU F 433 -10.60 -12.68 -27.03
CA GLU F 433 -12.00 -13.15 -27.25
C GLU F 433 -12.82 -13.04 -25.96
N LYS F 434 -12.23 -13.34 -24.81
CA LYS F 434 -12.97 -13.44 -23.53
C LYS F 434 -13.62 -12.09 -23.14
N HIS F 435 -13.23 -11.01 -23.80
CA HIS F 435 -13.79 -9.65 -23.57
C HIS F 435 -14.71 -9.19 -24.72
N GLU F 436 -14.99 -10.00 -25.74
CA GLU F 436 -15.86 -9.62 -26.90
C GLU F 436 -17.32 -9.66 -26.41
N ARG F 437 -18.00 -8.52 -26.44
CA ARG F 437 -19.36 -8.43 -25.88
C ARG F 437 -20.34 -9.03 -26.88
N ILE F 438 -21.37 -9.68 -26.34
CA ILE F 438 -22.53 -10.18 -27.11
C ILE F 438 -23.18 -8.97 -27.76
N THR F 439 -23.92 -9.26 -28.79
CA THR F 439 -24.47 -8.24 -29.67
C THR F 439 -25.82 -8.76 -30.19
N TYR F 440 -26.83 -7.90 -30.17
CA TYR F 440 -28.17 -8.22 -30.75
C TYR F 440 -28.31 -7.39 -32.01
N GLN F 441 -28.87 -7.96 -33.08
CA GLN F 441 -29.11 -7.21 -34.33
C GLN F 441 -29.90 -5.91 -34.03
N ASP F 442 -29.42 -4.82 -34.63
CA ASP F 442 -30.06 -3.49 -34.61
C ASP F 442 -31.31 -3.59 -35.49
N VAL F 443 -32.38 -2.98 -35.05
CA VAL F 443 -33.71 -3.22 -35.69
C VAL F 443 -34.50 -1.93 -35.61
N ASP F 444 -35.02 -1.50 -36.75
CA ASP F 444 -35.94 -0.35 -36.86
C ASP F 444 -37.34 -0.80 -36.39
N LEU F 445 -37.85 -0.21 -35.31
CA LEU F 445 -39.17 -0.59 -34.73
C LEU F 445 -40.31 -0.03 -35.59
N SER F 446 -40.03 0.99 -36.40
CA SER F 446 -41.06 1.60 -37.29
C SER F 446 -41.38 0.62 -38.43
N ARG F 447 -40.50 -0.35 -38.71
CA ARG F 447 -40.67 -1.37 -39.78
C ARG F 447 -41.73 -2.43 -39.39
N PHE F 448 -42.30 -2.39 -38.18
CA PHE F 448 -43.24 -3.42 -37.66
C PHE F 448 -44.46 -2.78 -36.99
N GLU F 449 -45.59 -3.50 -37.01
CA GLU F 449 -46.81 -3.10 -36.30
C GLU F 449 -46.67 -3.61 -34.87
N ILE F 450 -46.62 -2.69 -33.92
CA ILE F 450 -46.39 -2.99 -32.50
C ILE F 450 -47.45 -2.24 -31.70
N VAL F 451 -48.36 -2.96 -31.03
CA VAL F 451 -49.33 -2.41 -30.06
C VAL F 451 -48.71 -2.60 -28.67
N GLU F 452 -48.35 -1.50 -27.98
CA GLU F 452 -47.63 -1.46 -26.67
C GLU F 452 -48.59 -1.09 -25.51
N GLY F 453 -49.46 -2.01 -25.03
CA GLY F 453 -50.29 -1.82 -23.83
C GLY F 453 -51.64 -1.16 -24.11
N HIS F 454 -52.67 -1.56 -23.37
CA HIS F 454 -54.07 -1.14 -23.55
C HIS F 454 -55.01 -2.21 -23.01
NA NA G . 34.31 15.23 21.28
MN MN H . 33.54 13.80 24.69
C9 4LU I . 30.17 20.40 15.18
C8 4LU I . 30.88 20.94 14.14
C7 4LU I . 30.67 22.28 13.74
C10 4LU I . 27.90 21.49 17.92
C6 4LU I . 29.72 23.10 14.42
N3 4LU I . 26.41 23.10 19.63
C2 4LU I . 26.64 21.79 19.99
C13 4LU I . 30.42 25.57 14.68
C5 4LU I . 29.42 24.60 14.05
C1 4LU I . 27.99 24.66 16.04
O2 4LU I . 26.23 21.32 21.04
N1 4LU I . 27.34 21.00 19.10
C4 4LU I . 26.83 23.69 18.46
O4 4LU I . 26.61 24.88 18.24
C4A 4LU I . 27.67 22.84 17.55
N5 4LU I . 28.20 23.34 16.37
C3 4LU I . 28.02 24.97 14.58
C12 4LU I . 29.27 24.91 12.55
C5A 4LU I . 29.07 22.56 15.57
C7M 4LU I . 31.45 22.76 12.53
C8M 4LU I . 31.83 20.05 13.38
C9A 4LU I . 29.31 21.19 15.95
N10 4LU I . 28.70 20.66 17.09
C1' 4LU I . 28.89 19.24 17.43
C2' 4LU I . 29.85 18.91 18.56
O2' 4LU I . 31.06 19.64 18.56
C3' 4LU I . 30.14 17.42 18.39
O3' 4LU I . 28.89 16.72 18.44
C4' 4LU I . 31.13 16.86 19.42
O4' 4LU I . 31.37 15.46 19.18
C5' 4LU I . 30.65 17.02 20.84
O5' 4LU I . 31.69 16.44 21.67
P 4LU I . 31.29 15.61 22.99
O2P 4LU I . 32.67 15.54 23.64
O3P 4LU I . 30.72 14.24 22.59
O1P 4LU I . 30.27 16.46 23.73
NA NA J . 11.73 16.70 -37.98
MN MN K . 8.64 15.68 -40.18
C9 4LU L . 17.91 12.94 -32.65
C8 4LU L . 19.06 13.61 -32.30
C7 4LU L . 20.31 12.97 -32.33
C10 4LU L . 16.90 9.74 -34.26
C6 4LU L . 20.43 11.58 -32.73
N3 4LU L . 17.01 7.28 -35.52
C2 4LU L . 15.81 7.95 -35.49
C13 4LU L . 22.39 10.89 -34.23
C5 4LU L . 21.76 10.77 -32.83
C1 4LU L . 20.49 8.93 -33.77
O2 4LU L . 14.81 7.48 -35.99
N1 4LU L . 15.77 9.15 -34.81
C4 4LU L . 18.18 7.71 -34.93
O4 4LU L . 19.20 7.06 -35.05
C4A 4LU L . 18.14 9.05 -34.30
N5 4LU L . 19.29 9.62 -33.73
C3 4LU L . 21.44 9.26 -32.68
C12 4LU L . 22.83 11.04 -31.76
C5A 4LU L . 19.24 10.94 -33.20
C7M 4LU L . 21.51 13.75 -31.86
C8M 4LU L . 18.92 15.02 -31.79
C9A 4LU L . 17.98 11.63 -33.17
N10 4LU L . 16.82 11.01 -33.67
C1' 4LU L . 15.53 11.73 -33.57
C2' 4LU L . 14.92 12.26 -34.86
O2' 4LU L . 15.79 12.99 -35.70
C3' 4LU L . 13.81 13.19 -34.38
O3' 4LU L . 12.95 12.44 -33.51
C4' 4LU L . 12.99 13.85 -35.50
O4' 4LU L . 11.90 14.58 -34.94
C5' 4LU L . 12.45 12.87 -36.53
O5' 4LU L . 12.03 13.65 -37.68
P 4LU L . 10.55 13.45 -38.29
O2P 4LU L . 10.56 14.42 -39.47
O3P 4LU L . 9.52 13.79 -37.21
O1P 4LU L . 10.53 11.98 -38.68
NA NA M . -26.92 -15.18 30.22
MN MN N . -30.40 -13.13 29.58
C9 4LU O . -18.50 -13.02 32.09
C8 4LU O . -17.62 -13.98 32.55
C7 4LU O . -16.72 -13.70 33.59
C10 4LU O . -19.65 -9.57 32.92
C6 4LU O . -16.70 -12.39 34.18
N3 4LU O . -19.93 -7.11 34.20
C2 4LU O . -20.83 -7.46 33.21
C13 4LU O . -16.46 -12.32 36.70
C5 4LU O . -15.78 -12.00 35.36
C1 4LU O . -16.88 -9.81 35.38
O2 4LU O . -21.73 -6.69 32.90
N1 4LU O . -20.63 -8.66 32.56
C4 4LU O . -18.88 -7.89 34.62
O4 4LU O . -18.16 -7.47 35.51
C4A 4LU O . -18.73 -9.22 33.97
N5 4LU O . -17.75 -10.14 34.35
C3 4LU O . -15.55 -10.47 35.35
C12 4LU O . -14.37 -12.60 35.33
C5A 4LU O . -17.68 -11.43 33.76
C7M 4LU O . -15.77 -14.79 34.00
C8M 4LU O . -17.59 -15.34 31.88
C9A 4LU O . -18.58 -11.75 32.69
N10 4LU O . -19.55 -10.82 32.29
C1' 4LU O . -20.40 -11.14 31.11
C2' 4LU O . -21.80 -11.55 31.35
O2' 4LU O . -21.91 -12.30 32.54
C3' 4LU O . -22.23 -12.38 30.12
O3' 4LU O . -22.00 -11.63 28.92
C4' 4LU O . -23.69 -12.83 30.08
O4' 4LU O . -23.89 -13.60 28.89
C5' 4LU O . -24.65 -11.66 30.11
O5' 4LU O . -25.94 -12.10 30.60
P 4LU O . -27.26 -11.50 29.92
O2P 4LU O . -28.42 -12.24 30.58
O3P 4LU O . -27.09 -11.89 28.45
O1P 4LU O . -27.25 -9.99 30.17
NA NA P . -33.14 -26.30 -8.62
MN MN Q . -31.97 -29.82 -6.83
C9 4LU R . -30.17 -20.38 -14.66
C8 4LU R . -31.00 -19.39 -15.16
C7 4LU R . -30.98 -19.09 -16.53
C10 4LU R . -27.83 -23.03 -15.82
C6 4LU R . -30.10 -19.78 -17.42
N3 4LU R . -26.34 -24.68 -17.49
C2 4LU R . -26.43 -24.99 -16.16
C13 4LU R . -31.09 -20.41 -19.67
C5 4LU R . -30.04 -19.53 -18.95
C1 4LU R . -28.43 -21.37 -19.08
O2 4LU R . -25.84 -25.96 -15.71
N1 4LU R . -27.13 -24.12 -15.34
C4 4LU R . -26.95 -23.61 -18.09
O4 4LU R . -26.81 -23.44 -19.29
C4A 4LU R . -27.77 -22.74 -17.21
N5 4LU R . -28.48 -21.64 -17.73
C3 4LU R . -28.66 -19.95 -19.48
C12 4LU R . -30.19 -18.08 -19.42
C5A 4LU R . -29.32 -20.86 -16.89
C7M 4LU R . -31.87 -17.97 -17.03
C8M 4LU R . -31.87 -18.61 -14.21
C9A 4LU R . -29.36 -21.15 -15.48
N10 4LU R . -28.61 -22.23 -14.96
C1' 4LU R . -28.60 -22.45 -13.49
C2' 4LU R . -29.18 -23.73 -12.92
O2' 4LU R . -30.35 -24.14 -13.58
C3' 4LU R . -29.45 -23.41 -11.44
O3' 4LU R . -28.21 -23.20 -10.76
C4' 4LU R . -30.25 -24.44 -10.63
O4' 4LU R . -30.40 -23.96 -9.29
C5' 4LU R . -29.61 -25.81 -10.59
O5' 4LU R . -30.52 -26.75 -9.95
P 4LU R . -29.92 -28.05 -9.22
O2P 4LU R . -31.03 -29.09 -9.20
O3P 4LU R . -29.59 -27.56 -7.82
O1P 4LU R . -28.70 -28.49 -10.04
NA NA S . 32.84 -25.45 13.51
MN MN T . 35.76 -24.49 11.26
C9 4LU U . 24.43 -28.52 12.90
C8 4LU U . 23.71 -29.02 13.97
C7 4LU U . 22.91 -30.15 13.80
C10 4LU U . 25.28 -29.33 9.36
C6 4LU U . 22.81 -30.79 12.54
N3 4LU U . 25.40 -30.66 6.91
C2 4LU U . 26.20 -29.57 7.12
C13 4LU U . 22.83 -33.32 12.53
C5 4LU U . 21.97 -32.08 12.26
C1 4LU U . 22.83 -32.05 9.96
O2 4LU U . 26.97 -29.17 6.26
N1 4LU U . 26.10 -28.92 8.33
C4 4LU U . 24.50 -31.16 7.82
O4 4LU U . 23.82 -32.15 7.52
C4A 4LU U . 24.44 -30.48 9.13
N5 4LU U . 23.61 -30.94 10.18
C3 4LU U . 21.58 -32.12 10.78
C12 4LU U . 20.62 -32.20 13.01
C5A 4LU U . 23.61 -30.30 11.45
C7M 4LU U . 22.13 -30.62 15.02
C8M 4LU U . 23.78 -28.30 15.30
C9A 4LU U . 24.43 -29.15 11.65
N10 4LU U . 25.24 -28.68 10.61
C1' 4LU U . 26.01 -27.42 10.85
C2' 4LU U . 27.50 -27.46 10.73
O2' 4LU U . 28.13 -28.47 11.50
C3' 4LU U . 27.93 -26.07 11.19
O3' 4LU U . 27.56 -25.14 10.17
C4' 4LU U . 29.41 -25.89 11.51
O4' 4LU U . 29.64 -24.53 11.90
C5' 4LU U . 30.31 -26.24 10.35
O5' 4LU U . 31.69 -26.11 10.76
P 4LU U . 32.67 -25.23 9.85
O2P 4LU U . 34.09 -25.55 10.31
O3P 4LU U . 32.29 -23.78 10.12
O1P 4LU U . 32.37 -25.67 8.44
NA NA V . -19.53 34.66 -18.06
MN MN W . -17.03 37.29 -18.02
C9 4LU X . -24.19 28.84 -12.80
C8 4LU X . -25.27 28.08 -13.21
C7 4LU X . -26.35 27.88 -12.34
C10 4LU X . -23.08 30.99 -9.98
C6 4LU X . -26.35 28.45 -11.03
N3 4LU X . -23.09 32.37 -7.57
C2 4LU X . -22.05 32.56 -8.44
C13 4LU X . -28.54 29.39 -10.14
C5 4LU X . -27.48 28.28 -9.99
C1 4LU X . -26.25 29.75 -8.53
O2 4LU X . -21.14 33.31 -8.16
N1 4LU X . -22.06 31.84 -9.62
C4 4LU X . -24.14 31.52 -7.78
O4 4LU X . -25.03 31.41 -6.93
C4A 4LU X . -24.17 30.80 -9.07
N5 4LU X . -25.22 29.94 -9.42
C3 4LU X . -26.89 28.41 -8.58
C12 4LU X . -28.18 26.90 -9.95
C5A 4LU X . -25.25 29.29 -10.67
C7M 4LU X . -27.47 27.00 -12.83
C8M 4LU X . -25.24 27.44 -14.57
C9A 4LU X . -24.17 29.48 -11.56
N10 4LU X . -23.09 30.33 -11.22
C1' 4LU X . -21.93 30.41 -12.12
C2' 4LU X . -21.66 31.69 -12.86
O2' 4LU X . -22.82 32.31 -13.38
C3' 4LU X . -20.70 31.26 -13.98
O3' 4LU X . -19.59 30.58 -13.39
C4' 4LU X . -20.18 32.36 -14.92
O4' 4LU X . -19.23 31.78 -15.82
C5' 4LU X . -19.52 33.51 -14.19
O5' 4LU X . -19.47 34.66 -15.09
P 4LU X . -18.12 35.53 -15.16
O2P 4LU X . -18.38 36.70 -16.09
O3P 4LU X . -17.06 34.57 -15.71
O1P 4LU X . -17.86 35.96 -13.74
#